data_8QEK
#
_entry.id   8QEK
#
_cell.length_a   1.00
_cell.length_b   1.00
_cell.length_c   1.00
_cell.angle_alpha   90.00
_cell.angle_beta   90.00
_cell.angle_gamma   90.00
#
_symmetry.space_group_name_H-M   'P 1'
#
loop_
_entity.id
_entity.type
_entity.pdbx_description
1 polymer 'Portal protein'
2 polymer 'Anchor DNA forward strand (120-MER)'
3 polymer 'Anchor DNA reverse strand (120-MER)'
4 polymer 'Capsid protein'
5 polymer 'Baseplate hub assembly protein'
6 polymer 'Capsid protein'
7 polymer 'Putative neck protein'
8 polymer 'Major tail sheath protein'
9 non-polymer 'ZINC ION'
#
loop_
_entity_poly.entity_id
_entity_poly.type
_entity_poly.pdbx_seq_one_letter_code
_entity_poly.pdbx_strand_id
1 'polypeptide(L)'
;MADLFKQFRLGKDYGNNSTIAQVPIDEGLQANIKKIEQDNKEYQDLTKSLYGQQQAYAEPFIEMMDTNPEFRDKRSYMKN
EHNLHDVLKKFGNNPILNAIILTRSNQVAMYCQPARYSEKGLGFEVRLRDLDAEPGRKEKEEMKRIEDFIVNTGKDKDVD
RDSFQTFCKKIVRDTYIYDQVNFEKVFNKNNKTKLEKFIAVDPSTIFYATDKKGKIIKGGKRFVQVVDKRVVASFTSREL
AMGIRNPRTELSSSGYGLSEVEIAMKEFIAYNNTESFNDRFFSHGGTTRGILQIRSDQQQSQHALENFKREWKSSLSGIN
GSWQIPVVMADDIKFVNMTPTANDMQFEKWLNYLINIISALYGIDPAEIGFPNRGGATGSKGGSTLNEADPGKKQQQSQN
KGLQPLLRFIEDLVNRHIISEYGDKYTFQFVGGDTKSATDKLNILKLETQIFKTVNEAREEQGKKPIEGGDIILDASFLQ
GTAQLQQDKQYNDGKQKERLQMMMSLLEGDNDDSEEGQSTDSSNDDKEIGTDAQIKGDDNVYRTQTSNKGQGRKGEKSSD
FKH
;
p,D
2 'polydeoxyribonucleotide'
;(DT)(DA)(DC)(DA)(DC)(DT)(DT)(DA)(DT)(DC)(DT)(DA)(DC)(DA)(DC)(DT)(DT)(DA)(DT)(DC)
(DT)(DA)(DC)(DA)(DC)(DT)(DT)(DA)(DT)(DC)(DT)(DA)(DC)(DA)(DC)(DT)(DT)(DA)(DT)(DC)
(DT)(DA)(DC)(DA)(DC)(DT)(DT)(DA)(DT)(DC)(DT)(DA)(DC)(DA)(DC)(DT)(DT)(DA)(DT)(DC)
(DT)(DA)(DC)(DA)(DC)(DT)(DT)(DA)(DT)(DC)(DT)(DA)(DC)(DA)(DC)(DT)(DT)(DA)(DT)(DC)
(DT)(DA)(DC)(DA)(DC)(DT)(DT)(DA)(DT)(DC)(DT)(DA)(DC)(DA)(DC)(DT)(DT)(DA)(DT)(DC)
(DT)(DA)(DC)(DA)(DC)(DT)(DT)(DA)(DT)(DC)(DT)(DA)(DC)(DA)(DC)(DT)(DT)(DA)(DT)(DC)
;
Y
3 'polydeoxyribonucleotide'
;(DG)(DA)(DT)(DA)(DA)(DG)(DT)(DG)(DT)(DA)(DG)(DA)(DT)(DA)(DA)(DG)(DT)(DG)(DT)(DA)
(DG)(DA)(DT)(DA)(DA)(DG)(DT)(DG)(DT)(DA)(DG)(DA)(DT)(DA)(DA)(DG)(DT)(DG)(DT)(DA)
(DG)(DA)(DT)(DA)(DA)(DG)(DT)(DG)(DT)(DA)(DG)(DA)(DT)(DA)(DA)(DG)(DT)(DG)(DT)(DA)
(DG)(DA)(DT)(DA)(DA)(DG)(DT)(DG)(DT)(DA)(DG)(DA)(DT)(DA)(DA)(DG)(DT)(DG)(DT)(DA)
(DG)(DA)(DT)(DA)(DA)(DG)(DT)(DG)(DT)(DA)(DG)(DA)(DT)(DA)(DA)(DG)(DT)(DG)(DT)(DA)
(DG)(DA)(DT)(DA)(DA)(DG)(DT)(DG)(DT)(DA)(DG)(DA)(DT)(DA)(DA)(DG)(DT)(DG)(DT)(DA)
;
Z
4 'polypeptide(L)'
;MASEAKQTVHTGNTVLLMIKGKPVGRAQSASGQREYGTTGVYEIGSIMPQEHVYLRYEGTITVERLRMKKENFADLGYAS
LGEEILKKDIIDILVVDNLTKQVIISYHGCSANNYNETWQTNEIVTEEIEFSYLTASDKART
;
A,G
5 'polypeptide(L)'
;MAITSVDSYLLSEIKPRLNTVLENCYIIDEVLKDFDYQTRESFKEAFCGKNAQHEVTVGFNFPKFKNNYEAHYLIQLGQG
QETKNSLGSIQSSYFEATGDTLVESSTAIREDDKLVFTVSKPIGELIKVEDIEFAKYDNLQVEGNKVSFKYQTNEDYENY
NANIIFTEKKNDSKGLVKGFTVEEQVTVVGLSFNVDVARCLDAVLKMILISMRDSIEEQQTFQLQNLSFGDIAPIIEDGD
SMIFGRPTIIKYTSSLDLDYTITQDINKLTFKERKDWK
;
M
6 'polypeptide(L)'
;MEKPYMIGANSNPNVINKSTTYTTTTQADEQDKPKYTTRLEFDTIDMIRFINDRGIKVLWEEAYFCPCLNPDTGHPRVDC
PRCHGKGIAYLPPKETIMAIQSQEKGTNQLDIGILDTGTAIGTTQLEKRISYRDRFTVPEVLMPQQMIYFVNKDRIKKGI
PLYYDVKEITYIATQDGTVYEEDYEIKNNRLYLNEKYENHTVTLKILMTLRYVVSDILKESRYQYTKFNQPKSKFENLPQ
KLLLKREDVIVLQDPYKVNDGIEEDLEIQVDDPKASASNPSNLGGFFGGAFK
;
S
7 'polypeptide(L)'
;MVNSMFGGDLDPYEKSLNYEYPYHPSGNPKHIDVSEIDNLTLADYGWSPDAVKAYMFGIVVQNPDTGQPMGDEFYNHILE
RAVGKAERALDISILPDTQHEMRDYHETEFNSYMFVHAYRKPILQVENLQLQFNGRPIYKYPANWWKVEHLAGHVQLFPT
ALMQTGQSMSYDAVFNGYPQLAGVYPPSGATFAPQMIRLEYVSGMLPRKKAGRNKPWEMPPELEQLVIKYALKEIYQVWG
NLIIGAGIANKTLEVDGITETIGTTQSAMYGGASAQILQINEDIKELLDGLRAYFGYNMIGL
;
b,c
8 'polypeptide(L)'
;MAVEPFPRRPITRPHASIEVDTSGIGGSAGSSEKVFCLIGQAEGGEPNTVYELRNYSQAKRLFRSGELLDAIELAWGSNP
NYTAGRILAMRIEDAKPASAEIGGLKITSKIYGNVANNIQVGLEKNTLSDSLRLRVIFQDDRFNEVYDNIGNIFTIKYKG
EEANATFSVEHDEETQKASRLVLKVGDQEVKSYDLTGGAYDYTNAIITDINQLPDFEAKLSPFGDKNLESSKLDKIENAN
IKDKAVYVKAVFGDLEKQTAYNGIVSFEQLNAEGEVPSNVEVEAGEESATVTATSPIKTIEPFELTKLKGGTNGEPPATW
ADKLDKFAHEGGYYIVPLSSKQSVHAEVASFVKERSDAGEPMRAIVGGGFNESKEQLFGRQASLSNPRVSLVANSGTFVM
DDGRKNHVPAYMVAVALGGLASGLEIGESITFKPLRVSSLDQIYESIDLDELNENGIISIEFVRNRTNTFFRIVDDVTTF
NDKSDPVKAEMAVGEANDFLVSELKVQLEDQFIGTRTINTSASIIKDFIQSYLGRKKRDNEIQDFPAEDVQVIVEGNEAR
ISMTVYPIRSFKKISVSLVYKQQTLQA
;
B,I,O
#
# COMPACT_ATOMS: atom_id res chain seq x y z
N SER A 49 -61.64 -21.78 131.13
CA SER A 49 -61.45 -20.39 131.65
C SER A 49 -60.11 -20.26 132.37
N LEU A 50 -59.54 -19.06 132.33
CA LEU A 50 -58.23 -18.83 132.93
C LEU A 50 -58.33 -18.82 134.46
N TYR A 51 -59.22 -18.01 135.00
CA TYR A 51 -59.44 -17.89 136.45
C TYR A 51 -60.68 -18.67 136.91
N GLY A 52 -61.78 -18.55 136.19
CA GLY A 52 -63.03 -19.11 136.67
C GLY A 52 -64.19 -18.62 135.84
N GLN A 53 -65.36 -19.14 136.16
CA GLN A 53 -66.57 -18.79 135.40
C GLN A 53 -66.87 -17.31 135.60
N GLN A 54 -66.94 -16.59 134.48
CA GLN A 54 -67.20 -15.16 134.51
C GLN A 54 -67.94 -14.77 133.24
N GLN A 55 -68.76 -13.72 133.32
CA GLN A 55 -69.50 -13.31 132.14
C GLN A 55 -68.72 -12.34 131.25
N ALA A 56 -67.69 -11.68 131.79
CA ALA A 56 -66.73 -10.98 130.95
C ALA A 56 -65.78 -11.99 130.33
N TYR A 57 -65.53 -11.84 129.03
CA TYR A 57 -64.51 -12.67 128.39
C TYR A 57 -63.12 -12.23 128.82
N ALA A 58 -62.28 -13.22 129.15
CA ALA A 58 -60.92 -13.01 129.59
C ALA A 58 -59.89 -13.51 128.59
N GLU A 59 -60.34 -14.00 127.45
CA GLU A 59 -59.51 -14.54 126.40
C GLU A 59 -60.06 -14.04 125.07
N PRO A 60 -59.26 -14.09 124.00
CA PRO A 60 -59.80 -13.74 122.68
C PRO A 60 -61.04 -14.56 122.35
N PHE A 61 -62.12 -13.87 122.02
CA PHE A 61 -63.42 -14.53 121.85
C PHE A 61 -63.41 -15.48 120.67
N ILE A 62 -62.92 -15.02 119.52
CA ILE A 62 -62.63 -15.91 118.40
C ILE A 62 -61.30 -16.59 118.63
N GLU A 63 -61.28 -17.91 118.45
CA GLU A 63 -60.07 -18.70 118.61
C GLU A 63 -59.03 -18.26 117.58
N MET A 64 -57.94 -17.66 118.04
CA MET A 64 -56.84 -17.36 117.13
C MET A 64 -56.10 -18.63 116.75
N MET A 65 -55.50 -18.63 115.56
CA MET A 65 -54.88 -19.83 115.00
C MET A 65 -53.58 -20.08 115.75
N ASP A 66 -53.72 -20.75 116.91
CA ASP A 66 -52.58 -21.33 117.58
C ASP A 66 -51.98 -22.46 116.74
N THR A 67 -50.66 -22.61 116.83
CA THR A 67 -49.98 -23.64 116.04
C THR A 67 -50.49 -25.03 116.37
N ASN A 68 -50.90 -25.25 117.62
CA ASN A 68 -51.36 -26.56 118.07
C ASN A 68 -52.68 -26.41 118.79
N PRO A 69 -53.66 -27.30 118.52
CA PRO A 69 -54.92 -27.24 119.29
C PRO A 69 -54.75 -27.46 120.77
N GLU A 70 -53.67 -28.08 121.21
CA GLU A 70 -53.56 -28.57 122.58
C GLU A 70 -52.96 -27.57 123.56
N PHE A 71 -52.29 -26.51 123.11
CA PHE A 71 -51.74 -25.54 124.05
C PHE A 71 -51.73 -24.15 123.45
N ARG A 72 -51.74 -23.15 124.35
CA ARG A 72 -51.72 -21.74 123.98
C ARG A 72 -50.30 -21.29 123.67
N ASP A 73 -50.12 -20.74 122.46
CA ASP A 73 -48.80 -20.23 122.06
C ASP A 73 -48.42 -18.98 122.83
N LYS A 74 -47.11 -18.83 123.07
CA LYS A 74 -46.53 -17.65 123.73
C LYS A 74 -46.25 -16.57 122.69
N ARG A 75 -47.31 -15.91 122.25
CA ARG A 75 -47.15 -14.85 121.24
C ARG A 75 -46.44 -13.64 121.81
N SER A 76 -45.54 -13.07 121.00
CA SER A 76 -44.96 -11.76 121.26
C SER A 76 -46.02 -10.67 121.35
N TYR A 77 -45.69 -9.61 122.11
CA TYR A 77 -46.59 -8.49 122.37
C TYR A 77 -47.32 -7.99 121.12
N MET A 78 -46.60 -7.80 120.02
CA MET A 78 -47.16 -7.36 118.76
C MET A 78 -47.65 -8.49 117.87
N LYS A 79 -47.55 -9.74 118.34
CA LYS A 79 -47.81 -10.94 117.54
C LYS A 79 -46.90 -11.03 116.31
N ASN A 80 -45.81 -10.26 116.31
CA ASN A 80 -44.80 -10.39 115.25
C ASN A 80 -44.08 -11.73 115.33
N GLU A 81 -44.15 -12.39 116.49
CA GLU A 81 -43.41 -13.61 116.75
C GLU A 81 -44.29 -14.52 117.61
N HIS A 82 -44.17 -15.83 117.39
CA HIS A 82 -44.95 -16.84 118.08
C HIS A 82 -44.11 -17.75 118.98
N ASN A 83 -42.79 -17.63 118.94
CA ASN A 83 -41.85 -18.52 119.62
C ASN A 83 -40.93 -17.68 120.50
N LEU A 84 -41.56 -16.77 121.25
CA LEU A 84 -40.86 -15.70 121.95
C LEU A 84 -39.74 -16.23 122.84
N HIS A 85 -39.98 -17.33 123.55
CA HIS A 85 -38.99 -17.82 124.50
C HIS A 85 -37.75 -18.36 123.81
N ASP A 86 -37.85 -18.87 122.58
CA ASP A 86 -36.64 -19.20 121.83
C ASP A 86 -35.89 -17.96 121.35
N VAL A 87 -36.58 -16.83 121.22
CA VAL A 87 -35.90 -15.55 121.00
C VAL A 87 -35.14 -15.13 122.26
N LEU A 88 -35.84 -15.07 123.39
CA LEU A 88 -35.23 -14.64 124.65
C LEU A 88 -34.09 -15.56 125.09
N LYS A 89 -34.20 -16.86 124.82
CA LYS A 89 -33.13 -17.80 125.15
C LYS A 89 -31.79 -17.38 124.57
N LYS A 90 -31.78 -16.69 123.44
CA LYS A 90 -30.52 -16.22 122.84
C LYS A 90 -29.81 -15.14 123.65
N PHE A 91 -30.52 -14.44 124.54
CA PHE A 91 -29.91 -13.40 125.36
C PHE A 91 -29.44 -13.89 126.73
N GLY A 92 -29.77 -15.13 127.11
CA GLY A 92 -29.45 -15.60 128.45
C GLY A 92 -27.97 -15.63 128.77
N ASN A 93 -27.11 -15.53 127.75
CA ASN A 93 -25.66 -15.38 127.93
C ASN A 93 -25.17 -13.94 127.80
N ASN A 94 -26.07 -12.97 127.71
CA ASN A 94 -25.66 -11.57 127.63
C ASN A 94 -24.91 -11.17 128.91
N PRO A 95 -23.72 -10.55 128.80
CA PRO A 95 -22.97 -10.18 130.03
C PRO A 95 -23.65 -9.17 130.94
N ILE A 96 -24.33 -8.15 130.40
CA ILE A 96 -25.06 -7.21 131.27
C ILE A 96 -26.21 -7.91 131.97
N LEU A 97 -27.02 -8.64 131.21
CA LEU A 97 -28.14 -9.36 131.80
C LEU A 97 -27.66 -10.36 132.85
N ASN A 98 -26.54 -11.04 132.58
CA ASN A 98 -25.99 -11.95 133.58
C ASN A 98 -25.37 -11.22 134.76
N ALA A 99 -24.79 -10.03 134.57
CA ALA A 99 -24.35 -9.25 135.73
C ALA A 99 -25.50 -8.90 136.66
N ILE A 100 -26.66 -8.59 136.09
CA ILE A 100 -27.87 -8.34 136.88
C ILE A 100 -28.36 -9.61 137.57
N ILE A 101 -28.50 -10.68 136.81
CA ILE A 101 -29.00 -11.94 137.37
C ILE A 101 -28.07 -12.45 138.47
N LEU A 102 -26.76 -12.39 138.27
CA LEU A 102 -25.83 -12.87 139.28
C LEU A 102 -25.79 -11.99 140.52
N THR A 103 -25.81 -10.65 140.37
CA THR A 103 -25.82 -9.82 141.56
C THR A 103 -27.10 -10.02 142.38
N ARG A 104 -28.26 -10.09 141.72
CA ARG A 104 -29.50 -10.32 142.44
C ARG A 104 -29.52 -11.70 143.09
N SER A 105 -29.15 -12.75 142.36
CA SER A 105 -29.23 -14.09 142.95
C SER A 105 -28.20 -14.33 144.04
N ASN A 106 -27.05 -13.65 143.98
CA ASN A 106 -26.14 -13.65 145.12
C ASN A 106 -26.74 -12.94 146.33
N GLN A 107 -27.44 -11.82 146.12
CA GLN A 107 -28.11 -11.17 147.25
C GLN A 107 -29.19 -12.07 147.87
N VAL A 108 -29.99 -12.70 147.03
CA VAL A 108 -31.05 -13.61 147.49
C VAL A 108 -30.50 -14.83 148.23
N ALA A 109 -29.39 -15.41 147.76
CA ALA A 109 -28.86 -16.63 148.37
C ALA A 109 -28.53 -16.51 149.86
N MET A 110 -28.23 -15.30 150.36
CA MET A 110 -27.94 -15.16 151.79
C MET A 110 -29.13 -15.46 152.70
N TYR A 111 -30.36 -15.18 152.23
CA TYR A 111 -31.57 -15.48 153.00
C TYR A 111 -31.87 -16.98 153.11
N CYS A 112 -31.47 -17.77 152.13
CA CYS A 112 -31.97 -19.14 151.98
C CYS A 112 -31.85 -20.01 153.23
N GLN A 113 -30.80 -19.85 154.04
CA GLN A 113 -30.75 -20.63 155.27
C GLN A 113 -31.79 -20.17 156.32
N PRO A 114 -32.23 -21.09 157.19
CA PRO A 114 -33.10 -20.69 158.32
C PRO A 114 -32.46 -19.70 159.29
N ALA A 115 -33.24 -18.67 159.65
CA ALA A 115 -32.84 -17.75 160.71
C ALA A 115 -32.71 -18.43 162.06
N ARG A 116 -33.59 -19.40 162.35
CA ARG A 116 -33.56 -20.16 163.60
C ARG A 116 -32.16 -20.60 164.02
N TYR A 117 -31.38 -21.13 163.09
CA TYR A 117 -30.05 -21.65 163.37
C TYR A 117 -28.95 -20.63 163.11
N SER A 118 -29.30 -19.44 162.62
CA SER A 118 -28.35 -18.43 162.17
C SER A 118 -28.36 -17.35 163.24
N GLU A 119 -27.26 -17.26 163.98
CA GLU A 119 -27.22 -16.45 165.20
C GLU A 119 -27.42 -14.97 164.91
N LYS A 120 -27.04 -14.51 163.72
CA LYS A 120 -27.37 -13.13 163.36
C LYS A 120 -28.85 -12.94 163.03
N GLY A 121 -29.65 -14.00 163.04
CA GLY A 121 -31.07 -13.91 162.74
C GLY A 121 -31.43 -13.75 161.29
N LEU A 122 -30.45 -13.66 160.39
CA LEU A 122 -30.72 -13.47 158.97
C LEU A 122 -31.07 -14.79 158.30
N GLY A 123 -32.13 -14.81 157.52
CA GLY A 123 -32.56 -16.00 156.82
C GLY A 123 -34.06 -15.99 156.55
N PHE A 124 -34.66 -17.18 156.61
CA PHE A 124 -36.10 -17.37 156.61
C PHE A 124 -36.57 -18.07 157.88
N GLU A 125 -37.86 -17.92 158.17
CA GLU A 125 -38.52 -18.67 159.22
C GLU A 125 -39.91 -19.08 158.76
N VAL A 126 -40.37 -20.22 159.31
CA VAL A 126 -41.78 -20.61 159.29
C VAL A 126 -42.42 -20.26 160.61
N ARG A 127 -43.54 -19.56 160.55
CA ARG A 127 -44.13 -18.85 161.68
C ARG A 127 -45.64 -19.11 161.64
N LEU A 128 -46.28 -18.98 162.80
CA LEU A 128 -47.73 -18.80 162.82
C LEU A 128 -48.11 -17.47 162.18
N ARG A 129 -49.29 -17.47 161.56
CA ARG A 129 -49.81 -16.27 160.91
C ARG A 129 -50.02 -15.14 161.91
N ASP A 130 -50.88 -15.39 162.91
CA ASP A 130 -51.12 -14.37 163.94
C ASP A 130 -49.87 -14.14 164.78
N LEU A 131 -49.50 -12.87 164.92
CA LEU A 131 -48.45 -12.47 165.86
C LEU A 131 -48.87 -12.64 167.31
N ASP A 132 -50.18 -12.67 167.59
CA ASP A 132 -50.66 -12.77 168.97
C ASP A 132 -50.68 -14.21 169.49
N ALA A 133 -50.64 -15.21 168.62
CA ALA A 133 -50.74 -16.59 169.06
C ALA A 133 -49.43 -17.05 169.69
N GLU A 134 -49.54 -17.97 170.64
CA GLU A 134 -48.41 -18.73 171.15
C GLU A 134 -48.46 -20.17 170.66
N PRO A 135 -47.42 -20.68 170.00
CA PRO A 135 -47.55 -21.98 169.33
C PRO A 135 -47.64 -23.13 170.32
N GLY A 136 -48.50 -24.09 169.99
CA GLY A 136 -48.65 -25.29 170.79
C GLY A 136 -47.45 -26.22 170.67
N ARG A 137 -47.44 -27.22 171.55
CA ARG A 137 -46.31 -28.14 171.63
C ARG A 137 -46.06 -28.84 170.30
N LYS A 138 -47.12 -29.24 169.61
CA LYS A 138 -46.97 -29.90 168.32
C LYS A 138 -46.72 -28.91 167.19
N GLU A 139 -47.28 -27.70 167.30
CA GLU A 139 -47.07 -26.69 166.25
C GLU A 139 -45.62 -26.27 166.15
N LYS A 140 -44.93 -26.09 167.27
CA LYS A 140 -43.51 -25.74 167.23
C LYS A 140 -42.69 -26.78 166.46
N GLU A 141 -43.02 -28.05 166.64
CA GLU A 141 -42.32 -29.10 165.92
C GLU A 141 -42.74 -29.15 164.46
N GLU A 142 -44.02 -28.94 164.17
CA GLU A 142 -44.43 -28.93 162.77
C GLU A 142 -43.75 -27.79 162.02
N MET A 143 -43.65 -26.60 162.63
CA MET A 143 -42.94 -25.49 162.01
C MET A 143 -41.46 -25.81 161.79
N LYS A 144 -40.82 -26.48 162.75
CA LYS A 144 -39.43 -26.90 162.53
C LYS A 144 -39.32 -27.92 161.40
N ARG A 145 -40.28 -28.84 161.32
CA ARG A 145 -40.28 -29.81 160.23
C ARG A 145 -40.46 -29.13 158.88
N ILE A 146 -41.36 -28.15 158.79
CA ILE A 146 -41.58 -27.46 157.52
C ILE A 146 -40.32 -26.69 157.12
N GLU A 147 -39.67 -26.01 158.07
CA GLU A 147 -38.38 -25.38 157.79
C GLU A 147 -37.37 -26.38 157.23
N ASP A 148 -37.18 -27.49 157.93
CA ASP A 148 -36.27 -28.54 157.46
C ASP A 148 -36.63 -29.05 156.07
N PHE A 149 -37.92 -29.33 155.84
CA PHE A 149 -38.41 -29.71 154.51
C PHE A 149 -38.03 -28.70 153.44
N ILE A 150 -38.23 -27.42 153.70
CA ILE A 150 -37.85 -26.38 152.74
C ILE A 150 -36.36 -26.41 152.47
N VAL A 151 -35.54 -26.35 153.53
CA VAL A 151 -34.10 -26.44 153.39
C VAL A 151 -33.70 -27.62 152.51
N ASN A 152 -34.17 -28.82 152.85
CA ASN A 152 -33.91 -30.01 152.05
C ASN A 152 -34.67 -30.05 150.74
N THR A 153 -35.63 -29.15 150.53
CA THR A 153 -36.46 -29.12 149.33
C THR A 153 -37.28 -30.41 149.20
N GLY A 154 -37.50 -31.11 150.29
CA GLY A 154 -38.12 -32.42 150.25
C GLY A 154 -37.99 -33.12 151.59
N LYS A 155 -38.70 -34.24 151.70
CA LYS A 155 -38.87 -34.91 152.98
C LYS A 155 -37.54 -35.45 153.50
N ASP A 156 -36.88 -36.30 152.70
CA ASP A 156 -35.57 -36.82 153.04
C ASP A 156 -34.43 -35.90 152.58
N LYS A 157 -33.29 -36.04 153.25
CA LYS A 157 -32.03 -35.50 152.77
C LYS A 157 -31.52 -36.29 151.58
N ASP A 158 -31.09 -35.59 150.54
CA ASP A 158 -30.54 -36.23 149.35
C ASP A 158 -29.62 -35.22 148.66
N VAL A 159 -28.31 -35.51 148.70
CA VAL A 159 -27.29 -34.68 148.08
C VAL A 159 -27.50 -34.50 146.57
N ASP A 160 -28.24 -35.41 145.93
CA ASP A 160 -28.52 -35.25 144.50
C ASP A 160 -29.60 -34.22 144.22
N ARG A 161 -30.40 -33.84 145.21
CA ARG A 161 -31.44 -32.84 145.01
C ARG A 161 -30.86 -31.44 145.24
N ASP A 162 -31.40 -30.47 144.51
CA ASP A 162 -31.16 -29.07 144.81
C ASP A 162 -31.45 -28.74 146.27
N SER A 163 -30.56 -27.95 146.86
CA SER A 163 -30.88 -27.17 148.04
C SER A 163 -31.82 -26.02 147.69
N PHE A 164 -32.41 -25.44 148.74
CA PHE A 164 -33.20 -24.22 148.58
C PHE A 164 -32.41 -23.09 147.92
N GLN A 165 -31.11 -22.98 148.24
CA GLN A 165 -30.27 -22.00 147.56
C GLN A 165 -30.22 -22.22 146.05
N THR A 166 -29.97 -23.46 145.61
CA THR A 166 -29.94 -23.73 144.18
C THR A 166 -31.31 -23.48 143.53
N PHE A 167 -32.38 -23.84 144.22
CA PHE A 167 -33.73 -23.57 143.75
C PHE A 167 -33.98 -22.08 143.55
N CYS A 168 -33.64 -21.26 144.55
CA CYS A 168 -33.83 -19.82 144.45
C CYS A 168 -32.98 -19.21 143.34
N LYS A 169 -31.71 -19.56 143.26
CA LYS A 169 -30.88 -19.07 142.16
C LYS A 169 -31.44 -19.43 140.79
N LYS A 170 -31.94 -20.66 140.64
CA LYS A 170 -32.63 -21.06 139.42
C LYS A 170 -33.83 -20.17 139.11
N ILE A 171 -34.77 -20.07 140.04
CA ILE A 171 -36.00 -19.32 139.74
C ILE A 171 -35.73 -17.81 139.57
N VAL A 172 -34.72 -17.27 140.24
CA VAL A 172 -34.33 -15.88 139.97
C VAL A 172 -33.85 -15.71 138.54
N ARG A 173 -32.95 -16.59 138.09
CA ARG A 173 -32.53 -16.56 136.69
C ARG A 173 -33.72 -16.66 135.75
N ASP A 174 -34.66 -17.57 136.05
CA ASP A 174 -35.83 -17.74 135.20
C ASP A 174 -36.74 -16.51 135.21
N THR A 175 -36.95 -15.87 136.36
CA THR A 175 -37.73 -14.64 136.38
C THR A 175 -37.09 -13.57 135.49
N TYR A 176 -35.77 -13.42 135.57
CA TYR A 176 -35.15 -12.31 134.85
C TYR A 176 -34.84 -12.62 133.39
N ILE A 177 -34.90 -13.87 132.96
CA ILE A 177 -34.87 -14.16 131.53
C ILE A 177 -36.28 -14.19 130.94
N TYR A 178 -37.15 -15.03 131.51
CA TYR A 178 -38.43 -15.35 130.88
C TYR A 178 -39.60 -14.57 131.47
N ASP A 179 -39.48 -14.04 132.67
CA ASP A 179 -40.63 -13.71 133.52
C ASP A 179 -41.64 -14.86 133.59
N GLN A 180 -41.13 -16.07 133.86
CA GLN A 180 -41.99 -17.21 134.13
C GLN A 180 -41.22 -18.18 135.01
N VAL A 181 -41.78 -18.49 136.18
CA VAL A 181 -41.24 -19.49 137.09
C VAL A 181 -42.19 -20.68 137.15
N ASN A 182 -41.63 -21.89 137.05
CA ASN A 182 -42.39 -23.11 137.26
C ASN A 182 -41.58 -24.05 138.16
N PHE A 183 -42.26 -24.69 139.10
CA PHE A 183 -41.71 -25.81 139.83
C PHE A 183 -42.79 -26.88 139.97
N GLU A 184 -42.41 -28.13 139.78
CA GLU A 184 -43.32 -29.25 139.99
C GLU A 184 -43.33 -29.67 141.46
N LYS A 185 -44.53 -30.01 141.93
CA LYS A 185 -44.77 -30.63 143.24
C LYS A 185 -45.01 -32.12 143.06
N VAL A 186 -44.17 -32.94 143.68
CA VAL A 186 -44.28 -34.40 143.60
C VAL A 186 -44.84 -34.93 144.91
N PHE A 187 -46.00 -35.60 144.82
CA PHE A 187 -46.68 -36.23 145.94
C PHE A 187 -46.28 -37.69 146.10
N ASN A 188 -46.36 -38.17 147.34
CA ASN A 188 -46.15 -39.58 147.64
C ASN A 188 -47.03 -40.48 146.78
N LYS A 189 -46.42 -41.56 146.28
CA LYS A 189 -47.13 -42.49 145.40
C LYS A 189 -48.21 -43.26 146.15
N ASN A 190 -47.94 -43.62 147.41
CA ASN A 190 -48.94 -44.35 148.20
C ASN A 190 -50.04 -43.42 148.69
N ASN A 191 -49.71 -42.18 149.03
CA ASN A 191 -50.66 -41.21 149.58
C ASN A 191 -50.55 -39.93 148.77
N LYS A 192 -51.52 -39.71 147.87
CA LYS A 192 -51.50 -38.56 146.98
C LYS A 192 -51.63 -37.24 147.73
N THR A 193 -52.10 -37.27 148.97
CA THR A 193 -52.26 -36.06 149.77
C THR A 193 -50.96 -35.58 150.38
N LYS A 194 -49.91 -36.40 150.41
CA LYS A 194 -48.67 -36.07 151.09
C LYS A 194 -47.62 -35.61 150.08
N LEU A 195 -47.17 -34.37 150.24
CA LEU A 195 -46.10 -33.80 149.45
C LEU A 195 -44.75 -34.38 149.84
N GLU A 196 -43.94 -34.74 148.84
CA GLU A 196 -42.59 -35.26 149.05
C GLU A 196 -41.51 -34.34 148.54
N LYS A 197 -41.69 -33.72 147.37
CA LYS A 197 -40.63 -32.91 146.77
C LYS A 197 -41.27 -31.74 146.05
N PHE A 198 -40.48 -30.68 145.85
CA PHE A 198 -40.73 -29.69 144.82
C PHE A 198 -39.44 -29.44 144.04
N ILE A 199 -39.56 -29.39 142.71
CA ILE A 199 -38.43 -29.26 141.80
C ILE A 199 -38.75 -28.20 140.76
N ALA A 200 -37.80 -27.30 140.52
CA ALA A 200 -37.92 -26.30 139.46
C ALA A 200 -37.85 -26.93 138.07
N VAL A 201 -38.68 -26.40 137.16
CA VAL A 201 -38.86 -26.91 135.81
C VAL A 201 -38.55 -25.81 134.81
N ASP A 202 -38.02 -26.21 133.66
CA ASP A 202 -37.63 -25.29 132.58
C ASP A 202 -38.86 -24.53 132.06
N PRO A 203 -38.96 -23.22 132.31
CA PRO A 203 -40.19 -22.49 131.91
C PRO A 203 -40.44 -22.47 130.41
N SER A 204 -39.40 -22.56 129.58
CA SER A 204 -39.58 -22.57 128.13
C SER A 204 -40.32 -23.80 127.62
N THR A 205 -40.47 -24.84 128.43
CA THR A 205 -41.16 -26.06 128.05
C THR A 205 -42.60 -26.13 128.55
N ILE A 206 -43.05 -25.19 129.37
CA ILE A 206 -44.36 -25.24 130.03
C ILE A 206 -45.31 -24.27 129.34
N PHE A 207 -46.49 -24.78 128.97
CA PHE A 207 -47.52 -24.03 128.27
C PHE A 207 -48.87 -24.32 128.93
N TYR A 208 -49.79 -23.36 128.82
CA TYR A 208 -51.18 -23.61 129.17
C TYR A 208 -51.83 -24.59 128.20
N ALA A 209 -52.51 -25.59 128.75
CA ALA A 209 -53.28 -26.53 127.95
C ALA A 209 -54.62 -25.92 127.58
N THR A 210 -55.07 -26.16 126.35
CA THR A 210 -56.30 -25.57 125.83
C THR A 210 -57.27 -26.65 125.36
N ASP A 211 -58.54 -26.47 125.71
CA ASP A 211 -59.61 -27.31 125.20
C ASP A 211 -59.73 -27.20 123.69
N LYS A 212 -60.39 -28.20 123.09
CA LYS A 212 -60.70 -28.16 121.66
C LYS A 212 -61.47 -26.91 121.27
N LYS A 213 -62.28 -26.37 122.18
CA LYS A 213 -62.95 -25.08 121.99
C LYS A 213 -62.03 -23.88 122.19
N GLY A 214 -60.72 -24.09 122.24
CA GLY A 214 -59.78 -22.99 122.38
C GLY A 214 -59.75 -22.34 123.74
N LYS A 215 -60.53 -22.83 124.71
CA LYS A 215 -60.52 -22.27 126.05
C LYS A 215 -59.41 -22.92 126.85
N ILE A 216 -58.76 -22.12 127.71
CA ILE A 216 -57.76 -22.68 128.61
C ILE A 216 -58.44 -23.59 129.63
N ILE A 217 -57.84 -24.76 129.85
CA ILE A 217 -58.42 -25.75 130.75
C ILE A 217 -58.30 -25.25 132.18
N LYS A 218 -59.38 -25.39 132.94
CA LYS A 218 -59.37 -25.21 134.39
C LYS A 218 -59.95 -26.44 135.06
N GLY A 219 -59.38 -26.78 136.23
CA GLY A 219 -59.84 -27.93 136.99
C GLY A 219 -59.27 -29.25 136.53
N GLY A 220 -59.02 -29.40 135.23
CA GLY A 220 -58.31 -30.56 134.73
C GLY A 220 -56.80 -30.41 134.67
N LYS A 221 -56.20 -30.99 133.63
CA LYS A 221 -54.78 -30.89 133.36
C LYS A 221 -54.49 -29.52 132.73
N ARG A 222 -54.38 -28.53 133.61
CA ARG A 222 -54.23 -27.14 133.19
C ARG A 222 -52.94 -26.88 132.41
N PHE A 223 -51.90 -27.67 132.65
CA PHE A 223 -50.59 -27.41 132.07
C PHE A 223 -50.08 -28.63 131.29
N VAL A 224 -49.32 -28.35 130.24
CA VAL A 224 -48.59 -29.37 129.48
C VAL A 224 -47.12 -28.97 129.40
N GLN A 225 -46.25 -29.97 129.36
CA GLN A 225 -44.85 -29.79 128.99
C GLN A 225 -44.68 -30.19 127.52
N VAL A 226 -44.09 -29.29 126.74
CA VAL A 226 -43.92 -29.46 125.30
C VAL A 226 -42.43 -29.50 125.00
N VAL A 227 -41.99 -30.56 124.33
CA VAL A 227 -40.61 -30.73 123.88
C VAL A 227 -40.65 -31.16 122.42
N ASP A 228 -39.83 -30.51 121.60
CA ASP A 228 -39.82 -30.71 120.15
C ASP A 228 -41.23 -30.57 119.56
N LYS A 229 -42.00 -29.66 120.13
CA LYS A 229 -43.40 -29.42 119.74
C LYS A 229 -44.26 -30.68 119.83
N ARG A 230 -43.98 -31.57 120.78
CA ARG A 230 -44.98 -32.55 121.21
C ARG A 230 -45.09 -32.53 122.73
N VAL A 231 -46.30 -32.83 123.21
CA VAL A 231 -46.56 -32.88 124.64
C VAL A 231 -45.92 -34.13 125.24
N VAL A 232 -45.00 -33.92 126.18
CA VAL A 232 -44.32 -35.01 126.87
C VAL A 232 -44.87 -35.24 128.28
N ALA A 233 -45.59 -34.27 128.85
CA ALA A 233 -46.18 -34.41 130.17
C ALA A 233 -47.34 -33.43 130.30
N SER A 234 -48.16 -33.64 131.33
CA SER A 234 -49.23 -32.71 131.67
C SER A 234 -49.39 -32.65 133.18
N PHE A 235 -49.99 -31.54 133.65
CA PHE A 235 -50.07 -31.26 135.07
C PHE A 235 -51.38 -30.56 135.39
N THR A 236 -51.89 -30.80 136.58
CA THR A 236 -52.93 -29.95 137.16
C THR A 236 -52.33 -28.74 137.88
N SER A 237 -53.22 -27.80 138.23
CA SER A 237 -52.87 -26.70 139.12
C SER A 237 -52.27 -27.18 140.43
N ARG A 238 -52.66 -28.37 140.88
CA ARG A 238 -52.09 -28.96 142.09
C ARG A 238 -50.63 -29.35 141.91
N GLU A 239 -50.24 -29.82 140.72
CA GLU A 239 -48.92 -30.39 140.53
C GLU A 239 -47.88 -29.39 140.03
N LEU A 240 -48.28 -28.28 139.42
CA LEU A 240 -47.31 -27.32 138.89
C LEU A 240 -47.73 -25.89 139.24
N ALA A 241 -46.80 -25.15 139.81
CA ALA A 241 -46.91 -23.70 139.98
C ALA A 241 -46.56 -22.97 138.68
N MET A 242 -47.21 -21.83 138.47
CA MET A 242 -46.73 -20.80 137.57
C MET A 242 -46.70 -19.45 138.29
N GLY A 243 -45.58 -18.75 138.18
CA GLY A 243 -45.45 -17.42 138.76
C GLY A 243 -45.08 -16.40 137.70
N ILE A 244 -45.72 -15.23 137.77
CA ILE A 244 -45.52 -14.15 136.80
C ILE A 244 -45.42 -12.84 137.57
N ARG A 245 -44.42 -12.03 137.22
CA ARG A 245 -44.18 -10.75 137.88
C ARG A 245 -44.88 -9.57 137.19
N ASN A 246 -45.00 -9.59 135.87
CA ASN A 246 -45.49 -8.45 135.09
C ASN A 246 -46.79 -8.82 134.39
N PRO A 247 -47.88 -8.98 135.14
CA PRO A 247 -49.15 -9.42 134.54
C PRO A 247 -49.76 -8.33 133.67
N ARG A 248 -50.68 -8.77 132.81
CA ARG A 248 -51.42 -7.89 131.92
C ARG A 248 -52.88 -8.30 131.89
N THR A 249 -53.77 -7.32 131.77
CA THR A 249 -55.17 -7.61 131.48
C THR A 249 -55.42 -7.88 130.01
N GLU A 250 -54.53 -7.42 129.12
CA GLU A 250 -54.65 -7.57 127.67
C GLU A 250 -55.12 -8.97 127.30
N LEU A 251 -56.25 -9.05 126.60
CA LEU A 251 -56.86 -10.34 126.30
C LEU A 251 -55.90 -11.27 125.59
N SER A 252 -55.17 -10.77 124.59
CA SER A 252 -54.25 -11.59 123.83
C SER A 252 -52.98 -11.96 124.60
N SER A 253 -52.71 -11.33 125.74
CA SER A 253 -51.58 -11.77 126.56
C SER A 253 -51.78 -13.19 127.09
N SER A 254 -53.01 -13.68 127.11
CA SER A 254 -53.32 -15.10 127.36
C SER A 254 -52.76 -15.58 128.70
N GLY A 255 -52.60 -14.68 129.66
CA GLY A 255 -52.10 -15.06 130.96
C GLY A 255 -50.59 -15.18 131.11
N TYR A 256 -49.82 -14.95 130.04
CA TYR A 256 -48.37 -15.00 130.15
C TYR A 256 -47.80 -13.67 130.65
N GLY A 257 -46.54 -13.74 131.08
CA GLY A 257 -45.84 -12.57 131.60
C GLY A 257 -45.33 -11.64 130.52
N LEU A 258 -44.38 -10.79 130.91
CA LEU A 258 -43.78 -9.82 130.01
C LEU A 258 -42.34 -9.59 130.45
N SER A 259 -41.39 -10.13 129.68
CA SER A 259 -39.98 -10.01 130.01
C SER A 259 -39.46 -8.61 129.68
N GLU A 260 -38.66 -8.06 130.58
CA GLU A 260 -37.87 -6.86 130.28
C GLU A 260 -36.89 -7.06 129.11
N VAL A 261 -36.49 -8.31 128.84
CA VAL A 261 -35.69 -8.59 127.65
C VAL A 261 -36.47 -8.30 126.38
N GLU A 262 -37.77 -8.60 126.38
CA GLU A 262 -38.61 -8.24 125.25
C GLU A 262 -38.72 -6.73 125.10
N ILE A 263 -39.00 -6.02 126.19
CA ILE A 263 -39.15 -4.57 126.14
C ILE A 263 -37.84 -3.91 125.71
N ALA A 264 -36.73 -4.32 126.31
CA ALA A 264 -35.43 -3.70 126.08
C ALA A 264 -34.67 -4.25 124.87
N MET A 265 -35.30 -5.09 124.04
CA MET A 265 -34.56 -5.87 123.05
C MET A 265 -33.79 -4.97 122.08
N LYS A 266 -34.41 -3.89 121.61
CA LYS A 266 -33.71 -2.91 120.78
C LYS A 266 -32.46 -2.37 121.45
N GLU A 267 -32.56 -2.01 122.73
CA GLU A 267 -31.40 -1.55 123.48
C GLU A 267 -30.30 -2.60 123.57
N PHE A 268 -30.66 -3.86 123.83
CA PHE A 268 -29.66 -4.92 123.83
C PHE A 268 -28.98 -5.10 122.48
N ILE A 269 -29.76 -5.00 121.39
CA ILE A 269 -29.18 -5.10 120.04
C ILE A 269 -28.22 -3.93 119.78
N ALA A 270 -28.65 -2.70 120.07
CA ALA A 270 -27.77 -1.54 119.94
C ALA A 270 -26.48 -1.69 120.74
N TYR A 271 -26.59 -2.14 121.99
CA TYR A 271 -25.41 -2.48 122.80
C TYR A 271 -24.48 -3.45 122.08
N ASN A 272 -25.02 -4.61 121.69
CA ASN A 272 -24.23 -5.60 120.96
C ASN A 272 -23.54 -5.01 119.73
N ASN A 273 -24.26 -4.22 118.94
CA ASN A 273 -23.66 -3.61 117.75
C ASN A 273 -22.53 -2.65 118.11
N THR A 274 -22.73 -1.79 119.13
CA THR A 274 -21.67 -0.85 119.49
C THR A 274 -20.44 -1.55 120.06
N GLU A 275 -20.66 -2.67 120.76
CA GLU A 275 -19.56 -3.50 121.24
C GLU A 275 -18.78 -4.12 120.08
N SER A 276 -19.49 -4.71 119.12
CA SER A 276 -18.84 -5.26 117.94
C SER A 276 -18.09 -4.20 117.16
N PHE A 277 -18.70 -3.01 117.00
CA PHE A 277 -18.02 -1.90 116.34
C PHE A 277 -16.70 -1.56 117.01
N ASN A 278 -16.71 -1.39 118.33
CA ASN A 278 -15.48 -1.03 119.03
C ASN A 278 -14.43 -2.15 118.99
N ASP A 279 -14.87 -3.41 119.05
CA ASP A 279 -13.94 -4.53 118.97
C ASP A 279 -13.34 -4.71 117.58
N ARG A 280 -14.10 -4.42 116.52
CA ARG A 280 -13.62 -4.63 115.16
C ARG A 280 -12.46 -3.73 114.74
N PHE A 281 -12.16 -2.66 115.48
CA PHE A 281 -10.90 -1.95 115.20
C PHE A 281 -9.72 -2.91 115.26
N PHE A 282 -9.67 -3.73 116.30
CA PHE A 282 -8.63 -4.75 116.44
C PHE A 282 -8.94 -5.99 115.61
N SER A 283 -10.16 -6.53 115.79
CA SER A 283 -10.49 -7.82 115.20
C SER A 283 -10.42 -7.78 113.67
N HIS A 284 -10.90 -6.69 113.06
CA HIS A 284 -11.09 -6.60 111.62
C HIS A 284 -10.56 -5.32 110.99
N GLY A 285 -10.17 -4.32 111.78
CA GLY A 285 -9.95 -3.00 111.23
C GLY A 285 -8.59 -2.87 110.56
N GLY A 286 -8.45 -1.79 109.80
CA GLY A 286 -7.15 -1.22 109.50
C GLY A 286 -6.67 -0.23 110.54
N THR A 287 -5.68 -0.63 111.33
CA THR A 287 -5.02 0.24 112.29
C THR A 287 -3.93 1.10 111.66
N THR A 288 -3.66 0.93 110.36
CA THR A 288 -2.52 1.57 109.71
C THR A 288 -2.50 3.06 109.95
N ARG A 289 -1.40 3.54 110.55
CA ARG A 289 -1.28 4.95 110.92
C ARG A 289 -1.38 5.85 109.69
N GLY A 290 -0.73 5.47 108.59
CA GLY A 290 -0.61 6.36 107.46
C GLY A 290 0.24 5.74 106.37
N ILE A 291 0.38 6.47 105.28
CA ILE A 291 1.18 6.07 104.13
C ILE A 291 2.40 6.98 104.04
N LEU A 292 3.59 6.37 103.93
CA LEU A 292 4.81 7.08 103.61
C LEU A 292 4.93 7.16 102.09
N GLN A 293 4.61 8.32 101.52
CA GLN A 293 4.79 8.55 100.09
C GLN A 293 6.20 9.05 99.79
N ILE A 294 6.95 8.23 99.06
CA ILE A 294 8.22 8.63 98.45
C ILE A 294 7.95 8.71 96.96
N ARG A 295 8.47 9.76 96.31
CA ARG A 295 8.20 9.98 94.90
C ARG A 295 9.44 10.40 94.15
N SER A 296 9.63 9.79 92.97
CA SER A 296 10.70 10.14 92.06
C SER A 296 10.22 9.88 90.64
N ASP A 297 11.11 10.16 89.68
CA ASP A 297 10.75 10.05 88.26
C ASP A 297 10.10 8.71 87.91
N GLN A 298 10.50 7.62 88.57
CA GLN A 298 9.81 6.35 88.39
C GLN A 298 9.87 5.54 89.68
N GLN A 299 8.85 4.72 89.88
CA GLN A 299 8.82 3.81 91.03
C GLN A 299 10.00 2.84 91.02
N GLN A 300 10.49 2.51 92.21
CA GLN A 300 11.52 1.49 92.37
C GLN A 300 11.00 0.13 91.93
N SER A 301 11.90 -0.68 91.37
CA SER A 301 11.61 -2.09 91.18
C SER A 301 11.30 -2.78 92.51
N GLN A 302 10.62 -3.92 92.43
CA GLN A 302 10.30 -4.68 93.63
C GLN A 302 11.55 -5.16 94.37
N HIS A 303 12.59 -5.56 93.63
CA HIS A 303 13.85 -5.96 94.26
C HIS A 303 14.46 -4.80 95.04
N ALA A 304 14.57 -3.64 94.41
CA ALA A 304 15.08 -2.44 95.06
C ALA A 304 14.30 -2.12 96.31
N LEU A 305 12.97 -2.19 96.23
CA LEU A 305 12.10 -1.88 97.35
C LEU A 305 12.24 -2.90 98.49
N GLU A 306 12.42 -4.18 98.18
CA GLU A 306 12.62 -5.18 99.22
C GLU A 306 13.99 -5.08 99.89
N ASN A 307 15.05 -4.71 99.16
CA ASN A 307 16.30 -4.48 99.87
C ASN A 307 16.34 -3.11 100.55
N PHE A 308 15.51 -2.16 100.13
CA PHE A 308 15.29 -0.97 100.93
C PHE A 308 14.56 -1.29 102.23
N LYS A 309 13.58 -2.20 102.19
CA LYS A 309 12.99 -2.74 103.42
C LYS A 309 14.00 -3.43 104.32
N ARG A 310 15.00 -4.10 103.74
CA ARG A 310 16.05 -4.69 104.59
C ARG A 310 16.97 -3.63 105.18
N GLU A 311 17.37 -2.64 104.39
CA GLU A 311 18.10 -1.49 104.93
C GLU A 311 17.32 -0.82 106.07
N TRP A 312 16.01 -0.68 105.90
CA TRP A 312 15.18 -0.05 106.91
C TRP A 312 15.15 -0.87 108.20
N LYS A 313 14.72 -2.13 108.11
CA LYS A 313 14.53 -2.93 109.32
C LYS A 313 15.84 -3.22 110.04
N SER A 314 16.93 -3.47 109.31
CA SER A 314 18.21 -3.68 109.98
C SER A 314 18.75 -2.44 110.69
N SER A 315 18.21 -1.25 110.41
CA SER A 315 18.71 -0.01 111.00
C SER A 315 17.75 0.66 111.98
N LEU A 316 16.45 0.41 111.89
CA LEU A 316 15.44 1.24 112.56
C LEU A 316 14.40 0.48 113.38
N SER A 317 14.32 -0.84 113.28
CA SER A 317 13.22 -1.55 113.91
C SER A 317 13.52 -1.85 115.38
N GLY A 318 12.45 -1.97 116.15
CA GLY A 318 12.43 -2.36 117.54
C GLY A 318 13.12 -1.38 118.49
N ILE A 319 13.45 -1.91 119.67
CA ILE A 319 14.28 -1.18 120.62
C ILE A 319 15.67 -0.91 120.05
N ASN A 320 16.23 -1.87 119.32
CA ASN A 320 17.60 -1.74 118.82
C ASN A 320 17.76 -0.51 117.92
N GLY A 321 16.78 -0.21 117.08
CA GLY A 321 16.78 0.94 116.21
C GLY A 321 16.12 2.20 116.73
N SER A 322 15.66 2.18 117.99
CA SER A 322 14.51 3.00 118.37
C SER A 322 14.74 4.50 118.23
N TRP A 323 15.97 4.99 118.43
CA TRP A 323 16.22 6.44 118.36
C TRP A 323 17.01 6.89 117.14
N GLN A 324 17.34 5.98 116.21
CA GLN A 324 17.99 6.40 114.97
C GLN A 324 16.99 7.07 114.04
N ILE A 325 17.49 7.98 113.21
CA ILE A 325 16.69 8.66 112.19
C ILE A 325 17.25 8.29 110.83
N PRO A 326 16.43 7.83 109.87
CA PRO A 326 16.92 7.64 108.50
C PRO A 326 17.15 8.95 107.77
N VAL A 327 18.23 9.01 107.00
CA VAL A 327 18.42 10.03 105.98
C VAL A 327 18.04 9.43 104.63
N VAL A 328 17.19 10.14 103.90
CA VAL A 328 16.72 9.74 102.57
C VAL A 328 16.76 10.96 101.67
N MET A 329 17.19 10.75 100.41
CA MET A 329 17.43 11.86 99.49
C MET A 329 16.53 11.79 98.26
N ALA A 330 15.34 11.21 98.44
CA ALA A 330 14.32 11.22 97.41
C ALA A 330 13.94 12.64 97.02
N ASP A 331 13.35 12.77 95.83
CA ASP A 331 12.93 14.09 95.34
C ASP A 331 11.90 14.73 96.26
N ASP A 332 10.92 13.96 96.74
CA ASP A 332 10.04 14.43 97.79
C ASP A 332 9.54 13.27 98.62
N ILE A 333 9.30 13.54 99.90
CA ILE A 333 8.84 12.57 100.88
C ILE A 333 7.65 13.17 101.62
N LYS A 334 6.58 12.40 101.74
CA LYS A 334 5.36 12.84 102.40
C LYS A 334 4.80 11.68 103.22
N PHE A 335 4.17 12.01 104.33
CA PHE A 335 3.46 11.04 105.15
C PHE A 335 2.01 11.48 105.32
N VAL A 336 1.09 10.60 104.90
CA VAL A 336 -0.34 10.86 104.89
C VAL A 336 -0.94 10.19 106.11
N ASN A 337 -1.58 10.99 106.97
CA ASN A 337 -2.21 10.49 108.18
C ASN A 337 -3.61 9.98 107.85
N MET A 338 -3.85 8.70 108.15
CA MET A 338 -5.13 8.04 107.88
C MET A 338 -5.95 7.75 109.12
N THR A 339 -5.37 7.82 110.32
CA THR A 339 -6.10 7.64 111.56
C THR A 339 -5.73 8.74 112.54
N PRO A 340 -6.53 8.95 113.58
CA PRO A 340 -6.11 9.83 114.67
C PRO A 340 -4.84 9.36 115.37
N THR A 341 -4.03 10.33 115.79
CA THR A 341 -2.81 10.04 116.52
C THR A 341 -3.09 9.31 117.84
N ALA A 342 -4.28 9.50 118.41
CA ALA A 342 -4.65 8.89 119.69
C ALA A 342 -6.05 8.30 119.56
N ASN A 343 -6.09 6.98 119.42
CA ASN A 343 -7.34 6.21 119.33
C ASN A 343 -7.87 5.88 120.71
N ASP A 344 -9.20 5.93 120.85
CA ASP A 344 -9.88 5.36 122.00
C ASP A 344 -11.26 4.91 121.60
N MET A 345 -11.94 4.24 122.54
CA MET A 345 -13.30 3.78 122.31
C MET A 345 -14.21 4.92 121.87
N GLN A 346 -15.25 4.56 121.11
CA GLN A 346 -16.25 5.49 120.63
C GLN A 346 -17.64 5.08 121.13
N PHE A 347 -18.54 6.06 121.15
CA PHE A 347 -19.94 5.85 121.56
C PHE A 347 -20.07 5.46 123.02
N GLU A 348 -19.16 5.94 123.86
CA GLU A 348 -19.21 5.64 125.29
C GLU A 348 -20.50 6.14 125.93
N LYS A 349 -20.87 7.40 125.64
CA LYS A 349 -22.14 7.96 126.10
C LYS A 349 -23.34 7.15 125.62
N TRP A 350 -23.35 6.74 124.36
CA TRP A 350 -24.41 5.85 123.85
C TRP A 350 -24.56 4.58 124.67
N LEU A 351 -23.46 3.89 124.93
CA LEU A 351 -23.47 2.73 125.82
C LEU A 351 -24.03 3.04 127.20
N ASN A 352 -23.51 4.08 127.85
CA ASN A 352 -24.05 4.51 129.15
C ASN A 352 -25.56 4.74 129.12
N TYR A 353 -26.04 5.52 128.16
CA TYR A 353 -27.47 5.73 127.95
C TYR A 353 -28.25 4.41 127.87
N LEU A 354 -27.84 3.53 126.96
CA LEU A 354 -28.48 2.23 126.81
C LEU A 354 -28.54 1.45 128.13
N ILE A 355 -27.41 1.33 128.81
CA ILE A 355 -27.39 0.55 130.05
C ILE A 355 -28.17 1.24 131.16
N ASN A 356 -28.21 2.56 131.20
CA ASN A 356 -29.09 3.26 132.14
C ASN A 356 -30.55 2.90 131.92
N ILE A 357 -30.99 2.84 130.67
CA ILE A 357 -32.35 2.38 130.38
C ILE A 357 -32.56 0.95 130.86
N ILE A 358 -31.69 0.03 130.44
CA ILE A 358 -31.88 -1.37 130.82
C ILE A 358 -31.88 -1.54 132.33
N SER A 359 -30.98 -0.84 133.03
CA SER A 359 -30.95 -0.86 134.49
C SER A 359 -32.24 -0.31 135.09
N ALA A 360 -32.77 0.77 134.51
CA ALA A 360 -34.02 1.34 135.00
C ALA A 360 -35.21 0.41 134.80
N LEU A 361 -35.22 -0.39 133.74
CA LEU A 361 -36.29 -1.37 133.60
C LEU A 361 -36.17 -2.48 134.65
N TYR A 362 -34.97 -3.01 134.87
CA TYR A 362 -34.79 -4.01 135.91
C TYR A 362 -34.81 -3.45 137.33
N GLY A 363 -34.72 -2.14 137.51
CA GLY A 363 -34.71 -1.56 138.83
C GLY A 363 -33.42 -1.79 139.59
N ILE A 364 -32.30 -1.42 138.96
CA ILE A 364 -30.97 -1.56 139.54
C ILE A 364 -30.20 -0.28 139.26
N ASP A 365 -29.36 0.11 140.20
CA ASP A 365 -28.45 1.23 139.97
C ASP A 365 -27.34 0.84 139.01
N PRO A 366 -27.16 1.56 137.88
CA PRO A 366 -25.98 1.30 137.02
C PRO A 366 -24.65 1.27 137.76
N ALA A 367 -24.49 2.07 138.81
CA ALA A 367 -23.27 2.07 139.60
C ALA A 367 -22.98 0.69 140.20
N GLU A 368 -24.01 -0.12 140.40
CA GLU A 368 -23.81 -1.47 140.92
C GLU A 368 -23.15 -2.37 139.88
N ILE A 369 -23.32 -2.09 138.59
CA ILE A 369 -22.78 -2.92 137.52
C ILE A 369 -21.67 -2.21 136.75
N GLY A 370 -21.07 -1.18 137.34
CA GLY A 370 -19.93 -0.52 136.74
C GLY A 370 -20.19 0.51 135.68
N PHE A 371 -21.33 1.19 135.71
CA PHE A 371 -21.68 2.23 134.75
C PHE A 371 -22.00 3.53 135.49
N PRO A 372 -21.68 4.68 134.91
CA PRO A 372 -22.21 5.94 135.48
C PRO A 372 -23.72 5.95 135.55
N ASN A 373 -24.24 6.36 136.70
CA ASN A 373 -25.65 6.71 136.85
C ASN A 373 -25.88 8.09 136.23
N ARG A 374 -26.58 8.12 135.10
CA ARG A 374 -26.86 9.39 134.44
C ARG A 374 -27.75 10.31 135.27
N GLY A 375 -28.46 9.77 136.27
CA GLY A 375 -29.08 10.63 137.25
C GLY A 375 -28.09 11.37 138.13
N GLY A 376 -26.84 10.90 138.20
CA GLY A 376 -25.77 11.61 138.85
C GLY A 376 -25.65 11.40 140.34
N ALA A 377 -26.58 10.69 140.97
CA ALA A 377 -26.50 10.43 142.40
C ALA A 377 -27.12 9.08 142.71
N THR A 378 -26.66 8.47 143.80
CA THR A 378 -26.98 7.07 144.11
C THR A 378 -26.51 6.16 142.98
N GLN A 396 -27.96 2.57 147.43
CA GLN A 396 -28.40 1.51 148.33
C GLN A 396 -29.92 1.42 148.27
N GLN A 397 -30.57 2.58 148.25
CA GLN A 397 -32.02 2.65 148.26
C GLN A 397 -32.61 1.89 147.08
N SER A 398 -32.04 2.08 145.89
CA SER A 398 -32.51 1.36 144.71
C SER A 398 -32.24 -0.13 144.80
N GLN A 399 -31.12 -0.53 145.41
CA GLN A 399 -30.89 -1.95 145.66
C GLN A 399 -31.99 -2.53 146.53
N ASN A 400 -32.31 -1.89 147.65
CA ASN A 400 -33.41 -2.33 148.50
C ASN A 400 -34.73 -2.41 147.74
N LYS A 401 -35.06 -1.33 147.03
CA LYS A 401 -36.30 -1.25 146.25
C LYS A 401 -36.36 -2.31 145.15
N GLY A 402 -35.23 -2.77 144.64
CA GLY A 402 -35.24 -3.81 143.64
C GLY A 402 -35.19 -5.23 144.19
N LEU A 403 -34.53 -5.42 145.32
CA LEU A 403 -34.42 -6.76 145.90
C LEU A 403 -35.66 -7.15 146.70
N GLN A 404 -36.25 -6.21 147.45
CA GLN A 404 -37.44 -6.55 148.23
C GLN A 404 -38.60 -7.11 147.41
N PRO A 405 -38.95 -6.58 146.24
CA PRO A 405 -39.99 -7.23 145.43
C PRO A 405 -39.66 -8.65 145.02
N LEU A 406 -38.40 -8.97 144.75
CA LEU A 406 -38.05 -10.34 144.38
C LEU A 406 -38.23 -11.30 145.55
N LEU A 407 -37.82 -10.87 146.74
CA LEU A 407 -38.05 -11.64 147.96
C LEU A 407 -39.55 -11.85 148.20
N ARG A 408 -40.34 -10.78 148.15
CA ARG A 408 -41.79 -10.92 148.31
C ARG A 408 -42.40 -11.84 147.26
N PHE A 409 -41.94 -11.78 146.01
CA PHE A 409 -42.44 -12.71 145.00
C PHE A 409 -42.15 -14.17 145.35
N ILE A 410 -40.92 -14.45 145.79
CA ILE A 410 -40.58 -15.81 146.22
C ILE A 410 -41.43 -16.24 147.42
N GLU A 411 -41.59 -15.35 148.40
CA GLU A 411 -42.49 -15.60 149.52
C GLU A 411 -43.91 -15.93 149.07
N ASP A 412 -44.47 -15.11 148.19
CA ASP A 412 -45.82 -15.36 147.68
C ASP A 412 -45.94 -16.73 147.02
N LEU A 413 -44.96 -17.09 146.18
CA LEU A 413 -44.97 -18.41 145.57
C LEU A 413 -44.93 -19.53 146.61
N VAL A 414 -44.01 -19.42 147.57
CA VAL A 414 -43.89 -20.45 148.61
C VAL A 414 -45.18 -20.57 149.42
N ASN A 415 -45.73 -19.45 149.86
CA ASN A 415 -46.98 -19.46 150.63
C ASN A 415 -48.12 -20.10 149.85
N ARG A 416 -48.38 -19.63 148.63
CA ARG A 416 -49.48 -20.18 147.85
C ARG A 416 -49.31 -21.69 147.59
N HIS A 417 -48.10 -22.12 147.21
CA HIS A 417 -47.94 -23.48 146.68
C HIS A 417 -47.48 -24.54 147.69
N ILE A 418 -46.58 -24.23 148.62
CA ILE A 418 -46.02 -25.24 149.52
C ILE A 418 -46.72 -25.23 150.87
N ILE A 419 -46.61 -24.11 151.59
CA ILE A 419 -47.18 -24.00 152.93
C ILE A 419 -48.66 -24.32 152.93
N SER A 420 -49.38 -23.91 151.88
CA SER A 420 -50.80 -24.23 151.76
C SER A 420 -51.10 -25.72 151.86
N GLU A 421 -50.12 -26.60 151.65
CA GLU A 421 -50.31 -28.00 151.97
C GLU A 421 -50.50 -28.23 153.47
N TYR A 422 -49.94 -27.35 154.30
CA TYR A 422 -50.04 -27.45 155.75
C TYR A 422 -51.16 -26.60 156.33
N GLY A 423 -51.90 -25.89 155.49
CA GLY A 423 -52.99 -25.04 155.94
C GLY A 423 -52.57 -23.62 156.30
N ASP A 424 -53.59 -22.77 156.42
CA ASP A 424 -53.45 -21.32 156.48
C ASP A 424 -52.93 -20.82 157.83
N LYS A 425 -52.82 -21.67 158.85
CA LYS A 425 -52.35 -21.19 160.15
C LYS A 425 -50.89 -20.74 160.12
N TYR A 426 -50.09 -21.24 159.20
CA TYR A 426 -48.67 -20.91 159.13
C TYR A 426 -48.41 -19.86 158.06
N THR A 427 -47.25 -19.21 158.16
CA THR A 427 -46.76 -18.31 157.12
C THR A 427 -45.26 -18.50 156.95
N PHE A 428 -44.80 -18.39 155.71
CA PHE A 428 -43.38 -18.34 155.37
C PHE A 428 -42.97 -16.89 155.12
N GLN A 429 -41.91 -16.45 155.80
CA GLN A 429 -41.34 -15.13 155.56
C GLN A 429 -39.82 -15.17 155.65
N PHE A 430 -39.17 -14.44 154.75
CA PHE A 430 -37.79 -14.01 154.98
C PHE A 430 -37.73 -12.96 156.08
N VAL A 431 -36.71 -13.03 156.91
CA VAL A 431 -36.53 -12.11 158.03
C VAL A 431 -35.08 -11.65 158.06
N GLY A 432 -34.89 -10.33 158.20
CA GLY A 432 -33.58 -9.77 158.48
C GLY A 432 -33.16 -9.96 159.93
N GLY A 433 -31.92 -9.57 160.20
CA GLY A 433 -31.40 -9.63 161.55
C GLY A 433 -32.10 -8.64 162.46
N ASP A 434 -31.57 -8.55 163.69
CA ASP A 434 -32.07 -7.61 164.67
C ASP A 434 -30.92 -7.04 165.48
N THR A 435 -31.13 -5.84 166.02
CA THR A 435 -30.18 -5.18 166.91
C THR A 435 -30.60 -5.41 168.36
N LYS A 436 -30.44 -6.66 168.78
CA LYS A 436 -30.93 -7.18 170.06
C LYS A 436 -29.82 -7.95 170.77
N SER A 437 -28.65 -7.34 170.83
CA SER A 437 -27.53 -7.89 171.57
C SER A 437 -27.87 -7.99 173.05
N ALA A 438 -26.97 -8.63 173.80
CA ALA A 438 -27.05 -8.62 175.26
C ALA A 438 -27.12 -7.20 175.83
N THR A 439 -26.34 -6.28 175.26
CA THR A 439 -26.46 -4.87 175.65
C THR A 439 -27.87 -4.33 175.45
N ASP A 440 -28.44 -4.52 174.26
CA ASP A 440 -29.79 -4.02 173.97
C ASP A 440 -30.85 -4.67 174.86
N LYS A 441 -30.75 -5.98 175.06
CA LYS A 441 -31.66 -6.69 175.96
C LYS A 441 -31.53 -6.20 177.40
N LEU A 442 -30.32 -5.93 177.86
CA LEU A 442 -30.14 -5.36 179.19
C LEU A 442 -30.68 -3.95 179.31
N ASN A 443 -30.52 -3.10 178.29
CA ASN A 443 -31.17 -1.79 178.29
C ASN A 443 -32.70 -1.91 178.37
N ILE A 444 -33.26 -2.82 177.56
CA ILE A 444 -34.71 -3.01 177.59
C ILE A 444 -35.15 -3.49 178.97
N LEU A 445 -34.52 -4.54 179.48
CA LEU A 445 -34.88 -5.05 180.80
C LEU A 445 -34.63 -4.03 181.91
N LYS A 446 -33.58 -3.20 181.78
CA LYS A 446 -33.35 -2.08 182.69
C LYS A 446 -34.50 -1.10 182.71
N LEU A 447 -35.24 -1.00 181.61
CA LEU A 447 -36.50 -0.23 181.69
C LEU A 447 -37.69 -1.08 182.16
N GLU A 448 -37.82 -2.31 181.67
CA GLU A 448 -38.91 -3.20 182.07
C GLU A 448 -38.92 -3.49 183.57
N THR A 449 -37.76 -3.50 184.22
CA THR A 449 -37.68 -3.73 185.66
C THR A 449 -38.10 -2.50 186.46
N GLN A 450 -38.09 -1.32 185.83
CA GLN A 450 -38.72 -0.17 186.46
C GLN A 450 -40.22 -0.18 186.18
N ILE A 451 -40.60 -0.61 184.98
CA ILE A 451 -41.98 -0.47 184.52
C ILE A 451 -42.80 -1.70 184.84
N PHE A 452 -42.23 -2.90 184.71
CA PHE A 452 -43.00 -4.15 184.82
C PHE A 452 -42.44 -5.17 185.80
N LYS A 453 -41.16 -5.49 185.64
CA LYS A 453 -40.63 -6.78 186.06
C LYS A 453 -39.98 -6.71 187.44
N THR A 454 -40.44 -7.59 188.32
CA THR A 454 -39.69 -7.89 189.54
C THR A 454 -38.40 -8.65 189.21
N VAL A 455 -37.45 -8.55 190.14
CA VAL A 455 -36.18 -9.27 190.05
C VAL A 455 -36.41 -10.75 189.72
N ASN A 456 -37.38 -11.37 190.38
CA ASN A 456 -37.60 -12.80 190.19
C ASN A 456 -38.20 -13.16 188.83
N GLU A 457 -39.04 -12.30 188.26
CA GLU A 457 -39.50 -12.57 186.89
C GLU A 457 -38.33 -12.53 185.91
N ALA A 458 -37.46 -11.53 186.04
CA ALA A 458 -36.25 -11.47 185.22
C ALA A 458 -35.41 -12.73 185.37
N ARG A 459 -35.08 -13.09 186.62
CA ARG A 459 -34.27 -14.28 186.85
C ARG A 459 -34.93 -15.54 186.30
N GLU A 460 -36.25 -15.66 186.45
CA GLU A 460 -36.94 -16.82 185.88
C GLU A 460 -36.80 -16.84 184.37
N GLU A 461 -36.95 -15.68 183.71
CA GLU A 461 -36.68 -15.60 182.28
C GLU A 461 -35.25 -15.95 181.92
N GLN A 462 -34.31 -15.81 182.85
CA GLN A 462 -32.96 -16.32 182.65
C GLN A 462 -32.80 -17.79 183.04
N GLY A 463 -33.84 -18.40 183.60
CA GLY A 463 -33.72 -19.70 184.25
C GLY A 463 -32.94 -19.71 185.54
N LYS A 464 -32.84 -18.58 186.22
CA LYS A 464 -32.06 -18.44 187.44
C LYS A 464 -33.02 -18.41 188.63
N LYS A 465 -32.62 -19.09 189.70
CA LYS A 465 -33.52 -19.34 190.81
C LYS A 465 -34.05 -18.02 191.37
N PRO A 466 -35.35 -17.94 191.71
CA PRO A 466 -35.84 -16.74 192.42
C PRO A 466 -35.17 -16.59 193.78
N ILE A 467 -35.04 -15.34 194.21
CA ILE A 467 -34.36 -14.99 195.45
C ILE A 467 -35.32 -14.26 196.38
N GLU A 468 -35.21 -14.59 197.67
CA GLU A 468 -35.85 -13.84 198.75
C GLU A 468 -35.38 -12.39 198.76
N GLY A 469 -36.34 -11.46 198.66
CA GLY A 469 -36.07 -10.07 198.36
C GLY A 469 -36.22 -9.67 196.91
N GLY A 470 -36.47 -10.62 196.01
CA GLY A 470 -37.07 -10.28 194.74
C GLY A 470 -38.55 -9.98 194.91
N ASP A 471 -39.35 -10.22 193.86
CA ASP A 471 -40.75 -9.81 193.81
C ASP A 471 -40.95 -8.31 194.03
N ILE A 472 -39.95 -7.48 193.74
CA ILE A 472 -40.07 -6.03 193.88
C ILE A 472 -39.65 -5.38 192.58
N ILE A 473 -40.38 -4.33 192.19
CA ILE A 473 -39.93 -3.45 191.11
C ILE A 473 -38.76 -2.62 191.59
N LEU A 474 -37.77 -2.44 190.71
CA LEU A 474 -36.58 -1.66 191.04
C LEU A 474 -36.85 -0.17 190.84
N ASP A 475 -37.76 0.35 191.67
CA ASP A 475 -38.02 1.78 191.74
C ASP A 475 -38.15 2.16 193.20
N ALA A 476 -37.45 3.22 193.60
CA ALA A 476 -37.50 3.69 194.98
C ALA A 476 -38.92 4.06 195.42
N SER A 477 -39.74 4.58 194.51
CA SER A 477 -41.12 4.90 194.87
C SER A 477 -41.95 3.65 195.18
N PHE A 478 -41.73 2.56 194.46
CA PHE A 478 -42.43 1.31 194.78
C PHE A 478 -42.14 0.85 196.21
N LEU A 479 -40.87 0.90 196.61
CA LEU A 479 -40.51 0.52 197.97
C LEU A 479 -41.03 1.52 199.00
N GLN A 480 -40.97 2.81 198.70
CA GLN A 480 -41.53 3.81 199.59
C GLN A 480 -43.04 3.62 199.79
N GLY A 481 -43.74 3.21 198.73
CA GLY A 481 -45.12 2.80 198.87
C GLY A 481 -45.32 1.60 199.78
N THR A 482 -44.57 0.51 199.53
CA THR A 482 -44.75 -0.65 200.40
C THR A 482 -44.37 -0.36 201.85
N ALA A 483 -43.37 0.50 202.07
CA ALA A 483 -42.99 0.95 203.41
C ALA A 483 -44.10 1.75 204.07
N GLN A 484 -44.83 2.54 203.29
CA GLN A 484 -46.05 3.17 203.78
C GLN A 484 -47.09 2.11 204.16
N LEU A 485 -47.42 1.22 203.22
CA LEU A 485 -48.51 0.27 203.43
C LEU A 485 -48.26 -0.61 204.65
N GLN A 486 -47.00 -0.95 204.93
CA GLN A 486 -46.68 -1.67 206.16
C GLN A 486 -47.12 -0.91 207.41
N GLN A 487 -46.79 0.38 207.48
CA GLN A 487 -47.22 1.22 208.59
C GLN A 487 -48.74 1.32 208.66
N ASP A 488 -49.39 1.50 207.51
CA ASP A 488 -50.85 1.46 207.44
C ASP A 488 -51.43 0.19 208.07
N LYS A 489 -50.88 -0.97 207.70
CA LYS A 489 -51.29 -2.23 208.33
C LYS A 489 -51.07 -2.23 209.84
N GLN A 490 -49.89 -1.80 210.30
CA GLN A 490 -49.61 -1.81 211.72
C GLN A 490 -50.51 -0.86 212.51
N TYR A 491 -50.90 0.26 211.91
CA TYR A 491 -51.88 1.15 212.53
C TYR A 491 -53.26 0.52 212.59
N ASN A 492 -53.75 -0.02 211.47
CA ASN A 492 -55.09 -0.60 211.51
C ASN A 492 -55.16 -1.79 212.46
N ASP A 493 -54.08 -2.59 212.52
CA ASP A 493 -53.96 -3.66 213.50
C ASP A 493 -54.08 -3.15 214.93
N GLY A 494 -53.34 -2.09 215.27
CA GLY A 494 -53.46 -1.51 216.59
C GLY A 494 -54.86 -0.97 216.89
N LYS A 495 -55.40 -0.18 215.96
CA LYS A 495 -56.74 0.37 216.12
C LYS A 495 -57.78 -0.71 216.36
N GLN A 496 -57.80 -1.75 215.52
CA GLN A 496 -58.81 -2.79 215.63
C GLN A 496 -58.63 -3.64 216.88
N LYS A 497 -57.39 -3.97 217.26
CA LYS A 497 -57.21 -4.70 218.51
C LYS A 497 -57.63 -3.88 219.72
N GLU A 498 -57.31 -2.58 219.75
CA GLU A 498 -57.73 -1.75 220.88
C GLU A 498 -59.25 -1.54 220.90
N ARG A 499 -59.89 -1.47 219.74
CA ARG A 499 -61.35 -1.50 219.67
C ARG A 499 -61.92 -2.77 220.28
N LEU A 500 -61.38 -3.93 219.89
CA LEU A 500 -61.84 -5.19 220.48
C LEU A 500 -61.61 -5.22 221.98
N GLN A 501 -60.44 -4.78 222.44
CA GLN A 501 -60.14 -4.78 223.87
C GLN A 501 -61.10 -3.87 224.64
N MET A 502 -61.46 -2.72 224.07
CA MET A 502 -62.47 -1.87 224.71
C MET A 502 -63.85 -2.54 224.73
N MET A 503 -64.25 -3.15 223.62
CA MET A 503 -65.53 -3.88 223.61
C MET A 503 -65.56 -4.98 224.66
N MET A 504 -64.46 -5.73 224.79
CA MET A 504 -64.37 -6.77 225.81
C MET A 504 -64.33 -6.19 227.22
N SER A 505 -63.76 -4.99 227.40
CA SER A 505 -63.79 -4.37 228.71
C SER A 505 -65.20 -3.92 229.09
N LEU A 506 -65.94 -3.37 228.14
CA LEU A 506 -67.25 -2.81 228.44
C LEU A 506 -68.27 -3.93 228.69
N SER B 49 -78.84 9.19 131.44
CA SER B 49 -77.98 10.22 132.08
C SER B 49 -76.71 9.60 132.65
N LEU B 50 -75.63 10.39 132.69
CA LEU B 50 -74.35 9.88 133.17
C LEU B 50 -74.37 9.70 134.68
N TYR B 51 -74.74 10.75 135.42
CA TYR B 51 -74.81 10.75 136.87
C TYR B 51 -76.24 10.59 137.38
N GLY B 52 -77.19 11.31 136.81
CA GLY B 52 -78.53 11.35 137.35
C GLY B 52 -79.33 12.45 136.71
N GLN B 53 -80.60 12.50 137.10
CA GLN B 53 -81.52 13.48 136.51
C GLN B 53 -81.08 14.89 136.90
N GLN B 54 -80.83 15.71 135.89
CA GLN B 54 -80.36 17.07 136.11
C GLN B 54 -80.88 17.95 134.97
N GLN B 55 -81.07 19.24 135.24
CA GLN B 55 -81.59 20.12 134.20
C GLN B 55 -80.47 20.71 133.36
N ALA B 56 -79.23 20.72 133.84
CA ALA B 56 -78.08 21.00 132.98
C ALA B 56 -77.77 19.77 132.16
N TYR B 57 -77.54 19.98 130.86
CA TYR B 57 -77.07 18.87 130.04
C TYR B 57 -75.63 18.53 130.36
N ALA B 58 -75.35 17.22 130.48
CA ALA B 58 -74.04 16.70 130.80
C ALA B 58 -73.43 15.93 129.63
N GLU B 59 -74.11 15.88 128.50
CA GLU B 59 -73.67 15.17 127.31
C GLU B 59 -73.98 16.06 126.12
N PRO B 60 -73.35 15.81 124.98
CA PRO B 60 -73.71 16.56 123.76
C PRO B 60 -75.20 16.47 123.47
N PHE B 61 -75.84 17.64 123.34
CA PHE B 61 -77.29 17.70 123.25
C PHE B 61 -77.80 17.05 121.97
N ILE B 62 -77.20 17.39 120.83
CA ILE B 62 -77.42 16.64 119.60
C ILE B 62 -76.58 15.37 119.61
N GLU B 63 -77.20 14.24 119.30
CA GLU B 63 -76.51 12.97 119.23
C GLU B 63 -75.45 13.01 118.15
N MET B 64 -74.17 12.95 118.54
CA MET B 64 -73.10 12.83 117.56
C MET B 64 -73.09 11.42 116.98
N MET B 65 -72.61 11.33 115.73
CA MET B 65 -72.67 10.07 114.98
C MET B 65 -71.63 9.12 115.56
N ASP B 66 -72.02 8.44 116.63
CA ASP B 66 -71.28 7.29 117.11
C ASP B 66 -71.34 6.15 116.09
N THR B 67 -70.25 5.40 116.02
CA THR B 67 -70.18 4.30 115.05
C THR B 67 -71.29 3.28 115.30
N ASN B 68 -71.69 3.09 116.55
CA ASN B 68 -72.71 2.11 116.89
C ASN B 68 -73.77 2.75 117.76
N PRO B 69 -75.06 2.49 117.51
CA PRO B 69 -76.10 3.02 118.41
C PRO B 69 -76.01 2.53 119.84
N GLU B 70 -75.33 1.42 120.09
CA GLU B 70 -75.41 0.74 121.37
C GLU B 70 -74.36 1.17 122.39
N PHE B 71 -73.29 1.84 121.98
CA PHE B 71 -72.30 2.29 122.97
C PHE B 71 -71.63 3.58 122.51
N ARG B 72 -71.13 4.32 123.51
CA ARG B 72 -70.44 5.59 123.30
C ARG B 72 -69.00 5.37 122.88
N ASP B 73 -68.61 5.94 121.74
CA ASP B 73 -67.25 5.81 121.24
C ASP B 73 -66.28 6.61 122.10
N LYS B 74 -65.06 6.09 122.21
CA LYS B 74 -63.96 6.73 122.93
C LYS B 74 -63.22 7.69 121.99
N ARG B 75 -63.84 8.84 121.74
CA ARG B 75 -63.25 9.83 120.85
C ARG B 75 -62.00 10.46 121.46
N SER B 76 -60.99 10.65 120.62
CA SER B 76 -59.83 11.47 120.97
C SER B 76 -60.23 12.92 121.28
N TYR B 77 -59.39 13.56 122.11
CA TYR B 77 -59.63 14.92 122.59
C TYR B 77 -60.10 15.88 121.49
N MET B 78 -59.41 15.87 120.35
CA MET B 78 -59.74 16.72 119.21
C MET B 78 -60.75 16.08 118.26
N LYS B 79 -61.25 14.88 118.57
CA LYS B 79 -62.08 14.09 117.68
C LYS B 79 -61.40 13.76 116.37
N ASN B 80 -60.07 13.91 116.32
CA ASN B 80 -59.29 13.48 115.16
C ASN B 80 -59.30 11.96 115.01
N GLU B 81 -59.64 11.25 116.08
CA GLU B 81 -59.57 9.80 116.14
C GLU B 81 -60.74 9.30 116.99
N HIS B 82 -61.26 8.14 116.61
CA HIS B 82 -62.41 7.53 117.27
C HIS B 82 -62.08 6.21 117.96
N ASN B 83 -60.87 5.70 117.79
CA ASN B 83 -60.45 4.38 118.27
C ASN B 83 -59.20 4.55 119.13
N LEU B 84 -59.28 5.52 120.04
CA LEU B 84 -58.11 6.01 120.77
C LEU B 84 -57.35 4.90 121.47
N HIS B 85 -58.07 3.96 122.08
CA HIS B 85 -57.39 2.92 122.85
C HIS B 85 -56.60 1.96 121.98
N ASP B 86 -56.99 1.75 120.72
CA ASP B 86 -56.12 1.00 119.82
C ASP B 86 -54.90 1.80 119.38
N VAL B 87 -54.95 3.13 119.46
CA VAL B 87 -53.75 3.95 119.31
C VAL B 87 -52.83 3.76 120.51
N LEU B 88 -53.37 3.97 121.71
CA LEU B 88 -52.58 3.89 122.95
C LEU B 88 -51.99 2.49 123.15
N LYS B 89 -52.73 1.45 122.76
CA LYS B 89 -52.24 0.08 122.86
C LYS B 89 -50.88 -0.12 122.20
N LYS B 90 -50.59 0.65 121.14
CA LYS B 90 -49.29 0.55 120.47
C LYS B 90 -48.12 1.04 121.32
N PHE B 91 -48.36 1.85 122.34
CA PHE B 91 -47.28 2.33 123.20
C PHE B 91 -47.05 1.48 124.45
N GLY B 92 -47.92 0.52 124.73
CA GLY B 92 -47.81 -0.24 125.97
C GLY B 92 -46.51 -1.02 126.12
N ASN B 93 -45.75 -1.18 125.03
CA ASN B 93 -44.42 -1.76 125.07
C ASN B 93 -43.30 -0.72 125.04
N ASN B 94 -43.62 0.56 125.15
CA ASN B 94 -42.58 1.59 125.18
C ASN B 94 -41.68 1.39 126.41
N PRO B 95 -40.34 1.39 126.24
CA PRO B 95 -39.46 1.18 127.41
C PRO B 95 -39.52 2.24 128.50
N ILE B 96 -39.66 3.52 128.16
CA ILE B 96 -39.79 4.55 129.18
C ILE B 96 -41.12 4.39 129.92
N LEU B 97 -42.21 4.24 129.19
CA LEU B 97 -43.52 4.07 129.82
C LEU B 97 -43.53 2.82 130.68
N ASN B 98 -42.89 1.74 130.22
CA ASN B 98 -42.79 0.55 131.05
C ASN B 98 -41.85 0.71 132.24
N ALA B 99 -40.79 1.49 132.12
CA ALA B 99 -39.97 1.79 133.30
C ALA B 99 -40.78 2.51 134.38
N ILE B 100 -41.66 3.41 133.97
CA ILE B 100 -42.56 4.08 134.91
C ILE B 100 -43.57 3.11 135.51
N ILE B 101 -44.25 2.35 134.66
CA ILE B 101 -45.26 1.42 135.13
C ILE B 101 -44.66 0.37 136.06
N LEU B 102 -43.48 -0.17 135.72
CA LEU B 102 -42.86 -1.18 136.57
C LEU B 102 -42.35 -0.60 137.88
N THR B 103 -41.73 0.58 137.88
CA THR B 103 -41.28 1.13 139.17
C THR B 103 -42.46 1.44 140.08
N ARG B 104 -43.53 2.03 139.55
CA ARG B 104 -44.71 2.30 140.37
C ARG B 104 -45.37 1.03 140.87
N SER B 105 -45.58 0.04 139.99
CA SER B 105 -46.27 -1.17 140.43
C SER B 105 -45.43 -2.03 141.37
N ASN B 106 -44.10 -1.98 141.26
CA ASN B 106 -43.26 -2.56 142.29
C ASN B 106 -43.38 -1.84 143.63
N GLN B 107 -43.46 -0.51 143.62
CA GLN B 107 -43.69 0.21 144.88
C GLN B 107 -45.04 -0.16 145.51
N VAL B 108 -46.09 -0.20 144.69
CA VAL B 108 -47.43 -0.56 145.17
C VAL B 108 -47.50 -2.00 145.71
N ALA B 109 -46.82 -2.95 145.06
CA ALA B 109 -46.94 -4.35 145.47
C ALA B 109 -46.52 -4.61 146.93
N MET B 110 -45.66 -3.80 147.52
CA MET B 110 -45.27 -4.01 148.91
C MET B 110 -46.43 -3.84 149.90
N TYR B 111 -47.38 -2.95 149.62
CA TYR B 111 -48.56 -2.76 150.48
C TYR B 111 -49.54 -3.93 150.46
N CYS B 112 -49.61 -4.67 149.36
CA CYS B 112 -50.72 -5.60 149.11
C CYS B 112 -50.98 -6.60 150.24
N GLN B 113 -49.95 -7.07 150.95
CA GLN B 113 -50.23 -7.95 152.07
C GLN B 113 -50.86 -7.22 153.26
N PRO B 114 -51.65 -7.93 154.08
CA PRO B 114 -52.17 -7.35 155.32
C PRO B 114 -51.10 -6.93 156.33
N ALA B 115 -51.27 -5.73 156.87
CA ALA B 115 -50.43 -5.27 157.98
C ALA B 115 -50.59 -6.12 159.23
N ARG B 116 -51.81 -6.59 159.50
CA ARG B 116 -52.10 -7.44 160.66
C ARG B 116 -51.06 -8.56 160.87
N TYR B 117 -50.68 -9.25 159.80
CA TYR B 117 -49.75 -10.36 159.87
C TYR B 117 -48.31 -9.96 159.61
N SER B 118 -48.06 -8.70 159.29
CA SER B 118 -46.77 -8.19 158.86
C SER B 118 -46.20 -7.40 160.04
N GLU B 119 -45.16 -7.96 160.66
CA GLU B 119 -44.69 -7.46 161.94
C GLU B 119 -44.17 -6.03 161.85
N LYS B 120 -43.67 -5.63 160.69
CA LYS B 120 -43.30 -4.23 160.50
C LYS B 120 -44.52 -3.31 160.37
N GLY B 121 -45.73 -3.85 160.34
CA GLY B 121 -46.94 -3.07 160.20
C GLY B 121 -47.24 -2.54 158.82
N LEU B 122 -46.38 -2.80 157.84
CA LEU B 122 -46.58 -2.29 156.50
C LEU B 122 -47.55 -3.18 155.73
N GLY B 123 -48.52 -2.57 155.07
CA GLY B 123 -49.50 -3.30 154.30
C GLY B 123 -50.82 -2.55 154.19
N PHE B 124 -51.91 -3.31 154.19
CA PHE B 124 -53.27 -2.79 154.32
C PHE B 124 -53.96 -3.36 155.55
N GLU B 125 -55.01 -2.67 155.99
CA GLU B 125 -55.90 -3.17 157.02
C GLU B 125 -57.34 -2.80 156.68
N VAL B 126 -58.26 -3.65 157.14
CA VAL B 126 -59.69 -3.33 157.23
C VAL B 126 -60.02 -2.91 158.65
N ARG B 127 -60.67 -1.77 158.78
CA ARG B 127 -60.81 -1.04 160.03
C ARG B 127 -62.24 -0.54 160.14
N LEU B 128 -62.68 -0.30 161.37
CA LEU B 128 -63.86 0.54 161.56
C LEU B 128 -63.59 1.97 161.13
N ARG B 129 -64.65 2.62 160.63
CA ARG B 129 -64.55 4.00 160.18
C ARG B 129 -64.16 4.94 161.32
N ASP B 130 -64.97 4.98 162.38
CA ASP B 130 -64.65 5.82 163.52
C ASP B 130 -63.41 5.32 164.24
N LEU B 131 -62.46 6.22 164.48
CA LEU B 131 -61.31 5.94 165.33
C LEU B 131 -61.70 5.77 166.80
N ASP B 132 -62.84 6.32 167.22
CA ASP B 132 -63.26 6.25 168.62
C ASP B 132 -63.95 4.93 168.98
N ALA B 133 -64.43 4.19 168.00
CA ALA B 133 -65.17 2.97 168.31
C ALA B 133 -64.22 1.85 168.72
N GLU B 134 -64.71 0.96 169.58
CA GLU B 134 -64.06 -0.31 169.87
C GLU B 134 -64.84 -1.46 169.23
N PRO B 135 -64.20 -2.30 168.42
CA PRO B 135 -64.96 -3.27 167.64
C PRO B 135 -65.56 -4.37 168.50
N GLY B 136 -66.79 -4.75 168.15
CA GLY B 136 -67.46 -5.84 168.83
C GLY B 136 -66.87 -7.20 168.48
N ARG B 137 -67.31 -8.20 169.24
CA ARG B 137 -66.76 -9.54 169.10
C ARG B 137 -66.93 -10.07 167.68
N LYS B 138 -68.09 -9.82 167.08
CA LYS B 138 -68.33 -10.27 165.71
C LYS B 138 -67.68 -9.36 164.67
N GLU B 139 -67.57 -8.07 164.97
CA GLU B 139 -66.95 -7.14 164.03
C GLU B 139 -65.47 -7.44 163.81
N LYS B 140 -64.74 -7.78 164.86
CA LYS B 140 -63.33 -8.13 164.70
C LYS B 140 -63.15 -9.31 163.76
N GLU B 141 -64.05 -10.29 163.83
CA GLU B 141 -63.97 -11.42 162.92
C GLU B 141 -64.42 -11.05 161.53
N GLU B 142 -65.46 -10.22 161.39
CA GLU B 142 -65.87 -9.81 160.06
C GLU B 142 -64.75 -9.02 159.36
N MET B 143 -64.08 -8.14 160.09
CA MET B 143 -62.93 -7.42 159.52
C MET B 143 -61.81 -8.37 159.10
N LYS B 144 -61.53 -9.39 159.92
CA LYS B 144 -60.53 -10.36 159.50
C LYS B 144 -60.98 -11.15 158.27
N ARG B 145 -62.26 -11.48 158.19
CA ARG B 145 -62.77 -12.16 157.00
C ARG B 145 -62.66 -11.28 155.76
N ILE B 146 -62.98 -10.00 155.87
CA ILE B 146 -62.89 -9.11 154.72
C ILE B 146 -61.44 -8.98 154.27
N GLU B 147 -60.51 -8.83 155.21
CA GLU B 147 -59.09 -8.85 154.87
C GLU B 147 -58.70 -10.11 154.10
N ASP B 148 -59.04 -11.27 154.64
CA ASP B 148 -58.77 -12.54 153.97
C ASP B 148 -59.40 -12.61 152.57
N PHE B 149 -60.66 -12.21 152.45
CA PHE B 149 -61.33 -12.12 151.16
C PHE B 149 -60.57 -11.26 150.16
N ILE B 150 -60.11 -10.08 150.58
CA ILE B 150 -59.32 -9.23 149.71
C ILE B 150 -58.04 -9.92 149.28
N VAL B 151 -57.26 -10.41 150.24
CA VAL B 151 -56.03 -11.15 149.94
C VAL B 151 -56.29 -12.23 148.89
N ASN B 152 -57.27 -13.10 149.15
CA ASN B 152 -57.64 -14.14 148.20
C ASN B 152 -58.39 -13.62 146.98
N THR B 153 -58.81 -12.36 146.99
CA THR B 153 -59.57 -11.76 145.88
C THR B 153 -60.92 -12.48 145.70
N GLY B 154 -61.39 -13.14 146.75
CA GLY B 154 -62.56 -13.98 146.62
C GLY B 154 -62.74 -14.84 147.86
N LYS B 155 -63.90 -15.50 147.91
CA LYS B 155 -64.30 -16.20 149.13
C LYS B 155 -63.39 -17.38 149.44
N ASP B 156 -63.25 -18.29 148.49
CA ASP B 156 -62.34 -19.43 148.62
C ASP B 156 -60.93 -19.08 148.14
N LYS B 157 -59.97 -19.85 148.67
CA LYS B 157 -58.63 -19.91 148.12
C LYS B 157 -58.62 -20.66 146.80
N ASP B 158 -57.94 -20.09 145.79
CA ASP B 158 -57.82 -20.74 144.50
C ASP B 158 -56.56 -20.20 143.83
N VAL B 159 -55.55 -21.08 143.69
CA VAL B 159 -54.28 -20.74 143.05
C VAL B 159 -54.45 -20.26 141.61
N ASP B 160 -55.56 -20.61 140.96
CA ASP B 160 -55.79 -20.13 139.60
C ASP B 160 -56.24 -18.68 139.54
N ARG B 161 -56.72 -18.12 140.65
CA ARG B 161 -57.16 -16.73 140.67
C ARG B 161 -55.98 -15.82 141.00
N ASP B 162 -56.00 -14.62 140.43
CA ASP B 162 -55.11 -13.55 140.86
C ASP B 162 -55.14 -13.35 142.36
N SER B 163 -53.96 -13.17 142.94
CA SER B 163 -53.81 -12.51 144.22
C SER B 163 -54.09 -11.01 144.10
N PHE B 164 -54.27 -10.38 145.26
CA PHE B 164 -54.38 -8.94 145.34
C PHE B 164 -53.18 -8.23 144.71
N GLN B 165 -51.98 -8.79 144.89
CA GLN B 165 -50.79 -8.24 144.24
C GLN B 165 -50.92 -8.23 142.72
N THR B 166 -51.31 -9.35 142.12
CA THR B 166 -51.49 -9.39 140.68
C THR B 166 -52.58 -8.44 140.21
N PHE B 167 -53.67 -8.35 140.98
CA PHE B 167 -54.75 -7.40 140.69
C PHE B 167 -54.25 -5.96 140.68
N CYS B 168 -53.52 -5.56 141.71
CA CYS B 168 -52.99 -4.20 141.79
C CYS B 168 -52.00 -3.90 140.68
N LYS B 169 -51.06 -4.81 140.42
CA LYS B 169 -50.13 -4.61 139.30
C LYS B 169 -50.87 -4.45 137.96
N LYS B 170 -51.91 -5.26 137.73
CA LYS B 170 -52.75 -5.10 136.56
C LYS B 170 -53.38 -3.71 136.48
N ILE B 171 -54.13 -3.32 137.52
CA ILE B 171 -54.84 -2.05 137.42
C ILE B 171 -53.90 -0.84 137.41
N VAL B 172 -52.71 -0.95 138.00
CA VAL B 172 -51.71 0.12 137.85
C VAL B 172 -51.28 0.25 136.40
N ARG B 173 -50.94 -0.88 135.77
CA ARG B 173 -50.61 -0.83 134.34
C ARG B 173 -51.75 -0.23 133.52
N ASP B 174 -52.98 -0.62 133.82
CA ASP B 174 -54.14 -0.08 133.10
C ASP B 174 -54.33 1.41 133.33
N THR B 175 -54.16 1.89 134.58
CA THR B 175 -54.24 3.33 134.81
C THR B 175 -53.22 4.08 133.98
N TYR B 176 -51.99 3.59 133.93
CA TYR B 176 -50.94 4.36 133.28
C TYR B 176 -50.88 4.17 131.76
N ILE B 177 -51.56 3.17 131.20
CA ILE B 177 -51.72 3.11 129.75
C ILE B 177 -52.99 3.84 129.32
N TYR B 178 -54.14 3.43 129.88
CA TYR B 178 -55.44 3.85 129.37
C TYR B 178 -56.07 5.00 130.16
N ASP B 179 -55.65 5.23 131.40
CA ASP B 179 -56.46 5.92 132.39
C ASP B 179 -57.90 5.39 132.44
N GLN B 180 -58.01 4.07 132.53
CA GLN B 180 -59.32 3.44 132.76
C GLN B 180 -59.06 2.11 133.44
N VAL B 181 -59.66 1.93 134.63
CA VAL B 181 -59.63 0.66 135.35
C VAL B 181 -61.03 0.07 135.39
N ASN B 182 -61.13 -1.23 135.10
CA ASN B 182 -62.37 -1.96 135.26
C ASN B 182 -62.08 -3.28 135.96
N PHE B 183 -62.94 -3.66 136.89
CA PHE B 183 -62.97 -5.01 137.43
C PHE B 183 -64.43 -5.44 137.58
N GLU B 184 -64.71 -6.69 137.20
CA GLU B 184 -66.03 -7.26 137.40
C GLU B 184 -66.19 -7.83 138.79
N LYS B 185 -67.38 -7.63 139.35
CA LYS B 185 -67.82 -8.25 140.60
C LYS B 185 -68.77 -9.41 140.30
N VAL B 186 -68.40 -10.62 140.73
CA VAL B 186 -69.21 -11.81 140.49
C VAL B 186 -69.89 -12.20 141.80
N PHE B 187 -71.22 -12.22 141.76
CA PHE B 187 -72.09 -12.61 142.87
C PHE B 187 -72.44 -14.10 142.83
N ASN B 188 -72.68 -14.66 144.01
CA ASN B 188 -73.15 -16.03 144.14
C ASN B 188 -74.40 -16.26 143.30
N LYS B 189 -74.41 -17.42 142.61
CA LYS B 189 -75.52 -17.76 141.71
C LYS B 189 -76.80 -18.04 142.50
N ASN B 190 -76.69 -18.66 143.66
CA ASN B 190 -77.88 -18.93 144.48
C ASN B 190 -78.38 -17.68 145.19
N ASN B 191 -77.47 -16.82 145.61
CA ASN B 191 -77.81 -15.60 146.36
C ASN B 191 -77.13 -14.42 145.69
N LYS B 192 -77.92 -13.65 144.94
CA LYS B 192 -77.38 -12.52 144.17
C LYS B 192 -76.83 -11.42 145.07
N THR B 193 -77.19 -11.41 146.36
CA THR B 193 -76.73 -10.39 147.28
C THR B 193 -75.33 -10.68 147.81
N LYS B 194 -74.81 -11.90 147.63
CA LYS B 194 -73.52 -12.30 148.20
C LYS B 194 -72.43 -12.25 147.13
N LEU B 195 -71.44 -11.40 147.38
CA LEU B 195 -70.25 -11.29 146.54
C LEU B 195 -69.34 -12.49 146.72
N GLU B 196 -68.85 -13.05 145.61
CA GLU B 196 -67.91 -14.16 145.62
C GLU B 196 -66.53 -13.80 145.09
N LYS B 197 -66.44 -13.00 144.02
CA LYS B 197 -65.16 -12.71 143.41
C LYS B 197 -65.18 -11.29 142.88
N PHE B 198 -63.99 -10.71 142.72
CA PHE B 198 -63.77 -9.58 141.84
C PHE B 198 -62.56 -9.85 140.95
N ILE B 199 -62.69 -9.55 139.66
CA ILE B 199 -61.69 -9.85 138.64
C ILE B 199 -61.51 -8.62 137.78
N ALA B 200 -60.24 -8.25 137.53
CA ALA B 200 -59.92 -7.16 136.60
C ALA B 200 -60.21 -7.54 135.15
N VAL B 201 -60.72 -6.56 134.41
CA VAL B 201 -61.19 -6.72 133.03
C VAL B 201 -60.43 -5.75 132.13
N ASP B 202 -60.20 -6.19 130.89
CA ASP B 202 -59.47 -5.42 129.89
C ASP B 202 -60.19 -4.10 129.58
N PRO B 203 -59.64 -2.94 129.98
CA PRO B 203 -60.38 -1.67 129.81
C PRO B 203 -60.66 -1.31 128.35
N SER B 204 -59.83 -1.76 127.41
CA SER B 204 -60.05 -1.48 125.99
C SER B 204 -61.32 -2.12 125.43
N THR B 205 -61.90 -3.07 126.15
CA THR B 205 -63.12 -3.75 125.72
C THR B 205 -64.40 -3.19 126.34
N ILE B 206 -64.29 -2.28 127.31
CA ILE B 206 -65.43 -1.82 128.10
C ILE B 206 -65.83 -0.42 127.62
N PHE B 207 -67.12 -0.25 127.34
CA PHE B 207 -67.70 0.99 126.84
C PHE B 207 -68.98 1.28 127.60
N TYR B 208 -69.33 2.56 127.69
CA TYR B 208 -70.66 2.95 128.16
C TYR B 208 -71.73 2.55 127.17
N ALA B 209 -72.78 1.92 127.68
CA ALA B 209 -73.94 1.58 126.86
C ALA B 209 -74.85 2.80 126.71
N THR B 210 -75.41 2.98 125.52
CA THR B 210 -76.22 4.15 125.20
C THR B 210 -77.61 3.74 124.74
N ASP B 211 -78.62 4.45 125.23
CA ASP B 211 -79.99 4.30 124.75
C ASP B 211 -80.11 4.68 123.28
N LYS B 212 -81.19 4.22 122.66
CA LYS B 212 -81.50 4.60 121.28
C LYS B 212 -81.59 6.11 121.12
N LYS B 213 -81.99 6.83 122.17
CA LYS B 213 -81.97 8.29 122.18
C LYS B 213 -80.58 8.87 122.42
N GLY B 214 -79.52 8.06 122.30
CA GLY B 214 -78.18 8.54 122.47
C GLY B 214 -77.77 8.90 123.88
N LYS B 215 -78.65 8.70 124.86
CA LYS B 215 -78.32 8.99 126.25
C LYS B 215 -77.62 7.78 126.84
N ILE B 216 -76.63 8.04 127.70
CA ILE B 216 -75.99 6.95 128.43
C ILE B 216 -76.97 6.33 129.41
N ILE B 217 -77.01 5.00 129.44
CA ILE B 217 -77.95 4.27 130.28
C ILE B 217 -77.54 4.44 131.74
N LYS B 218 -78.53 4.72 132.60
CA LYS B 218 -78.36 4.66 134.03
C LYS B 218 -79.43 3.76 134.64
N GLY B 219 -79.06 3.02 135.68
CA GLY B 219 -79.98 2.14 136.36
C GLY B 219 -80.13 0.78 135.71
N GLY B 220 -80.05 0.72 134.38
CA GLY B 220 -80.01 -0.55 133.69
C GLY B 220 -78.62 -1.12 133.47
N LYS B 221 -78.42 -1.75 132.32
CA LYS B 221 -77.13 -2.30 131.90
C LYS B 221 -76.24 -1.16 131.40
N ARG B 222 -75.63 -0.47 132.36
CA ARG B 222 -74.86 0.74 132.08
C ARG B 222 -73.64 0.46 131.20
N PHE B 223 -73.09 -0.75 131.24
CA PHE B 223 -71.84 -1.07 130.55
C PHE B 223 -72.03 -2.23 129.60
N VAL B 224 -71.27 -2.21 128.50
CA VAL B 224 -71.15 -3.32 127.57
C VAL B 224 -69.69 -3.66 127.36
N GLN B 225 -69.41 -4.93 127.12
CA GLN B 225 -68.11 -5.38 126.62
C GLN B 225 -68.22 -5.59 125.12
N VAL B 226 -67.30 -4.97 124.38
CA VAL B 226 -67.29 -5.00 122.92
C VAL B 226 -66.02 -5.69 122.45
N VAL B 227 -66.18 -6.73 121.64
CA VAL B 227 -65.07 -7.44 121.02
C VAL B 227 -65.38 -7.58 119.54
N ASP B 228 -64.38 -7.28 118.70
CA ASP B 228 -64.53 -7.26 117.25
C ASP B 228 -65.71 -6.39 116.83
N LYS B 229 -65.94 -5.31 117.59
CA LYS B 229 -67.05 -4.39 117.37
C LYS B 229 -68.41 -5.09 117.41
N ARG B 230 -68.56 -6.13 118.23
CA ARG B 230 -69.88 -6.58 118.66
C ARG B 230 -69.91 -6.73 120.17
N VAL B 231 -71.09 -6.49 120.74
CA VAL B 231 -71.28 -6.62 122.18
C VAL B 231 -71.30 -8.10 122.57
N VAL B 232 -70.35 -8.49 123.42
CA VAL B 232 -70.26 -9.86 123.91
C VAL B 232 -70.78 -10.01 125.34
N ALA B 233 -70.93 -8.91 126.08
CA ALA B 233 -71.45 -8.95 127.44
C ALA B 233 -71.99 -7.56 127.79
N SER B 234 -72.76 -7.51 128.88
CA SER B 234 -73.23 -6.25 129.44
C SER B 234 -73.28 -6.33 130.95
N PHE B 235 -73.25 -5.16 131.59
CA PHE B 235 -73.12 -5.09 133.04
C PHE B 235 -73.91 -3.91 133.57
N THR B 236 -74.43 -4.06 134.79
CA THR B 236 -74.91 -2.92 135.56
C THR B 236 -73.77 -2.26 136.34
N SER B 237 -74.07 -1.07 136.88
CA SER B 237 -73.19 -0.41 137.84
C SER B 237 -72.84 -1.30 139.02
N ARG B 238 -73.73 -2.21 139.39
CA ARG B 238 -73.46 -3.18 140.45
C ARG B 238 -72.39 -4.18 140.07
N GLU B 239 -72.33 -4.59 138.80
CA GLU B 239 -71.46 -5.68 138.40
C GLU B 239 -70.09 -5.24 137.91
N LEU B 240 -69.93 -3.98 137.47
CA LEU B 240 -68.64 -3.53 136.95
C LEU B 240 -68.31 -2.15 137.49
N ALA B 241 -67.10 -2.02 138.04
CA ALA B 241 -66.51 -0.74 138.37
C ALA B 241 -65.90 -0.08 137.14
N MET B 242 -65.93 1.26 137.12
CA MET B 242 -65.03 2.05 136.28
C MET B 242 -64.35 3.11 137.14
N GLY B 243 -63.03 3.21 136.99
CA GLY B 243 -62.23 4.21 137.69
C GLY B 243 -61.46 5.08 136.72
N ILE B 244 -61.47 6.38 136.97
CA ILE B 244 -60.81 7.37 136.12
C ILE B 244 -60.05 8.35 137.02
N ARG B 245 -58.80 8.63 136.64
CA ARG B 245 -57.95 9.54 137.40
C ARG B 245 -58.03 10.99 136.94
N ASN B 246 -58.20 11.23 135.64
CA ASN B 246 -58.11 12.56 135.04
C ASN B 246 -59.46 12.96 134.45
N PRO B 247 -60.45 13.22 135.31
CA PRO B 247 -61.79 13.53 134.80
C PRO B 247 -61.85 14.89 134.12
N ARG B 248 -62.90 15.07 133.32
CA ARG B 248 -63.16 16.32 132.62
C ARG B 248 -64.64 16.65 132.69
N THR B 249 -64.95 17.95 132.79
CA THR B 249 -66.32 18.40 132.62
C THR B 249 -66.74 18.49 131.16
N GLU B 250 -65.77 18.61 130.24
CA GLU B 250 -66.02 18.75 128.81
C GLU B 250 -67.12 17.81 128.34
N LEU B 251 -68.17 18.37 127.76
CA LEU B 251 -69.35 17.59 127.38
C LEU B 251 -68.97 16.42 126.48
N SER B 252 -68.15 16.67 125.46
CA SER B 252 -67.77 15.63 124.53
C SER B 252 -66.80 14.60 125.11
N SER B 253 -66.22 14.85 126.28
CA SER B 253 -65.41 13.81 126.91
C SER B 253 -66.23 12.59 127.31
N SER B 254 -67.56 12.75 127.40
CA SER B 254 -68.49 11.63 127.53
C SER B 254 -68.19 10.74 128.74
N GLY B 255 -67.56 11.30 129.77
CA GLY B 255 -67.25 10.54 130.97
C GLY B 255 -65.99 9.71 130.93
N TYR B 256 -65.25 9.70 129.82
CA TYR B 256 -64.00 8.96 129.77
C TYR B 256 -62.84 9.77 130.34
N GLY B 257 -61.74 9.06 130.62
CA GLY B 257 -60.55 9.66 131.18
C GLY B 257 -59.70 10.39 130.16
N LEU B 258 -58.44 10.62 130.55
CA LEU B 258 -57.48 11.32 129.69
C LEU B 258 -56.10 10.77 129.99
N SER B 259 -55.56 9.97 129.07
CA SER B 259 -54.26 9.36 129.26
C SER B 259 -53.14 10.38 129.02
N GLU B 260 -52.13 10.34 129.88
CA GLU B 260 -50.88 11.06 129.63
C GLU B 260 -50.18 10.60 128.36
N VAL B 261 -50.44 9.36 127.91
CA VAL B 261 -49.91 8.92 126.62
C VAL B 261 -50.53 9.72 125.48
N GLU B 262 -51.80 10.07 125.59
CA GLU B 262 -52.41 10.95 124.60
C GLU B 262 -51.79 12.34 124.62
N ILE B 263 -51.64 12.92 125.81
CA ILE B 263 -51.07 14.26 125.93
C ILE B 263 -49.62 14.28 125.44
N ALA B 264 -48.82 13.31 125.87
CA ALA B 264 -47.40 13.27 125.56
C ALA B 264 -47.05 12.62 124.22
N MET B 265 -48.05 12.30 123.39
CA MET B 265 -47.82 11.43 122.25
C MET B 265 -46.75 11.99 121.29
N LYS B 266 -46.80 13.29 121.01
CA LYS B 266 -45.75 13.94 120.23
C LYS B 266 -44.35 13.71 120.81
N GLU B 267 -44.21 13.88 122.13
CA GLU B 267 -42.94 13.63 122.79
C GLU B 267 -42.49 12.17 122.64
N PHE B 268 -43.41 11.22 122.81
CA PHE B 268 -43.05 9.81 122.59
C PHE B 268 -42.60 9.54 121.15
N ILE B 269 -43.27 10.15 120.17
CA ILE B 269 -42.86 10.00 118.77
C ILE B 269 -41.48 10.59 118.53
N ALA B 270 -41.25 11.82 119.00
CA ALA B 270 -39.93 12.43 118.90
C ALA B 270 -38.83 11.58 119.55
N TYR B 271 -39.09 11.06 120.75
CA TYR B 271 -38.19 10.10 121.37
C TYR B 271 -37.88 8.92 120.46
N ASN B 272 -38.92 8.22 120.00
CA ASN B 272 -38.74 7.10 119.08
C ASN B 272 -37.91 7.46 117.85
N ASN B 273 -38.19 8.61 117.24
CA ASN B 273 -37.42 9.02 116.08
C ASN B 273 -35.95 9.28 116.40
N THR B 274 -35.66 9.96 117.52
CA THR B 274 -34.27 10.23 117.87
C THR B 274 -33.52 8.95 118.22
N GLU B 275 -34.21 7.98 118.81
CA GLU B 275 -33.62 6.67 119.08
C GLU B 275 -33.30 5.93 117.78
N SER B 276 -34.25 5.90 116.85
CA SER B 276 -34.00 5.28 115.55
C SER B 276 -32.85 5.97 114.82
N PHE B 277 -32.82 7.30 114.85
CA PHE B 277 -31.72 8.05 114.25
C PHE B 277 -30.37 7.63 114.80
N ASN B 278 -30.24 7.59 116.13
CA ASN B 278 -28.96 7.21 116.73
C ASN B 278 -28.59 5.75 116.45
N ASP B 279 -29.58 4.86 116.42
CA ASP B 279 -29.32 3.45 116.12
C ASP B 279 -28.93 3.22 114.66
N ARG B 280 -29.49 3.98 113.73
CA ARG B 280 -29.24 3.77 112.31
C ARG B 280 -27.81 4.08 111.87
N PHE B 281 -26.99 4.75 112.67
CA PHE B 281 -25.57 4.81 112.35
C PHE B 281 -24.99 3.42 112.17
N PHE B 282 -25.30 2.52 113.11
CA PHE B 282 -24.87 1.13 113.01
C PHE B 282 -25.80 0.32 112.10
N SER B 283 -27.10 0.40 112.35
CA SER B 283 -28.04 -0.48 111.66
C SER B 283 -28.02 -0.24 110.15
N HIS B 284 -27.94 1.02 109.72
CA HIS B 284 -28.12 1.40 108.32
C HIS B 284 -27.06 2.35 107.78
N GLY B 285 -26.22 2.92 108.63
CA GLY B 285 -25.41 4.04 108.20
C GLY B 285 -24.19 3.61 107.41
N GLY B 286 -23.58 4.59 106.76
CA GLY B 286 -22.18 4.51 106.38
C GLY B 286 -21.23 5.00 107.46
N THR B 287 -20.53 4.06 108.09
CA THR B 287 -19.49 4.38 109.06
C THR B 287 -18.16 4.69 108.43
N THR B 288 -18.06 4.62 107.10
CA THR B 288 -16.78 4.72 106.40
C THR B 288 -16.02 5.98 106.78
N ARG B 289 -14.81 5.79 107.31
CA ARG B 289 -14.00 6.90 107.82
C ARG B 289 -13.71 7.91 106.72
N GLY B 290 -13.37 7.44 105.52
CA GLY B 290 -12.88 8.33 104.48
C GLY B 290 -12.49 7.54 103.25
N ILE B 291 -12.07 8.28 102.23
CA ILE B 291 -11.60 7.71 100.96
C ILE B 291 -10.11 7.94 100.85
N LEU B 292 -9.36 6.88 100.54
CA LEU B 292 -7.96 6.96 100.17
C LEU B 292 -7.88 7.19 98.66
N GLN B 293 -7.63 8.44 98.26
CA GLN B 293 -7.43 8.77 96.86
C GLN B 293 -5.97 8.57 96.46
N ILE B 294 -5.72 7.61 95.56
CA ILE B 294 -4.45 7.45 94.87
C ILE B 294 -4.71 7.87 93.43
N ARG B 295 -3.78 8.63 92.86
CA ARG B 295 -3.98 9.15 91.52
C ARG B 295 -2.72 9.04 90.67
N SER B 296 -2.90 8.60 89.43
CA SER B 296 -1.83 8.54 88.45
C SER B 296 -2.43 8.74 87.07
N ASP B 297 -1.57 8.71 86.05
CA ASP B 297 -2.00 8.99 84.68
C ASP B 297 -3.23 8.18 84.25
N GLN B 298 -3.37 6.96 84.75
CA GLN B 298 -4.59 6.20 84.51
C GLN B 298 -4.88 5.28 85.68
N GLN B 299 -6.16 5.01 85.92
CA GLN B 299 -6.58 4.07 86.94
C GLN B 299 -6.01 2.67 86.70
N GLN B 300 -5.68 1.98 87.79
CA GLN B 300 -5.28 0.59 87.72
C GLN B 300 -6.41 -0.29 87.20
N SER B 301 -6.04 -1.34 86.46
CA SER B 301 -6.98 -2.40 86.14
C SER B 301 -7.52 -3.04 87.43
N GLN B 302 -8.67 -3.70 87.30
CA GLN B 302 -9.27 -4.39 88.44
C GLN B 302 -8.37 -5.50 88.98
N HIS B 303 -7.70 -6.24 88.10
CA HIS B 303 -6.75 -7.26 88.53
C HIS B 303 -5.62 -6.67 89.37
N ALA B 304 -5.00 -5.61 88.85
CA ALA B 304 -3.94 -4.92 89.57
C ALA B 304 -4.42 -4.45 90.94
N LEU B 305 -5.61 -3.86 90.98
CA LEU B 305 -6.17 -3.35 92.22
C LEU B 305 -6.50 -4.47 93.22
N GLU B 306 -6.97 -5.62 92.75
CA GLU B 306 -7.23 -6.74 93.66
C GLU B 306 -5.96 -7.41 94.18
N ASN B 307 -4.89 -7.46 93.39
CA ASN B 307 -3.65 -7.96 93.97
C ASN B 307 -2.92 -6.90 94.78
N PHE B 308 -3.21 -5.62 94.56
CA PHE B 308 -2.80 -4.59 95.52
C PHE B 308 -3.53 -4.72 96.84
N LYS B 309 -4.82 -5.04 96.81
CA LYS B 309 -5.55 -5.41 98.02
C LYS B 309 -4.97 -6.62 98.73
N ARG B 310 -4.44 -7.60 97.98
CA ARG B 310 -3.77 -8.72 98.63
C ARG B 310 -2.43 -8.33 99.24
N GLU B 311 -1.63 -7.53 98.51
CA GLU B 311 -0.42 -6.97 99.11
C GLU B 311 -0.73 -6.18 100.38
N TRP B 312 -1.82 -5.41 100.37
CA TRP B 312 -2.20 -4.62 101.54
C TRP B 312 -2.56 -5.51 102.71
N LYS B 313 -3.55 -6.39 102.54
CA LYS B 313 -4.04 -7.18 103.67
C LYS B 313 -3.01 -8.15 104.21
N SER B 314 -2.21 -8.78 103.34
CA SER B 314 -1.16 -9.66 103.83
C SER B 314 -0.06 -8.94 104.61
N SER B 315 0.03 -7.61 104.53
CA SER B 315 1.08 -6.85 105.19
C SER B 315 0.62 -5.97 106.33
N LEU B 316 -0.66 -5.56 106.37
CA LEU B 316 -1.09 -4.46 107.22
C LEU B 316 -2.33 -4.75 108.06
N SER B 317 -3.05 -5.84 107.83
CA SER B 317 -4.32 -6.05 108.49
C SER B 317 -4.14 -6.66 109.88
N GLY B 318 -5.11 -6.37 110.74
CA GLY B 318 -5.25 -6.90 112.08
C GLY B 318 -4.14 -6.51 113.05
N ILE B 319 -4.05 -7.31 114.12
CA ILE B 319 -2.93 -7.21 115.05
C ILE B 319 -1.61 -7.55 114.37
N ASN B 320 -1.62 -8.54 113.47
CA ASN B 320 -0.39 -8.98 112.84
C ASN B 320 0.31 -7.87 112.08
N GLY B 321 -0.44 -7.02 111.38
CA GLY B 321 0.10 -5.88 110.65
C GLY B 321 0.14 -4.56 111.37
N SER B 322 -0.21 -4.54 112.66
CA SER B 322 -0.81 -3.35 113.26
C SER B 322 0.11 -2.13 113.26
N TRP B 323 1.43 -2.31 113.38
CA TRP B 323 2.34 -1.17 113.43
C TRP B 323 3.19 -0.97 112.18
N GLN B 324 3.01 -1.77 111.14
CA GLN B 324 3.72 -1.53 109.89
C GLN B 324 3.14 -0.34 109.15
N ILE B 325 3.97 0.34 108.37
CA ILE B 325 3.57 1.45 107.53
C ILE B 325 3.82 1.06 106.08
N PRO B 326 2.83 1.19 105.18
CA PRO B 326 3.11 1.01 103.75
C PRO B 326 3.92 2.15 103.14
N VAL B 327 4.85 1.79 102.27
CA VAL B 327 5.47 2.74 101.35
C VAL B 327 4.79 2.60 99.99
N VAL B 328 4.36 3.73 99.44
CA VAL B 328 3.70 3.80 98.14
C VAL B 328 4.29 4.97 97.37
N MET B 329 4.50 4.77 96.07
CA MET B 329 5.21 5.75 95.24
C MET B 329 4.32 6.30 94.13
N ALA B 330 3.02 6.34 94.36
CA ALA B 330 2.08 6.98 93.46
C ALA B 330 2.43 8.45 93.27
N ASP B 331 1.92 9.02 92.17
CA ASP B 331 2.17 10.43 91.88
C ASP B 331 1.61 11.34 92.97
N ASP B 332 0.41 11.05 93.45
CA ASP B 332 -0.09 11.73 94.64
C ASP B 332 -1.06 10.84 95.39
N ILE B 333 -1.07 11.00 96.72
CA ILE B 333 -1.90 10.23 97.63
C ILE B 333 -2.62 11.20 98.55
N LYS B 334 -3.93 11.02 98.71
CA LYS B 334 -4.76 11.88 99.54
C LYS B 334 -5.76 11.01 100.28
N PHE B 335 -6.12 11.43 101.49
CA PHE B 335 -7.17 10.81 102.28
C PHE B 335 -8.22 11.85 102.63
N VAL B 336 -9.46 11.58 102.22
CA VAL B 336 -10.59 12.49 102.40
C VAL B 336 -11.39 12.02 103.61
N ASN B 337 -11.51 12.87 104.60
CA ASN B 337 -12.27 12.56 105.82
C ASN B 337 -13.75 12.82 105.59
N MET B 338 -14.57 11.78 105.78
CA MET B 338 -16.01 11.85 105.57
C MET B 338 -16.81 11.81 106.86
N THR B 339 -16.23 11.42 107.98
CA THR B 339 -16.89 11.42 109.27
C THR B 339 -15.99 12.05 110.31
N PRO B 340 -16.55 12.46 111.46
CA PRO B 340 -15.70 12.88 112.58
C PRO B 340 -14.80 11.76 113.08
N THR B 341 -13.61 12.16 113.52
CA THR B 341 -12.64 11.22 114.08
C THR B 341 -13.18 10.53 115.33
N ALA B 342 -14.11 11.16 116.04
CA ALA B 342 -14.67 10.63 117.28
C ALA B 342 -16.19 10.79 117.23
N ASN B 343 -16.88 9.68 116.96
CA ASN B 343 -18.33 9.62 116.92
C ASN B 343 -18.90 9.37 118.31
N ASP B 344 -20.03 10.03 118.60
CA ASP B 344 -20.84 9.68 119.76
C ASP B 344 -22.30 10.01 119.46
N MET B 345 -23.17 9.61 120.38
CA MET B 345 -24.60 9.88 120.26
C MET B 345 -24.86 11.37 120.03
N GLN B 346 -25.98 11.66 119.36
CA GLN B 346 -26.42 13.01 119.09
C GLN B 346 -27.81 13.23 119.71
N PHE B 347 -28.14 14.51 119.93
CA PHE B 347 -29.44 14.93 120.45
C PHE B 347 -29.68 14.43 121.87
N GLU B 348 -28.61 14.30 122.66
CA GLU B 348 -28.74 13.84 124.04
C GLU B 348 -29.59 14.81 124.86
N LYS B 349 -29.33 16.11 124.75
CA LYS B 349 -30.15 17.12 125.41
C LYS B 349 -31.61 17.06 124.97
N TRP B 350 -31.87 16.90 123.68
CA TRP B 350 -33.24 16.70 123.20
C TRP B 350 -33.96 15.55 123.91
N LEU B 351 -33.31 14.38 123.96
CA LEU B 351 -33.84 13.25 124.70
C LEU B 351 -34.13 13.59 126.17
N ASN B 352 -33.14 14.15 126.88
CA ASN B 352 -33.35 14.58 128.26
C ASN B 352 -34.57 15.49 128.41
N TYR B 353 -34.65 16.54 127.60
CA TYR B 353 -35.81 17.42 127.58
C TYR B 353 -37.14 16.67 127.44
N LEU B 354 -37.24 15.84 126.40
CA LEU B 354 -38.43 15.03 126.18
C LEU B 354 -38.81 14.20 127.41
N ILE B 355 -37.84 13.45 127.94
CA ILE B 355 -38.14 12.58 129.08
C ILE B 355 -38.45 13.39 130.34
N ASN B 356 -37.84 14.56 130.52
CA ASN B 356 -38.24 15.43 131.63
C ASN B 356 -39.70 15.85 131.53
N ILE B 357 -40.16 16.18 130.32
CA ILE B 357 -41.58 16.47 130.14
C ILE B 357 -42.44 15.26 130.48
N ILE B 358 -42.15 14.10 129.87
CA ILE B 358 -42.97 12.92 130.11
C ILE B 358 -42.98 12.55 131.60
N SER B 359 -41.82 12.64 132.26
CA SER B 359 -41.76 12.38 133.69
C SER B 359 -42.59 13.39 134.49
N ALA B 360 -42.56 14.66 134.09
CA ALA B 360 -43.35 15.68 134.77
C ALA B 360 -44.85 15.46 134.62
N LEU B 361 -45.29 14.93 133.47
CA LEU B 361 -46.71 14.59 133.34
C LEU B 361 -47.10 13.42 134.25
N TYR B 362 -46.28 12.36 134.29
CA TYR B 362 -46.57 11.24 135.18
C TYR B 362 -46.25 11.54 136.65
N GLY B 363 -45.53 12.60 136.95
CA GLY B 363 -45.20 12.91 138.32
C GLY B 363 -44.13 11.99 138.90
N ILE B 364 -43.01 11.87 138.20
CA ILE B 364 -41.89 11.04 138.62
C ILE B 364 -40.62 11.83 138.39
N ASP B 365 -39.64 11.63 139.27
CA ASP B 365 -38.32 12.22 139.07
C ASP B 365 -37.57 11.49 137.95
N PRO B 366 -37.12 12.19 136.90
CA PRO B 366 -36.25 11.54 135.89
C PRO B 366 -35.07 10.77 136.47
N ALA B 367 -34.51 11.25 137.58
CA ALA B 367 -33.40 10.55 138.23
C ALA B 367 -33.78 9.14 138.66
N GLU B 368 -35.07 8.89 138.88
CA GLU B 368 -35.52 7.54 139.20
C GLU B 368 -35.42 6.59 138.02
N ILE B 369 -35.49 7.10 136.80
CA ILE B 369 -35.47 6.29 135.58
C ILE B 369 -34.19 6.50 134.78
N GLY B 370 -33.14 7.02 135.40
CA GLY B 370 -31.84 7.15 134.77
C GLY B 370 -31.62 8.33 133.85
N PHE B 371 -32.29 9.45 134.09
CA PHE B 371 -32.14 10.66 133.28
C PHE B 371 -31.77 11.82 134.19
N PRO B 372 -30.95 12.77 133.71
CA PRO B 372 -30.77 14.02 134.47
C PRO B 372 -32.11 14.73 134.70
N ASN B 373 -32.30 15.17 135.95
CA ASN B 373 -33.36 16.12 136.29
C ASN B 373 -32.93 17.51 135.85
N ARG B 374 -33.57 18.04 134.81
CA ARG B 374 -33.23 19.37 134.31
C ARG B 374 -33.53 20.47 135.34
N GLY B 375 -34.36 20.19 136.34
CA GLY B 375 -34.45 21.09 137.47
C GLY B 375 -33.19 21.12 138.31
N GLY B 376 -32.32 20.12 138.19
CA GLY B 376 -31.02 20.14 138.80
C GLY B 376 -30.95 19.67 140.24
N ALA B 377 -32.08 19.41 140.88
CA ALA B 377 -32.06 18.93 142.26
C ALA B 377 -33.25 18.00 142.48
N THR B 378 -33.10 17.09 143.44
CA THR B 378 -34.02 15.98 143.64
C THR B 378 -34.11 15.14 142.38
N GLN B 396 -36.92 12.05 146.53
CA GLN B 396 -37.78 11.21 147.35
C GLN B 396 -39.16 11.85 147.45
N GLN B 397 -39.16 13.17 147.63
CA GLN B 397 -40.41 13.91 147.81
C GLN B 397 -41.34 13.70 146.62
N SER B 398 -40.80 13.78 145.41
CA SER B 398 -41.60 13.56 144.21
C SER B 398 -42.08 12.11 144.10
N GLN B 399 -41.27 11.15 144.54
CA GLN B 399 -41.74 9.77 144.62
C GLN B 399 -42.95 9.65 145.53
N ASN B 400 -42.86 10.20 146.74
CA ASN B 400 -44.01 10.20 147.66
C ASN B 400 -45.22 10.87 147.04
N LYS B 401 -45.04 12.07 146.48
CA LYS B 401 -46.11 12.84 145.86
C LYS B 401 -46.73 12.11 144.67
N GLY B 402 -45.98 11.25 143.99
CA GLY B 402 -46.53 10.50 142.88
C GLY B 402 -47.16 9.16 143.26
N LEU B 403 -46.62 8.51 144.30
CA LEU B 403 -47.15 7.22 144.71
C LEU B 403 -48.38 7.34 145.59
N GLN B 404 -48.42 8.32 146.49
CA GLN B 404 -49.58 8.48 147.37
C GLN B 404 -50.90 8.66 146.61
N PRO B 405 -50.99 9.46 145.55
CA PRO B 405 -52.25 9.50 144.80
C PRO B 405 -52.68 8.17 144.21
N LEU B 406 -51.74 7.33 143.77
CA LEU B 406 -52.11 6.04 143.21
C LEU B 406 -52.68 5.12 144.28
N LEU B 407 -52.06 5.12 145.47
CA LEU B 407 -52.59 4.39 146.61
C LEU B 407 -53.98 4.87 146.98
N ARG B 408 -54.16 6.18 147.15
CA ARG B 408 -55.49 6.72 147.43
C ARG B 408 -56.52 6.36 146.37
N PHE B 409 -56.14 6.38 145.10
CA PHE B 409 -57.06 5.97 144.04
C PHE B 409 -57.50 4.51 144.19
N ILE B 410 -56.55 3.61 144.46
CA ILE B 410 -56.89 2.20 144.71
C ILE B 410 -57.78 2.06 145.94
N GLU B 411 -57.45 2.76 147.03
CA GLU B 411 -58.31 2.81 148.21
C GLU B 411 -59.74 3.26 147.88
N ASP B 412 -59.87 4.37 147.15
CA ASP B 412 -61.19 4.86 146.77
C ASP B 412 -61.98 3.83 145.98
N LEU B 413 -61.34 3.17 145.00
CA LEU B 413 -62.02 2.11 144.26
C LEU B 413 -62.46 0.97 145.16
N VAL B 414 -61.57 0.49 146.04
CA VAL B 414 -61.91 -0.62 146.93
C VAL B 414 -63.07 -0.23 147.85
N ASN B 415 -62.99 0.95 148.47
CA ASN B 415 -64.06 1.40 149.37
C ASN B 415 -65.39 1.51 148.65
N ARG B 416 -65.44 2.22 147.53
CA ARG B 416 -66.71 2.37 146.81
C ARG B 416 -67.29 1.03 146.37
N HIS B 417 -66.47 0.13 145.82
CA HIS B 417 -67.01 -1.04 145.14
C HIS B 417 -67.07 -2.34 145.96
N ILE B 418 -66.08 -2.63 146.81
CA ILE B 418 -66.05 -3.90 147.53
C ILE B 418 -66.60 -3.75 148.95
N ILE B 419 -65.93 -2.94 149.77
CA ILE B 419 -66.31 -2.79 151.18
C ILE B 419 -67.78 -2.36 151.29
N SER B 420 -68.24 -1.51 150.38
CA SER B 420 -69.65 -1.10 150.37
C SER B 420 -70.63 -2.27 150.35
N GLU B 421 -70.20 -3.46 149.93
CA GLU B 421 -71.04 -4.64 150.12
C GLU B 421 -71.24 -4.97 151.59
N TYR B 422 -70.30 -4.59 152.45
CA TYR B 422 -70.37 -4.85 153.89
C TYR B 422 -70.92 -3.66 154.67
N GLY B 423 -71.25 -2.56 154.00
CA GLY B 423 -71.78 -1.38 154.66
C GLY B 423 -70.71 -0.41 155.13
N ASP B 424 -71.18 0.79 155.45
CA ASP B 424 -70.36 1.98 155.65
C ASP B 424 -69.61 1.98 156.98
N LYS B 425 -69.87 1.04 157.88
CA LYS B 425 -69.18 1.03 159.16
C LYS B 425 -67.69 0.75 159.04
N TYR B 426 -67.26 0.07 157.98
CA TYR B 426 -65.87 -0.31 157.79
C TYR B 426 -65.17 0.65 156.82
N THR B 427 -63.84 0.64 156.87
CA THR B 427 -63.03 1.35 155.88
C THR B 427 -61.81 0.50 155.53
N PHE B 428 -61.42 0.56 154.26
CA PHE B 428 -60.16 -0.02 153.78
C PHE B 428 -59.11 1.08 153.64
N GLN B 429 -57.95 0.87 154.25
CA GLN B 429 -56.82 1.78 154.09
C GLN B 429 -55.51 1.01 154.01
N PHE B 430 -54.61 1.48 153.14
CA PHE B 430 -53.20 1.17 153.26
C PHE B 430 -52.59 1.90 154.45
N VAL B 431 -51.70 1.21 155.17
CA VAL B 431 -51.05 1.78 156.34
C VAL B 431 -49.56 1.48 156.28
N GLY B 432 -48.75 2.51 156.53
CA GLY B 432 -47.33 2.35 156.72
C GLY B 432 -46.99 1.77 158.08
N GLY B 433 -45.70 1.48 158.26
CA GLY B 433 -45.21 1.00 159.53
C GLY B 433 -45.31 2.05 160.63
N ASP B 434 -44.75 1.69 161.78
CA ASP B 434 -44.69 2.60 162.92
C ASP B 434 -43.37 2.43 163.66
N THR B 435 -42.95 3.50 164.33
CA THR B 435 -41.76 3.49 165.19
C THR B 435 -42.18 3.27 166.65
N LYS B 436 -42.62 2.05 166.91
CA LYS B 436 -43.25 1.64 168.16
C LYS B 436 -42.63 0.34 168.66
N SER B 437 -41.30 0.31 168.65
CA SER B 437 -40.55 -0.81 169.20
C SER B 437 -40.84 -0.95 170.69
N ALA B 438 -40.32 -2.04 171.27
CA ALA B 438 -40.33 -2.21 172.72
C ALA B 438 -39.68 -1.02 173.44
N THR B 439 -38.59 -0.51 172.91
CA THR B 439 -37.99 0.71 173.45
C THR B 439 -38.97 1.88 173.46
N ASP B 440 -39.62 2.15 172.33
CA ASP B 440 -40.56 3.28 172.25
C ASP B 440 -41.76 3.07 173.18
N LYS B 441 -42.30 1.85 173.22
CA LYS B 441 -43.39 1.54 174.12
C LYS B 441 -42.99 1.69 175.58
N LEU B 442 -41.77 1.29 175.93
CA LEU B 442 -41.28 1.50 177.29
C LEU B 442 -41.09 2.97 177.62
N ASN B 443 -40.57 3.77 176.69
CA ASN B 443 -40.51 5.22 176.90
C ASN B 443 -41.89 5.82 177.13
N ILE B 444 -42.86 5.42 176.29
CA ILE B 444 -44.22 5.93 176.46
C ILE B 444 -44.78 5.53 177.82
N LEU B 445 -44.72 4.25 178.14
CA LEU B 445 -45.21 3.78 179.43
C LEU B 445 -44.45 4.38 180.61
N LYS B 446 -43.15 4.63 180.46
CA LYS B 446 -42.36 5.35 181.45
C LYS B 446 -42.90 6.74 181.70
N LEU B 447 -43.55 7.35 180.71
CA LEU B 447 -44.27 8.59 181.01
C LEU B 447 -45.70 8.35 181.51
N GLU B 448 -46.42 7.42 180.90
CA GLU B 448 -47.79 7.09 181.32
C GLU B 448 -47.88 6.63 182.78
N THR B 449 -46.84 5.97 183.28
CA THR B 449 -46.83 5.54 184.67
C THR B 449 -46.56 6.67 185.65
N GLN B 450 -46.02 7.79 185.17
CA GLN B 450 -45.98 8.99 185.97
C GLN B 450 -47.31 9.73 185.86
N ILE B 451 -47.89 9.72 184.66
CA ILE B 451 -49.05 10.55 184.37
C ILE B 451 -50.36 9.83 184.64
N PHE B 452 -50.45 8.53 184.33
CA PHE B 452 -51.72 7.80 184.38
C PHE B 452 -51.67 6.50 185.17
N LYS B 453 -50.71 5.64 184.84
CA LYS B 453 -50.85 4.21 185.06
C LYS B 453 -50.20 3.75 186.36
N THR B 454 -50.98 3.08 187.19
CA THR B 454 -50.42 2.29 188.28
C THR B 454 -49.68 1.07 187.74
N VAL B 455 -48.75 0.57 188.56
CA VAL B 455 -48.00 -0.65 188.26
C VAL B 455 -48.92 -1.78 187.79
N ASN B 456 -50.06 -1.96 188.49
CA ASN B 456 -50.94 -3.07 188.17
C ASN B 456 -51.68 -2.88 186.84
N GLU B 457 -52.04 -1.66 186.46
CA GLU B 457 -52.62 -1.47 185.14
C GLU B 457 -51.63 -1.85 184.04
N ALA B 458 -50.38 -1.41 184.18
CA ALA B 458 -49.32 -1.80 183.25
C ALA B 458 -49.18 -3.32 183.17
N ARG B 459 -49.02 -3.98 184.32
CA ARG B 459 -48.87 -5.43 184.34
C ARG B 459 -50.09 -6.13 183.74
N GLU B 460 -51.29 -5.64 184.01
CA GLU B 460 -52.48 -6.24 183.40
C GLU B 460 -52.44 -6.09 181.88
N GLU B 461 -52.03 -4.92 181.38
CA GLU B 461 -51.83 -4.76 179.94
C GLU B 461 -50.75 -5.69 179.39
N GLN B 462 -49.83 -6.15 180.22
CA GLN B 462 -48.89 -7.21 179.83
C GLN B 462 -49.45 -8.62 180.03
N GLY B 463 -50.63 -8.75 180.64
CA GLY B 463 -51.12 -10.02 181.12
C GLY B 463 -50.39 -10.59 182.31
N LYS B 464 -49.73 -9.75 183.09
CA LYS B 464 -48.93 -10.17 184.24
C LYS B 464 -49.71 -9.88 185.51
N LYS B 465 -49.64 -10.81 186.46
CA LYS B 465 -50.50 -10.76 187.63
C LYS B 465 -50.29 -9.44 188.39
N PRO B 466 -51.37 -8.81 188.87
CA PRO B 466 -51.20 -7.65 189.76
C PRO B 466 -50.48 -8.04 191.04
N ILE B 467 -49.75 -7.07 191.58
CA ILE B 467 -48.93 -7.26 192.77
C ILE B 467 -49.38 -6.32 193.87
N GLU B 468 -49.38 -6.85 195.10
CA GLU B 468 -49.54 -6.06 196.31
C GLU B 468 -48.43 -5.02 196.44
N GLY B 469 -48.82 -3.74 196.55
CA GLY B 469 -47.92 -2.62 196.37
C GLY B 469 -47.92 -1.99 195.00
N GLY B 470 -48.64 -2.56 194.03
CA GLY B 470 -49.06 -1.78 192.88
C GLY B 470 -50.20 -0.85 193.23
N ASP B 471 -51.05 -0.54 192.27
CA ASP B 471 -52.10 0.48 192.41
C ASP B 471 -51.54 1.85 192.81
N ILE B 472 -50.28 2.14 192.51
CA ILE B 472 -49.68 3.44 192.82
C ILE B 472 -49.05 4.01 191.55
N ILE B 473 -49.19 5.32 191.36
CA ILE B 473 -48.43 6.03 190.35
C ILE B 473 -46.97 6.13 190.77
N LEU B 474 -46.06 5.94 189.83
CA LEU B 474 -44.62 6.01 190.10
C LEU B 474 -44.15 7.47 190.10
N ASP B 475 -44.67 8.23 191.07
CA ASP B 475 -44.19 9.58 191.32
C ASP B 475 -44.07 9.75 192.83
N ALA B 476 -42.92 10.29 193.25
CA ALA B 476 -42.69 10.52 194.68
C ALA B 476 -43.73 11.44 195.30
N SER B 477 -44.24 12.42 194.55
CA SER B 477 -45.27 13.30 195.09
C SER B 477 -46.58 12.56 195.36
N PHE B 478 -46.94 11.60 194.50
CA PHE B 478 -48.15 10.81 194.75
C PHE B 478 -48.06 10.06 196.08
N LEU B 479 -46.91 9.44 196.35
CA LEU B 479 -46.73 8.74 197.62
C LEU B 479 -46.64 9.70 198.80
N GLN B 480 -45.97 10.84 198.63
CA GLN B 480 -45.95 11.85 199.69
C GLN B 480 -47.36 12.37 200.02
N GLY B 481 -48.21 12.49 199.00
CA GLY B 481 -49.61 12.76 199.26
C GLY B 481 -50.32 11.68 200.04
N THR B 482 -50.20 10.42 199.60
CA THR B 482 -50.89 9.37 200.34
C THR B 482 -50.35 9.23 201.78
N ALA B 483 -49.05 9.47 201.97
CA ALA B 483 -48.45 9.49 203.30
C ALA B 483 -48.99 10.61 204.16
N GLN B 484 -49.29 11.76 203.55
CA GLN B 484 -50.04 12.80 204.24
C GLN B 484 -51.44 12.31 204.61
N LEU B 485 -52.19 11.84 203.62
CA LEU B 485 -53.60 11.50 203.85
C LEU B 485 -53.76 10.43 204.94
N GLN B 486 -52.81 9.50 205.04
CA GLN B 486 -52.82 8.54 206.14
C GLN B 486 -52.78 9.23 207.50
N GLN B 487 -51.87 10.18 207.68
CA GLN B 487 -51.80 10.95 208.92
C GLN B 487 -53.08 11.75 209.16
N ASP B 488 -53.60 12.37 208.12
CA ASP B 488 -54.90 13.04 208.20
C ASP B 488 -56.00 12.12 208.75
N LYS B 489 -56.10 10.91 208.19
CA LYS B 489 -57.03 9.92 208.73
C LYS B 489 -56.77 9.60 210.19
N GLN B 490 -55.52 9.34 210.56
CA GLN B 490 -55.21 8.99 211.95
C GLN B 490 -55.50 10.13 212.93
N TYR B 491 -55.33 11.37 212.49
CA TYR B 491 -55.73 12.51 213.30
C TYR B 491 -57.24 12.59 213.44
N ASN B 492 -57.97 12.53 212.33
CA ASN B 492 -59.43 12.66 212.46
C ASN B 492 -60.02 11.51 213.27
N ASP B 493 -59.46 10.30 213.12
CA ASP B 493 -59.84 9.17 213.97
C ASP B 493 -59.63 9.46 215.46
N GLY B 494 -58.45 9.98 215.82
CA GLY B 494 -58.23 10.36 217.21
C GLY B 494 -59.17 11.43 217.70
N LYS B 495 -59.31 12.51 216.94
CA LYS B 495 -60.21 13.60 217.30
C LYS B 495 -61.63 13.11 217.53
N GLN B 496 -62.18 12.34 216.58
CA GLN B 496 -63.56 11.90 216.68
C GLN B 496 -63.77 10.89 217.82
N LYS B 497 -62.82 9.97 218.01
CA LYS B 497 -62.95 9.06 219.15
C LYS B 497 -62.87 9.79 220.48
N GLU B 498 -61.97 10.77 220.62
CA GLU B 498 -61.90 11.52 221.87
C GLU B 498 -63.12 12.42 222.08
N ARG B 499 -63.69 12.95 221.01
CA ARG B 499 -64.99 13.63 221.10
C ARG B 499 -66.08 12.70 221.62
N LEU B 500 -66.18 11.50 221.05
CA LEU B 500 -67.17 10.54 221.54
C LEU B 500 -66.91 10.17 223.00
N GLN B 501 -65.66 9.93 223.37
CA GLN B 501 -65.34 9.58 224.75
C GLN B 501 -65.69 10.71 225.73
N MET B 502 -65.48 11.96 225.33
CA MET B 502 -65.93 13.09 226.16
C MET B 502 -67.45 13.15 226.26
N MET B 503 -68.15 12.98 225.14
CA MET B 503 -69.62 12.95 225.19
C MET B 503 -70.14 11.85 226.11
N MET B 504 -69.53 10.67 226.03
CA MET B 504 -69.91 9.57 226.93
C MET B 504 -69.53 9.84 228.37
N SER B 505 -68.46 10.58 228.62
CA SER B 505 -68.12 10.95 230.00
C SER B 505 -69.11 11.95 230.56
N LEU B 506 -69.54 12.92 229.76
CA LEU B 506 -70.41 13.98 230.26
C LEU B 506 -71.82 13.46 230.50
N ALA E 2 10.77 21.55 -29.41
CA ALA E 2 10.00 21.79 -30.62
C ALA E 2 10.93 22.15 -31.77
N SER E 3 10.67 21.57 -32.94
CA SER E 3 11.49 21.82 -34.11
C SER E 3 10.60 21.95 -35.34
N GLU E 4 10.66 23.10 -36.00
CA GLU E 4 9.79 23.46 -37.10
C GLU E 4 10.61 23.67 -38.35
N ALA E 5 10.11 23.18 -39.47
CA ALA E 5 10.74 23.42 -40.76
C ALA E 5 10.21 24.66 -41.45
N LYS E 6 8.93 24.99 -41.24
CA LYS E 6 8.27 26.08 -41.97
C LYS E 6 9.02 27.40 -41.86
N GLN E 7 9.73 27.64 -40.75
CA GLN E 7 10.72 28.70 -40.71
C GLN E 7 12.01 28.06 -40.21
N THR E 8 13.11 28.32 -40.89
CA THR E 8 14.42 27.97 -40.38
C THR E 8 15.45 28.72 -41.19
N VAL E 9 16.52 29.12 -40.52
CA VAL E 9 17.65 29.79 -41.15
C VAL E 9 18.91 28.97 -40.91
N HIS E 10 19.82 29.03 -41.87
CA HIS E 10 21.13 28.45 -41.67
C HIS E 10 21.94 29.28 -40.69
N THR E 11 22.82 28.61 -39.97
CA THR E 11 23.69 29.24 -38.99
C THR E 11 25.06 28.59 -39.06
N GLY E 12 26.03 29.24 -38.43
CA GLY E 12 27.39 28.73 -38.45
C GLY E 12 27.52 27.28 -38.01
N ASN E 13 26.64 26.83 -37.11
CA ASN E 13 26.67 25.45 -36.64
C ASN E 13 25.94 24.49 -37.56
N THR E 14 25.06 24.99 -38.44
CA THR E 14 24.21 24.14 -39.25
C THR E 14 24.88 23.66 -40.53
N VAL E 15 26.02 24.23 -40.91
CA VAL E 15 26.56 24.10 -42.26
C VAL E 15 27.99 23.58 -42.19
N LEU E 16 28.25 22.48 -42.88
CA LEU E 16 29.60 22.00 -43.12
C LEU E 16 30.17 22.58 -44.40
N LEU E 17 31.49 22.83 -44.38
CA LEU E 17 32.25 23.13 -45.58
C LEU E 17 33.12 21.92 -45.90
N MET E 18 33.04 21.45 -47.15
CA MET E 18 33.75 20.24 -47.58
C MET E 18 34.55 20.52 -48.84
N ILE E 19 35.77 20.01 -48.87
CA ILE E 19 36.63 20.05 -50.05
C ILE E 19 37.19 18.65 -50.27
N LYS E 20 37.02 18.13 -51.48
CA LYS E 20 37.47 16.78 -51.85
C LYS E 20 36.97 15.71 -50.87
N GLY E 21 35.78 15.92 -50.33
CA GLY E 21 35.18 14.95 -49.43
C GLY E 21 35.74 14.93 -48.03
N LYS E 22 36.53 15.92 -47.64
CA LYS E 22 36.96 16.11 -46.27
C LYS E 22 36.36 17.41 -45.72
N PRO E 23 35.83 17.43 -44.50
CA PRO E 23 35.42 18.72 -43.93
C PRO E 23 36.63 19.56 -43.54
N VAL E 24 36.52 20.86 -43.78
CA VAL E 24 37.56 21.82 -43.43
C VAL E 24 37.38 22.20 -41.96
N GLY E 25 38.30 21.75 -41.12
CA GLY E 25 38.25 22.12 -39.71
C GLY E 25 38.60 23.57 -39.46
N ARG E 26 37.96 24.12 -38.43
CA ARG E 26 38.24 25.45 -37.89
C ARG E 26 38.08 26.57 -38.90
N ALA E 27 37.32 26.36 -39.97
CA ALA E 27 36.95 27.45 -40.87
C ALA E 27 36.15 28.49 -40.12
N GLN E 28 36.55 29.75 -40.24
CA GLN E 28 35.91 30.86 -39.54
C GLN E 28 34.86 31.60 -40.35
N SER E 29 35.05 31.74 -41.66
CA SER E 29 34.01 32.32 -42.51
C SER E 29 34.18 31.83 -43.93
N ALA E 30 33.10 31.89 -44.68
CA ALA E 30 33.12 31.76 -46.13
C ALA E 30 32.26 32.86 -46.71
N SER E 31 32.79 33.56 -47.73
CA SER E 31 32.07 34.66 -48.37
C SER E 31 32.01 34.41 -49.87
N GLY E 32 30.80 34.25 -50.40
CA GLY E 32 30.58 34.04 -51.82
C GLY E 32 29.97 35.30 -52.44
N GLN E 33 30.58 35.73 -53.55
CA GLN E 33 30.21 36.97 -54.21
C GLN E 33 30.05 36.67 -55.70
N ARG E 34 29.18 37.43 -56.37
CA ARG E 34 28.73 37.06 -57.70
C ARG E 34 28.22 38.28 -58.45
N GLU E 35 28.56 38.38 -59.72
CA GLU E 35 28.27 39.57 -60.51
C GLU E 35 27.99 39.17 -61.95
N TYR E 36 27.02 39.86 -62.58
CA TYR E 36 26.59 39.54 -63.93
C TYR E 36 26.89 40.62 -64.97
N GLY E 37 27.45 41.75 -64.58
CA GLY E 37 27.72 42.80 -65.53
C GLY E 37 26.50 43.48 -66.13
N THR E 38 25.42 43.60 -65.36
CA THR E 38 24.15 44.10 -65.89
C THR E 38 24.31 45.54 -66.40
N THR E 39 24.08 45.74 -67.70
CA THR E 39 24.29 47.01 -68.37
C THR E 39 22.96 47.53 -68.91
N GLY E 40 22.66 48.79 -68.62
CA GLY E 40 21.43 49.41 -69.07
C GLY E 40 21.54 49.98 -70.48
N VAL E 41 20.46 49.87 -71.24
CA VAL E 41 20.39 50.33 -72.62
C VAL E 41 19.65 51.66 -72.66
N TYR E 42 20.24 52.65 -73.32
CA TYR E 42 19.70 53.99 -73.45
C TYR E 42 19.72 54.40 -74.92
N GLU E 43 18.87 55.37 -75.26
CA GLU E 43 18.74 55.80 -76.65
C GLU E 43 18.28 57.25 -76.69
N ILE E 44 18.50 57.86 -77.86
CA ILE E 44 17.89 59.15 -78.16
C ILE E 44 16.38 59.01 -78.13
N GLY E 45 15.71 59.92 -77.43
CA GLY E 45 14.27 59.97 -77.35
C GLY E 45 13.70 59.77 -75.96
N SER E 46 14.47 59.23 -75.01
CA SER E 46 14.04 59.23 -73.63
C SER E 46 15.24 59.10 -72.71
N ILE E 47 15.09 59.62 -71.50
CA ILE E 47 16.08 59.41 -70.44
C ILE E 47 15.96 58.07 -69.75
N MET E 48 14.88 57.33 -69.98
CA MET E 48 14.62 56.08 -69.27
C MET E 48 15.51 54.96 -69.81
N PRO E 49 15.94 54.03 -68.95
CA PRO E 49 16.47 52.76 -69.48
C PRO E 49 15.41 52.00 -70.24
N GLN E 50 15.76 51.51 -71.43
CA GLN E 50 14.87 50.70 -72.23
C GLN E 50 14.94 49.22 -71.89
N GLU E 51 16.11 48.75 -71.44
CA GLU E 51 16.36 47.33 -71.29
C GLU E 51 17.60 47.16 -70.43
N HIS E 52 17.76 45.96 -69.87
CA HIS E 52 19.01 45.56 -69.23
C HIS E 52 19.51 44.26 -69.85
N VAL E 53 20.82 44.16 -69.98
CA VAL E 53 21.47 43.00 -70.60
C VAL E 53 22.57 42.48 -69.69
N TYR E 54 22.71 41.16 -69.63
CA TYR E 54 23.80 40.52 -68.90
C TYR E 54 24.97 40.27 -69.84
N LEU E 55 26.18 40.65 -69.42
CA LEU E 55 27.32 40.69 -70.33
C LEU E 55 28.55 39.93 -69.84
N ARG E 56 28.74 39.80 -68.53
CA ARG E 56 29.97 39.18 -68.03
C ARG E 56 29.72 38.65 -66.62
N TYR E 57 29.75 37.33 -66.48
CA TYR E 57 29.65 36.68 -65.17
C TYR E 57 31.00 36.71 -64.45
N GLU E 58 30.95 37.00 -63.16
CA GLU E 58 32.13 36.95 -62.29
C GLU E 58 31.71 36.56 -60.89
N GLY E 59 32.60 35.84 -60.20
CA GLY E 59 32.34 35.48 -58.81
C GLY E 59 33.58 34.98 -58.08
N THR E 60 33.60 35.14 -56.76
CA THR E 60 34.71 34.66 -55.93
C THR E 60 34.19 34.03 -54.65
N ILE E 61 34.97 33.09 -54.11
CA ILE E 61 34.73 32.49 -52.80
C ILE E 61 35.96 32.78 -51.94
N THR E 62 35.75 33.40 -50.79
CA THR E 62 36.80 33.76 -49.86
C THR E 62 36.61 32.99 -48.55
N VAL E 63 37.67 32.36 -48.07
CA VAL E 63 37.60 31.54 -46.86
C VAL E 63 38.65 32.03 -45.88
N GLU E 64 38.24 32.25 -44.63
CA GLU E 64 39.14 32.53 -43.53
C GLU E 64 39.19 31.33 -42.61
N ARG E 65 40.39 31.01 -42.12
CA ARG E 65 40.58 29.81 -41.32
C ARG E 65 41.71 30.05 -40.33
N LEU E 66 41.59 29.44 -39.15
CA LEU E 66 42.69 29.43 -38.21
C LEU E 66 43.76 28.45 -38.68
N ARG E 67 45.01 28.88 -38.66
CA ARG E 67 46.10 28.06 -39.19
C ARG E 67 46.37 26.90 -38.24
N MET E 68 45.95 25.71 -38.63
CA MET E 68 46.24 24.52 -37.85
C MET E 68 47.70 24.13 -37.98
N LYS E 69 48.16 23.32 -37.03
CA LYS E 69 49.53 22.80 -37.10
C LYS E 69 49.68 21.72 -38.15
N LYS E 70 48.57 21.10 -38.57
CA LYS E 70 48.57 20.11 -39.64
C LYS E 70 47.33 20.33 -40.49
N GLU E 71 47.39 19.85 -41.72
CA GLU E 71 46.27 19.96 -42.67
C GLU E 71 45.88 21.41 -42.93
N ASN E 72 46.87 22.30 -42.96
CA ASN E 72 46.69 23.62 -43.55
C ASN E 72 46.28 23.51 -45.01
N PHE E 73 45.79 24.62 -45.57
CA PHE E 73 45.60 24.66 -47.02
C PHE E 73 46.91 24.40 -47.75
N ALA E 74 48.05 24.83 -47.19
CA ALA E 74 49.32 24.51 -47.80
C ALA E 74 49.66 23.02 -47.65
N ASP E 75 49.38 22.44 -46.48
CA ASP E 75 49.67 21.02 -46.29
C ASP E 75 48.68 20.15 -47.06
N LEU E 76 47.41 20.55 -47.08
CA LEU E 76 46.44 19.86 -47.92
C LEU E 76 46.73 20.03 -49.40
N GLY E 77 47.53 21.03 -49.78
CA GLY E 77 47.88 21.26 -51.16
C GLY E 77 46.95 22.18 -51.90
N TYR E 78 45.88 22.64 -51.28
CA TYR E 78 44.92 23.49 -51.99
C TYR E 78 45.48 24.88 -52.23
N ALA E 79 46.16 25.45 -51.23
CA ALA E 79 46.92 26.68 -51.39
C ALA E 79 48.28 26.41 -52.04
N SER E 80 48.91 27.49 -52.49
CA SER E 80 50.25 27.43 -53.05
C SER E 80 51.08 28.61 -52.54
N LEU E 81 52.31 28.32 -52.12
CA LEU E 81 53.24 29.33 -51.64
C LEU E 81 54.17 29.86 -52.72
N GLY E 82 54.48 29.05 -53.73
CA GLY E 82 55.47 29.41 -54.73
C GLY E 82 55.04 29.03 -56.13
N GLU E 83 56.01 28.67 -56.97
CA GLU E 83 55.69 28.38 -58.37
C GLU E 83 54.81 27.15 -58.54
N GLU E 84 54.69 26.29 -57.53
CA GLU E 84 53.85 25.10 -57.68
C GLU E 84 52.36 25.42 -57.84
N ILE E 85 51.95 26.68 -57.68
CA ILE E 85 50.61 27.10 -58.09
C ILE E 85 50.32 26.69 -59.53
N LEU E 86 51.34 26.71 -60.39
CA LEU E 86 51.19 26.30 -61.78
C LEU E 86 50.81 24.84 -61.97
N LYS E 87 50.86 24.02 -60.91
CA LYS E 87 50.59 22.59 -61.01
C LYS E 87 49.35 22.14 -60.24
N LYS E 88 48.51 23.07 -59.80
CA LYS E 88 47.29 22.77 -59.06
C LYS E 88 46.10 22.79 -60.01
N ASP E 89 45.41 21.66 -60.14
CA ASP E 89 44.17 21.62 -60.90
C ASP E 89 43.06 22.32 -60.13
N ILE E 90 42.02 22.73 -60.87
CA ILE E 90 40.86 23.32 -60.24
C ILE E 90 40.20 22.32 -59.29
N ILE E 91 39.59 22.85 -58.23
CA ILE E 91 38.90 22.05 -57.21
C ILE E 91 37.51 22.61 -57.01
N ASP E 92 36.60 21.75 -56.57
CA ASP E 92 35.21 22.11 -56.29
C ASP E 92 34.98 22.18 -54.79
N ILE E 93 34.40 23.28 -54.33
CA ILE E 93 34.14 23.54 -52.91
C ILE E 93 32.65 23.38 -52.68
N LEU E 94 32.27 22.53 -51.73
CA LEU E 94 30.89 22.23 -51.42
C LEU E 94 30.54 22.78 -50.05
N VAL E 95 29.39 23.44 -49.96
CA VAL E 95 28.78 23.85 -48.70
C VAL E 95 27.58 22.95 -48.48
N VAL E 96 27.53 22.27 -47.34
CA VAL E 96 26.68 21.10 -47.14
C VAL E 96 25.91 21.28 -45.84
N ASP E 97 24.63 20.92 -45.87
CA ASP E 97 23.81 20.89 -44.66
C ASP E 97 24.37 19.87 -43.66
N ASN E 98 24.58 20.33 -42.42
CA ASN E 98 25.14 19.46 -41.41
C ASN E 98 24.19 18.33 -41.01
N LEU E 99 22.89 18.60 -40.91
CA LEU E 99 21.98 17.54 -40.50
C LEU E 99 21.80 16.50 -41.59
N THR E 100 21.37 16.93 -42.78
CA THR E 100 20.98 15.99 -43.84
C THR E 100 22.15 15.54 -44.71
N LYS E 101 23.33 16.14 -44.56
CA LYS E 101 24.47 15.87 -45.43
C LYS E 101 24.15 16.20 -46.88
N GLN E 102 23.33 17.21 -47.10
CA GLN E 102 22.74 17.52 -48.40
C GLN E 102 23.35 18.82 -48.91
N VAL E 103 23.76 18.83 -50.17
CA VAL E 103 24.52 19.96 -50.71
C VAL E 103 23.63 21.19 -50.81
N ILE E 104 24.08 22.28 -50.18
CA ILE E 104 23.39 23.56 -50.23
C ILE E 104 23.81 24.35 -51.46
N ILE E 105 25.11 24.50 -51.69
CA ILE E 105 25.62 25.19 -52.86
C ILE E 105 27.00 24.62 -53.19
N SER E 106 27.27 24.50 -54.49
CA SER E 106 28.55 24.04 -55.01
C SER E 106 29.23 25.18 -55.76
N TYR E 107 30.51 25.42 -55.45
CA TYR E 107 31.34 26.31 -56.24
C TYR E 107 32.28 25.46 -57.09
N HIS E 108 32.15 25.57 -58.42
CA HIS E 108 32.85 24.70 -59.35
C HIS E 108 34.00 25.42 -60.03
N GLY E 109 35.13 24.72 -60.15
CA GLY E 109 36.30 25.25 -60.83
C GLY E 109 37.00 26.37 -60.10
N CYS E 110 37.23 26.19 -58.80
CA CYS E 110 37.90 27.22 -58.02
C CYS E 110 39.37 27.29 -58.36
N SER E 111 39.90 28.52 -58.38
CA SER E 111 41.31 28.76 -58.71
C SER E 111 41.81 29.93 -57.89
N ALA E 112 42.94 29.74 -57.22
CA ALA E 112 43.37 30.66 -56.16
C ALA E 112 43.82 32.00 -56.71
N ASN E 113 43.31 33.08 -56.12
CA ASN E 113 43.77 34.44 -56.42
C ASN E 113 44.89 34.88 -55.49
N ASN E 114 44.73 34.70 -54.18
CA ASN E 114 45.71 35.15 -53.20
C ASN E 114 45.60 34.29 -51.95
N TYR E 115 46.67 34.30 -51.16
CA TYR E 115 46.77 33.52 -49.94
C TYR E 115 47.53 34.31 -48.89
N ASN E 116 46.96 34.42 -47.69
CA ASN E 116 47.55 35.22 -46.62
C ASN E 116 47.72 34.38 -45.35
N GLU E 117 48.78 34.70 -44.60
CA GLU E 117 48.96 34.24 -43.22
C GLU E 117 49.38 35.42 -42.37
N THR E 118 48.78 35.55 -41.18
CA THR E 118 49.11 36.61 -40.24
C THR E 118 49.57 35.98 -38.94
N TRP E 119 50.80 36.32 -38.51
CA TRP E 119 51.38 35.84 -37.26
C TRP E 119 51.38 37.02 -36.28
N GLN E 120 50.69 36.87 -35.16
CA GLN E 120 50.49 37.97 -34.23
C GLN E 120 50.51 37.46 -32.79
N THR E 121 50.89 38.33 -31.87
CA THR E 121 51.43 37.91 -30.58
C THR E 121 50.37 37.57 -29.53
N ASN E 122 49.15 38.08 -29.67
CA ASN E 122 48.08 37.79 -28.70
C ASN E 122 46.93 37.02 -29.32
N GLU E 123 47.15 36.37 -30.46
CA GLU E 123 46.06 35.83 -31.27
C GLU E 123 46.49 34.50 -31.84
N ILE E 124 45.49 33.72 -32.25
CA ILE E 124 45.71 32.54 -33.08
C ILE E 124 46.03 32.97 -34.50
N VAL E 125 46.93 32.23 -35.15
CA VAL E 125 47.32 32.53 -36.53
C VAL E 125 46.14 32.27 -37.46
N THR E 126 45.98 33.14 -38.46
CA THR E 126 44.85 33.09 -39.38
C THR E 126 45.35 32.85 -40.81
N GLU E 127 44.81 31.82 -41.45
CA GLU E 127 44.82 31.70 -42.91
C GLU E 127 43.66 32.44 -43.54
N GLU E 128 43.89 33.01 -44.72
CA GLU E 128 42.80 33.46 -45.57
C GLU E 128 43.17 33.21 -47.03
N ILE E 129 42.20 32.77 -47.81
CA ILE E 129 42.40 32.42 -49.22
C ILE E 129 41.19 32.87 -50.01
N GLU E 130 41.42 33.27 -51.26
CA GLU E 130 40.37 33.68 -52.19
C GLU E 130 40.53 32.92 -53.50
N PHE E 131 39.43 32.36 -54.00
CA PHE E 131 39.40 31.66 -55.28
C PHE E 131 38.44 32.37 -56.24
N SER E 132 38.85 32.50 -57.50
CA SER E 132 37.90 32.63 -58.60
C SER E 132 37.35 31.26 -58.99
N TYR E 133 36.07 31.23 -59.37
CA TYR E 133 35.42 29.99 -59.76
C TYR E 133 34.65 30.16 -61.07
N LEU E 134 34.47 29.05 -61.78
CA LEU E 134 33.86 29.08 -63.11
C LEU E 134 32.35 29.23 -63.02
N THR E 135 31.70 28.54 -62.09
CA THR E 135 30.26 28.67 -61.91
C THR E 135 29.90 28.18 -60.52
N ALA E 136 28.67 28.46 -60.12
CA ALA E 136 28.07 27.91 -58.91
C ALA E 136 26.71 27.32 -59.22
N SER E 137 26.29 26.35 -58.42
CA SER E 137 25.01 25.70 -58.63
C SER E 137 24.52 25.11 -57.33
N ASP E 138 23.21 24.84 -57.29
CA ASP E 138 22.61 24.05 -56.23
C ASP E 138 21.73 22.98 -56.88
N LYS E 139 21.56 21.87 -56.17
CA LYS E 139 20.73 20.77 -56.64
C LYS E 139 19.79 20.33 -55.54
N ALA E 140 18.56 20.02 -55.91
CA ALA E 140 17.50 19.68 -54.96
C ALA E 140 16.57 18.63 -55.54
N ALA F 2 6.87 28.67 -33.29
CA ALA F 2 6.00 28.37 -32.16
C ALA F 2 6.39 29.21 -30.97
N ILE F 3 5.59 29.15 -29.90
CA ILE F 3 6.08 29.49 -28.58
C ILE F 3 6.90 28.31 -28.07
N THR F 4 7.95 28.61 -27.31
CA THR F 4 8.92 27.60 -26.89
C THR F 4 9.24 27.81 -25.43
N SER F 5 9.77 26.75 -24.81
CA SER F 5 10.10 26.74 -23.39
C SER F 5 11.47 26.08 -23.24
N VAL F 6 12.52 26.90 -23.24
CA VAL F 6 13.88 26.37 -23.27
C VAL F 6 14.14 25.49 -22.05
N ASP F 7 13.61 25.86 -20.89
CA ASP F 7 13.86 25.09 -19.68
C ASP F 7 13.33 23.67 -19.79
N SER F 8 12.10 23.51 -20.28
CA SER F 8 11.53 22.18 -20.40
C SER F 8 12.20 21.38 -21.50
N TYR F 9 12.64 22.04 -22.56
CA TYR F 9 13.46 21.37 -23.57
C TYR F 9 14.73 20.82 -22.94
N LEU F 10 15.45 21.66 -22.18
CA LEU F 10 16.69 21.21 -21.58
C LEU F 10 16.46 20.06 -20.61
N LEU F 11 15.42 20.13 -19.78
CA LEU F 11 15.14 19.03 -18.87
C LEU F 11 14.88 17.74 -19.64
N SER F 12 14.03 17.82 -20.68
CA SER F 12 13.67 16.64 -21.45
C SER F 12 14.87 16.07 -22.19
N GLU F 13 15.79 16.92 -22.62
CA GLU F 13 16.91 16.47 -23.41
C GLU F 13 18.04 15.95 -22.51
N ILE F 14 18.29 16.63 -21.40
CA ILE F 14 19.39 16.25 -20.52
C ILE F 14 19.11 14.93 -19.82
N LYS F 15 17.88 14.73 -19.31
CA LYS F 15 17.65 13.53 -18.51
C LYS F 15 17.97 12.23 -19.22
N PRO F 16 17.46 11.96 -20.43
CA PRO F 16 17.82 10.69 -21.08
C PRO F 16 19.29 10.60 -21.43
N ARG F 17 19.89 11.69 -21.88
CA ARG F 17 21.30 11.67 -22.25
C ARG F 17 22.17 11.39 -21.03
N LEU F 18 21.85 12.03 -19.90
CA LEU F 18 22.58 11.78 -18.67
C LEU F 18 22.47 10.31 -18.26
N ASN F 19 21.26 9.75 -18.33
CA ASN F 19 21.10 8.34 -17.99
C ASN F 19 21.94 7.45 -18.89
N THR F 20 21.89 7.71 -20.21
CA THR F 20 22.58 6.84 -21.15
C THR F 20 24.09 6.96 -21.08
N VAL F 21 24.63 8.12 -20.68
CA VAL F 21 26.07 8.18 -20.40
C VAL F 21 26.39 7.42 -19.12
N LEU F 22 25.61 7.63 -18.06
CA LEU F 22 25.96 7.03 -16.77
C LEU F 22 25.88 5.51 -16.80
N GLU F 23 25.00 4.94 -17.61
CA GLU F 23 24.94 3.48 -17.76
C GLU F 23 26.04 2.91 -18.65
N ASN F 24 27.01 3.71 -19.10
CA ASN F 24 27.99 3.30 -20.10
C ASN F 24 29.40 3.70 -19.64
N CYS F 25 30.12 2.76 -19.04
CA CYS F 25 31.33 3.09 -18.28
C CYS F 25 32.43 3.70 -19.14
N TYR F 26 32.66 3.17 -20.34
CA TYR F 26 33.80 3.68 -21.11
C TYR F 26 33.59 5.11 -21.59
N ILE F 27 32.35 5.58 -21.68
CA ILE F 27 32.13 6.98 -22.01
C ILE F 27 32.66 7.87 -20.90
N ILE F 28 32.30 7.56 -19.65
CA ILE F 28 32.81 8.33 -18.52
C ILE F 28 34.32 8.20 -18.44
N ASP F 29 34.84 7.00 -18.70
CA ASP F 29 36.28 6.79 -18.68
C ASP F 29 37.00 7.66 -19.72
N GLU F 30 36.31 7.99 -20.81
CA GLU F 30 36.88 8.90 -21.80
C GLU F 30 36.70 10.37 -21.41
N VAL F 31 35.52 10.71 -20.87
CA VAL F 31 35.24 12.10 -20.50
C VAL F 31 36.18 12.58 -19.40
N LEU F 32 36.47 11.72 -18.42
CA LEU F 32 37.24 12.09 -17.24
C LEU F 32 38.73 11.77 -17.38
N LYS F 33 39.22 11.55 -18.61
CA LYS F 33 40.62 11.14 -18.79
C LYS F 33 41.61 12.17 -18.26
N ASP F 34 41.23 13.45 -18.19
CA ASP F 34 42.12 14.49 -17.72
C ASP F 34 42.15 14.67 -16.20
N PHE F 35 41.18 14.12 -15.47
CA PHE F 35 41.14 14.25 -14.02
C PHE F 35 42.16 13.34 -13.35
N ASP F 36 42.43 13.64 -12.07
CA ASP F 36 43.25 12.78 -11.24
C ASP F 36 42.69 11.37 -11.22
N TYR F 37 43.59 10.38 -11.21
CA TYR F 37 43.19 8.98 -11.27
C TYR F 37 42.18 8.61 -10.18
N GLN F 38 42.42 9.05 -8.94
CA GLN F 38 41.53 8.67 -7.86
C GLN F 38 40.17 9.34 -7.97
N THR F 39 40.14 10.61 -8.37
CA THR F 39 38.86 11.27 -8.65
C THR F 39 38.07 10.49 -9.69
N ARG F 40 38.73 10.12 -10.79
CA ARG F 40 38.07 9.41 -11.87
C ARG F 40 37.50 8.08 -11.39
N GLU F 41 38.34 7.28 -10.72
CA GLU F 41 37.90 5.96 -10.30
C GLU F 41 36.81 6.05 -9.25
N SER F 42 36.90 7.00 -8.32
CA SER F 42 35.86 7.14 -7.32
C SER F 42 34.52 7.52 -7.94
N PHE F 43 34.53 8.48 -8.88
CA PHE F 43 33.29 8.85 -9.55
C PHE F 43 32.71 7.67 -10.32
N LYS F 44 33.56 6.95 -11.05
CA LYS F 44 33.10 5.82 -11.85
C LYS F 44 32.57 4.70 -10.96
N GLU F 45 33.19 4.47 -9.82
CA GLU F 45 32.69 3.47 -8.88
C GLU F 45 31.33 3.88 -8.31
N ALA F 46 31.19 5.14 -7.91
CA ALA F 46 29.99 5.55 -7.20
C ALA F 46 28.78 5.67 -8.15
N PHE F 47 28.90 6.48 -9.19
CA PHE F 47 27.73 6.91 -9.95
C PHE F 47 27.51 6.16 -11.26
N CYS F 48 28.46 5.35 -11.70
CA CYS F 48 28.53 4.93 -13.10
C CYS F 48 28.35 3.42 -13.21
N GLY F 49 27.83 2.99 -14.34
CA GLY F 49 27.50 1.60 -14.58
C GLY F 49 26.14 1.22 -14.04
N LYS F 50 25.66 0.06 -14.49
CA LYS F 50 24.32 -0.42 -14.13
C LYS F 50 24.21 -0.74 -12.64
N ASN F 51 25.31 -1.12 -12.00
CA ASN F 51 25.28 -1.45 -10.57
C ASN F 51 25.42 -0.23 -9.66
N ALA F 52 25.50 0.98 -10.21
CA ALA F 52 25.78 2.16 -9.42
C ALA F 52 24.77 2.32 -8.29
N GLN F 53 25.27 2.44 -7.07
CA GLN F 53 24.39 2.55 -5.90
C GLN F 53 23.91 3.97 -5.68
N HIS F 54 24.73 4.97 -6.01
CA HIS F 54 24.29 6.36 -6.02
C HIS F 54 23.66 6.70 -7.36
N GLU F 55 23.01 7.87 -7.42
CA GLU F 55 22.38 8.31 -8.65
C GLU F 55 22.41 9.83 -8.75
N VAL F 56 22.45 10.32 -9.99
CA VAL F 56 22.32 11.75 -10.27
C VAL F 56 20.85 12.03 -10.51
N THR F 57 20.46 13.31 -10.43
CA THR F 57 19.07 13.70 -10.62
C THR F 57 19.03 15.05 -11.30
N VAL F 58 17.91 15.32 -11.98
CA VAL F 58 17.72 16.58 -12.70
C VAL F 58 16.34 17.12 -12.36
N GLY F 59 16.22 18.43 -12.18
CA GLY F 59 14.92 19.05 -11.98
C GLY F 59 15.04 20.55 -11.91
N PHE F 60 13.89 21.20 -12.00
CA PHE F 60 13.81 22.66 -11.86
C PHE F 60 14.06 23.10 -10.43
N ASN F 61 14.42 24.37 -10.29
CA ASN F 61 14.57 25.03 -8.99
C ASN F 61 13.22 25.26 -8.32
N PHE F 62 13.28 25.60 -7.03
CA PHE F 62 12.16 25.79 -6.11
C PHE F 62 11.22 24.60 -5.96
N PRO F 63 11.72 23.39 -5.75
CA PRO F 63 10.84 22.31 -5.28
C PRO F 63 10.53 22.47 -3.80
N LYS F 64 9.43 21.85 -3.38
CA LYS F 64 9.02 21.88 -1.98
C LYS F 64 9.63 20.78 -1.15
N PHE F 65 10.32 19.82 -1.75
CA PHE F 65 10.90 18.66 -1.08
C PHE F 65 12.42 18.74 -1.07
N LYS F 66 13.05 17.85 -0.30
CA LYS F 66 14.50 17.76 -0.28
C LYS F 66 15.01 16.99 -1.49
N ASN F 67 16.13 17.45 -2.05
CA ASN F 67 16.75 16.84 -3.21
C ASN F 67 17.95 15.97 -2.84
N ASN F 68 18.43 15.23 -3.83
CA ASN F 68 19.65 14.41 -3.76
C ASN F 68 20.89 15.28 -3.85
N TYR F 69 21.18 15.98 -2.75
CA TYR F 69 22.31 16.91 -2.71
C TYR F 69 23.69 16.25 -2.89
N GLU F 70 23.75 14.93 -3.00
CA GLU F 70 25.01 14.30 -3.40
C GLU F 70 25.38 14.62 -4.84
N ALA F 71 24.39 14.65 -5.74
CA ALA F 71 24.63 15.02 -7.14
C ALA F 71 23.29 15.37 -7.75
N HIS F 72 23.09 16.63 -8.11
CA HIS F 72 21.81 17.07 -8.66
C HIS F 72 22.03 18.23 -9.61
N TYR F 73 21.53 18.10 -10.83
CA TYR F 73 21.53 19.19 -11.81
C TYR F 73 20.28 20.06 -11.60
N LEU F 74 20.47 21.29 -11.14
CA LEU F 74 19.38 22.22 -10.95
C LEU F 74 19.26 23.10 -12.20
N ILE F 75 18.09 23.10 -12.83
CA ILE F 75 17.81 23.86 -14.04
C ILE F 75 17.03 25.12 -13.65
N GLN F 76 17.38 26.26 -14.24
CA GLN F 76 16.99 27.56 -13.69
C GLN F 76 16.81 28.57 -14.83
N LEU F 77 15.55 28.79 -15.23
CA LEU F 77 15.24 29.63 -16.38
C LEU F 77 15.67 31.08 -16.16
N GLY F 78 16.39 31.64 -17.14
CA GLY F 78 16.99 32.95 -17.03
C GLY F 78 16.35 34.01 -17.91
N GLN F 79 17.12 35.09 -18.16
CA GLN F 79 16.71 36.26 -18.93
C GLN F 79 16.61 35.95 -20.42
N GLY F 80 16.01 36.89 -21.15
CA GLY F 80 16.14 36.94 -22.60
C GLY F 80 15.68 38.27 -23.14
N GLN F 81 15.98 38.49 -24.43
CA GLN F 81 15.53 39.68 -25.13
C GLN F 81 15.36 39.37 -26.60
N GLU F 82 14.38 40.01 -27.24
CA GLU F 82 14.27 39.95 -28.69
C GLU F 82 15.41 40.69 -29.36
N THR F 83 15.92 40.10 -30.44
CA THR F 83 17.18 40.51 -31.06
C THR F 83 17.04 40.90 -32.52
N LYS F 84 16.32 40.14 -33.34
CA LYS F 84 16.13 40.43 -34.75
C LYS F 84 14.68 40.28 -35.18
N ASN F 85 14.19 41.26 -35.95
CA ASN F 85 12.83 41.29 -36.44
C ASN F 85 12.82 41.25 -37.95
N SER F 86 11.75 40.69 -38.51
CA SER F 86 11.52 40.66 -39.95
C SER F 86 10.68 41.86 -40.37
N LEU F 87 10.81 42.27 -41.63
CA LEU F 87 9.88 43.24 -42.18
C LEU F 87 8.46 42.69 -42.12
N GLY F 88 7.53 43.51 -41.65
CA GLY F 88 6.16 43.06 -41.44
C GLY F 88 6.00 41.97 -40.40
N SER F 89 7.06 41.68 -39.65
CA SER F 89 7.14 40.55 -38.73
C SER F 89 6.85 39.21 -39.41
N ILE F 90 7.01 39.11 -40.73
CA ILE F 90 6.73 37.88 -41.46
C ILE F 90 7.96 36.99 -41.33
N GLN F 91 7.88 36.01 -40.42
CA GLN F 91 8.97 35.05 -40.30
C GLN F 91 8.98 34.05 -41.46
N SER F 92 7.82 33.74 -42.01
CA SER F 92 7.72 32.84 -43.15
C SER F 92 6.28 32.88 -43.64
N SER F 93 6.01 32.11 -44.70
CA SER F 93 4.65 31.89 -45.15
C SER F 93 4.54 30.47 -45.68
N TYR F 94 3.33 29.93 -45.65
CA TYR F 94 3.08 28.53 -45.97
C TYR F 94 1.76 28.41 -46.72
N PHE F 95 1.69 27.42 -47.59
CA PHE F 95 0.45 27.02 -48.23
C PHE F 95 -0.21 25.81 -47.55
N GLU F 96 0.43 25.23 -46.54
CA GLU F 96 -0.07 24.02 -45.91
C GLU F 96 0.50 23.94 -44.51
N ALA F 97 -0.36 23.98 -43.50
CA ALA F 97 0.06 24.11 -42.10
C ALA F 97 0.91 22.93 -41.66
N THR F 98 2.19 23.18 -41.38
CA THR F 98 3.19 22.15 -41.17
C THR F 98 3.57 22.08 -39.70
N GLY F 99 3.72 20.86 -39.19
CA GLY F 99 3.96 20.64 -37.78
C GLY F 99 5.43 20.58 -37.41
N ASP F 100 5.80 19.71 -36.48
CA ASP F 100 7.19 19.53 -36.10
C ASP F 100 7.92 18.65 -37.10
N THR F 101 9.24 18.81 -37.15
CA THR F 101 10.10 17.90 -37.91
C THR F 101 10.26 16.59 -37.14
N LEU F 102 10.32 15.50 -37.88
CA LEU F 102 10.41 14.17 -37.29
C LEU F 102 11.42 13.35 -38.09
N VAL F 103 12.05 12.39 -37.42
CA VAL F 103 12.84 11.35 -38.08
C VAL F 103 12.33 10.00 -37.57
N GLU F 104 12.03 9.11 -38.50
CA GLU F 104 11.51 7.79 -38.18
C GLU F 104 12.20 6.72 -39.01
N SER F 105 12.51 5.59 -38.38
CA SER F 105 12.95 4.41 -39.09
C SER F 105 11.77 3.74 -39.80
N SER F 106 12.04 3.17 -40.98
CA SER F 106 11.02 2.47 -41.75
C SER F 106 11.69 1.46 -42.67
N THR F 107 10.89 0.51 -43.17
CA THR F 107 11.33 -0.47 -44.15
C THR F 107 10.46 -0.39 -45.39
N ALA F 108 11.07 -0.59 -46.55
CA ALA F 108 10.32 -0.76 -47.79
C ALA F 108 9.47 -2.03 -47.74
N ILE F 109 8.35 -2.01 -48.48
CA ILE F 109 7.59 -3.21 -48.80
C ILE F 109 7.10 -3.09 -50.23
N ARG F 110 6.94 -4.23 -50.90
CA ARG F 110 6.27 -4.27 -52.19
C ARG F 110 4.77 -4.10 -52.02
N GLU F 111 4.19 -3.29 -52.90
CA GLU F 111 2.73 -3.20 -53.00
C GLU F 111 2.36 -2.83 -54.44
N ASP F 112 1.69 -3.74 -55.14
CA ASP F 112 1.19 -3.50 -56.49
C ASP F 112 2.29 -3.00 -57.42
N ASP F 113 3.45 -3.64 -57.33
CA ASP F 113 4.62 -3.29 -58.14
C ASP F 113 5.02 -1.83 -57.92
N LYS F 114 4.78 -1.31 -56.72
CA LYS F 114 5.53 -0.19 -56.17
C LYS F 114 6.20 -0.64 -54.88
N LEU F 115 7.35 -0.04 -54.58
CA LEU F 115 7.87 -0.01 -53.23
C LEU F 115 7.22 1.13 -52.46
N VAL F 116 6.90 0.91 -51.19
CA VAL F 116 6.36 1.96 -50.33
C VAL F 116 7.05 1.93 -48.97
N PHE F 117 7.24 3.12 -48.39
CA PHE F 117 7.58 3.29 -46.99
C PHE F 117 6.36 3.88 -46.28
N THR F 118 6.01 3.29 -45.13
CA THR F 118 4.91 3.80 -44.31
C THR F 118 5.46 4.60 -43.15
N VAL F 119 4.80 5.71 -42.84
CA VAL F 119 5.20 6.64 -41.80
C VAL F 119 4.02 6.81 -40.85
N SER F 120 4.33 7.08 -39.58
CA SER F 120 3.29 7.06 -38.55
C SER F 120 2.28 8.19 -38.69
N LYS F 121 2.60 9.26 -39.41
CA LYS F 121 1.79 10.45 -39.46
C LYS F 121 1.72 10.97 -40.90
N PRO F 122 0.71 11.77 -41.22
CA PRO F 122 0.64 12.37 -42.57
C PRO F 122 1.87 13.22 -42.86
N ILE F 123 2.46 13.01 -44.03
CA ILE F 123 3.69 13.70 -44.40
C ILE F 123 3.27 15.07 -44.95
N GLY F 124 3.62 16.13 -44.22
CA GLY F 124 3.44 17.49 -44.69
C GLY F 124 4.50 17.92 -45.68
N GLU F 125 5.74 17.50 -45.41
CA GLU F 125 6.82 17.65 -46.37
C GLU F 125 7.83 16.54 -46.10
N LEU F 126 8.38 15.99 -47.19
CA LEU F 126 9.47 15.03 -47.10
C LEU F 126 10.78 15.77 -47.33
N ILE F 127 11.69 15.68 -46.37
CA ILE F 127 12.98 16.34 -46.46
C ILE F 127 14.03 15.40 -47.05
N LYS F 128 14.07 14.16 -46.57
CA LYS F 128 15.09 13.22 -47.00
C LYS F 128 14.60 11.80 -46.74
N VAL F 129 14.76 10.93 -47.73
CA VAL F 129 14.79 9.49 -47.54
C VAL F 129 16.26 9.14 -47.43
N GLU F 130 16.66 8.54 -46.31
CA GLU F 130 18.07 8.29 -46.03
C GLU F 130 18.71 7.47 -47.14
N ASP F 131 19.89 7.92 -47.57
CA ASP F 131 20.77 7.18 -48.49
C ASP F 131 20.13 6.89 -49.85
N ILE F 132 19.05 7.59 -50.22
CA ILE F 132 18.46 7.44 -51.56
C ILE F 132 18.31 8.81 -52.20
N GLU F 133 18.71 8.92 -53.47
CA GLU F 133 18.33 10.01 -54.35
C GLU F 133 17.62 9.43 -55.57
N PHE F 134 16.33 9.75 -55.72
CA PHE F 134 15.52 9.19 -56.79
C PHE F 134 15.73 9.95 -58.10
N ALA F 135 15.69 9.21 -59.22
CA ALA F 135 15.56 9.78 -60.54
C ALA F 135 14.09 9.97 -60.92
N LYS F 136 13.86 10.78 -61.95
CA LYS F 136 12.50 10.96 -62.46
C LYS F 136 11.88 9.64 -62.88
N TYR F 137 12.69 8.74 -63.45
CA TYR F 137 12.19 7.42 -63.82
C TYR F 137 11.59 6.68 -62.62
N ASP F 138 12.11 6.94 -61.42
CA ASP F 138 11.64 6.22 -60.24
C ASP F 138 10.23 6.63 -59.82
N ASN F 139 9.69 7.71 -60.38
CA ASN F 139 8.31 8.12 -60.16
C ASN F 139 8.02 8.25 -58.66
N LEU F 140 8.88 8.99 -57.97
CA LEU F 140 8.67 9.27 -56.55
C LEU F 140 7.36 10.03 -56.35
N GLN F 141 6.51 9.49 -55.49
CA GLN F 141 5.29 10.18 -55.09
C GLN F 141 5.05 9.98 -53.60
N VAL F 142 4.46 10.99 -52.97
CA VAL F 142 4.03 10.95 -51.58
C VAL F 142 2.52 11.09 -51.55
N GLU F 143 1.87 10.35 -50.66
CA GLU F 143 0.42 10.38 -50.54
C GLU F 143 0.03 10.03 -49.11
N GLY F 144 -0.71 10.91 -48.47
CA GLY F 144 -1.08 10.74 -47.08
C GLY F 144 0.13 10.54 -46.19
N ASN F 145 0.18 9.41 -45.49
CA ASN F 145 1.29 9.05 -44.62
C ASN F 145 2.21 8.01 -45.25
N LYS F 146 2.20 7.90 -46.58
CA LYS F 146 3.00 6.90 -47.27
C LYS F 146 3.86 7.56 -48.33
N VAL F 147 5.06 7.03 -48.49
CA VAL F 147 5.97 7.37 -49.59
C VAL F 147 6.01 6.15 -50.49
N SER F 148 5.97 6.38 -51.81
CA SER F 148 5.82 5.31 -52.77
C SER F 148 6.82 5.47 -53.90
N PHE F 149 7.27 4.33 -54.42
CA PHE F 149 8.55 4.26 -55.13
C PHE F 149 8.46 3.07 -56.09
N LYS F 150 8.80 3.30 -57.35
CA LYS F 150 8.56 2.30 -58.39
C LYS F 150 9.40 1.04 -58.22
N TYR F 151 8.74 -0.12 -58.36
CA TYR F 151 9.35 -1.42 -58.09
C TYR F 151 10.27 -1.90 -59.21
N GLN F 152 9.93 -1.59 -60.46
CA GLN F 152 10.41 -2.35 -61.63
C GLN F 152 11.92 -2.59 -61.62
N THR F 153 12.70 -1.51 -61.51
CA THR F 153 14.16 -1.60 -61.53
C THR F 153 14.78 -1.82 -60.16
N ASN F 154 13.98 -1.85 -59.10
CA ASN F 154 14.47 -1.72 -57.73
C ASN F 154 14.24 -3.00 -56.91
N GLU F 155 13.95 -4.12 -57.59
CA GLU F 155 13.52 -5.33 -56.90
C GLU F 155 14.53 -5.79 -55.86
N ASP F 156 15.81 -5.50 -56.04
CA ASP F 156 16.80 -5.90 -55.04
C ASP F 156 16.55 -5.22 -53.70
N TYR F 157 15.91 -4.05 -53.71
CA TYR F 157 15.67 -3.26 -52.51
C TYR F 157 14.31 -3.54 -51.87
N GLU F 158 13.69 -4.68 -52.21
CA GLU F 158 12.31 -4.93 -51.81
C GLU F 158 12.09 -4.92 -50.31
N ASN F 159 13.14 -5.06 -49.50
CA ASN F 159 13.05 -4.96 -48.04
C ASN F 159 14.03 -3.95 -47.47
N TYR F 160 14.47 -2.98 -48.28
CA TYR F 160 15.47 -2.00 -47.85
C TYR F 160 14.99 -1.21 -46.62
N ASN F 161 15.92 -0.99 -45.69
CA ASN F 161 15.64 -0.29 -44.44
C ASN F 161 16.19 1.12 -44.52
N ALA F 162 15.36 2.10 -44.17
CA ALA F 162 15.71 3.51 -44.30
C ALA F 162 15.24 4.29 -43.09
N ASN F 163 15.78 5.50 -42.95
CA ASN F 163 15.25 6.52 -42.05
C ASN F 163 14.63 7.62 -42.90
N ILE F 164 13.40 8.01 -42.55
CA ILE F 164 12.69 9.10 -43.21
C ILE F 164 12.75 10.33 -42.32
N ILE F 165 13.22 11.44 -42.89
CA ILE F 165 13.15 12.75 -42.24
C ILE F 165 12.04 13.52 -42.93
N PHE F 166 11.06 13.98 -42.16
CA PHE F 166 9.87 14.59 -42.70
C PHE F 166 9.30 15.54 -41.66
N THR F 167 8.16 16.15 -41.96
CA THR F 167 7.45 16.98 -41.00
C THR F 167 5.94 16.79 -41.16
N GLU F 168 5.24 16.88 -40.03
CA GLU F 168 3.80 16.69 -40.01
C GLU F 168 3.11 17.80 -40.78
N LYS F 169 1.88 17.53 -41.21
CA LYS F 169 0.94 18.58 -41.58
C LYS F 169 -0.21 18.61 -40.57
N LYS F 170 -0.60 19.81 -40.17
CA LYS F 170 -1.82 19.98 -39.39
C LYS F 170 -3.05 19.94 -40.31
N ASN F 171 -3.09 20.85 -41.29
CA ASN F 171 -4.26 21.00 -42.12
C ASN F 171 -3.88 21.75 -43.39
N ASP F 172 -4.77 21.69 -44.37
CA ASP F 172 -4.61 22.41 -45.64
C ASP F 172 -5.15 23.82 -45.47
N SER F 173 -4.29 24.76 -45.09
CA SER F 173 -4.70 26.14 -44.98
C SER F 173 -3.52 27.07 -45.25
N LYS F 174 -3.84 28.27 -45.71
CA LYS F 174 -2.88 29.32 -45.99
C LYS F 174 -2.68 30.18 -44.75
N GLY F 175 -1.48 30.75 -44.61
CA GLY F 175 -1.29 31.75 -43.58
C GLY F 175 0.10 32.33 -43.61
N LEU F 176 0.34 33.20 -42.64
CA LEU F 176 1.63 33.86 -42.41
C LEU F 176 2.14 33.44 -41.04
N VAL F 177 3.40 33.00 -40.97
CA VAL F 177 4.08 32.82 -39.70
C VAL F 177 4.59 34.18 -39.23
N LYS F 178 3.95 34.74 -38.21
CA LYS F 178 4.27 36.05 -37.67
C LYS F 178 4.99 35.88 -36.33
N GLY F 179 6.09 36.60 -36.15
CA GLY F 179 6.86 36.49 -34.92
C GLY F 179 8.19 37.18 -35.02
N PHE F 180 9.12 36.74 -34.17
CA PHE F 180 10.42 37.42 -34.02
C PHE F 180 11.39 36.43 -33.40
N THR F 181 12.66 36.81 -33.36
CA THR F 181 13.72 36.01 -32.74
C THR F 181 14.03 36.53 -31.34
N VAL F 182 14.24 35.60 -30.41
CA VAL F 182 14.61 35.90 -29.03
C VAL F 182 15.92 35.20 -28.72
N GLU F 183 16.76 35.88 -27.94
CA GLU F 183 17.96 35.31 -27.36
C GLU F 183 17.72 35.14 -25.87
N GLU F 184 17.84 33.91 -25.37
CA GLU F 184 17.38 33.57 -24.03
C GLU F 184 18.40 32.69 -23.31
N GLN F 185 18.46 32.86 -21.99
CA GLN F 185 19.44 32.19 -21.13
C GLN F 185 18.76 31.22 -20.18
N VAL F 186 19.39 30.07 -19.97
CA VAL F 186 19.06 29.16 -18.87
C VAL F 186 20.35 28.82 -18.13
N THR F 187 20.29 28.82 -16.81
CA THR F 187 21.40 28.39 -15.97
C THR F 187 21.22 26.95 -15.52
N VAL F 188 22.32 26.20 -15.48
CA VAL F 188 22.35 24.85 -14.93
C VAL F 188 23.54 24.75 -13.98
N VAL F 189 23.33 24.13 -12.82
CA VAL F 189 24.37 23.95 -11.82
C VAL F 189 24.33 22.51 -11.30
N GLY F 190 25.49 21.87 -11.24
CA GLY F 190 25.63 20.56 -10.62
C GLY F 190 25.96 20.65 -9.15
N LEU F 191 24.95 20.51 -8.29
CA LEU F 191 25.14 20.56 -6.84
C LEU F 191 25.75 19.26 -6.31
N SER F 192 26.79 19.38 -5.49
CA SER F 192 27.24 18.27 -4.68
C SER F 192 27.90 18.80 -3.42
N PHE F 193 27.74 18.07 -2.31
CA PHE F 193 28.52 18.34 -1.12
C PHE F 193 29.97 17.84 -1.20
N ASN F 194 30.34 17.14 -2.27
CA ASN F 194 31.73 16.77 -2.55
C ASN F 194 32.19 17.61 -3.73
N VAL F 195 33.28 18.37 -3.54
CA VAL F 195 33.77 19.28 -4.57
C VAL F 195 34.24 18.52 -5.81
N ASP F 196 34.85 17.35 -5.62
CA ASP F 196 35.29 16.59 -6.78
C ASP F 196 34.12 16.05 -7.58
N VAL F 197 32.98 15.82 -6.94
CA VAL F 197 31.80 15.42 -7.67
C VAL F 197 31.25 16.59 -8.46
N ALA F 198 31.24 17.79 -7.87
CA ALA F 198 30.83 18.97 -8.63
C ALA F 198 31.69 19.16 -9.88
N ARG F 199 33.01 18.99 -9.75
CA ARG F 199 33.88 19.16 -10.91
C ARG F 199 33.62 18.10 -11.98
N CYS F 200 33.35 16.86 -11.57
CA CYS F 200 33.02 15.83 -12.55
C CYS F 200 31.65 16.07 -13.19
N LEU F 201 30.67 16.54 -12.42
CA LEU F 201 29.37 16.84 -13.00
C LEU F 201 29.48 17.98 -14.00
N ASP F 202 30.37 18.94 -13.75
CA ASP F 202 30.64 19.98 -14.74
C ASP F 202 31.16 19.38 -16.04
N ALA F 203 32.16 18.50 -15.94
CA ALA F 203 32.72 17.89 -17.15
C ALA F 203 31.65 17.11 -17.92
N VAL F 204 30.84 16.31 -17.21
CA VAL F 204 29.80 15.51 -17.87
C VAL F 204 28.77 16.42 -18.53
N LEU F 205 28.40 17.52 -17.89
CA LEU F 205 27.42 18.43 -18.49
C LEU F 205 27.97 19.08 -19.76
N LYS F 206 29.23 19.50 -19.74
CA LYS F 206 29.81 20.08 -20.95
C LYS F 206 29.83 19.07 -22.09
N MET F 207 30.17 17.81 -21.80
CA MET F 207 30.11 16.77 -22.82
C MET F 207 28.69 16.62 -23.36
N ILE F 208 27.70 16.58 -22.47
CA ILE F 208 26.32 16.41 -22.90
C ILE F 208 25.89 17.56 -23.82
N LEU F 209 26.25 18.79 -23.47
CA LEU F 209 25.83 19.93 -24.30
C LEU F 209 26.51 19.91 -25.68
N ILE F 210 27.78 19.52 -25.73
CA ILE F 210 28.45 19.37 -27.02
C ILE F 210 27.71 18.33 -27.85
N SER F 211 27.41 17.18 -27.27
CA SER F 211 26.65 16.16 -27.98
C SER F 211 25.28 16.67 -28.40
N MET F 212 24.65 17.51 -27.59
CA MET F 212 23.32 18.04 -27.90
C MET F 212 23.33 18.95 -29.11
N ARG F 213 24.45 19.63 -29.38
CA ARG F 213 24.45 20.59 -30.50
C ARG F 213 24.04 19.96 -31.83
N ASP F 214 24.23 18.67 -32.02
CA ASP F 214 23.87 18.01 -33.28
C ASP F 214 22.42 17.57 -33.38
N SER F 215 21.64 17.67 -32.30
CA SER F 215 20.28 17.17 -32.31
C SER F 215 19.38 18.02 -33.19
N ILE F 216 18.38 17.38 -33.79
CA ILE F 216 17.43 18.06 -34.67
C ILE F 216 16.72 19.17 -33.93
N GLU F 217 16.46 19.00 -32.63
CA GLU F 217 15.69 19.98 -31.88
C GLU F 217 16.37 21.34 -31.93
N GLU F 218 17.67 21.39 -31.64
CA GLU F 218 18.41 22.64 -31.59
C GLU F 218 19.20 22.89 -32.87
N GLN F 219 19.02 22.04 -33.89
CA GLN F 219 19.40 22.43 -35.25
C GLN F 219 18.30 23.23 -35.91
N GLN F 220 17.04 22.81 -35.74
CA GLN F 220 15.93 23.53 -36.34
C GLN F 220 15.52 24.74 -35.51
N THR F 221 15.49 24.62 -34.19
CA THR F 221 15.17 25.71 -33.27
C THR F 221 16.41 25.89 -32.38
N PHE F 222 16.31 26.78 -31.37
CA PHE F 222 17.32 26.88 -30.30
C PHE F 222 18.75 26.93 -30.83
N GLN F 223 18.94 27.70 -31.89
CA GLN F 223 20.23 27.72 -32.58
C GLN F 223 21.24 28.57 -31.82
N LEU F 224 22.51 28.45 -32.23
CA LEU F 224 23.61 29.24 -31.70
C LEU F 224 23.78 29.10 -30.18
N GLN F 225 23.78 27.86 -29.70
CA GLN F 225 24.13 27.59 -28.31
C GLN F 225 25.46 28.25 -27.94
N ASN F 226 25.44 29.03 -26.86
CA ASN F 226 26.64 29.71 -26.36
C ASN F 226 26.74 29.45 -24.86
N LEU F 227 27.92 29.03 -24.40
CA LEU F 227 28.14 28.61 -23.02
C LEU F 227 29.03 29.58 -22.25
N SER F 228 28.64 29.87 -21.01
CA SER F 228 29.43 30.61 -20.05
C SER F 228 29.48 29.82 -18.75
N PHE F 229 30.56 30.01 -17.98
CA PHE F 229 30.83 29.21 -16.79
C PHE F 229 31.15 30.09 -15.60
N GLY F 230 30.53 29.81 -14.45
CA GLY F 230 30.81 30.53 -13.22
C GLY F 230 31.92 29.89 -12.40
N ASP F 231 32.30 30.58 -11.33
CA ASP F 231 33.20 30.03 -10.31
C ASP F 231 32.54 28.87 -9.56
N ILE F 232 33.38 28.00 -9.02
CA ILE F 232 32.93 27.02 -8.05
C ILE F 232 32.87 27.70 -6.69
N ALA F 233 31.74 27.53 -6.00
CA ALA F 233 31.48 28.25 -4.76
C ALA F 233 30.52 27.45 -3.91
N PRO F 234 30.46 27.71 -2.61
CA PRO F 234 29.41 27.11 -1.77
C PRO F 234 28.05 27.72 -2.07
N ILE F 235 27.11 26.89 -2.52
CA ILE F 235 25.74 27.35 -2.72
C ILE F 235 25.03 27.54 -1.39
N ILE F 236 25.25 26.64 -0.44
CA ILE F 236 24.71 26.74 0.90
C ILE F 236 25.85 26.45 1.87
N GLU F 237 25.91 27.22 2.95
CA GLU F 237 27.12 27.34 3.73
C GLU F 237 26.95 27.04 5.22
N ASP F 238 25.73 26.78 5.70
CA ASP F 238 25.45 26.75 7.12
C ASP F 238 24.66 25.51 7.52
N GLY F 239 24.80 24.42 6.76
CA GLY F 239 24.40 23.12 7.23
C GLY F 239 25.49 22.49 8.08
N ASP F 240 25.34 21.20 8.34
CA ASP F 240 26.47 20.43 8.87
C ASP F 240 27.60 20.32 7.85
N SER F 241 27.33 20.61 6.58
CA SER F 241 28.36 20.68 5.56
C SER F 241 27.92 21.68 4.51
N MET F 242 28.89 22.22 3.78
CA MET F 242 28.61 23.07 2.63
C MET F 242 28.16 22.26 1.42
N ILE F 243 27.37 22.90 0.57
CA ILE F 243 26.98 22.38 -0.73
C ILE F 243 27.63 23.25 -1.80
N PHE F 244 28.36 22.63 -2.71
CA PHE F 244 29.11 23.33 -3.75
C PHE F 244 28.45 23.17 -5.11
N GLY F 245 28.74 24.13 -5.99
CA GLY F 245 28.36 23.99 -7.38
C GLY F 245 29.13 24.96 -8.25
N ARG F 246 29.19 24.63 -9.54
CA ARG F 246 29.73 25.54 -10.56
C ARG F 246 28.64 25.85 -11.59
N PRO F 247 28.10 27.06 -11.65
CA PRO F 247 27.07 27.35 -12.65
C PRO F 247 27.61 27.33 -14.06
N THR F 248 26.74 26.94 -15.00
CA THR F 248 26.92 27.23 -16.42
C THR F 248 25.68 27.90 -16.94
N ILE F 249 25.85 28.86 -17.84
CA ILE F 249 24.76 29.55 -18.52
C ILE F 249 24.74 29.08 -19.96
N ILE F 250 23.60 28.55 -20.40
CA ILE F 250 23.40 28.17 -21.79
C ILE F 250 22.48 29.22 -22.43
N LYS F 251 22.97 29.86 -23.49
CA LYS F 251 22.23 30.87 -24.22
C LYS F 251 21.87 30.35 -25.60
N TYR F 252 20.61 30.58 -26.00
CA TYR F 252 20.08 30.10 -27.26
C TYR F 252 19.40 31.23 -28.01
N THR F 253 19.47 31.17 -29.34
CA THR F 253 18.70 32.06 -30.20
C THR F 253 17.59 31.24 -30.83
N SER F 254 16.36 31.75 -30.77
CA SER F 254 15.21 30.99 -31.21
C SER F 254 14.09 31.93 -31.64
N SER F 255 13.15 31.36 -32.40
CA SER F 255 12.01 32.10 -32.95
C SER F 255 10.76 31.90 -32.10
N LEU F 256 10.10 33.01 -31.76
CA LEU F 256 8.76 33.01 -31.20
C LEU F 256 7.79 33.48 -32.28
N ASP F 257 6.78 32.67 -32.59
CA ASP F 257 5.89 33.02 -33.70
C ASP F 257 4.55 32.29 -33.59
N LEU F 258 3.58 32.80 -34.35
CA LEU F 258 2.22 32.27 -34.41
C LEU F 258 1.82 32.05 -35.86
N ASP F 259 0.95 31.06 -36.07
CA ASP F 259 0.34 30.81 -37.38
C ASP F 259 -0.90 31.67 -37.55
N TYR F 260 -0.76 32.81 -38.22
CA TYR F 260 -1.89 33.62 -38.65
C TYR F 260 -2.47 33.05 -39.94
N THR F 261 -3.54 32.27 -39.83
CA THR F 261 -4.17 31.69 -41.01
C THR F 261 -4.96 32.75 -41.78
N ILE F 262 -4.96 32.63 -43.11
CA ILE F 262 -5.71 33.51 -43.98
C ILE F 262 -6.86 32.71 -44.57
N THR F 263 -8.09 33.15 -44.29
CA THR F 263 -9.27 32.50 -44.85
C THR F 263 -9.55 32.96 -46.27
N GLN F 264 -9.18 34.20 -46.61
CA GLN F 264 -9.44 34.73 -47.94
C GLN F 264 -8.72 33.90 -48.98
N ASP F 265 -9.47 33.49 -50.00
CA ASP F 265 -8.92 32.82 -51.18
C ASP F 265 -9.67 33.33 -52.39
N ILE F 266 -8.95 33.47 -53.51
CA ILE F 266 -9.51 33.95 -54.76
C ILE F 266 -9.18 32.90 -55.82
N ASN F 267 -10.21 32.44 -56.53
CA ASN F 267 -10.07 31.34 -57.47
C ASN F 267 -10.48 31.68 -58.90
N LYS F 268 -11.09 32.84 -59.14
CA LYS F 268 -11.31 33.29 -60.50
C LYS F 268 -11.35 34.81 -60.53
N LEU F 269 -10.55 35.40 -61.42
CA LEU F 269 -10.84 36.73 -61.92
C LEU F 269 -11.92 36.65 -62.98
N THR F 270 -12.70 37.72 -63.10
CA THR F 270 -13.64 37.87 -64.20
C THR F 270 -13.60 39.30 -64.70
N PHE F 271 -13.77 39.46 -66.00
CA PHE F 271 -13.63 40.73 -66.70
C PHE F 271 -14.96 41.13 -67.30
N LYS F 272 -15.25 42.44 -67.28
CA LYS F 272 -16.43 43.00 -67.90
C LYS F 272 -16.07 44.34 -68.50
N GLU F 273 -16.66 44.65 -69.65
CA GLU F 273 -16.58 45.98 -70.23
C GLU F 273 -17.92 46.68 -70.07
N ARG F 274 -17.87 47.92 -69.56
CA ARG F 274 -19.04 48.76 -69.41
C ARG F 274 -18.79 50.08 -70.13
N LYS F 275 -19.83 50.57 -70.81
CA LYS F 275 -19.69 51.62 -71.81
C LYS F 275 -20.11 52.95 -71.22
N ASP F 276 -19.29 53.98 -71.44
CA ASP F 276 -19.54 55.33 -70.94
C ASP F 276 -20.01 56.22 -72.09
N TRP F 277 -21.32 56.46 -72.15
CA TRP F 277 -21.91 57.36 -73.14
C TRP F 277 -21.70 58.83 -72.81
N LYS F 278 -21.08 59.15 -71.66
CA LYS F 278 -20.98 60.51 -71.13
C LYS F 278 -22.26 61.33 -71.32
N ALA G 2 16.76 41.41 -68.92
CA ALA G 2 15.90 40.65 -69.82
C ALA G 2 16.54 39.32 -70.18
N SER G 3 15.70 38.31 -70.40
CA SER G 3 16.20 37.03 -70.86
C SER G 3 16.94 37.17 -72.19
N GLU G 4 17.89 36.27 -72.42
CA GLU G 4 18.63 36.29 -73.69
C GLU G 4 17.67 36.07 -74.86
N ALA G 5 16.60 35.30 -74.65
CA ALA G 5 15.57 35.12 -75.65
C ALA G 5 14.74 36.36 -75.90
N LYS G 6 14.86 37.40 -75.06
CA LYS G 6 14.01 38.57 -75.13
C LYS G 6 14.75 39.87 -75.36
N GLN G 7 16.09 39.87 -75.33
CA GLN G 7 16.84 41.08 -75.61
C GLN G 7 16.55 41.57 -77.02
N THR G 8 16.39 42.89 -77.17
CA THR G 8 16.20 43.47 -78.49
C THR G 8 17.52 43.68 -79.22
N VAL G 9 18.63 43.83 -78.51
CA VAL G 9 19.94 44.05 -79.11
C VAL G 9 20.75 42.76 -79.07
N HIS G 10 21.50 42.51 -80.14
CA HIS G 10 22.53 41.50 -80.12
C HIS G 10 23.66 41.89 -79.17
N THR G 11 24.26 40.88 -78.56
CA THR G 11 25.41 41.04 -77.68
C THR G 11 26.37 39.89 -77.97
N GLY G 12 27.60 40.04 -77.50
CA GLY G 12 28.63 39.06 -77.81
C GLY G 12 28.24 37.63 -77.49
N ASN G 13 27.52 37.42 -76.39
CA ASN G 13 27.07 36.08 -76.06
C ASN G 13 25.93 35.59 -76.97
N THR G 14 25.19 36.49 -77.59
CA THR G 14 24.09 36.07 -78.48
C THR G 14 24.55 35.66 -79.88
N VAL G 15 25.83 35.78 -80.22
CA VAL G 15 26.30 35.50 -81.57
C VAL G 15 27.50 34.56 -81.50
N LEU G 16 27.70 33.81 -82.58
CA LEU G 16 28.86 32.96 -82.77
C LEU G 16 29.58 33.34 -84.06
N LEU G 17 30.87 33.10 -84.08
CA LEU G 17 31.70 33.24 -85.29
C LEU G 17 32.09 31.84 -85.77
N MET G 18 31.89 31.58 -87.06
CA MET G 18 32.09 30.25 -87.62
C MET G 18 32.85 30.33 -88.92
N ILE G 19 33.74 29.36 -89.14
CA ILE G 19 34.46 29.22 -90.40
C ILE G 19 34.44 27.74 -90.78
N LYS G 20 34.10 27.46 -92.03
CA LYS G 20 33.99 26.09 -92.54
C LYS G 20 33.16 25.20 -91.63
N GLY G 21 32.13 25.76 -91.00
CA GLY G 21 31.23 24.99 -90.18
C GLY G 21 31.70 24.63 -88.79
N LYS G 22 32.85 25.15 -88.34
CA LYS G 22 33.32 24.93 -86.99
C LYS G 22 33.36 26.26 -86.23
N PRO G 23 32.99 26.29 -84.95
CA PRO G 23 33.01 27.57 -84.23
C PRO G 23 34.43 28.03 -83.93
N VAL G 24 34.68 29.31 -84.14
CA VAL G 24 35.99 29.91 -83.86
C VAL G 24 36.07 30.18 -82.36
N GLY G 25 36.89 29.40 -81.65
CA GLY G 25 37.05 29.59 -80.23
C GLY G 25 37.91 30.78 -79.86
N ARG G 26 37.75 31.24 -78.63
CA ARG G 26 38.52 32.34 -78.05
C ARG G 26 38.43 33.64 -78.86
N ALA G 27 37.43 33.78 -79.75
CA ALA G 27 37.29 34.99 -80.52
C ALA G 27 37.07 36.19 -79.61
N GLN G 28 37.96 37.19 -79.70
CA GLN G 28 37.85 38.40 -78.90
C GLN G 28 37.05 39.49 -79.59
N SER G 29 37.31 39.74 -80.87
CA SER G 29 36.57 40.77 -81.59
C SER G 29 36.53 40.45 -83.07
N ALA G 30 35.57 41.07 -83.75
CA ALA G 30 35.53 41.09 -85.20
C ALA G 30 35.06 42.46 -85.62
N SER G 31 35.67 43.00 -86.67
CA SER G 31 35.30 44.32 -87.20
C SER G 31 35.13 44.23 -88.71
N GLY G 32 33.96 44.66 -89.19
CA GLY G 32 33.62 44.62 -90.59
C GLY G 32 33.41 46.01 -91.14
N GLN G 33 34.11 46.34 -92.23
CA GLN G 33 34.10 47.67 -92.82
C GLN G 33 33.72 47.55 -94.28
N ARG G 34 33.08 48.60 -94.80
CA ARG G 34 32.53 48.55 -96.15
C ARG G 34 32.49 49.95 -96.74
N GLU G 35 32.98 50.08 -97.97
CA GLU G 35 33.01 51.36 -98.67
C GLU G 35 32.49 51.17 -100.09
N TYR G 36 31.83 52.20 -100.60
CA TYR G 36 31.23 52.16 -101.93
C TYR G 36 31.86 53.13 -102.92
N GLY G 37 32.90 53.87 -102.52
CA GLY G 37 33.49 54.86 -103.40
C GLY G 37 32.58 56.01 -103.78
N THR G 38 31.57 56.29 -102.96
CA THR G 38 30.54 57.28 -103.31
C THR G 38 31.16 58.64 -103.59
N THR G 39 30.87 59.17 -104.78
CA THR G 39 31.51 60.39 -105.29
C THR G 39 30.42 61.35 -105.73
N GLY G 40 30.56 62.62 -105.36
CA GLY G 40 29.61 63.65 -105.76
C GLY G 40 30.00 64.28 -107.08
N VAL G 41 29.00 64.55 -107.92
CA VAL G 41 29.20 65.16 -109.23
C VAL G 41 28.80 66.63 -109.17
N TYR G 42 29.63 67.48 -109.77
CA TYR G 42 29.44 68.92 -109.75
C TYR G 42 29.52 69.43 -111.17
N GLU G 43 28.96 70.62 -111.40
CA GLU G 43 28.93 71.21 -112.73
C GLU G 43 28.92 72.72 -112.60
N ILE G 44 29.19 73.39 -113.71
CA ILE G 44 29.19 74.85 -113.74
C ILE G 44 27.76 75.35 -113.64
N GLY G 45 27.53 76.30 -112.74
CA GLY G 45 26.22 76.89 -112.51
C GLY G 45 25.64 76.62 -111.14
N SER G 46 26.21 75.70 -110.37
CA SER G 46 25.79 75.46 -109.01
C SER G 46 27.00 75.09 -108.17
N ILE G 47 26.95 75.47 -106.88
CA ILE G 47 27.98 75.07 -105.92
C ILE G 47 27.69 73.74 -105.26
N MET G 48 26.56 73.10 -105.59
CA MET G 48 26.05 71.98 -104.82
C MET G 48 26.09 70.69 -105.63
N PRO G 49 26.33 69.54 -104.99
CA PRO G 49 26.33 68.29 -105.75
C PRO G 49 24.97 68.00 -106.35
N GLN G 50 24.96 67.71 -107.65
CA GLN G 50 23.71 67.39 -108.32
C GLN G 50 23.25 65.97 -108.02
N GLU G 51 24.18 65.04 -107.84
CA GLU G 51 23.83 63.70 -107.39
C GLU G 51 25.10 62.99 -106.90
N HIS G 52 24.90 61.86 -106.25
CA HIS G 52 25.98 60.98 -105.83
C HIS G 52 25.90 59.65 -106.56
N VAL G 53 27.05 59.07 -106.89
CA VAL G 53 27.13 57.82 -107.63
C VAL G 53 28.13 56.89 -106.97
N TYR G 54 27.82 55.59 -106.96
CA TYR G 54 28.72 54.57 -106.45
C TYR G 54 29.71 54.14 -107.53
N LEU G 55 30.98 53.99 -107.13
CA LEU G 55 32.07 53.71 -108.08
C LEU G 55 32.78 52.39 -107.82
N ARG G 56 33.20 52.11 -106.59
CA ARG G 56 34.08 50.98 -106.32
C ARG G 56 33.77 50.43 -104.94
N TYR G 57 33.28 49.20 -104.89
CA TYR G 57 33.07 48.51 -103.63
C TYR G 57 34.40 47.99 -103.09
N GLU G 58 34.60 48.16 -101.79
CA GLU G 58 35.72 47.53 -101.09
C GLU G 58 35.28 47.22 -99.67
N GLY G 59 35.81 46.14 -99.11
CA GLY G 59 35.47 45.76 -97.76
C GLY G 59 36.51 44.84 -97.15
N THR G 60 36.68 44.95 -95.84
CA THR G 60 37.63 44.13 -95.09
C THR G 60 36.99 43.65 -93.80
N ILE G 61 37.30 42.42 -93.41
CA ILE G 61 36.87 41.85 -92.14
C ILE G 61 38.13 41.53 -91.33
N THR G 62 38.19 42.07 -90.11
CA THR G 62 39.30 41.84 -89.18
C THR G 62 38.81 40.95 -88.04
N VAL G 63 39.63 39.97 -87.65
CA VAL G 63 39.32 39.09 -86.54
C VAL G 63 40.52 39.07 -85.61
N GLU G 64 40.25 39.13 -84.31
CA GLU G 64 41.29 39.11 -83.28
C GLU G 64 40.94 38.03 -82.27
N ARG G 65 41.96 37.28 -81.84
CA ARG G 65 41.76 36.15 -80.94
C ARG G 65 42.93 36.06 -79.96
N LEU G 66 42.69 35.32 -78.88
CA LEU G 66 43.77 34.81 -78.05
C LEU G 66 44.35 33.56 -78.71
N ARG G 67 45.67 33.48 -78.78
CA ARG G 67 46.32 32.35 -79.44
C ARG G 67 46.19 31.10 -78.60
N MET G 68 45.62 30.06 -79.17
CA MET G 68 45.47 28.79 -78.50
C MET G 68 46.71 27.93 -78.73
N LYS G 69 46.90 26.92 -77.87
CA LYS G 69 48.03 26.02 -78.04
C LYS G 69 47.82 25.09 -79.23
N LYS G 70 46.58 24.87 -79.63
CA LYS G 70 46.24 24.13 -80.83
C LYS G 70 45.09 24.84 -81.52
N GLU G 71 44.87 24.47 -82.77
CA GLU G 71 43.76 25.04 -83.54
C GLU G 71 43.89 26.55 -83.67
N ASN G 72 45.12 27.04 -83.82
CA ASN G 72 45.33 28.40 -84.25
C ASN G 72 44.91 28.54 -85.72
N PHE G 73 44.85 29.78 -86.20
CA PHE G 73 44.64 29.97 -87.64
C PHE G 73 45.74 29.30 -88.44
N ALA G 74 46.98 29.38 -87.97
CA ALA G 74 48.07 28.69 -88.65
C ALA G 74 47.91 27.18 -88.56
N ASP G 75 47.45 26.68 -87.42
CA ASP G 75 47.26 25.23 -87.26
C ASP G 75 46.05 24.74 -88.04
N LEU G 76 44.98 25.52 -88.06
CA LEU G 76 43.77 25.15 -88.79
C LEU G 76 43.88 25.39 -90.28
N GLY G 77 44.93 26.08 -90.74
CA GLY G 77 45.11 26.34 -92.15
C GLY G 77 44.31 27.50 -92.69
N TYR G 78 43.82 28.39 -91.82
CA TYR G 78 43.12 29.59 -92.25
C TYR G 78 44.05 30.79 -92.41
N ALA G 79 45.30 30.69 -91.97
CA ALA G 79 46.29 31.74 -92.13
C ALA G 79 47.55 31.16 -92.73
N SER G 80 48.44 32.05 -93.17
CA SER G 80 49.68 31.66 -93.81
C SER G 80 50.84 32.42 -93.18
N LEU G 81 51.99 31.76 -93.14
CA LEU G 81 53.23 32.35 -92.66
C LEU G 81 54.25 32.61 -93.76
N GLY G 82 54.25 31.80 -94.82
CA GLY G 82 55.22 31.94 -95.89
C GLY G 82 54.62 31.64 -97.26
N GLU G 83 55.39 30.94 -98.10
CA GLU G 83 54.93 30.59 -99.45
C GLU G 83 53.53 29.98 -99.47
N GLU G 84 53.16 29.26 -98.42
CA GLU G 84 51.88 28.57 -98.37
C GLU G 84 50.67 29.49 -98.64
N ILE G 85 50.84 30.80 -98.48
CA ILE G 85 49.76 31.73 -98.84
C ILE G 85 49.32 31.53 -100.28
N LEU G 86 50.26 31.22 -101.18
CA LEU G 86 49.92 31.01 -102.57
C LEU G 86 49.02 29.80 -102.79
N LYS G 87 49.02 28.85 -101.86
CA LYS G 87 48.23 27.64 -101.98
C LYS G 87 46.94 27.68 -101.17
N LYS G 88 46.68 28.76 -100.44
CA LYS G 88 45.37 28.97 -99.87
C LYS G 88 44.36 29.26 -100.98
N ASP G 89 43.08 29.23 -100.61
CA ASP G 89 42.01 29.69 -101.49
C ASP G 89 40.98 30.41 -100.63
N ILE G 90 40.06 31.10 -101.31
CA ILE G 90 39.15 32.00 -100.60
C ILE G 90 38.15 31.21 -99.77
N ILE G 91 37.78 31.78 -98.61
CA ILE G 91 36.93 31.13 -97.63
C ILE G 91 35.76 32.06 -97.28
N ASP G 92 34.69 31.46 -96.74
CA ASP G 92 33.53 32.19 -96.25
C ASP G 92 33.52 32.19 -94.73
N ILE G 93 33.29 33.36 -94.14
CA ILE G 93 33.24 33.56 -92.70
C ILE G 93 31.81 33.94 -92.33
N LEU G 94 31.24 33.23 -91.36
CA LEU G 94 29.86 33.44 -90.94
C LEU G 94 29.81 33.97 -89.52
N VAL G 95 28.92 34.93 -89.28
CA VAL G 95 28.48 35.31 -87.95
C VAL G 95 27.05 34.81 -87.78
N VAL G 96 26.80 34.13 -86.67
CA VAL G 96 25.65 33.23 -86.56
C VAL G 96 24.97 33.46 -85.22
N ASP G 97 23.64 33.37 -85.23
CA ASP G 97 22.85 33.45 -84.01
C ASP G 97 23.16 32.26 -83.10
N ASN G 98 23.57 32.56 -81.87
CA ASN G 98 24.00 31.50 -80.97
C ASN G 98 22.86 30.58 -80.55
N LEU G 99 21.63 31.11 -80.46
CA LEU G 99 20.50 30.27 -80.08
C LEU G 99 20.09 29.32 -81.22
N THR G 100 19.77 29.89 -82.38
CA THR G 100 19.14 29.14 -83.46
C THR G 100 20.13 28.59 -84.46
N LYS G 101 21.38 29.05 -84.43
CA LYS G 101 22.38 28.78 -85.47
C LYS G 101 21.93 29.28 -86.85
N GLN G 102 20.98 30.21 -86.88
CA GLN G 102 20.68 30.92 -88.12
C GLN G 102 21.80 31.91 -88.43
N VAL G 103 22.16 32.01 -89.71
CA VAL G 103 23.19 32.95 -90.12
C VAL G 103 22.69 34.38 -89.97
N ILE G 104 23.55 35.24 -89.45
CA ILE G 104 23.29 36.68 -89.35
C ILE G 104 23.96 37.42 -90.49
N ILE G 105 25.26 37.18 -90.69
CA ILE G 105 26.00 37.74 -91.81
C ILE G 105 26.94 36.66 -92.34
N SER G 106 27.04 36.58 -93.65
CA SER G 106 28.15 35.90 -94.33
C SER G 106 29.05 36.94 -94.98
N TYR G 107 30.35 36.74 -94.82
CA TYR G 107 31.36 37.38 -95.66
C TYR G 107 31.87 36.37 -96.66
N HIS G 108 31.80 36.70 -97.95
CA HIS G 108 32.08 35.76 -99.03
C HIS G 108 33.44 36.04 -99.65
N GLY G 109 34.18 34.97 -99.91
CA GLY G 109 35.43 35.09 -100.65
C GLY G 109 36.51 35.84 -99.89
N CYS G 110 36.62 35.62 -98.59
CA CYS G 110 37.67 36.26 -97.81
C CYS G 110 39.06 35.81 -98.26
N SER G 111 39.97 36.78 -98.35
CA SER G 111 41.38 36.52 -98.64
C SER G 111 42.23 37.38 -97.70
N ALA G 112 43.27 36.78 -97.13
CA ALA G 112 44.04 37.43 -96.08
C ALA G 112 44.82 38.62 -96.60
N ASN G 113 44.81 39.72 -95.84
CA ASN G 113 45.68 40.88 -96.06
C ASN G 113 46.94 40.86 -95.21
N ASN G 114 46.81 40.59 -93.91
CA ASN G 114 47.95 40.59 -93.01
C ASN G 114 47.63 39.69 -91.83
N TYR G 115 48.68 39.27 -91.13
CA TYR G 115 48.56 38.38 -89.98
C TYR G 115 49.61 38.78 -88.97
N ASN G 116 49.24 38.82 -87.69
CA ASN G 116 50.02 39.49 -86.67
C ASN G 116 49.96 38.71 -85.37
N GLU G 117 51.09 38.70 -84.65
CA GLU G 117 51.22 38.02 -83.37
C GLU G 117 51.97 38.91 -82.39
N THR G 118 51.66 38.76 -81.10
CA THR G 118 52.35 39.51 -80.05
C THR G 118 52.53 38.62 -78.83
N TRP G 119 53.74 38.66 -78.27
CA TRP G 119 54.13 37.90 -77.09
C TRP G 119 54.50 38.88 -75.98
N GLN G 120 54.05 38.62 -74.76
CA GLN G 120 54.21 39.53 -73.64
C GLN G 120 54.56 38.75 -72.38
N THR G 121 55.24 39.42 -71.45
CA THR G 121 55.76 38.74 -70.26
C THR G 121 54.64 38.09 -69.46
N ASN G 122 53.55 38.81 -69.24
CA ASN G 122 52.55 38.42 -68.25
C ASN G 122 51.14 38.60 -68.80
N GLU G 123 50.93 38.21 -70.05
CA GLU G 123 49.64 38.36 -70.70
C GLU G 123 49.40 37.16 -71.60
N ILE G 124 48.14 36.98 -71.98
CA ILE G 124 47.79 35.95 -72.95
C ILE G 124 48.25 36.36 -74.34
N VAL G 125 48.76 35.39 -75.10
CA VAL G 125 49.23 35.65 -76.45
C VAL G 125 48.03 35.97 -77.33
N THR G 126 48.22 36.89 -78.29
CA THR G 126 47.14 37.37 -79.14
C THR G 126 47.46 37.11 -80.61
N GLU G 127 46.41 36.81 -81.37
CA GLU G 127 46.44 36.74 -82.83
C GLU G 127 45.52 37.80 -83.39
N GLU G 128 45.92 38.43 -84.49
CA GLU G 128 45.02 39.28 -85.26
C GLU G 128 45.21 38.97 -86.73
N ILE G 129 44.10 38.91 -87.48
CA ILE G 129 44.11 38.65 -88.91
C ILE G 129 43.12 39.56 -89.60
N GLU G 130 43.49 40.04 -90.79
CA GLU G 130 42.61 40.85 -91.62
C GLU G 130 42.43 40.20 -92.98
N PHE G 131 41.19 40.00 -93.39
CA PHE G 131 40.85 39.53 -94.73
C PHE G 131 40.13 40.64 -95.50
N SER G 132 40.52 40.83 -96.76
CA SER G 132 39.63 41.45 -97.71
C SER G 132 38.65 40.42 -98.24
N TYR G 133 37.45 40.87 -98.61
CA TYR G 133 36.39 39.98 -99.07
C TYR G 133 35.72 40.58 -100.28
N LEU G 134 35.01 39.72 -101.03
CA LEU G 134 34.37 40.14 -102.27
C LEU G 134 33.01 40.77 -101.99
N THR G 135 32.15 40.08 -101.26
CA THR G 135 30.78 40.54 -101.03
C THR G 135 30.34 40.05 -99.65
N ALA G 136 29.25 40.63 -99.17
CA ALA G 136 28.58 40.19 -97.96
C ALA G 136 27.08 40.07 -98.22
N SER G 137 26.43 39.25 -97.40
CA SER G 137 25.02 38.94 -97.61
C SER G 137 24.38 38.62 -96.27
N ASP G 138 23.05 38.76 -96.23
CA ASP G 138 22.27 38.33 -95.08
C ASP G 138 22.13 36.81 -95.00
N LYS G 139 22.69 36.05 -95.93
CA LYS G 139 22.40 34.63 -96.04
C LYS G 139 23.69 33.90 -96.45
N ALA G 140 23.70 32.59 -96.25
CA ALA G 140 24.82 31.78 -96.68
C ALA G 140 24.81 31.62 -98.20
N ARG G 141 25.96 31.27 -98.75
CA ARG G 141 26.09 31.09 -100.18
C ARG G 141 25.36 29.82 -100.61
N GLU H 2 57.39 49.49 91.24
CA GLU H 2 57.43 50.23 92.49
C GLU H 2 56.28 51.24 92.55
N LYS H 3 56.42 52.33 91.82
CA LYS H 3 55.39 53.34 91.77
C LYS H 3 54.13 52.81 91.08
N PRO H 4 52.94 53.28 91.47
CA PRO H 4 51.72 52.79 90.83
C PRO H 4 51.73 53.12 89.34
N TYR H 5 51.43 52.13 88.52
CA TYR H 5 51.33 52.36 87.07
C TYR H 5 50.07 53.17 86.78
N MET H 6 50.27 54.40 86.31
CA MET H 6 49.17 55.26 85.90
C MET H 6 49.67 56.19 84.81
N ILE H 7 48.74 56.66 83.98
CA ILE H 7 49.07 57.49 82.84
C ILE H 7 49.59 58.84 83.34
N TYR H 36 45.04 33.34 57.17
CA TYR H 36 43.72 32.70 57.18
C TYR H 36 43.61 31.73 56.01
N THR H 37 42.80 30.69 56.15
CA THR H 37 42.41 29.87 55.01
C THR H 37 41.06 29.25 55.28
N THR H 38 40.11 29.53 54.39
CA THR H 38 38.87 28.77 54.27
C THR H 38 38.40 28.92 52.84
N ARG H 39 38.22 27.81 52.15
CA ARG H 39 38.08 27.79 50.70
C ARG H 39 36.67 27.38 50.33
N LEU H 40 36.10 28.07 49.34
CA LEU H 40 34.85 27.62 48.72
C LEU H 40 35.19 26.89 47.43
N GLU H 41 34.54 25.75 47.23
CA GLU H 41 34.69 24.95 46.02
C GLU H 41 33.41 24.17 45.77
N PHE H 42 33.13 23.87 44.51
CA PHE H 42 31.98 23.06 44.20
C PHE H 42 32.20 21.61 44.65
N ASP H 43 31.12 20.96 45.04
CA ASP H 43 31.12 19.51 45.27
C ASP H 43 30.99 18.84 43.90
N THR H 44 32.11 18.41 43.35
CA THR H 44 32.12 17.85 41.99
C THR H 44 31.43 16.49 41.89
N ILE H 45 31.38 15.73 42.98
CA ILE H 45 30.63 14.47 42.93
C ILE H 45 29.14 14.74 42.80
N ASP H 46 28.66 15.76 43.50
CA ASP H 46 27.27 16.16 43.35
C ASP H 46 26.99 16.76 41.96
N MET H 47 27.98 17.39 41.34
CA MET H 47 27.81 17.78 39.94
C MET H 47 27.68 16.57 39.02
N ILE H 48 28.50 15.53 39.24
CA ILE H 48 28.34 14.32 38.43
C ILE H 48 26.94 13.75 38.59
N ARG H 49 26.45 13.70 39.84
CA ARG H 49 25.10 13.22 40.10
C ARG H 49 24.07 14.11 39.41
N PHE H 50 24.24 15.43 39.51
CA PHE H 50 23.33 16.39 38.87
C PHE H 50 23.25 16.14 37.36
N ILE H 51 24.38 16.00 36.69
CA ILE H 51 24.37 15.76 35.25
C ILE H 51 23.72 14.43 34.92
N ASN H 52 24.02 13.37 35.69
CA ASN H 52 23.40 12.07 35.42
C ASN H 52 21.89 12.11 35.63
N ASP H 53 21.40 12.95 36.53
CA ASP H 53 19.95 13.07 36.69
C ASP H 53 19.32 13.85 35.55
N ARG H 54 19.95 14.93 35.11
CA ARG H 54 19.31 15.85 34.20
C ARG H 54 19.53 15.51 32.73
N GLY H 55 20.61 14.81 32.39
CA GLY H 55 20.91 14.54 30.99
C GLY H 55 20.15 13.37 30.41
N ILE H 56 20.06 13.38 29.07
CA ILE H 56 19.55 12.26 28.29
C ILE H 56 20.72 11.37 27.88
N LYS H 57 20.44 10.07 27.77
CA LYS H 57 21.45 9.13 27.29
C LYS H 57 21.71 9.34 25.79
N VAL H 58 22.99 9.38 25.42
CA VAL H 58 23.42 9.58 24.05
C VAL H 58 24.54 8.59 23.75
N LEU H 59 24.73 8.31 22.46
CA LEU H 59 25.92 7.62 21.98
C LEU H 59 26.87 8.66 21.39
N TRP H 60 28.09 8.72 21.94
CA TRP H 60 29.12 9.63 21.47
C TRP H 60 30.13 8.83 20.65
N GLU H 61 30.46 9.34 19.46
CA GLU H 61 31.52 8.78 18.64
C GLU H 61 32.44 9.89 18.15
N GLU H 62 33.75 9.62 18.17
CA GLU H 62 34.78 10.63 18.05
C GLU H 62 35.23 10.80 16.60
N ALA H 63 35.29 12.04 16.16
CA ALA H 63 35.73 12.37 14.81
C ALA H 63 37.23 12.20 14.62
N TYR H 64 37.61 11.77 13.41
CA TYR H 64 38.95 12.00 12.89
C TYR H 64 38.86 12.08 11.37
N PHE H 65 39.81 12.77 10.75
CA PHE H 65 39.85 12.83 9.30
C PHE H 65 40.09 11.44 8.73
N CYS H 66 39.32 11.08 7.71
CA CYS H 66 39.48 9.78 7.07
C CYS H 66 40.75 9.77 6.22
N PRO H 67 41.57 8.71 6.29
CA PRO H 67 42.74 8.63 5.41
C PRO H 67 42.43 8.35 3.94
N CYS H 68 41.18 8.47 3.51
CA CYS H 68 40.84 8.33 2.10
C CYS H 68 40.97 9.62 1.32
N LEU H 69 41.37 10.72 1.96
CA LEU H 69 41.44 11.99 1.25
C LEU H 69 42.41 11.90 0.09
N ASN H 70 42.03 12.49 -1.03
CA ASN H 70 42.83 12.45 -2.24
C ASN H 70 44.16 13.15 -1.99
N PRO H 71 45.30 12.49 -2.23
CA PRO H 71 46.59 13.11 -1.89
C PRO H 71 46.89 14.37 -2.67
N ASP H 72 46.22 14.60 -3.80
CA ASP H 72 46.38 15.84 -4.56
C ASP H 72 45.25 16.83 -4.30
N THR H 73 44.01 16.48 -4.63
CA THR H 73 42.91 17.43 -4.50
C THR H 73 42.55 17.71 -3.06
N GLY H 74 42.86 16.80 -2.15
CA GLY H 74 42.55 16.99 -0.74
C GLY H 74 41.12 16.72 -0.35
N HIS H 75 40.26 16.20 -1.28
CA HIS H 75 38.86 15.97 -1.00
C HIS H 75 38.60 14.49 -0.75
N PRO H 76 37.54 14.13 -0.01
CA PRO H 76 37.21 12.73 0.20
C PRO H 76 36.81 11.99 -1.07
N ARG H 77 37.14 10.70 -1.11
CA ARG H 77 36.59 9.79 -2.10
C ARG H 77 35.11 9.54 -1.80
N VAL H 78 34.24 9.79 -2.79
CA VAL H 78 32.81 9.70 -2.55
C VAL H 78 32.33 8.26 -2.33
N ASP H 79 33.07 7.27 -2.79
CA ASP H 79 32.71 5.87 -2.60
C ASP H 79 33.28 5.25 -1.33
N CYS H 80 34.03 5.99 -0.53
CA CYS H 80 34.72 5.42 0.62
C CYS H 80 33.73 4.71 1.54
N PRO H 81 33.98 3.44 1.93
CA PRO H 81 33.06 2.78 2.86
C PRO H 81 33.25 3.20 4.31
N ARG H 82 34.46 3.64 4.66
CA ARG H 82 34.75 4.02 6.03
C ARG H 82 34.10 5.36 6.40
N CYS H 83 33.85 6.20 5.39
CA CYS H 83 33.11 7.43 5.58
C CYS H 83 32.32 7.68 4.31
N HIS H 84 31.02 7.91 4.46
CA HIS H 84 30.12 7.88 3.32
C HIS H 84 30.12 9.21 2.57
N GLY H 85 31.31 9.65 2.15
CA GLY H 85 31.49 10.87 1.41
C GLY H 85 31.76 12.09 2.26
N LYS H 86 31.47 12.03 3.56
CA LYS H 86 32.01 13.01 4.48
C LYS H 86 33.51 12.82 4.57
N GLY H 87 34.24 13.91 4.76
CA GLY H 87 35.67 13.79 4.97
C GLY H 87 36.07 13.20 6.31
N ILE H 88 35.11 12.97 7.21
CA ILE H 88 35.37 12.67 8.61
C ILE H 88 34.94 11.24 8.90
N ALA H 89 35.86 10.43 9.39
CA ALA H 89 35.54 9.10 9.90
C ALA H 89 35.29 9.17 11.41
N TYR H 90 34.59 8.17 11.93
CA TYR H 90 34.20 8.15 13.34
C TYR H 90 34.65 6.85 14.01
N LEU H 91 35.22 6.98 15.21
CA LEU H 91 35.57 5.86 16.05
C LEU H 91 34.33 5.14 16.58
N PRO H 92 34.48 3.93 17.12
CA PRO H 92 33.33 3.21 17.66
C PRO H 92 32.59 4.01 18.72
N PRO H 93 31.27 3.86 18.81
CA PRO H 93 30.48 4.69 19.73
C PRO H 93 30.79 4.42 21.21
N LYS H 94 30.56 5.45 22.02
CA LYS H 94 30.72 5.40 23.47
C LYS H 94 29.43 5.87 24.12
N GLU H 95 28.93 5.12 25.09
CA GLU H 95 27.74 5.53 25.84
C GLU H 95 28.08 6.63 26.85
N THR H 96 27.31 7.72 26.81
CA THR H 96 27.45 8.84 27.75
C THR H 96 26.08 9.43 27.99
N ILE H 97 25.98 10.28 29.02
CA ILE H 97 24.81 11.11 29.26
C ILE H 97 25.18 12.57 29.02
N MET H 98 24.30 13.29 28.31
CA MET H 98 24.47 14.70 28.04
C MET H 98 23.14 15.42 28.22
N ALA H 99 23.19 16.63 28.77
CA ALA H 99 22.01 17.48 28.93
C ALA H 99 21.93 18.44 27.75
N ILE H 100 20.75 18.54 27.13
CA ILE H 100 20.56 19.24 25.86
C ILE H 100 19.42 20.23 26.01
N GLN H 101 19.59 21.42 25.42
CA GLN H 101 18.64 22.52 25.54
C GLN H 101 18.41 23.16 24.18
N SER H 102 17.31 23.91 24.08
CA SER H 102 17.05 24.78 22.92
C SER H 102 17.02 24.00 21.61
N GLN H 103 16.43 22.82 21.62
CA GLN H 103 16.49 21.93 20.46
C GLN H 103 15.63 22.42 19.32
N GLU H 104 16.20 23.30 18.49
CA GLU H 104 15.47 23.97 17.42
C GLU H 104 15.63 23.20 16.11
N LYS H 105 14.55 23.14 15.33
CA LYS H 105 14.61 22.47 14.03
C LYS H 105 15.31 23.29 12.96
N GLY H 106 15.03 24.59 12.89
CA GLY H 106 15.71 25.45 11.95
C GLY H 106 15.41 25.11 10.51
N THR H 107 14.13 25.11 10.15
CA THR H 107 13.72 24.88 8.76
C THR H 107 14.22 26.01 7.86
N ASN H 108 14.72 25.62 6.69
CA ASN H 108 15.04 26.56 5.61
C ASN H 108 14.35 26.10 4.35
N GLN H 109 13.86 27.05 3.56
CA GLN H 109 13.23 26.78 2.28
C GLN H 109 13.99 27.54 1.21
N LEU H 110 14.51 26.81 0.23
CA LEU H 110 15.49 27.33 -0.70
C LEU H 110 15.12 26.93 -2.12
N ASP H 111 15.71 27.61 -3.10
CA ASP H 111 15.54 27.21 -4.49
C ASP H 111 16.02 25.77 -4.72
N ILE H 112 17.02 25.32 -3.97
CA ILE H 112 17.46 23.91 -4.09
C ILE H 112 16.52 22.92 -3.42
N GLY H 113 15.58 23.38 -2.60
CA GLY H 113 14.76 22.53 -1.75
C GLY H 113 14.85 22.95 -0.30
N ILE H 114 14.19 22.16 0.55
CA ILE H 114 14.21 22.41 1.99
C ILE H 114 15.49 21.84 2.61
N LEU H 115 15.89 22.43 3.73
CA LEU H 115 17.02 21.94 4.50
C LEU H 115 16.80 22.29 5.97
N ASP H 116 17.34 21.47 6.87
CA ASP H 116 17.36 21.75 8.31
C ASP H 116 18.74 22.19 8.76
N THR H 117 18.82 23.37 9.41
CA THR H 117 20.04 23.89 9.99
C THR H 117 19.92 24.09 11.49
N GLY H 118 18.98 23.39 12.13
CA GLY H 118 18.69 23.58 13.53
C GLY H 118 19.90 23.39 14.43
N THR H 119 19.79 23.96 15.63
CA THR H 119 20.90 24.05 16.57
C THR H 119 20.39 23.78 17.97
N ALA H 120 21.27 23.25 18.83
CA ALA H 120 20.95 23.01 20.23
C ALA H 120 22.18 23.29 21.08
N ILE H 121 21.97 23.45 22.39
CA ILE H 121 23.05 23.66 23.35
C ILE H 121 23.16 22.43 24.25
N GLY H 122 24.37 21.89 24.36
CA GLY H 122 24.62 20.69 25.15
C GLY H 122 25.62 20.95 26.27
N THR H 123 25.34 20.39 27.44
CA THR H 123 26.28 20.39 28.57
C THR H 123 26.77 18.97 28.80
N THR H 124 28.07 18.77 28.74
CA THR H 124 28.69 17.46 28.84
C THR H 124 28.73 16.96 30.28
N GLN H 125 29.11 15.70 30.44
CA GLN H 125 29.58 15.17 31.70
C GLN H 125 30.96 15.73 32.07
N LEU H 126 31.35 15.53 33.33
CA LEU H 126 32.67 15.85 33.82
C LEU H 126 33.78 15.17 33.03
N GLU H 127 34.95 15.81 33.00
CA GLU H 127 36.21 15.17 32.60
C GLU H 127 36.18 14.64 31.18
N LYS H 128 35.53 15.36 30.27
CA LYS H 128 35.47 14.99 28.86
C LYS H 128 36.01 16.11 27.99
N ARG H 129 36.68 15.73 26.91
CA ARG H 129 37.28 16.65 25.93
C ARG H 129 36.62 16.41 24.58
N ILE H 130 35.43 16.98 24.39
CA ILE H 130 34.73 16.84 23.13
C ILE H 130 35.47 17.63 22.05
N SER H 131 35.48 17.10 20.84
CA SER H 131 36.27 17.64 19.75
C SER H 131 35.37 17.95 18.56
N TYR H 132 35.86 18.86 17.72
CA TYR H 132 35.07 19.44 16.65
C TYR H 132 34.56 18.38 15.69
N ARG H 133 33.29 18.51 15.30
CA ARG H 133 32.54 17.57 14.46
C ARG H 133 32.35 16.18 15.06
N ASP H 134 32.64 15.98 16.35
CA ASP H 134 32.14 14.80 17.03
C ASP H 134 30.63 14.70 16.89
N ARG H 135 30.12 13.48 16.86
CA ARG H 135 28.75 13.19 16.49
C ARG H 135 28.02 12.53 17.64
N PHE H 136 26.77 12.94 17.87
CA PHE H 136 25.89 12.37 18.88
C PHE H 136 24.62 11.87 18.23
N THR H 137 24.10 10.74 18.72
CA THR H 137 22.75 10.31 18.41
C THR H 137 21.99 10.03 19.71
N VAL H 138 20.67 10.25 19.64
CA VAL H 138 19.78 10.14 20.78
C VAL H 138 18.75 9.04 20.50
N PRO H 139 19.03 7.79 20.82
CA PRO H 139 18.14 6.71 20.34
C PRO H 139 16.72 6.78 20.87
N GLU H 140 16.47 7.45 22.00
CA GLU H 140 15.12 7.54 22.53
C GLU H 140 14.23 8.48 21.74
N VAL H 141 14.78 9.43 21.00
CA VAL H 141 14.04 10.56 20.45
C VAL H 141 13.92 10.38 18.94
N LEU H 142 12.69 10.33 18.44
CA LEU H 142 12.38 10.13 17.03
C LEU H 142 11.75 11.40 16.45
N MET H 143 12.24 11.83 15.27
CA MET H 143 11.80 13.05 14.60
C MET H 143 11.01 12.74 13.33
N PRO H 144 9.89 13.43 13.06
CA PRO H 144 9.13 13.16 11.84
C PRO H 144 9.72 13.87 10.62
N GLN H 145 9.75 13.16 9.49
CA GLN H 145 10.16 13.74 8.23
C GLN H 145 9.27 13.22 7.11
N GLN H 146 9.29 13.91 5.97
CA GLN H 146 8.47 13.59 4.82
C GLN H 146 9.33 13.38 3.58
N MET H 147 8.88 12.48 2.69
CA MET H 147 9.58 12.21 1.44
C MET H 147 8.58 11.95 0.31
N ILE H 148 9.02 12.19 -0.92
CA ILE H 148 8.28 11.79 -2.12
C ILE H 148 9.26 11.39 -3.20
N TYR H 149 8.94 10.32 -3.93
CA TYR H 149 9.75 9.84 -5.05
C TYR H 149 8.86 9.45 -6.22
N PHE H 150 9.30 9.81 -7.43
CA PHE H 150 8.78 9.17 -8.64
C PHE H 150 9.43 7.81 -8.83
N VAL H 151 8.63 6.81 -9.13
CA VAL H 151 9.08 5.42 -9.23
C VAL H 151 9.16 5.05 -10.70
N ASN H 152 10.30 4.51 -11.10
CA ASN H 152 10.57 4.15 -12.49
C ASN H 152 11.25 2.79 -12.52
N LYS H 153 11.40 2.26 -13.73
CA LYS H 153 11.92 0.89 -13.90
C LYS H 153 13.27 0.69 -13.20
N ASP H 154 14.16 1.68 -13.28
CA ASP H 154 15.43 1.57 -12.57
C ASP H 154 15.22 1.49 -11.07
N ARG H 155 14.40 2.39 -10.52
CA ARG H 155 14.15 2.40 -9.09
C ARG H 155 13.42 1.14 -8.63
N ILE H 156 12.58 0.55 -9.48
CA ILE H 156 12.01 -0.77 -9.17
C ILE H 156 13.11 -1.82 -9.09
N LYS H 157 13.98 -1.88 -10.09
CA LYS H 157 14.99 -2.94 -10.10
C LYS H 157 16.07 -2.72 -9.04
N LYS H 158 16.45 -1.47 -8.80
CA LYS H 158 17.57 -1.15 -7.92
C LYS H 158 17.14 -0.69 -6.53
N GLY H 159 15.89 -0.28 -6.36
CA GLY H 159 15.45 0.30 -5.11
C GLY H 159 15.83 1.76 -4.92
N ILE H 160 14.88 2.52 -4.39
CA ILE H 160 15.03 3.96 -4.16
C ILE H 160 15.98 4.18 -2.99
N PRO H 161 17.12 4.88 -3.14
CA PRO H 161 17.93 5.22 -1.97
C PRO H 161 17.35 6.41 -1.23
N LEU H 162 16.90 6.17 0.00
CA LEU H 162 16.15 7.18 0.74
C LEU H 162 17.06 8.29 1.24
N TYR H 163 16.54 9.52 1.22
CA TYR H 163 17.30 10.67 1.72
C TYR H 163 17.59 10.57 3.20
N TYR H 164 16.59 10.20 3.99
CA TYR H 164 16.70 10.07 5.43
C TYR H 164 17.01 8.63 5.83
N ASP H 165 17.63 8.48 7.00
CA ASP H 165 17.83 7.17 7.61
C ASP H 165 16.53 6.77 8.31
N VAL H 166 15.64 6.15 7.55
CA VAL H 166 14.31 5.80 8.05
C VAL H 166 14.45 4.74 9.14
N LYS H 167 13.95 5.06 10.33
CA LYS H 167 13.76 4.03 11.34
C LYS H 167 12.46 3.27 11.13
N GLU H 168 11.37 3.97 10.85
CA GLU H 168 10.10 3.32 10.54
C GLU H 168 9.23 4.23 9.69
N ILE H 169 8.25 3.64 9.01
CA ILE H 169 7.28 4.36 8.20
C ILE H 169 5.99 4.50 8.98
N THR H 170 5.44 5.71 9.04
CA THR H 170 4.15 5.97 9.65
C THR H 170 3.02 6.07 8.64
N TYR H 171 3.30 6.46 7.39
CA TYR H 171 2.28 6.51 6.34
C TYR H 171 2.98 6.33 5.00
N ILE H 172 2.36 5.56 4.10
CA ILE H 172 2.84 5.38 2.74
C ILE H 172 1.65 5.28 1.81
N ALA H 173 1.68 6.02 0.71
CA ALA H 173 0.54 6.11 -0.19
C ALA H 173 1.01 6.41 -1.61
N THR H 174 0.09 6.25 -2.54
CA THR H 174 0.31 6.53 -3.96
C THR H 174 -1.00 7.01 -4.56
N GLN H 175 -0.97 7.38 -5.84
CA GLN H 175 -2.20 7.83 -6.52
C GLN H 175 -3.33 6.82 -6.39
N ASP H 176 -3.00 5.53 -6.38
CA ASP H 176 -4.00 4.48 -6.25
C ASP H 176 -4.46 4.25 -4.81
N GLY H 177 -3.85 4.91 -3.83
CA GLY H 177 -4.22 4.77 -2.44
C GLY H 177 -3.09 4.32 -1.54
N THR H 178 -3.43 3.79 -0.37
CA THR H 178 -2.43 3.30 0.57
C THR H 178 -1.70 2.09 -0.02
N VAL H 179 -0.41 1.98 0.30
CA VAL H 179 0.42 0.84 -0.08
C VAL H 179 0.50 -0.11 1.11
N TYR H 180 0.11 -1.36 0.91
CA TYR H 180 0.06 -2.36 1.96
C TYR H 180 1.42 -3.01 2.16
N GLU H 181 1.65 -3.50 3.38
CA GLU H 181 2.99 -3.89 3.79
C GLU H 181 3.54 -5.10 3.04
N GLU H 182 2.68 -5.87 2.36
CA GLU H 182 3.20 -6.92 1.50
C GLU H 182 3.82 -6.37 0.21
N ASP H 183 3.56 -5.10 -0.13
CA ASP H 183 3.98 -4.51 -1.39
C ASP H 183 5.17 -3.58 -1.26
N TYR H 184 5.75 -3.42 -0.08
CA TYR H 184 6.97 -2.65 0.07
C TYR H 184 7.88 -3.29 1.11
N GLU H 185 9.16 -2.95 1.01
CA GLU H 185 10.17 -3.42 1.94
C GLU H 185 11.29 -2.39 2.01
N ILE H 186 11.90 -2.25 3.18
CA ILE H 186 13.12 -1.46 3.35
C ILE H 186 14.25 -2.40 3.73
N LYS H 187 15.35 -2.33 2.97
CA LYS H 187 16.60 -2.97 3.34
C LYS H 187 17.75 -2.01 3.09
N ASN H 188 18.68 -1.93 4.05
CA ASN H 188 19.88 -1.10 3.91
C ASN H 188 19.55 0.35 3.56
N ASN H 189 18.45 0.87 4.08
CA ASN H 189 17.98 2.21 3.73
C ASN H 189 17.67 2.36 2.25
N ARG H 190 17.37 1.25 1.57
CA ARG H 190 16.75 1.26 0.26
C ARG H 190 15.29 0.86 0.37
N LEU H 191 14.44 1.48 -0.43
CA LEU H 191 13.02 1.15 -0.49
C LEU H 191 12.78 0.33 -1.76
N TYR H 192 12.27 -0.89 -1.57
CA TYR H 192 11.87 -1.76 -2.67
C TYR H 192 10.36 -1.81 -2.79
N LEU H 193 9.85 -1.72 -4.02
CA LEU H 193 8.43 -1.70 -4.28
C LEU H 193 8.05 -2.82 -5.23
N ASN H 194 6.80 -3.28 -5.10
CA ASN H 194 6.23 -4.15 -6.12
C ASN H 194 6.28 -3.47 -7.47
N GLU H 195 6.71 -4.21 -8.49
CA GLU H 195 6.76 -3.71 -9.85
C GLU H 195 5.41 -3.26 -10.40
N LYS H 196 4.31 -3.59 -9.71
CA LYS H 196 3.01 -2.98 -9.92
C LYS H 196 3.08 -1.46 -10.05
N TYR H 197 3.99 -0.83 -9.30
CA TYR H 197 4.11 0.62 -9.21
C TYR H 197 5.16 1.21 -10.15
N GLU H 198 5.41 0.57 -11.29
CA GLU H 198 6.50 0.99 -12.16
C GLU H 198 6.31 2.37 -12.77
N ASN H 199 5.12 2.96 -12.69
CA ASN H 199 4.89 4.32 -13.18
C ASN H 199 3.98 5.10 -12.22
N HIS H 200 4.43 5.22 -10.97
CA HIS H 200 3.66 5.83 -9.89
C HIS H 200 4.62 6.73 -9.12
N THR H 201 4.05 7.57 -8.26
CA THR H 201 4.84 8.30 -7.27
C THR H 201 4.35 7.94 -5.87
N VAL H 202 5.31 7.65 -4.98
CA VAL H 202 5.05 7.21 -3.63
C VAL H 202 5.41 8.33 -2.66
N THR H 203 4.57 8.53 -1.65
CA THR H 203 4.70 9.56 -0.64
C THR H 203 4.78 8.89 0.72
N LEU H 204 5.68 9.36 1.58
CA LEU H 204 5.93 8.74 2.87
C LEU H 204 5.98 9.79 3.98
N LYS H 205 5.49 9.38 5.14
CA LYS H 205 5.85 9.96 6.43
C LYS H 205 6.68 8.96 7.21
N ILE H 206 7.78 9.42 7.82
CA ILE H 206 8.76 8.55 8.45
C ILE H 206 9.15 9.12 9.81
N LEU H 207 9.78 8.27 10.62
CA LEU H 207 10.47 8.67 11.83
C LEU H 207 11.94 8.32 11.72
N MET H 208 12.81 9.17 12.25
CA MET H 208 14.23 8.85 12.37
C MET H 208 14.79 9.38 13.68
N THR H 209 15.88 8.76 14.14
CA THR H 209 16.52 9.16 15.38
C THR H 209 17.11 10.56 15.27
N LEU H 210 17.06 11.31 16.35
CA LEU H 210 17.69 12.61 16.42
C LEU H 210 19.22 12.47 16.44
N ARG H 211 19.89 13.38 15.71
CA ARG H 211 21.34 13.33 15.54
C ARG H 211 21.90 14.74 15.54
N TYR H 212 23.14 14.87 16.03
CA TYR H 212 23.82 16.16 16.10
C TYR H 212 25.29 15.97 15.76
N VAL H 213 25.91 17.07 15.31
CA VAL H 213 27.36 17.16 15.22
C VAL H 213 27.78 18.41 15.98
N VAL H 214 28.96 18.33 16.61
CA VAL H 214 29.51 19.47 17.34
C VAL H 214 29.97 20.52 16.31
N SER H 215 29.29 21.66 16.30
CA SER H 215 29.62 22.78 15.43
C SER H 215 30.63 23.74 16.06
N ASP H 216 30.42 24.09 17.33
CA ASP H 216 31.34 24.96 18.05
C ASP H 216 31.23 24.65 19.53
N ILE H 217 32.23 25.07 20.28
CA ILE H 217 32.33 24.80 21.72
C ILE H 217 32.33 26.14 22.44
N LEU H 218 31.25 26.43 23.17
CA LEU H 218 31.06 27.74 23.76
C LEU H 218 31.82 27.92 25.07
N LYS H 219 32.04 26.85 25.81
CA LYS H 219 32.90 26.86 27.00
C LYS H 219 33.72 25.58 26.95
N GLU H 220 34.90 25.65 26.34
CA GLU H 220 35.73 24.46 26.18
C GLU H 220 36.52 24.13 27.43
N SER H 221 36.73 25.08 28.34
CA SER H 221 37.37 24.77 29.61
C SER H 221 36.67 25.48 30.76
N ARG H 222 36.38 24.71 31.80
CA ARG H 222 36.06 25.22 33.13
C ARG H 222 36.79 24.34 34.13
N TYR H 223 37.28 24.93 35.21
CA TYR H 223 38.29 24.32 36.05
C TYR H 223 37.95 24.43 37.52
N GLN H 224 38.52 23.53 38.32
CA GLN H 224 38.51 23.67 39.77
C GLN H 224 39.67 22.88 40.35
N TYR H 225 40.52 23.53 41.13
CA TYR H 225 41.31 22.83 42.14
C TYR H 225 40.40 22.44 43.29
N THR H 226 40.32 21.15 43.60
CA THR H 226 39.60 20.66 44.76
C THR H 226 40.60 20.16 45.80
N LYS H 227 40.47 20.67 47.02
CA LYS H 227 41.34 20.33 48.13
C LYS H 227 40.61 19.67 49.28
N PHE H 228 39.34 20.00 49.49
CA PHE H 228 38.60 19.55 50.65
C PHE H 228 38.54 18.04 50.72
N ASN H 229 38.99 17.49 51.85
CA ASN H 229 39.05 16.06 52.13
C ASN H 229 39.98 15.29 51.19
N GLN H 230 40.86 15.99 50.40
CA GLN H 230 41.86 15.33 49.58
C GLN H 230 43.22 15.34 50.27
N PRO H 231 44.10 14.36 50.03
CA PRO H 231 45.46 14.47 50.59
C PRO H 231 46.24 15.63 50.00
N LYS H 232 46.00 15.96 48.74
CA LYS H 232 46.64 17.09 48.07
C LYS H 232 45.70 17.60 46.99
N SER H 233 45.94 18.83 46.56
CA SER H 233 45.06 19.47 45.60
C SER H 233 44.97 18.68 44.29
N LYS H 234 43.75 18.42 43.84
CA LYS H 234 43.46 17.69 42.62
C LYS H 234 42.79 18.63 41.63
N PHE H 235 43.34 18.73 40.42
CA PHE H 235 42.73 19.52 39.35
C PHE H 235 41.63 18.72 38.67
N GLU H 236 40.47 19.35 38.47
CA GLU H 236 39.32 18.71 37.82
C GLU H 236 38.74 19.61 36.74
N ASN H 237 38.33 18.99 35.63
CA ASN H 237 37.78 19.70 34.47
C ASN H 237 36.25 19.65 34.52
N LEU H 238 35.62 20.81 34.67
CA LEU H 238 34.18 20.90 34.81
C LEU H 238 33.47 20.78 33.45
N PRO H 239 32.14 20.63 33.44
CA PRO H 239 31.42 20.42 32.18
C PRO H 239 31.66 21.47 31.11
N GLN H 240 31.84 21.00 29.88
CA GLN H 240 31.88 21.84 28.70
C GLN H 240 30.47 22.18 28.21
N LYS H 241 30.34 23.34 27.57
CA LYS H 241 29.13 23.71 26.84
C LYS H 241 29.38 23.59 25.35
N LEU H 242 28.55 22.80 24.67
CA LEU H 242 28.66 22.54 23.24
C LEU H 242 27.53 23.24 22.49
N LEU H 243 27.83 23.71 21.29
CA LEU H 243 26.80 24.10 20.32
C LEU H 243 26.68 22.99 19.29
N LEU H 244 25.49 22.40 19.19
CA LEU H 244 25.22 21.20 18.42
C LEU H 244 24.39 21.58 17.19
N LYS H 245 24.78 21.09 16.02
CA LYS H 245 24.03 21.34 14.79
C LYS H 245 23.51 20.03 14.21
N ARG H 246 22.30 20.08 13.65
CA ARG H 246 21.64 18.86 13.22
C ARG H 246 22.21 18.34 11.90
N GLU H 247 22.25 17.01 11.80
CA GLU H 247 22.79 16.28 10.66
C GLU H 247 21.74 16.10 9.57
N ASP H 248 21.45 17.19 8.86
CA ASP H 248 20.60 17.10 7.66
C ASP H 248 21.36 16.87 6.36
N VAL H 249 22.48 17.56 6.11
CA VAL H 249 23.02 17.62 4.75
C VAL H 249 23.60 16.27 4.36
N ILE H 250 24.49 15.73 5.18
CA ILE H 250 25.05 14.39 5.01
C ILE H 250 24.49 13.54 6.14
N VAL H 251 23.89 12.41 5.80
CA VAL H 251 23.14 11.60 6.74
C VAL H 251 23.76 10.21 6.77
N LEU H 252 24.10 9.75 7.96
CA LEU H 252 24.84 8.52 8.18
C LEU H 252 24.00 7.58 9.04
N GLN H 253 24.24 6.29 8.90
CA GLN H 253 23.52 5.28 9.65
C GLN H 253 23.71 5.50 11.15
N ASP H 254 22.81 4.88 11.92
CA ASP H 254 23.02 4.78 13.37
C ASP H 254 24.17 3.84 13.66
N PRO H 255 24.85 4.03 14.81
CA PRO H 255 26.10 3.26 15.03
C PRO H 255 25.90 1.76 15.12
N TYR H 256 24.69 1.29 15.39
CA TYR H 256 24.42 -0.14 15.49
C TYR H 256 23.41 -0.58 14.43
N LEU I 17 -6.70 -37.22 90.46
CA LEU I 17 -5.74 -36.38 89.78
C LEU I 17 -4.37 -37.05 89.66
N ASN I 18 -3.72 -36.83 88.52
CA ASN I 18 -2.33 -37.23 88.33
C ASN I 18 -1.60 -36.08 87.67
N TYR I 19 -0.36 -35.84 88.08
CA TYR I 19 0.38 -34.71 87.54
C TYR I 19 1.87 -34.92 87.77
N GLU I 20 2.66 -34.20 86.99
CA GLU I 20 4.09 -34.08 87.26
C GLU I 20 4.27 -33.34 88.58
N TYR I 21 5.14 -33.88 89.45
CA TYR I 21 5.08 -33.67 90.89
C TYR I 21 4.82 -32.23 91.31
N PRO I 22 5.68 -31.27 90.95
CA PRO I 22 5.48 -29.91 91.50
C PRO I 22 4.24 -29.22 90.97
N TYR I 23 3.67 -29.68 89.87
CA TYR I 23 2.69 -28.90 89.11
C TYR I 23 1.26 -29.34 89.44
N HIS I 24 0.87 -29.14 90.70
CA HIS I 24 -0.47 -29.49 91.11
C HIS I 24 -1.49 -28.71 90.28
N PRO I 25 -2.48 -29.37 89.65
CA PRO I 25 -3.31 -28.66 88.66
C PRO I 25 -4.06 -27.44 89.17
N SER I 26 -4.38 -27.38 90.47
CA SER I 26 -5.11 -26.24 91.01
C SER I 26 -4.20 -25.12 91.46
N GLY I 27 -3.18 -25.43 92.25
CA GLY I 27 -2.40 -24.42 92.93
C GLY I 27 -1.18 -23.95 92.16
N ASN I 28 -0.66 -24.81 91.29
CA ASN I 28 0.56 -24.53 90.54
C ASN I 28 0.48 -25.24 89.19
N PRO I 29 -0.53 -24.98 88.37
CA PRO I 29 -0.63 -25.65 87.07
C PRO I 29 0.60 -25.41 86.20
N LYS I 30 1.00 -26.46 85.48
CA LYS I 30 2.11 -26.36 84.55
C LYS I 30 1.72 -25.54 83.33
N HIS I 31 2.53 -24.51 83.03
CA HIS I 31 2.33 -23.69 81.85
C HIS I 31 3.42 -23.83 80.80
N ILE I 32 4.62 -24.25 81.18
CA ILE I 32 5.72 -24.46 80.23
C ILE I 32 6.59 -25.61 80.71
N ASP I 33 7.17 -26.33 79.75
CA ASP I 33 8.20 -27.32 80.04
C ASP I 33 9.56 -26.63 80.09
N VAL I 34 10.39 -27.08 81.03
CA VAL I 34 11.74 -26.52 81.17
C VAL I 34 12.64 -26.80 79.97
N SER I 35 12.21 -27.64 79.03
CA SER I 35 12.91 -27.77 77.76
C SER I 35 12.64 -26.59 76.83
N GLU I 36 11.44 -26.02 76.88
CA GLU I 36 11.05 -25.00 75.91
C GLU I 36 11.72 -23.65 76.17
N ILE I 37 12.08 -23.36 77.42
CA ILE I 37 12.67 -22.07 77.73
C ILE I 37 14.02 -21.86 77.05
N ASP I 38 14.68 -22.94 76.64
CA ASP I 38 15.86 -22.83 75.79
C ASP I 38 15.53 -22.74 74.31
N ASN I 39 14.33 -23.17 73.91
CA ASN I 39 13.97 -23.20 72.50
C ASN I 39 13.28 -21.92 72.04
N LEU I 40 12.65 -21.20 72.95
CA LEU I 40 12.01 -19.94 72.58
C LEU I 40 13.04 -18.90 72.16
N THR I 41 12.65 -18.07 71.19
CA THR I 41 13.51 -17.06 70.59
C THR I 41 12.72 -15.78 70.41
N LEU I 42 13.45 -14.68 70.22
CA LEU I 42 12.79 -13.38 69.98
C LEU I 42 11.85 -13.45 68.78
N ALA I 43 12.23 -14.19 67.74
CA ALA I 43 11.39 -14.28 66.55
C ALA I 43 10.05 -14.92 66.85
N ASP I 44 9.98 -15.78 67.87
CA ASP I 44 8.70 -16.40 68.23
C ASP I 44 7.72 -15.42 68.85
N TYR I 45 8.21 -14.30 69.38
CA TYR I 45 7.34 -13.21 69.82
C TYR I 45 7.08 -12.19 68.73
N GLY I 46 7.50 -12.46 67.50
CA GLY I 46 7.30 -11.56 66.39
C GLY I 46 8.26 -10.41 66.28
N TRP I 47 9.21 -10.28 67.22
CA TRP I 47 10.27 -9.28 67.09
C TRP I 47 11.28 -9.80 66.09
N SER I 48 11.24 -9.25 64.88
CA SER I 48 12.08 -9.70 63.77
C SER I 48 12.43 -8.48 62.92
N PRO I 49 13.56 -8.49 62.22
CA PRO I 49 13.86 -7.39 61.30
C PRO I 49 12.76 -7.12 60.28
N ASP I 50 12.09 -8.16 59.81
CA ASP I 50 11.00 -7.98 58.86
C ASP I 50 9.88 -7.12 59.44
N ALA I 51 9.57 -7.28 60.72
CA ALA I 51 8.55 -6.45 61.34
C ALA I 51 8.96 -4.98 61.35
N VAL I 52 10.20 -4.70 61.73
CA VAL I 52 10.70 -3.32 61.71
C VAL I 52 10.61 -2.75 60.30
N LYS I 53 11.08 -3.52 59.31
CA LYS I 53 11.03 -3.04 57.94
C LYS I 53 9.58 -2.82 57.48
N ALA I 54 8.64 -3.59 58.02
CA ALA I 54 7.24 -3.36 57.71
C ALA I 54 6.78 -2.01 58.25
N TYR I 55 7.16 -1.67 59.48
CA TYR I 55 6.85 -0.33 59.96
C TYR I 55 7.60 0.78 59.22
N MET I 56 8.73 0.47 58.60
CA MET I 56 9.43 1.38 57.69
C MET I 56 9.14 1.08 56.23
N PHE I 57 7.93 0.65 55.91
CA PHE I 57 7.55 0.38 54.53
C PHE I 57 7.86 1.56 53.63
N GLY I 58 8.44 1.27 52.47
CA GLY I 58 8.80 2.28 51.50
C GLY I 58 10.05 3.07 51.81
N ILE I 59 10.81 2.71 52.84
CA ILE I 59 12.11 3.30 53.13
C ILE I 59 13.14 2.18 53.10
N VAL I 60 14.35 2.50 52.63
CA VAL I 60 15.48 1.60 52.70
C VAL I 60 16.68 2.34 53.27
N VAL I 61 17.40 1.68 54.17
CA VAL I 61 18.61 2.22 54.80
C VAL I 61 19.80 1.52 54.18
N GLN I 62 20.67 2.28 53.50
CA GLN I 62 21.81 1.72 52.81
C GLN I 62 23.00 2.67 52.93
N ASN I 63 24.18 2.10 52.95
CA ASN I 63 25.41 2.88 53.07
C ASN I 63 25.64 3.65 51.78
N PRO I 64 25.66 4.99 51.80
CA PRO I 64 25.88 5.72 50.53
C PRO I 64 27.23 5.46 49.88
N ASP I 65 28.22 4.99 50.63
CA ASP I 65 29.52 4.69 50.04
C ASP I 65 29.51 3.39 49.24
N THR I 66 28.54 2.51 49.47
CA THR I 66 28.55 1.18 48.89
C THR I 66 27.19 0.71 48.39
N GLY I 67 26.09 1.36 48.77
CA GLY I 67 24.77 0.85 48.45
C GLY I 67 24.37 -0.41 49.20
N GLN I 68 25.18 -0.88 50.13
CA GLN I 68 24.85 -2.08 50.87
C GLN I 68 23.74 -1.77 51.88
N PRO I 69 22.65 -2.54 51.91
CA PRO I 69 21.62 -2.32 52.92
C PRO I 69 22.11 -2.72 54.31
N MET I 70 21.50 -2.12 55.32
CA MET I 70 21.87 -2.38 56.71
C MET I 70 21.59 -3.84 57.07
N GLY I 71 22.56 -4.46 57.76
CA GLY I 71 22.50 -5.88 58.03
C GLY I 71 21.58 -6.25 59.18
N ASP I 72 20.99 -7.44 59.08
CA ASP I 72 20.07 -7.92 60.13
C ASP I 72 20.76 -8.08 61.48
N GLU I 73 22.08 -8.21 61.52
CA GLU I 73 22.77 -8.23 62.80
C GLU I 73 22.45 -6.98 63.62
N PHE I 74 22.44 -5.81 62.98
CA PHE I 74 22.14 -4.58 63.69
C PHE I 74 20.70 -4.56 64.18
N TYR I 75 19.77 -5.03 63.35
CA TYR I 75 18.38 -5.10 63.76
C TYR I 75 18.20 -5.99 64.99
N ASN I 76 18.79 -7.18 64.97
CA ASN I 76 18.67 -8.08 66.11
C ASN I 76 19.32 -7.51 67.36
N HIS I 77 20.47 -6.84 67.20
CA HIS I 77 21.11 -6.14 68.31
C HIS I 77 20.16 -5.10 68.93
N ILE I 78 19.61 -4.23 68.10
CA ILE I 78 18.71 -3.19 68.58
C ILE I 78 17.48 -3.80 69.23
N LEU I 79 16.95 -4.86 68.63
CA LEU I 79 15.78 -5.53 69.21
C LEU I 79 16.08 -6.07 70.61
N GLU I 80 17.23 -6.72 70.79
CA GLU I 80 17.55 -7.27 72.10
C GLU I 80 17.69 -6.16 73.14
N ARG I 81 18.34 -5.05 72.78
CA ARG I 81 18.43 -3.93 73.72
C ARG I 81 17.07 -3.28 73.98
N ALA I 82 16.20 -3.21 72.97
CA ALA I 82 14.85 -2.71 73.18
C ALA I 82 14.05 -3.59 74.12
N VAL I 83 14.25 -4.91 74.04
CA VAL I 83 13.64 -5.82 75.02
C VAL I 83 14.14 -5.47 76.41
N GLY I 84 15.45 -5.27 76.57
CA GLY I 84 15.96 -4.86 77.88
C GLY I 84 15.34 -3.56 78.38
N LYS I 85 15.20 -2.57 77.49
CA LYS I 85 14.57 -1.32 77.88
C LYS I 85 13.13 -1.54 78.33
N ALA I 86 12.37 -2.35 77.60
CA ALA I 86 11.00 -2.63 78.01
C ALA I 86 10.95 -3.35 79.35
N GLU I 87 11.87 -4.28 79.58
CA GLU I 87 11.96 -4.97 80.86
C GLU I 87 12.43 -4.09 82.01
N ARG I 88 12.90 -2.87 81.74
CA ARG I 88 13.21 -1.94 82.83
C ARG I 88 12.24 -0.77 82.95
N ALA I 89 11.60 -0.35 81.86
CA ALA I 89 10.56 0.67 81.95
C ALA I 89 9.36 0.15 82.73
N LEU I 90 9.14 -1.15 82.69
CA LEU I 90 8.14 -1.85 83.50
C LEU I 90 8.86 -2.91 84.32
N ASP I 91 8.37 -3.16 85.53
CA ASP I 91 9.06 -4.05 86.47
C ASP I 91 8.67 -5.50 86.22
N ILE I 92 9.00 -5.99 85.03
CA ILE I 92 8.49 -7.25 84.50
C ILE I 92 9.65 -8.06 83.94
N SER I 93 9.44 -9.36 83.87
CA SER I 93 10.33 -10.28 83.14
C SER I 93 9.61 -10.70 81.86
N ILE I 94 10.13 -10.25 80.72
CA ILE I 94 9.52 -10.58 79.43
C ILE I 94 9.90 -12.00 79.00
N LEU I 95 11.20 -12.32 78.98
CA LEU I 95 11.64 -13.57 78.36
C LEU I 95 11.81 -14.68 79.39
N PRO I 96 11.37 -15.90 79.10
CA PRO I 96 11.45 -16.98 80.09
C PRO I 96 12.86 -17.18 80.62
N ASP I 97 12.98 -17.25 81.94
CA ASP I 97 14.25 -17.60 82.57
C ASP I 97 13.96 -18.27 83.91
N THR I 98 14.88 -19.14 84.33
CA THR I 98 14.79 -19.80 85.63
C THR I 98 15.38 -18.89 86.70
N GLN I 99 14.58 -18.57 87.71
CA GLN I 99 14.99 -17.74 88.84
C GLN I 99 15.13 -18.57 90.10
N HIS I 100 16.25 -18.37 90.80
CA HIS I 100 16.50 -18.98 92.10
C HIS I 100 16.71 -17.85 93.10
N GLU I 101 15.85 -17.79 94.12
CA GLU I 101 15.85 -16.72 95.11
C GLU I 101 15.98 -17.26 96.52
N MET I 102 16.80 -16.59 97.33
CA MET I 102 16.87 -16.79 98.77
C MET I 102 16.22 -15.58 99.46
N ARG I 103 15.11 -15.82 100.15
CA ARG I 103 14.25 -14.76 100.67
C ARG I 103 14.24 -14.78 102.20
N ASP I 104 14.09 -13.59 102.78
CA ASP I 104 14.17 -13.39 104.21
C ASP I 104 12.87 -13.79 104.91
N TYR I 105 13.02 -14.32 106.12
CA TYR I 105 11.88 -14.44 107.02
C TYR I 105 11.46 -13.07 107.54
N HIS I 106 10.19 -12.74 107.36
CA HIS I 106 9.55 -11.61 108.03
C HIS I 106 8.30 -12.09 108.74
N GLU I 107 8.15 -11.70 110.01
CA GLU I 107 7.15 -12.31 110.88
C GLU I 107 5.73 -12.04 110.37
N THR I 108 5.44 -10.79 109.99
CA THR I 108 4.09 -10.45 109.54
C THR I 108 3.71 -11.25 108.29
N GLU I 109 4.58 -11.26 107.29
CA GLU I 109 4.24 -11.95 106.04
C GLU I 109 4.31 -13.46 106.20
N PHE I 110 5.21 -13.96 107.04
CA PHE I 110 5.23 -15.39 107.31
C PHE I 110 3.96 -15.84 108.00
N ASN I 111 3.45 -15.06 108.95
CA ASN I 111 2.16 -15.36 109.55
C ASN I 111 1.01 -15.21 108.55
N SER I 112 1.19 -14.34 107.54
CA SER I 112 0.14 -14.12 106.54
C SER I 112 0.14 -15.19 105.45
N TYR I 113 -0.01 -16.44 105.88
CA TYR I 113 0.00 -17.60 104.98
C TYR I 113 1.30 -17.72 104.19
N MET I 114 2.41 -17.39 104.84
CA MET I 114 3.74 -17.51 104.24
C MET I 114 3.81 -16.72 102.93
N PHE I 115 3.31 -15.48 102.98
CA PHE I 115 3.29 -14.63 101.80
C PHE I 115 4.71 -14.25 101.39
N VAL I 116 5.03 -14.45 100.11
CA VAL I 116 6.25 -13.91 99.52
C VAL I 116 5.89 -13.32 98.17
N HIS I 117 6.47 -12.14 97.88
CA HIS I 117 6.38 -11.52 96.58
C HIS I 117 7.66 -11.80 95.81
N ALA I 118 7.54 -12.41 94.64
CA ALA I 118 8.70 -12.67 93.80
C ALA I 118 9.30 -11.36 93.29
N TYR I 119 10.62 -11.36 93.11
CA TYR I 119 11.29 -10.20 92.54
C TYR I 119 10.93 -10.00 91.07
N ARG I 120 10.59 -11.07 90.36
CA ARG I 120 10.32 -11.03 88.93
C ARG I 120 8.92 -11.57 88.68
N LYS I 121 8.22 -10.97 87.73
CA LYS I 121 6.85 -11.35 87.41
C LYS I 121 6.64 -11.18 85.91
N PRO I 122 5.68 -11.89 85.31
CA PRO I 122 4.79 -12.92 85.85
C PRO I 122 5.49 -14.22 86.27
N ILE I 123 4.84 -14.99 87.13
CA ILE I 123 5.26 -16.36 87.41
C ILE I 123 4.64 -17.29 86.38
N LEU I 124 5.48 -18.02 85.65
CA LEU I 124 4.97 -19.12 84.84
C LEU I 124 4.67 -20.33 85.72
N GLN I 125 5.61 -20.74 86.57
CA GLN I 125 5.35 -21.77 87.56
C GLN I 125 6.41 -21.69 88.64
N VAL I 126 6.06 -22.23 89.81
CA VAL I 126 6.99 -22.39 90.92
C VAL I 126 7.63 -23.78 90.83
N GLU I 127 8.95 -23.84 90.99
CA GLU I 127 9.70 -25.08 90.87
C GLU I 127 10.08 -25.68 92.22
N ASN I 128 10.39 -24.86 93.22
CA ASN I 128 10.73 -25.37 94.54
C ASN I 128 10.45 -24.31 95.58
N LEU I 129 10.11 -24.75 96.78
CA LEU I 129 9.85 -23.87 97.91
C LEU I 129 10.19 -24.65 99.18
N GLN I 130 11.12 -24.14 99.96
CA GLN I 130 11.63 -24.87 101.12
C GLN I 130 12.00 -23.89 102.21
N LEU I 131 11.94 -24.38 103.45
CA LEU I 131 12.46 -23.69 104.62
C LEU I 131 13.75 -24.39 105.01
N GLN I 132 14.81 -23.62 105.22
CA GLN I 132 16.14 -24.19 105.30
C GLN I 132 17.00 -23.44 106.31
N PHE I 133 18.09 -24.10 106.70
CA PHE I 133 19.03 -23.58 107.69
C PHE I 133 20.44 -24.00 107.28
N ASN I 134 21.27 -23.03 106.91
CA ASN I 134 22.60 -23.30 106.37
C ASN I 134 22.55 -24.24 105.18
N GLY I 135 21.54 -24.08 104.34
CA GLY I 135 21.37 -24.89 103.16
C GLY I 135 20.76 -26.25 103.38
N ARG I 136 20.61 -26.69 104.63
CA ARG I 136 19.91 -27.93 104.91
C ARG I 136 18.40 -27.67 104.83
N PRO I 137 17.64 -28.46 104.07
CA PRO I 137 16.18 -28.30 104.13
C PRO I 137 15.66 -28.68 105.52
N ILE I 138 15.03 -27.72 106.18
CA ILE I 138 14.35 -27.98 107.44
C ILE I 138 12.95 -28.53 107.20
N TYR I 139 12.27 -28.03 106.17
CA TYR I 139 11.02 -28.66 105.75
C TYR I 139 10.83 -28.40 104.26
N LYS I 140 10.23 -29.39 103.59
CA LYS I 140 9.85 -29.30 102.18
C LYS I 140 8.34 -29.30 102.11
N TYR I 141 7.78 -28.19 101.66
CA TYR I 141 6.33 -28.04 101.66
C TYR I 141 5.70 -28.89 100.55
N PRO I 142 4.67 -29.70 100.84
CA PRO I 142 4.00 -30.46 99.78
C PRO I 142 3.46 -29.54 98.69
N ALA I 143 3.63 -29.98 97.44
CA ALA I 143 3.23 -29.16 96.29
C ALA I 143 1.74 -28.86 96.30
N ASN I 144 0.93 -29.72 96.91
CA ASN I 144 -0.50 -29.46 96.98
C ASN I 144 -0.85 -28.31 97.92
N TRP I 145 0.11 -27.81 98.71
CA TRP I 145 -0.11 -26.62 99.51
C TRP I 145 0.16 -25.33 98.75
N TRP I 146 0.94 -25.39 97.67
CA TRP I 146 1.38 -24.17 96.99
C TRP I 146 0.22 -23.48 96.29
N LYS I 147 0.07 -22.18 96.56
CA LYS I 147 -0.88 -21.30 95.89
C LYS I 147 -0.10 -20.23 95.15
N VAL I 148 -0.35 -20.11 93.85
CA VAL I 148 0.38 -19.18 92.98
C VAL I 148 -0.62 -18.24 92.33
N GLU I 149 -0.30 -16.95 92.33
CA GLU I 149 -0.98 -15.93 91.53
C GLU I 149 0.03 -15.39 90.54
N HIS I 150 -0.20 -15.67 89.25
CA HIS I 150 0.87 -15.58 88.26
C HIS I 150 1.19 -14.13 87.89
N LEU I 151 0.18 -13.35 87.52
CA LEU I 151 0.45 -11.97 87.12
C LEU I 151 0.84 -11.10 88.29
N ALA I 152 0.30 -11.35 89.48
CA ALA I 152 0.69 -10.55 90.64
C ALA I 152 2.12 -10.84 91.08
N GLY I 153 2.58 -12.08 90.93
CA GLY I 153 3.84 -12.49 91.50
C GLY I 153 3.80 -12.88 92.95
N HIS I 154 2.70 -13.46 93.40
CA HIS I 154 2.48 -13.82 94.80
C HIS I 154 2.50 -15.33 94.95
N VAL I 155 3.13 -15.80 96.03
CA VAL I 155 3.09 -17.20 96.41
C VAL I 155 2.65 -17.28 97.86
N GLN I 156 1.81 -18.25 98.17
CA GLN I 156 1.33 -18.47 99.52
C GLN I 156 1.22 -19.97 99.77
N LEU I 157 1.13 -20.35 101.04
CA LEU I 157 0.81 -21.71 101.46
C LEU I 157 -0.54 -21.72 102.14
N PHE I 158 -1.36 -22.72 101.82
CA PHE I 158 -2.60 -22.97 102.55
C PHE I 158 -2.57 -24.44 102.99
N PRO I 159 -2.02 -24.73 104.17
CA PRO I 159 -1.77 -26.14 104.51
C PRO I 159 -3.07 -26.94 104.61
N THR I 160 -3.05 -28.13 104.03
CA THR I 160 -4.18 -29.05 104.14
C THR I 160 -4.19 -29.77 105.47
N ALA I 161 -3.01 -30.11 105.99
CA ALA I 161 -2.87 -30.94 107.18
C ALA I 161 -3.71 -32.20 107.09
N GLY I 189 13.28 -14.55 118.65
CA GLY I 189 13.85 -13.43 119.36
C GLY I 189 14.00 -12.17 118.52
N ALA I 190 13.70 -12.28 117.23
CA ALA I 190 13.71 -11.12 116.35
C ALA I 190 12.61 -11.26 115.31
N THR I 191 12.20 -10.12 114.76
CA THR I 191 11.09 -10.03 113.82
C THR I 191 11.49 -10.47 112.41
N PHE I 192 12.78 -10.61 112.11
CA PHE I 192 13.23 -11.03 110.81
C PHE I 192 14.49 -11.87 110.94
N ALA I 193 14.77 -12.66 109.89
CA ALA I 193 16.00 -13.43 109.80
C ALA I 193 16.36 -13.58 108.33
N PRO I 194 17.65 -13.56 107.97
CA PRO I 194 18.02 -13.52 106.55
C PRO I 194 17.91 -14.86 105.85
N GLN I 195 17.41 -14.82 104.61
CA GLN I 195 17.55 -15.90 103.64
C GLN I 195 17.05 -17.25 104.16
N MET I 196 15.95 -17.21 104.92
CA MET I 196 15.39 -18.44 105.45
C MET I 196 14.61 -19.24 104.41
N ILE I 197 14.05 -18.57 103.41
CA ILE I 197 13.18 -19.19 102.42
C ILE I 197 13.99 -19.41 101.15
N ARG I 198 13.93 -20.62 100.60
CA ARG I 198 14.53 -20.93 99.31
C ARG I 198 13.41 -21.11 98.29
N LEU I 199 13.40 -20.26 97.26
CA LEU I 199 12.36 -20.27 96.24
C LEU I 199 12.99 -20.37 94.85
N GLU I 200 12.55 -21.34 94.06
CA GLU I 200 12.91 -21.46 92.65
C GLU I 200 11.65 -21.45 91.80
N TYR I 201 11.67 -20.69 90.71
CA TYR I 201 10.50 -20.56 89.86
C TYR I 201 10.97 -20.14 88.48
N VAL I 202 10.07 -20.23 87.50
CA VAL I 202 10.28 -19.69 86.16
C VAL I 202 9.47 -18.40 86.04
N SER I 203 10.15 -17.30 85.73
CA SER I 203 9.50 -16.05 85.35
C SER I 203 9.49 -15.93 83.82
N GLY I 204 8.60 -15.08 83.32
CA GLY I 204 8.55 -14.74 81.92
C GLY I 204 7.13 -14.67 81.42
N MET I 205 6.98 -14.53 80.11
CA MET I 205 5.68 -14.57 79.44
C MET I 205 5.75 -15.52 78.25
N LEU I 206 4.62 -16.24 77.99
CA LEU I 206 4.48 -17.09 76.80
C LEU I 206 3.91 -16.28 75.63
N PRO I 207 4.19 -16.67 74.39
CA PRO I 207 3.49 -16.05 73.25
C PRO I 207 2.00 -16.36 73.29
N ARG I 208 1.18 -15.38 72.93
CA ARG I 208 -0.26 -15.55 73.03
C ARG I 208 -0.77 -16.60 72.05
N LYS I 209 -1.77 -17.37 72.51
CA LYS I 209 -2.29 -18.49 71.75
C LYS I 209 -3.29 -18.06 70.68
N LYS I 210 -4.05 -16.98 70.92
CA LYS I 210 -5.10 -16.55 70.02
C LYS I 210 -4.88 -15.09 69.63
N ALA I 211 -5.42 -14.73 68.47
CA ALA I 211 -5.40 -13.34 68.05
C ALA I 211 -6.18 -12.48 69.05
N GLY I 212 -5.64 -11.29 69.31
CA GLY I 212 -6.38 -10.27 70.05
C GLY I 212 -6.63 -10.58 71.50
N ARG I 213 -6.04 -11.65 72.04
CA ARG I 213 -6.34 -12.11 73.39
C ARG I 213 -5.03 -12.45 74.09
N ASN I 214 -5.05 -12.40 75.42
CA ASN I 214 -3.96 -12.95 76.20
C ASN I 214 -4.47 -13.43 77.55
N LYS I 215 -3.92 -14.55 78.02
CA LYS I 215 -4.03 -14.97 79.40
C LYS I 215 -3.05 -14.18 80.27
N PRO I 216 -3.22 -14.21 81.59
CA PRO I 216 -2.31 -13.43 82.46
C PRO I 216 -0.85 -13.81 82.33
N TRP I 217 -0.54 -15.02 81.88
CA TRP I 217 0.85 -15.45 81.65
C TRP I 217 1.29 -15.29 80.20
N GLU I 218 0.47 -14.65 79.35
CA GLU I 218 0.78 -14.45 77.95
C GLU I 218 1.07 -12.97 77.69
N MET I 219 2.00 -12.72 76.78
CA MET I 219 2.40 -11.35 76.49
C MET I 219 1.23 -10.59 75.87
N PRO I 220 0.87 -9.41 76.40
CA PRO I 220 -0.19 -8.62 75.75
C PRO I 220 0.22 -8.19 74.36
N PRO I 221 -0.72 -8.15 73.40
CA PRO I 221 -0.33 -7.79 72.02
C PRO I 221 0.37 -6.45 71.90
N GLU I 222 0.05 -5.48 72.75
CA GLU I 222 0.62 -4.15 72.62
C GLU I 222 2.01 -4.00 73.22
N LEU I 223 2.43 -4.89 74.12
CA LEU I 223 3.81 -4.83 74.59
C LEU I 223 4.79 -5.22 73.49
N GLU I 224 4.36 -6.10 72.57
CA GLU I 224 5.12 -6.34 71.35
C GLU I 224 5.31 -5.05 70.57
N GLN I 225 4.24 -4.27 70.42
CA GLN I 225 4.36 -3.05 69.64
C GLN I 225 5.21 -2.01 70.37
N LEU I 226 5.17 -2.00 71.70
CA LEU I 226 6.06 -1.11 72.45
C LEU I 226 7.52 -1.43 72.18
N VAL I 227 7.89 -2.72 72.24
CA VAL I 227 9.26 -3.10 71.95
C VAL I 227 9.64 -2.75 70.51
N ILE I 228 8.70 -2.94 69.58
CA ILE I 228 8.96 -2.54 68.19
C ILE I 228 9.20 -1.05 68.09
N LYS I 229 8.37 -0.25 68.75
CA LYS I 229 8.54 1.20 68.70
C LYS I 229 9.88 1.63 69.29
N TYR I 230 10.33 0.96 70.35
CA TYR I 230 11.66 1.28 70.88
C TYR I 230 12.75 0.97 69.87
N ALA I 231 12.68 -0.18 69.19
CA ALA I 231 13.68 -0.45 68.14
C ALA I 231 13.60 0.57 67.02
N LEU I 232 12.39 0.87 66.57
CA LEU I 232 12.17 1.77 65.45
C LEU I 232 12.70 3.16 65.75
N LYS I 233 12.62 3.60 67.00
CA LYS I 233 13.14 4.91 67.38
C LYS I 233 14.65 5.00 67.17
N GLU I 234 15.37 3.89 67.31
CA GLU I 234 16.81 3.88 67.00
C GLU I 234 17.04 3.83 65.49
N ILE I 235 16.26 3.01 64.79
CA ILE I 235 16.47 2.87 63.35
C ILE I 235 16.23 4.20 62.64
N TYR I 236 15.20 4.96 63.05
CA TYR I 236 15.01 6.28 62.48
C TYR I 236 16.16 7.24 62.77
N GLN I 237 16.83 7.10 63.92
CA GLN I 237 17.99 7.95 64.20
C GLN I 237 19.14 7.59 63.29
N VAL I 238 19.29 6.32 62.94
CA VAL I 238 20.30 5.95 61.96
C VAL I 238 19.93 6.52 60.59
N TRP I 239 18.71 6.25 60.15
CA TRP I 239 18.26 6.65 58.81
C TRP I 239 18.33 8.16 58.59
N GLY I 240 18.05 8.95 59.62
CA GLY I 240 18.06 10.39 59.49
C GLY I 240 19.37 11.01 59.03
N ASN I 241 20.48 10.29 59.15
CA ASN I 241 21.76 10.79 58.67
C ASN I 241 21.96 10.63 57.15
N LEU I 242 21.14 9.84 56.47
CA LEU I 242 21.45 9.37 55.13
C LEU I 242 20.49 9.89 54.08
N ILE I 243 19.54 10.77 54.43
CA ILE I 243 18.62 11.30 53.42
C ILE I 243 19.32 12.27 52.49
N ILE I 244 20.36 12.97 52.97
CA ILE I 244 21.13 13.93 52.19
C ILE I 244 22.57 13.80 52.62
N GLY I 245 23.48 14.32 51.80
CA GLY I 245 24.86 14.49 52.20
C GLY I 245 24.99 15.12 53.57
N ALA I 246 26.09 14.83 54.26
CA ALA I 246 26.25 15.22 55.65
C ALA I 246 26.10 16.73 55.84
N GLY I 247 25.31 17.12 56.83
CA GLY I 247 25.28 18.50 57.28
C GLY I 247 24.64 19.50 56.34
N ILE I 248 23.84 19.04 55.37
CA ILE I 248 23.19 19.92 54.40
C ILE I 248 21.76 20.14 54.86
N ALA I 249 21.37 21.42 54.97
CA ALA I 249 19.98 21.82 55.18
C ALA I 249 19.32 22.32 53.90
N ASN I 250 20.07 23.01 53.05
CA ASN I 250 19.60 23.49 51.77
C ASN I 250 20.70 23.30 50.75
N LYS I 251 20.34 23.02 49.51
CA LYS I 251 21.27 23.18 48.41
C LYS I 251 20.54 23.73 47.19
N THR I 252 21.26 24.52 46.41
CA THR I 252 20.90 24.86 45.05
C THR I 252 22.12 24.62 44.19
N LEU I 253 21.93 23.97 43.05
CA LEU I 253 22.98 23.83 42.05
C LEU I 253 22.41 24.23 40.70
N GLU I 254 23.15 25.03 39.95
CA GLU I 254 22.74 25.49 38.64
C GLU I 254 23.91 25.36 37.68
N VAL I 255 23.66 24.81 36.50
CA VAL I 255 24.66 24.73 35.45
C VAL I 255 24.00 25.11 34.14
N ASP I 256 24.56 26.09 33.45
CA ASP I 256 24.12 26.50 32.11
C ASP I 256 22.61 26.77 32.05
N GLY I 257 22.04 27.29 33.13
CA GLY I 257 20.64 27.63 33.19
C GLY I 257 19.70 26.50 33.54
N ILE I 258 20.19 25.28 33.76
CA ILE I 258 19.40 24.24 34.39
C ILE I 258 19.54 24.41 35.90
N THR I 259 18.41 24.44 36.60
CA THR I 259 18.40 24.73 38.03
C THR I 259 17.70 23.61 38.79
N GLU I 260 18.33 23.18 39.86
CA GLU I 260 17.84 22.14 40.75
C GLU I 260 18.00 22.65 42.17
N THR I 261 16.99 22.46 43.01
CA THR I 261 17.00 23.08 44.33
C THR I 261 16.22 22.22 45.31
N ILE I 262 16.76 22.10 46.52
CA ILE I 262 16.21 21.23 47.55
C ILE I 262 16.18 22.02 48.86
N GLY I 263 15.04 21.97 49.55
CA GLY I 263 15.02 22.16 50.98
C GLY I 263 14.73 20.83 51.66
N THR I 264 15.60 20.38 52.57
CA THR I 264 15.41 19.10 53.22
C THR I 264 14.83 19.29 54.62
N THR I 265 14.36 18.18 55.19
CA THR I 265 13.81 18.16 56.54
C THR I 265 14.86 18.37 57.63
N GLN I 266 16.15 18.25 57.31
CA GLN I 266 17.19 18.65 58.24
C GLN I 266 17.13 20.14 58.52
N SER I 267 17.60 20.52 59.69
CA SER I 267 17.75 21.93 60.05
C SER I 267 18.77 22.05 61.16
N ALA I 268 19.19 23.29 61.44
CA ALA I 268 20.18 23.52 62.46
C ALA I 268 19.74 23.06 63.84
N MET I 269 18.43 22.99 64.08
CA MET I 269 17.87 22.43 65.30
C MET I 269 17.46 20.97 65.15
N TYR I 270 16.64 20.64 64.16
CA TYR I 270 15.94 19.37 64.08
C TYR I 270 16.61 18.43 63.11
N GLY I 271 16.73 17.16 63.50
CA GLY I 271 17.29 16.14 62.65
C GLY I 271 16.30 15.64 61.62
N GLY I 272 16.84 14.91 60.64
CA GLY I 272 16.03 14.49 59.51
C GLY I 272 14.82 13.65 59.89
N ALA I 273 14.90 12.93 61.01
CA ALA I 273 13.82 12.05 61.45
C ALA I 273 13.09 12.58 62.68
N SER I 274 13.21 13.88 62.96
CA SER I 274 12.61 14.48 64.14
C SER I 274 11.12 14.14 64.28
N ALA I 275 10.33 14.42 63.24
CA ALA I 275 8.89 14.25 63.34
C ALA I 275 8.49 12.82 63.63
N GLN I 276 9.13 11.86 62.96
CA GLN I 276 8.80 10.46 63.18
C GLN I 276 9.12 10.04 64.61
N ILE I 277 10.26 10.48 65.14
CA ILE I 277 10.62 10.16 66.51
C ILE I 277 9.63 10.79 67.49
N LEU I 278 9.20 12.03 67.24
CA LEU I 278 8.19 12.64 68.11
C LEU I 278 6.90 11.84 68.12
N GLN I 279 6.44 11.40 66.94
CA GLN I 279 5.23 10.59 66.90
C GLN I 279 5.42 9.27 67.62
N ILE I 280 6.57 8.63 67.42
CA ILE I 280 6.86 7.37 68.09
C ILE I 280 6.86 7.57 69.60
N ASN I 281 7.38 8.69 70.08
CA ASN I 281 7.36 8.96 71.51
C ASN I 281 5.93 9.16 72.03
N GLU I 282 5.06 9.77 71.24
CA GLU I 282 3.66 9.87 71.65
C GLU I 282 3.04 8.48 71.77
N ASP I 283 3.27 7.64 70.76
CA ASP I 283 2.73 6.28 70.80
C ASP I 283 3.27 5.50 71.99
N ILE I 284 4.57 5.64 72.26
CA ILE I 284 5.19 5.01 73.43
C ILE I 284 4.50 5.49 74.70
N LYS I 285 4.20 6.78 74.79
CA LYS I 285 3.55 7.29 76.00
C LYS I 285 2.18 6.65 76.21
N GLU I 286 1.39 6.55 75.14
CA GLU I 286 0.09 5.90 75.28
C GLU I 286 0.23 4.44 75.68
N LEU I 287 1.13 3.71 75.01
CA LEU I 287 1.33 2.30 75.32
C LEU I 287 1.78 2.11 76.76
N LEU I 288 2.73 2.91 77.22
CA LEU I 288 3.22 2.80 78.59
C LEU I 288 2.12 3.11 79.60
N ASP I 289 1.29 4.12 79.34
CA ASP I 289 0.18 4.36 80.25
C ASP I 289 -0.73 3.13 80.35
N GLY I 290 -1.06 2.55 79.20
CA GLY I 290 -1.90 1.35 79.23
C GLY I 290 -1.27 0.20 79.98
N LEU I 291 0.00 -0.09 79.71
CA LEU I 291 0.67 -1.21 80.36
C LEU I 291 0.94 -0.95 81.84
N ARG I 292 1.18 0.31 82.24
CA ARG I 292 1.31 0.65 83.65
C ARG I 292 -0.02 0.71 84.37
N ALA I 293 -1.13 0.58 83.64
CA ALA I 293 -2.41 0.28 84.27
C ALA I 293 -2.63 -1.22 84.41
N TYR I 294 -2.05 -2.01 83.50
CA TYR I 294 -2.23 -3.46 83.55
C TYR I 294 -1.42 -4.06 84.69
N PHE I 295 -0.13 -3.77 84.74
CA PHE I 295 0.68 -4.03 85.93
C PHE I 295 0.47 -2.91 86.95
N GLY I 296 0.45 -3.28 88.23
CA GLY I 296 0.07 -2.36 89.28
C GLY I 296 1.22 -1.50 89.79
N TYR I 297 0.86 -0.62 90.73
CA TYR I 297 1.85 0.14 91.49
C TYR I 297 2.57 -0.76 92.49
N ASN I 298 3.88 -0.59 92.59
CA ASN I 298 4.66 -1.34 93.56
C ASN I 298 4.42 -0.78 94.96
N MET I 299 4.35 -1.67 95.94
CA MET I 299 4.11 -1.29 97.32
C MET I 299 4.77 -2.32 98.23
N ILE I 300 5.20 -1.86 99.41
CA ILE I 300 5.74 -2.76 100.42
C ILE I 300 5.32 -2.25 101.79
N GLY I 301 5.06 -3.18 102.70
CA GLY I 301 4.83 -2.86 104.09
C GLY I 301 6.08 -2.84 104.94
N LEU I 302 6.38 -1.69 105.53
CA LEU I 302 7.46 -1.59 106.52
C LEU I 302 6.94 -1.97 107.89
N LEU J 17 -40.08 -24.21 84.04
CA LEU J 17 -38.93 -23.74 83.26
C LEU J 17 -38.01 -24.92 82.91
N ASN J 18 -37.45 -24.86 81.70
CA ASN J 18 -36.40 -25.79 81.29
C ASN J 18 -35.31 -24.99 80.59
N TYR J 19 -34.06 -25.39 80.83
CA TYR J 19 -32.91 -24.68 80.31
C TYR J 19 -31.70 -25.61 80.34
N GLU J 20 -30.70 -25.25 79.55
CA GLU J 20 -29.40 -25.89 79.68
C GLU J 20 -28.81 -25.55 81.04
N TYR J 21 -28.29 -26.56 81.75
CA TYR J 21 -28.20 -26.55 83.21
C TYR J 21 -27.68 -25.26 83.83
N PRO J 22 -26.46 -24.81 83.50
CA PRO J 22 -25.93 -23.64 84.23
C PRO J 22 -26.67 -22.36 83.92
N TYR J 23 -27.41 -22.30 82.83
CA TYR J 23 -27.90 -21.05 82.25
C TYR J 23 -29.34 -20.78 82.68
N HIS J 24 -29.54 -20.59 83.97
CA HIS J 24 -30.88 -20.30 84.49
C HIS J 24 -31.41 -19.01 83.84
N PRO J 25 -32.61 -19.01 83.26
CA PRO J 25 -33.03 -17.86 82.43
C PRO J 25 -33.05 -16.52 83.15
N SER J 26 -33.25 -16.49 84.46
CA SER J 26 -33.30 -15.23 85.18
C SER J 26 -31.91 -14.76 85.62
N GLY J 27 -31.14 -15.64 86.26
CA GLY J 27 -29.92 -15.23 86.92
C GLY J 27 -28.68 -15.32 86.05
N ASN J 28 -28.70 -16.20 85.06
CA ASN J 28 -27.53 -16.45 84.23
C ASN J 28 -27.94 -16.86 82.81
N PRO J 29 -28.72 -16.04 82.11
CA PRO J 29 -29.15 -16.43 80.76
C PRO J 29 -27.98 -16.68 79.82
N LYS J 30 -28.14 -17.70 78.97
CA LYS J 30 -27.15 -18.02 77.96
C LYS J 30 -27.17 -16.98 76.85
N HIS J 31 -26.01 -16.40 76.54
CA HIS J 31 -25.87 -15.45 75.46
C HIS J 31 -25.02 -15.96 74.29
N ILE J 32 -24.14 -16.93 74.52
CA ILE J 32 -23.32 -17.49 73.45
C ILE J 32 -23.08 -18.96 73.73
N ASP J 33 -22.96 -19.74 72.65
CA ASP J 33 -22.51 -21.12 72.74
C ASP J 33 -20.98 -21.19 72.71
N VAL J 34 -20.44 -22.11 73.51
CA VAL J 34 -18.99 -22.31 73.56
C VAL J 34 -18.40 -22.83 72.26
N SER J 35 -19.22 -23.23 71.29
CA SER J 35 -18.69 -23.50 69.96
C SER J 35 -18.37 -22.23 69.19
N GLU J 36 -19.13 -21.16 69.41
CA GLU J 36 -19.00 -19.95 68.61
C GLU J 36 -17.76 -19.14 68.99
N ILE J 37 -17.26 -19.28 70.21
CA ILE J 37 -16.09 -18.52 70.64
C ILE J 37 -14.86 -18.90 69.84
N ASP J 38 -14.84 -20.08 69.23
CA ASP J 38 -13.77 -20.42 68.30
C ASP J 38 -14.00 -19.87 66.91
N ASN J 39 -15.27 -19.63 66.53
CA ASN J 39 -15.60 -19.26 65.17
C ASN J 39 -15.63 -17.75 64.95
N LEU J 40 -15.87 -16.96 65.99
CA LEU J 40 -15.91 -15.52 65.83
C LEU J 40 -14.55 -14.96 65.41
N THR J 41 -14.59 -13.90 64.61
CA THR J 41 -13.41 -13.31 64.00
C THR J 41 -13.48 -11.80 64.11
N LEU J 42 -12.34 -11.15 63.93
CA LEU J 42 -12.31 -9.69 63.85
C LEU J 42 -13.26 -9.15 62.79
N ALA J 43 -13.40 -9.86 61.67
CA ALA J 43 -14.27 -9.38 60.59
C ALA J 43 -15.73 -9.34 61.01
N ASP J 44 -16.15 -10.22 61.91
CA ASP J 44 -17.54 -10.18 62.37
C ASP J 44 -17.85 -8.92 63.16
N TYR J 45 -16.84 -8.31 63.77
CA TYR J 45 -16.99 -7.03 64.45
C TYR J 45 -16.80 -5.83 63.52
N GLY J 46 -16.65 -6.05 62.22
CA GLY J 46 -16.47 -4.96 61.30
C GLY J 46 -15.06 -4.41 61.22
N TRP J 47 -14.08 -5.08 61.83
CA TRP J 47 -12.67 -4.72 61.67
C TRP J 47 -12.10 -5.50 60.49
N SER J 48 -11.86 -4.79 59.39
CA SER J 48 -11.32 -5.36 58.16
C SER J 48 -10.47 -4.31 57.49
N PRO J 49 -9.46 -4.71 56.69
CA PRO J 49 -8.70 -3.69 55.95
C PRO J 49 -9.57 -2.77 55.12
N ASP J 50 -10.66 -3.29 54.55
CA ASP J 50 -11.53 -2.44 53.74
C ASP J 50 -12.24 -1.39 54.59
N ALA J 51 -12.60 -1.74 55.83
CA ALA J 51 -13.19 -0.74 56.72
C ALA J 51 -12.21 0.37 57.07
N VAL J 52 -10.91 0.06 57.13
CA VAL J 52 -9.91 1.13 57.26
C VAL J 52 -9.85 1.95 55.98
N LYS J 53 -9.69 1.28 54.84
CA LYS J 53 -9.51 1.97 53.57
C LYS J 53 -10.66 2.92 53.28
N ALA J 54 -11.88 2.57 53.71
CA ALA J 54 -13.01 3.46 53.53
C ALA J 54 -12.77 4.84 54.13
N TYR J 55 -12.12 4.90 55.30
CA TYR J 55 -11.79 6.19 55.91
C TYR J 55 -10.67 6.95 55.22
N MET J 56 -9.99 6.34 54.25
CA MET J 56 -8.99 7.01 53.43
C MET J 56 -9.39 6.97 51.96
N PHE J 57 -10.69 7.01 51.70
CA PHE J 57 -11.23 7.07 50.35
C PHE J 57 -10.50 8.12 49.51
N GLY J 58 -9.99 7.69 48.36
CA GLY J 58 -9.21 8.55 47.49
C GLY J 58 -7.73 8.62 47.77
N ILE J 59 -7.21 7.78 48.67
CA ILE J 59 -5.77 7.65 48.89
C ILE J 59 -5.39 6.20 48.61
N VAL J 60 -4.16 6.01 48.15
CA VAL J 60 -3.53 4.69 48.09
C VAL J 60 -2.14 4.77 48.70
N VAL J 61 -1.75 3.73 49.44
CA VAL J 61 -0.44 3.65 50.07
C VAL J 61 0.42 2.75 49.19
N GLN J 62 1.52 3.29 48.68
CA GLN J 62 2.16 2.70 47.51
C GLN J 62 3.65 2.99 47.54
N ASN J 63 4.45 1.94 47.38
CA ASN J 63 5.90 2.04 47.48
C ASN J 63 6.43 2.86 46.30
N PRO J 64 7.04 4.03 46.50
CA PRO J 64 7.43 4.85 45.34
C PRO J 64 8.50 4.22 44.46
N ASP J 65 9.22 3.20 44.92
CA ASP J 65 10.22 2.53 44.10
C ASP J 65 9.65 1.41 43.25
N THR J 66 8.42 0.96 43.49
CA THR J 66 7.85 -0.18 42.77
C THR J 66 6.40 -0.01 42.39
N GLY J 67 5.66 0.94 42.96
CA GLY J 67 4.24 1.07 42.71
C GLY J 67 3.37 0.00 43.31
N GLN J 68 3.93 -0.93 44.07
CA GLN J 68 3.12 -1.97 44.69
C GLN J 68 2.33 -1.41 45.86
N PRO J 69 1.04 -1.72 45.98
CA PRO J 69 0.30 -1.30 47.18
C PRO J 69 0.70 -2.15 48.39
N MET J 70 0.54 -1.54 49.56
CA MET J 70 0.83 -2.24 50.81
C MET J 70 -0.12 -3.42 51.00
N GLY J 71 0.44 -4.54 51.46
CA GLY J 71 -0.32 -5.76 51.60
C GLY J 71 -1.25 -5.73 52.82
N ASP J 72 -2.40 -6.40 52.65
CA ASP J 72 -3.41 -6.45 53.72
C ASP J 72 -2.91 -7.15 54.97
N GLU J 73 -1.82 -7.93 54.89
CA GLU J 73 -1.27 -8.54 56.09
C GLU J 73 -0.91 -7.48 57.12
N PHE J 74 -0.35 -6.35 56.68
CA PHE J 74 -0.02 -5.28 57.60
C PHE J 74 -1.27 -4.68 58.21
N TYR J 75 -2.33 -4.55 57.43
CA TYR J 75 -3.60 -4.04 57.95
C TYR J 75 -4.14 -4.96 59.05
N ASN J 76 -4.14 -6.27 58.82
CA ASN J 76 -4.61 -7.20 59.83
C ASN J 76 -3.76 -7.16 61.09
N HIS J 77 -2.43 -7.12 60.93
CA HIS J 77 -1.52 -7.01 62.06
C HIS J 77 -1.83 -5.76 62.89
N ILE J 78 -1.95 -4.60 62.21
CA ILE J 78 -2.24 -3.36 62.90
C ILE J 78 -3.59 -3.42 63.60
N LEU J 79 -4.60 -4.02 62.95
CA LEU J 79 -5.90 -4.14 63.58
C LEU J 79 -5.84 -4.98 64.86
N GLU J 80 -5.12 -6.09 64.84
CA GLU J 80 -5.04 -6.93 66.03
C GLU J 80 -4.34 -6.20 67.18
N ARG J 81 -3.33 -5.38 66.85
CA ARG J 81 -2.69 -4.60 67.91
C ARG J 81 -3.59 -3.45 68.37
N ALA J 82 -4.33 -2.83 67.46
CA ALA J 82 -5.26 -1.78 67.84
C ALA J 82 -6.36 -2.30 68.77
N VAL J 83 -6.81 -3.53 68.55
CA VAL J 83 -7.75 -4.15 69.49
C VAL J 83 -7.10 -4.34 70.85
N GLY J 84 -5.85 -4.81 70.87
CA GLY J 84 -5.15 -4.91 72.15
C GLY J 84 -5.04 -3.57 72.87
N LYS J 85 -4.70 -2.52 72.12
CA LYS J 85 -4.64 -1.18 72.71
C LYS J 85 -5.99 -0.76 73.27
N ALA J 86 -7.07 -0.97 72.51
CA ALA J 86 -8.40 -0.61 73.00
C ALA J 86 -8.75 -1.39 74.26
N GLU J 87 -8.38 -2.67 74.32
CA GLU J 87 -8.59 -3.48 75.52
C GLU J 87 -7.70 -3.09 76.68
N ARG J 88 -6.73 -2.20 76.50
CA ARG J 88 -5.96 -1.68 77.64
C ARG J 88 -6.27 -0.23 77.99
N ALA J 89 -6.68 0.59 77.03
CA ALA J 89 -7.15 1.93 77.35
C ALA J 89 -8.40 1.89 78.20
N LEU J 90 -9.23 0.87 78.01
CA LEU J 90 -10.39 0.60 78.86
C LEU J 90 -10.20 -0.77 79.47
N ASP J 91 -10.63 -0.90 80.73
CA ASP J 91 -10.39 -2.13 81.50
C ASP J 91 -11.45 -3.19 81.16
N ILE J 92 -11.38 -3.69 79.93
CA ILE J 92 -12.45 -4.51 79.35
C ILE J 92 -11.85 -5.67 78.60
N SER J 93 -12.68 -6.69 78.34
CA SER J 93 -12.40 -7.77 77.42
C SER J 93 -13.36 -7.64 76.24
N ILE J 94 -12.82 -7.33 75.06
CA ILE J 94 -13.67 -7.15 73.89
C ILE J 94 -14.01 -8.50 73.26
N LEU J 95 -12.99 -9.24 72.78
CA LEU J 95 -13.24 -10.49 72.07
C LEU J 95 -13.54 -11.64 73.04
N PRO J 96 -14.53 -12.48 72.74
CA PRO J 96 -14.88 -13.59 73.65
C PRO J 96 -13.71 -14.52 73.95
N ASP J 97 -13.56 -14.86 75.24
CA ASP J 97 -12.60 -15.86 75.66
C ASP J 97 -13.09 -16.50 76.95
N THR J 98 -12.66 -17.74 77.18
CA THR J 98 -12.98 -18.47 78.40
C THR J 98 -11.96 -18.12 79.47
N GLN J 99 -12.44 -17.62 80.61
CA GLN J 99 -11.61 -17.24 81.75
C GLN J 99 -11.82 -18.23 82.90
N HIS J 100 -10.71 -18.66 83.50
CA HIS J 100 -10.74 -19.52 84.69
C HIS J 100 -9.99 -18.79 85.80
N GLU J 101 -10.69 -18.49 86.89
CA GLU J 101 -10.13 -17.73 88.01
C GLU J 101 -10.26 -18.48 89.33
N MET J 102 -9.21 -18.42 90.13
CA MET J 102 -9.21 -18.83 91.53
C MET J 102 -9.15 -17.57 92.39
N ARG J 103 -10.21 -17.31 93.16
CA ARG J 103 -10.40 -16.05 93.85
C ARG J 103 -10.35 -16.26 95.36
N ASP J 104 -9.87 -15.24 96.07
CA ASP J 104 -9.65 -15.32 97.51
C ASP J 104 -10.94 -15.14 98.29
N TYR J 105 -11.02 -15.85 99.42
CA TYR J 105 -12.03 -15.56 100.42
C TYR J 105 -11.70 -14.26 101.16
N HIS J 106 -12.67 -13.34 101.17
CA HIS J 106 -12.65 -12.17 102.05
C HIS J 106 -13.95 -12.12 102.83
N GLU J 107 -13.84 -11.93 104.15
CA GLU J 107 -14.98 -12.10 105.04
C GLU J 107 -16.10 -11.12 104.74
N THR J 108 -15.76 -9.84 104.55
CA THR J 108 -16.78 -8.83 104.30
C THR J 108 -17.56 -9.14 103.03
N GLU J 109 -16.86 -9.41 101.94
CA GLU J 109 -17.53 -9.65 100.67
C GLU J 109 -18.21 -11.00 100.63
N PHE J 110 -17.64 -12.01 101.33
CA PHE J 110 -18.31 -13.29 101.42
C PHE J 110 -19.63 -13.16 102.18
N ASN J 111 -19.63 -12.38 103.26
CA ASN J 111 -20.89 -12.11 103.97
C ASN J 111 -21.85 -11.27 103.13
N SER J 112 -21.34 -10.47 102.20
CA SER J 112 -22.17 -9.61 101.35
C SER J 112 -22.75 -10.40 100.17
N TYR J 113 -23.49 -11.48 100.49
CA TYR J 113 -24.09 -12.35 99.48
C TYR J 113 -23.04 -12.96 98.55
N MET J 114 -21.88 -13.32 99.11
CA MET J 114 -20.82 -13.98 98.35
C MET J 114 -20.42 -13.13 97.14
N PHE J 115 -20.23 -11.85 97.39
CA PHE J 115 -19.88 -10.93 96.31
C PHE J 115 -18.49 -11.25 95.79
N VAL J 116 -18.36 -11.40 94.48
CA VAL J 116 -17.06 -11.46 93.82
C VAL J 116 -17.12 -10.59 92.58
N HIS J 117 -16.06 -9.81 92.37
CA HIS J 117 -15.88 -9.03 91.15
C HIS J 117 -14.92 -9.78 90.22
N ALA J 118 -15.38 -10.07 89.01
CA ALA J 118 -14.52 -10.71 88.03
C ALA J 118 -13.41 -9.77 87.60
N TYR J 119 -12.26 -10.34 87.26
CA TYR J 119 -11.15 -9.54 86.75
C TYR J 119 -11.45 -8.97 85.37
N ARG J 120 -12.28 -9.65 84.58
CA ARG J 120 -12.58 -9.26 83.21
C ARG J 120 -14.08 -9.05 83.07
N LYS J 121 -14.46 -8.06 82.27
CA LYS J 121 -15.86 -7.73 82.07
C LYS J 121 -16.04 -7.26 80.63
N PRO J 122 -17.26 -7.34 80.08
CA PRO J 122 -18.51 -7.92 80.59
C PRO J 122 -18.49 -9.44 80.74
N ILE J 123 -19.39 -9.98 81.57
CA ILE J 123 -19.65 -11.41 81.62
C ILE J 123 -20.69 -11.74 80.55
N LEU J 124 -20.34 -12.62 79.63
CA LEU J 124 -21.35 -13.18 78.74
C LEU J 124 -22.18 -14.24 79.45
N GLN J 125 -21.51 -15.18 80.12
CA GLN J 125 -22.21 -16.14 80.98
C GLN J 125 -21.20 -16.76 81.93
N VAL J 126 -21.72 -17.27 83.03
CA VAL J 126 -20.93 -18.04 84.00
C VAL J 126 -21.02 -19.52 83.62
N GLU J 127 -19.87 -20.20 83.64
CA GLU J 127 -19.80 -21.61 83.25
C GLU J 127 -19.72 -22.53 84.45
N ASN J 128 -19.03 -22.13 85.52
CA ASN J 128 -18.96 -22.95 86.72
C ASN J 128 -18.63 -22.04 87.89
N LEU J 129 -19.09 -22.43 89.07
CA LEU J 129 -18.82 -21.69 90.30
C LEU J 129 -18.85 -22.67 91.45
N GLN J 130 -17.75 -22.79 92.18
CA GLN J 130 -17.63 -23.80 93.21
C GLN J 130 -16.74 -23.28 94.33
N LEU J 131 -16.96 -23.81 95.53
CA LEU J 131 -16.09 -23.61 96.67
C LEU J 131 -15.31 -24.90 96.86
N GLN J 132 -13.99 -24.77 97.00
CA GLN J 132 -13.13 -25.94 96.88
C GLN J 132 -11.96 -25.83 97.84
N PHE J 133 -11.31 -26.98 98.05
CA PHE J 133 -10.18 -27.09 98.96
C PHE J 133 -9.20 -28.09 98.36
N ASN J 134 -8.03 -27.61 97.96
CA ASN J 134 -7.04 -28.42 97.25
C ASN J 134 -7.66 -29.09 96.01
N GLY J 135 -8.53 -28.35 95.32
CA GLY J 135 -9.19 -28.83 94.11
C GLY J 135 -10.38 -29.73 94.34
N ARG J 136 -10.62 -30.20 95.56
CA ARG J 136 -11.82 -30.96 95.84
C ARG J 136 -13.01 -30.00 96.01
N PRO J 137 -14.13 -30.21 95.32
CA PRO J 137 -15.31 -29.37 95.59
C PRO J 137 -15.82 -29.62 97.01
N ILE J 138 -15.85 -28.56 97.81
CA ILE J 138 -16.46 -28.62 99.12
C ILE J 138 -17.96 -28.39 99.02
N TYR J 139 -18.38 -27.48 98.14
CA TYR J 139 -19.78 -27.36 97.80
C TYR J 139 -19.91 -26.83 96.38
N LYS J 140 -20.94 -27.29 95.69
CA LYS J 140 -21.30 -26.82 94.35
C LYS J 140 -22.61 -26.05 94.45
N TYR J 141 -22.55 -24.76 94.17
CA TYR J 141 -23.72 -23.93 94.36
C TYR J 141 -24.75 -24.19 93.25
N PRO J 142 -26.03 -24.41 93.59
CA PRO J 142 -27.03 -24.59 92.53
C PRO J 142 -27.10 -23.40 91.58
N ALA J 143 -27.22 -23.69 90.29
CA ALA J 143 -27.22 -22.64 89.28
C ALA J 143 -28.37 -21.67 89.49
N ASN J 144 -29.47 -22.12 90.09
CA ASN J 144 -30.59 -21.22 90.37
C ASN J 144 -30.27 -20.21 91.45
N TRP J 145 -29.15 -20.34 92.16
CA TRP J 145 -28.72 -19.32 93.11
C TRP J 145 -27.90 -18.21 92.46
N TRP J 146 -27.31 -18.47 91.29
CA TRP J 146 -26.37 -17.53 90.69
C TRP J 146 -27.09 -16.27 90.22
N LYS J 147 -26.57 -15.11 90.63
CA LYS J 147 -27.04 -13.82 90.17
C LYS J 147 -25.88 -13.14 89.44
N VAL J 148 -26.11 -12.74 88.20
CA VAL J 148 -25.09 -12.15 87.35
C VAL J 148 -25.53 -10.76 86.91
N GLU J 149 -24.61 -9.80 87.00
CA GLU J 149 -24.74 -8.49 86.37
C GLU J 149 -23.64 -8.38 85.33
N HIS J 150 -24.04 -8.35 84.06
CA HIS J 150 -23.12 -8.66 82.97
C HIS J 150 -22.15 -7.52 82.70
N LEU J 151 -22.66 -6.30 82.51
CA LEU J 151 -21.77 -5.18 82.21
C LEU J 151 -20.92 -4.77 83.40
N ALA J 152 -21.44 -4.91 84.62
CA ALA J 152 -20.65 -4.58 85.80
C ALA J 152 -19.51 -5.57 86.02
N GLY J 153 -19.73 -6.85 85.70
CA GLY J 153 -18.78 -7.88 86.06
C GLY J 153 -18.93 -8.41 87.46
N HIS J 154 -20.15 -8.46 87.99
CA HIS J 154 -20.42 -8.87 89.36
C HIS J 154 -21.14 -10.22 89.36
N VAL J 155 -20.77 -11.08 90.30
CA VAL J 155 -21.47 -12.33 90.55
C VAL J 155 -21.80 -12.41 92.03
N GLN J 156 -23.01 -12.87 92.34
CA GLN J 156 -23.45 -13.04 93.72
C GLN J 156 -24.29 -14.32 93.82
N LEU J 157 -24.48 -14.76 95.05
CA LEU J 157 -25.41 -15.85 95.38
C LEU J 157 -26.55 -15.30 96.21
N PHE J 158 -27.77 -15.74 95.90
CA PHE J 158 -28.95 -15.48 96.73
C PHE J 158 -29.61 -16.82 97.03
N PRO J 159 -29.23 -17.48 98.12
CA PRO J 159 -29.65 -18.87 98.32
C PRO J 159 -31.17 -19.03 98.45
N THR J 160 -31.69 -20.04 97.75
CA THR J 160 -33.10 -20.40 97.85
C THR J 160 -33.38 -21.21 99.10
N ALA J 161 -32.44 -22.07 99.49
CA ALA J 161 -32.64 -23.03 100.58
C ALA J 161 -33.94 -23.81 100.40
N GLY J 189 -11.06 -18.12 111.58
CA GLY J 189 -9.96 -17.66 112.41
C GLY J 189 -9.11 -16.59 111.76
N ALA J 190 -9.39 -16.27 110.50
CA ALA J 190 -8.71 -15.18 109.82
C ALA J 190 -9.69 -14.50 108.88
N THR J 191 -9.38 -13.25 108.55
CA THR J 191 -10.27 -12.43 107.73
C THR J 191 -10.20 -12.77 106.25
N PHE J 192 -9.17 -13.48 105.80
CA PHE J 192 -9.04 -13.86 104.41
C PHE J 192 -8.35 -15.21 104.30
N ALA J 193 -8.54 -15.86 103.15
CA ALA J 193 -7.84 -17.10 102.85
C ALA J 193 -7.68 -17.21 101.34
N PRO J 194 -6.56 -17.74 100.84
CA PRO J 194 -6.29 -17.68 99.40
C PRO J 194 -7.09 -18.71 98.59
N GLN J 195 -7.56 -18.26 97.42
CA GLN J 195 -8.03 -19.13 96.34
C GLN J 195 -9.10 -20.11 96.80
N MET J 196 -9.99 -19.65 97.68
CA MET J 196 -11.06 -20.52 98.16
C MET J 196 -12.16 -20.70 97.12
N ILE J 197 -12.38 -19.70 96.27
CA ILE J 197 -13.49 -19.67 95.32
C ILE J 197 -12.94 -20.05 93.94
N ARG J 198 -13.62 -20.98 93.28
CA ARG J 198 -13.33 -21.34 91.90
C ARG J 198 -14.43 -20.80 91.00
N LEU J 199 -14.06 -19.93 90.06
CA LEU J 199 -15.00 -19.27 89.16
C LEU J 199 -14.56 -19.48 87.72
N GLU J 200 -15.47 -19.99 86.90
CA GLU J 200 -15.27 -20.09 85.46
C GLU J 200 -16.37 -19.33 84.74
N TYR J 201 -16.01 -18.54 83.74
CA TYR J 201 -16.97 -17.72 83.02
C TYR J 201 -16.42 -17.39 81.64
N VAL J 202 -17.30 -16.90 80.78
CA VAL J 202 -16.92 -16.34 79.49
C VAL J 202 -17.02 -14.82 79.58
N SER J 203 -15.92 -14.14 79.31
CA SER J 203 -15.91 -12.69 79.15
C SER J 203 -15.94 -12.35 77.67
N GLY J 204 -16.34 -11.13 77.36
CA GLY J 204 -16.28 -10.59 76.02
C GLY J 204 -17.53 -9.80 75.69
N MET J 205 -17.62 -9.39 74.42
CA MET J 205 -18.82 -8.76 73.86
C MET J 205 -19.23 -9.47 72.58
N LEU J 206 -20.54 -9.51 72.34
CA LEU J 206 -21.06 -9.98 71.06
C LEU J 206 -21.21 -8.80 70.09
N PRO J 207 -21.14 -9.04 68.77
CA PRO J 207 -21.51 -7.97 67.83
C PRO J 207 -22.99 -7.62 67.93
N ARG J 208 -23.28 -6.31 67.87
CA ARG J 208 -24.64 -5.83 68.08
C ARG J 208 -25.59 -6.33 67.02
N LYS J 209 -26.83 -6.59 67.43
CA LYS J 209 -27.84 -7.18 66.57
C LYS J 209 -28.64 -6.16 65.78
N LYS J 210 -28.70 -4.90 66.22
CA LYS J 210 -29.46 -3.86 65.54
C LYS J 210 -28.56 -2.66 65.28
N ALA J 211 -28.93 -1.88 64.27
CA ALA J 211 -28.21 -0.65 64.00
C ALA J 211 -28.40 0.34 65.14
N GLY J 212 -27.32 1.03 65.51
CA GLY J 212 -27.41 2.12 66.45
C GLY J 212 -27.71 1.71 67.88
N ARG J 213 -27.80 0.42 68.18
CA ARG J 213 -28.23 -0.07 69.47
C ARG J 213 -27.29 -1.18 69.94
N ASN J 214 -27.11 -1.28 71.24
CA ASN J 214 -26.38 -2.39 71.84
C ASN J 214 -27.02 -2.77 73.17
N LYS J 215 -27.10 -4.07 73.43
CA LYS J 215 -27.37 -4.58 74.76
C LYS J 215 -26.12 -4.46 75.62
N PRO J 216 -26.26 -4.57 76.95
CA PRO J 216 -25.07 -4.42 77.82
C PRO J 216 -23.97 -5.43 77.51
N TRP J 217 -24.28 -6.56 76.90
CA TRP J 217 -23.29 -7.54 76.48
C TRP J 217 -22.88 -7.39 75.02
N GLU J 218 -23.32 -6.34 74.35
CA GLU J 218 -23.03 -6.09 72.95
C GLU J 218 -22.11 -4.89 72.80
N MET J 219 -21.26 -4.94 71.78
CA MET J 219 -20.25 -3.90 71.60
C MET J 219 -20.90 -2.57 71.22
N PRO J 220 -20.54 -1.46 71.88
CA PRO J 220 -21.04 -0.15 71.44
C PRO J 220 -20.56 0.17 70.04
N PRO J 221 -21.38 0.82 69.20
CA PRO J 221 -20.90 1.19 67.86
C PRO J 221 -19.67 2.07 67.86
N GLU J 222 -19.51 2.94 68.86
CA GLU J 222 -18.38 3.85 68.90
C GLU J 222 -17.06 3.17 69.26
N LEU J 223 -17.08 2.01 69.92
CA LEU J 223 -15.83 1.33 70.23
C LEU J 223 -15.21 0.74 68.97
N GLU J 224 -16.04 0.29 68.04
CA GLU J 224 -15.57 -0.09 66.72
C GLU J 224 -14.82 1.06 66.06
N GLN J 225 -15.41 2.26 66.11
CA GLN J 225 -14.77 3.43 65.53
C GLN J 225 -13.49 3.78 66.25
N LEU J 226 -13.43 3.59 67.57
CA LEU J 226 -12.19 3.79 68.31
C LEU J 226 -11.07 2.87 67.81
N VAL J 227 -11.38 1.58 67.64
CA VAL J 227 -10.36 0.65 67.16
C VAL J 227 -9.94 1.00 65.74
N ILE J 228 -10.90 1.41 64.90
CA ILE J 228 -10.56 1.83 63.54
C ILE J 228 -9.61 3.02 63.60
N LYS J 229 -9.92 4.01 64.45
CA LYS J 229 -9.07 5.19 64.55
C LYS J 229 -7.67 4.85 65.04
N TYR J 230 -7.56 3.88 65.96
CA TYR J 230 -6.23 3.46 66.40
C TYR J 230 -5.44 2.84 65.26
N ALA J 231 -6.07 1.98 64.45
CA ALA J 231 -5.37 1.44 63.28
C ALA J 231 -4.99 2.55 62.30
N LEU J 232 -5.95 3.44 62.04
CA LEU J 232 -5.76 4.49 61.05
C LEU J 232 -4.62 5.43 61.41
N LYS J 233 -4.42 5.70 62.70
CA LYS J 233 -3.28 6.52 63.11
C LYS J 233 -1.95 5.89 62.69
N GLU J 234 -1.84 4.57 62.76
CA GLU J 234 -0.60 3.92 62.31
C GLU J 234 -0.47 3.94 60.80
N ILE J 235 -1.59 3.70 60.11
CA ILE J 235 -1.52 3.70 58.65
C ILE J 235 -1.14 5.09 58.15
N TYR J 236 -1.68 6.14 58.78
CA TYR J 236 -1.24 7.50 58.44
C TYR J 236 0.22 7.75 58.77
N GLN J 237 0.75 7.15 59.84
CA GLN J 237 2.18 7.32 60.09
C GLN J 237 3.02 6.69 58.99
N VAL J 238 2.60 5.53 58.49
CA VAL J 238 3.32 4.90 57.39
C VAL J 238 3.23 5.78 56.14
N TRP J 239 1.99 6.12 55.73
CA TRP J 239 1.76 6.86 54.50
C TRP J 239 2.41 8.24 54.50
N GLY J 240 2.51 8.90 55.65
CA GLY J 240 3.12 10.22 55.73
C GLY J 240 4.59 10.28 55.32
N ASN J 241 5.27 9.14 55.22
CA ASN J 241 6.64 9.13 54.71
C ASN J 241 6.74 9.10 53.20
N LEU J 242 5.67 8.72 52.49
CA LEU J 242 5.75 8.35 51.09
C LEU J 242 5.13 9.36 50.15
N ILE J 243 4.39 10.36 50.66
CA ILE J 243 3.76 11.35 49.79
C ILE J 243 4.79 12.07 48.91
N ILE J 244 6.03 12.18 49.38
CA ILE J 244 7.04 13.00 48.73
C ILE J 244 8.36 12.25 48.86
N GLY J 245 9.33 12.62 48.03
CA GLY J 245 10.68 12.12 48.19
C GLY J 245 11.17 12.27 49.61
N ALA J 246 11.82 11.21 50.12
CA ALA J 246 12.16 11.15 51.54
C ALA J 246 13.05 12.31 51.95
N GLY J 247 12.63 13.01 53.01
CA GLY J 247 13.42 14.11 53.54
C GLY J 247 13.40 15.38 52.73
N ILE J 248 12.44 15.56 51.83
CA ILE J 248 12.31 16.78 51.05
C ILE J 248 11.19 17.63 51.64
N ALA J 249 11.50 18.90 51.91
CA ALA J 249 10.54 19.90 52.36
C ALA J 249 10.16 20.90 51.28
N ASN J 250 11.09 21.21 50.37
CA ASN J 250 10.83 22.07 49.23
C ASN J 250 11.61 21.53 48.03
N LYS J 251 11.04 21.70 46.85
CA LYS J 251 11.74 21.37 45.61
C LYS J 251 11.43 22.42 44.57
N THR J 252 12.43 22.72 43.73
CA THR J 252 12.24 23.53 42.54
C THR J 252 13.08 22.93 41.42
N LEU J 253 12.50 22.85 40.24
CA LEU J 253 13.20 22.37 39.06
C LEU J 253 12.90 23.28 37.89
N GLU J 254 13.93 23.68 37.15
CA GLU J 254 13.80 24.51 35.96
C GLU J 254 14.63 23.87 34.85
N VAL J 255 13.99 23.54 33.74
CA VAL J 255 14.64 22.88 32.62
C VAL J 255 14.03 23.40 31.33
N ASP J 256 14.85 24.04 30.50
CA ASP J 256 14.49 24.39 29.12
C ASP J 256 13.13 25.10 29.02
N GLY J 257 12.92 26.07 29.91
CA GLY J 257 11.71 26.86 29.87
C GLY J 257 10.50 26.24 30.54
N ILE J 258 10.64 25.08 31.17
CA ILE J 258 9.62 24.52 32.05
C ILE J 258 10.14 24.68 33.47
N THR J 259 9.29 25.21 34.35
CA THR J 259 9.63 25.45 35.74
C THR J 259 8.53 24.89 36.64
N GLU J 260 8.94 24.21 37.70
CA GLU J 260 8.03 23.70 38.70
C GLU J 260 8.59 24.01 40.08
N THR J 261 7.70 24.41 40.99
CA THR J 261 8.03 24.59 42.39
C THR J 261 6.93 23.94 43.21
N ILE J 262 7.31 23.16 44.23
CA ILE J 262 6.37 22.49 45.11
C ILE J 262 6.78 22.76 46.55
N GLY J 263 5.81 23.17 47.37
CA GLY J 263 5.94 23.11 48.82
C GLY J 263 5.08 21.98 49.36
N THR J 264 5.69 21.11 50.16
CA THR J 264 4.98 19.98 50.74
C THR J 264 4.57 20.30 52.17
N THR J 265 3.64 19.48 52.68
CA THR J 265 3.27 19.49 54.08
C THR J 265 4.37 18.97 55.01
N GLN J 266 5.34 18.23 54.49
CA GLN J 266 6.53 17.90 55.28
C GLN J 266 7.29 19.16 55.68
N SER J 267 7.92 19.09 56.84
CA SER J 267 8.77 20.19 57.31
C SER J 267 9.73 19.63 58.35
N ALA J 268 10.72 20.45 58.68
CA ALA J 268 11.74 20.05 59.66
C ALA J 268 11.16 19.74 61.02
N MET J 269 10.01 20.34 61.37
CA MET J 269 9.28 19.98 62.58
C MET J 269 8.25 18.88 62.37
N TYR J 270 7.38 19.03 61.38
CA TYR J 270 6.17 18.22 61.24
C TYR J 270 6.26 17.27 60.06
N GLY J 271 5.79 16.04 60.29
CA GLY J 271 5.69 15.06 59.22
C GLY J 271 4.47 15.28 58.35
N GLY J 272 4.48 14.64 57.19
CA GLY J 272 3.46 14.89 56.19
C GLY J 272 2.04 14.62 56.66
N ALA J 273 1.86 13.67 57.58
CA ALA J 273 0.54 13.30 58.07
C ALA J 273 0.25 13.85 59.47
N SER J 274 1.02 14.84 59.92
CA SER J 274 0.80 15.43 61.24
C SER J 274 -0.65 15.85 61.45
N ALA J 275 -1.24 16.55 60.48
CA ALA J 275 -2.58 17.11 60.66
C ALA J 275 -3.61 16.03 60.88
N GLN J 276 -3.61 15.00 60.04
CA GLN J 276 -4.57 13.92 60.16
C GLN J 276 -4.42 13.21 61.50
N ILE J 277 -3.19 12.95 61.90
CA ILE J 277 -2.94 12.29 63.18
C ILE J 277 -3.46 13.13 64.34
N LEU J 278 -3.23 14.45 64.30
CA LEU J 278 -3.76 15.31 65.35
C LEU J 278 -5.28 15.25 65.41
N GLN J 279 -5.95 15.30 64.27
CA GLN J 279 -7.40 15.22 64.28
C GLN J 279 -7.88 13.87 64.80
N ILE J 280 -7.19 12.80 64.42
CA ILE J 280 -7.55 11.47 64.90
C ILE J 280 -7.34 11.36 66.40
N ASN J 281 -6.30 12.00 66.93
CA ASN J 281 -6.09 12.02 68.37
C ASN J 281 -7.20 12.78 69.08
N GLU J 282 -7.71 13.85 68.48
CA GLU J 282 -8.85 14.54 69.08
C GLU J 282 -10.08 13.63 69.11
N ASP J 283 -10.36 12.96 67.99
CA ASP J 283 -11.50 12.04 67.95
C ASP J 283 -11.34 10.92 68.98
N ILE J 284 -10.13 10.36 69.09
CA ILE J 284 -9.87 9.32 70.08
C ILE J 284 -10.13 9.85 71.49
N LYS J 285 -9.70 11.08 71.77
CA LYS J 285 -9.93 11.64 73.10
C LYS J 285 -11.40 11.77 73.41
N GLU J 286 -12.19 12.26 72.46
CA GLU J 286 -13.64 12.35 72.67
C GLU J 286 -14.26 10.98 72.91
N LEU J 287 -13.89 10.00 72.07
CA LEU J 287 -14.44 8.65 72.21
C LEU J 287 -14.07 8.05 73.55
N LEU J 288 -12.82 8.21 73.98
CA LEU J 288 -12.39 7.64 75.25
C LEU J 288 -13.09 8.29 76.42
N ASP J 289 -13.31 9.62 76.38
CA ASP J 289 -14.09 10.24 77.44
C ASP J 289 -15.48 9.63 77.52
N GLY J 290 -16.12 9.45 76.36
CA GLY J 290 -17.44 8.86 76.35
C GLY J 290 -17.46 7.44 76.89
N LEU J 291 -16.51 6.63 76.46
CA LEU J 291 -16.48 5.23 76.89
C LEU J 291 -16.08 5.08 78.34
N ARG J 292 -15.23 5.96 78.86
CA ARG J 292 -14.92 5.97 80.28
C ARG J 292 -16.03 6.58 81.11
N ALA J 293 -17.06 7.15 80.47
CA ALA J 293 -18.30 7.44 81.17
C ALA J 293 -19.26 6.25 81.13
N TYR J 294 -19.19 5.43 80.09
CA TYR J 294 -20.08 4.28 79.97
C TYR J 294 -19.69 3.17 80.94
N PHE J 295 -18.43 2.74 80.89
CA PHE J 295 -17.84 1.97 81.98
C PHE J 295 -17.46 2.89 83.12
N GLY J 296 -17.60 2.39 84.35
CA GLY J 296 -17.43 3.24 85.52
C GLY J 296 -15.99 3.32 86.01
N TYR J 297 -15.81 4.12 87.06
CA TYR J 297 -14.54 4.14 87.78
C TYR J 297 -14.35 2.88 88.61
N ASN J 298 -13.13 2.34 88.56
CA ASN J 298 -12.80 1.18 89.35
C ASN J 298 -12.65 1.56 90.82
N MET J 299 -13.09 0.67 91.71
CA MET J 299 -13.03 0.90 93.14
C MET J 299 -12.89 -0.44 93.84
N ILE J 300 -12.23 -0.43 95.00
CA ILE J 300 -12.11 -1.62 95.84
C ILE J 300 -12.14 -1.18 97.29
N GLY J 301 -12.73 -2.02 98.14
CA GLY J 301 -12.67 -1.81 99.57
C GLY J 301 -11.48 -2.51 100.18
N LEU J 302 -10.59 -1.72 100.80
CA LEU J 302 -9.48 -2.27 101.58
C LEU J 302 -9.93 -2.59 103.00
N ALA K 2 46.68 -13.33 -73.72
CA ALA K 2 47.53 -12.79 -72.63
C ALA K 2 48.81 -12.18 -73.20
N VAL K 3 49.53 -11.43 -72.35
CA VAL K 3 50.88 -11.00 -72.72
C VAL K 3 51.75 -12.23 -72.90
N GLU K 4 52.48 -12.27 -74.01
CA GLU K 4 53.37 -13.39 -74.34
C GLU K 4 54.80 -13.05 -73.96
N PRO K 5 55.51 -13.87 -73.19
CA PRO K 5 56.95 -13.65 -73.01
C PRO K 5 57.73 -14.25 -74.16
N PHE K 6 58.73 -13.50 -74.63
CA PHE K 6 59.73 -14.02 -75.56
C PHE K 6 61.12 -13.85 -74.97
N PRO K 7 61.94 -14.92 -74.82
CA PRO K 7 61.63 -16.34 -75.00
C PRO K 7 60.51 -16.81 -74.08
N ARG K 8 59.87 -17.92 -74.42
CA ARG K 8 58.95 -18.56 -73.48
C ARG K 8 59.69 -19.04 -72.24
N ARG K 9 60.84 -19.66 -72.42
CA ARG K 9 61.68 -20.03 -71.28
C ARG K 9 62.18 -18.77 -70.55
N PRO K 10 62.12 -18.74 -69.22
CA PRO K 10 62.80 -17.67 -68.49
C PRO K 10 64.32 -17.84 -68.53
N ILE K 11 65.00 -16.71 -68.34
CA ILE K 11 66.46 -16.65 -68.39
C ILE K 11 66.92 -15.72 -67.28
N THR K 12 68.06 -16.05 -66.66
CA THR K 12 68.64 -15.24 -65.60
C THR K 12 69.99 -14.62 -65.96
N ARG K 13 70.80 -15.27 -66.79
CA ARG K 13 72.01 -14.63 -67.29
C ARG K 13 71.65 -13.37 -68.07
N PRO K 14 72.61 -12.48 -68.34
CA PRO K 14 72.29 -11.23 -69.04
C PRO K 14 71.66 -11.48 -70.41
N HIS K 15 70.53 -10.83 -70.65
CA HIS K 15 69.78 -11.03 -71.88
C HIS K 15 68.77 -9.91 -72.03
N ALA K 16 68.17 -9.83 -73.22
CA ALA K 16 66.96 -9.06 -73.46
C ALA K 16 65.76 -10.00 -73.58
N SER K 17 64.60 -9.52 -73.12
CA SER K 17 63.34 -10.23 -73.35
C SER K 17 62.28 -9.25 -73.84
N ILE K 18 61.43 -9.74 -74.74
CA ILE K 18 60.35 -8.96 -75.35
C ILE K 18 59.02 -9.49 -74.82
N GLU K 19 58.20 -8.60 -74.29
CA GLU K 19 56.81 -8.90 -73.96
C GLU K 19 55.87 -8.24 -74.95
N VAL K 20 54.99 -9.05 -75.55
CA VAL K 20 54.15 -8.64 -76.67
C VAL K 20 52.71 -8.53 -76.18
N ASP K 21 52.14 -7.33 -76.27
CA ASP K 21 50.72 -7.11 -76.01
C ASP K 21 49.96 -7.17 -77.33
N THR K 22 49.32 -8.31 -77.59
CA THR K 22 48.45 -8.49 -78.75
C THR K 22 47.04 -7.95 -78.59
N SER K 23 46.64 -7.60 -77.36
CA SER K 23 45.23 -7.38 -77.04
C SER K 23 44.64 -6.16 -77.74
N GLY K 24 45.47 -5.26 -78.26
CA GLY K 24 45.00 -4.13 -79.03
C GLY K 24 44.49 -4.46 -80.43
N ILE K 25 44.54 -5.73 -80.84
CA ILE K 25 44.18 -6.12 -82.20
C ILE K 25 43.08 -7.16 -82.26
N GLY K 26 42.78 -7.87 -81.17
CA GLY K 26 41.75 -8.89 -81.20
C GLY K 26 40.41 -8.36 -81.68
N GLY K 27 39.67 -9.23 -82.37
CA GLY K 27 38.41 -8.89 -83.00
C GLY K 27 37.50 -10.08 -83.14
N SER K 28 36.56 -10.04 -84.10
CA SER K 28 35.47 -11.00 -84.25
C SER K 28 34.54 -11.05 -83.04
N ALA K 29 34.56 -10.02 -82.19
CA ALA K 29 33.72 -9.97 -81.00
C ALA K 29 32.25 -9.71 -81.30
N GLY K 30 31.88 -9.48 -82.56
CA GLY K 30 30.49 -9.17 -82.90
C GLY K 30 29.54 -10.34 -82.71
N SER K 31 28.25 -10.04 -82.92
CA SER K 31 27.18 -10.98 -82.69
C SER K 31 27.24 -12.18 -83.63
N SER K 32 26.48 -13.21 -83.28
CA SER K 32 25.97 -14.17 -84.25
C SER K 32 24.98 -13.50 -85.19
N GLU K 33 24.91 -14.03 -86.41
CA GLU K 33 23.70 -13.88 -87.22
C GLU K 33 22.54 -14.72 -86.67
N LYS K 34 21.33 -14.30 -87.02
CA LYS K 34 20.08 -14.96 -86.64
C LYS K 34 19.79 -16.17 -87.54
N VAL K 35 20.56 -17.24 -87.33
CA VAL K 35 20.35 -18.47 -88.08
C VAL K 35 18.93 -18.97 -87.85
N PHE K 36 18.31 -19.48 -88.92
CA PHE K 36 16.93 -19.97 -88.89
C PHE K 36 16.92 -21.49 -88.77
N CYS K 37 15.89 -22.02 -88.10
CA CYS K 37 15.78 -23.45 -87.81
C CYS K 37 14.44 -24.02 -88.25
N LEU K 38 14.47 -25.23 -88.82
CA LEU K 38 13.26 -25.94 -89.24
C LEU K 38 13.32 -27.39 -88.82
N ILE K 39 12.14 -27.96 -88.52
CA ILE K 39 11.94 -29.38 -88.28
C ILE K 39 10.70 -29.85 -89.01
N GLY K 40 10.79 -30.94 -89.74
CA GLY K 40 9.63 -31.48 -90.41
C GLY K 40 9.96 -32.67 -91.28
N GLN K 41 8.94 -33.07 -92.05
CA GLN K 41 9.00 -34.26 -92.90
C GLN K 41 9.83 -34.03 -94.16
N ALA K 42 10.63 -35.03 -94.50
CA ALA K 42 11.33 -35.07 -95.78
C ALA K 42 11.56 -36.53 -96.15
N GLU K 43 11.92 -36.75 -97.42
CA GLU K 43 12.56 -37.98 -97.86
C GLU K 43 14.07 -37.81 -97.90
N GLY K 44 14.76 -38.93 -97.87
CA GLY K 44 16.18 -38.98 -98.22
C GLY K 44 17.15 -38.69 -97.10
N GLY K 45 16.93 -37.59 -96.37
CA GLY K 45 17.84 -37.22 -95.32
C GLY K 45 17.84 -38.22 -94.18
N GLU K 46 18.95 -38.28 -93.45
CA GLU K 46 19.08 -39.19 -92.32
C GLU K 46 18.30 -38.63 -91.13
N PRO K 47 17.23 -39.31 -90.67
CA PRO K 47 16.33 -38.68 -89.70
C PRO K 47 17.03 -38.31 -88.40
N ASN K 48 16.49 -37.25 -87.76
CA ASN K 48 16.97 -36.74 -86.49
C ASN K 48 18.45 -36.36 -86.52
N THR K 49 18.91 -35.87 -87.66
CA THR K 49 20.25 -35.30 -87.81
C THR K 49 20.08 -33.85 -88.23
N VAL K 50 20.66 -32.93 -87.48
CA VAL K 50 20.59 -31.51 -87.85
C VAL K 50 21.63 -31.24 -88.93
N TYR K 51 21.14 -30.80 -90.09
CA TYR K 51 21.98 -30.40 -91.22
C TYR K 51 22.03 -28.89 -91.31
N GLU K 52 23.22 -28.33 -91.47
CA GLU K 52 23.35 -26.98 -91.99
C GLU K 52 23.10 -27.00 -93.50
N LEU K 53 22.33 -26.03 -93.98
CA LEU K 53 22.12 -25.83 -95.41
C LEU K 53 22.48 -24.39 -95.80
N ARG K 54 23.11 -24.26 -96.97
CA ARG K 54 23.57 -22.97 -97.46
C ARG K 54 22.97 -22.56 -98.80
N ASN K 55 22.46 -23.49 -99.60
CA ASN K 55 21.71 -23.13 -100.79
C ASN K 55 20.72 -24.23 -101.13
N TYR K 56 19.74 -23.86 -101.96
CA TYR K 56 18.64 -24.76 -102.30
C TYR K 56 19.12 -26.00 -103.04
N SER K 57 20.20 -25.89 -103.81
CA SER K 57 20.76 -27.07 -104.47
C SER K 57 21.25 -28.09 -103.47
N GLN K 58 21.98 -27.64 -102.45
CA GLN K 58 22.40 -28.54 -101.38
C GLN K 58 21.21 -29.17 -100.65
N ALA K 59 20.16 -28.37 -100.42
CA ALA K 59 18.94 -28.91 -99.83
C ALA K 59 18.35 -30.02 -100.68
N LYS K 60 18.15 -29.78 -101.97
CA LYS K 60 17.63 -30.82 -102.86
C LYS K 60 18.61 -31.98 -103.02
N ARG K 61 19.89 -31.77 -102.70
CA ARG K 61 20.86 -32.86 -102.75
C ARG K 61 20.74 -33.77 -101.53
N LEU K 62 20.50 -33.18 -100.36
CA LEU K 62 20.34 -33.96 -99.13
C LEU K 62 18.89 -34.39 -98.94
N PHE K 63 17.99 -33.43 -98.78
CA PHE K 63 16.57 -33.72 -98.68
C PHE K 63 15.97 -33.78 -100.08
N ARG K 64 14.89 -34.55 -100.21
CA ARG K 64 14.15 -34.60 -101.45
C ARG K 64 12.66 -34.68 -101.16
N SER K 65 11.87 -34.37 -102.19
CA SER K 65 10.51 -34.89 -102.37
C SER K 65 9.66 -34.76 -101.11
N GLY K 66 9.68 -33.58 -100.49
CA GLY K 66 8.95 -33.45 -99.24
C GLY K 66 8.80 -32.01 -98.81
N GLU K 67 7.95 -31.84 -97.79
CA GLU K 67 7.51 -30.53 -97.34
C GLU K 67 8.60 -29.70 -96.68
N LEU K 68 9.65 -30.34 -96.16
CA LEU K 68 10.80 -29.60 -95.66
C LEU K 68 11.51 -28.84 -96.77
N LEU K 69 11.59 -29.42 -97.97
CA LEU K 69 12.26 -28.72 -99.07
C LEU K 69 11.41 -27.58 -99.60
N ASP K 70 10.09 -27.77 -99.66
CA ASP K 70 9.19 -26.65 -99.93
C ASP K 70 9.31 -25.56 -98.86
N ALA K 71 9.48 -25.95 -97.61
CA ALA K 71 9.69 -24.96 -96.55
C ALA K 71 10.97 -24.18 -96.76
N ILE K 72 12.07 -24.88 -97.07
CA ILE K 72 13.34 -24.19 -97.34
C ILE K 72 13.20 -23.23 -98.53
N GLU K 73 12.41 -23.64 -99.52
CA GLU K 73 12.11 -22.77 -100.66
C GLU K 73 11.41 -21.50 -100.21
N LEU K 74 10.32 -21.64 -99.46
CA LEU K 74 9.64 -20.45 -98.95
C LEU K 74 10.54 -19.63 -98.05
N ALA K 75 11.41 -20.28 -97.28
CA ALA K 75 12.27 -19.59 -96.34
C ALA K 75 13.28 -18.69 -97.03
N TRP K 76 13.64 -19.01 -98.28
CA TRP K 76 14.47 -18.10 -99.07
C TRP K 76 13.72 -17.33 -100.16
N GLY K 77 12.45 -17.64 -100.39
CA GLY K 77 11.65 -16.99 -101.41
C GLY K 77 10.84 -15.78 -100.98
N SER K 78 10.53 -15.68 -99.68
CA SER K 78 9.81 -14.53 -99.18
C SER K 78 10.66 -13.26 -99.10
N ASN K 79 11.99 -13.37 -99.11
CA ASN K 79 12.86 -12.23 -98.81
C ASN K 79 13.91 -12.01 -99.92
N PRO K 80 13.48 -12.05 -101.18
CA PRO K 80 14.45 -12.06 -102.30
C PRO K 80 15.39 -10.87 -102.31
N ASN K 81 14.96 -9.73 -101.77
CA ASN K 81 15.77 -8.52 -101.67
C ASN K 81 16.60 -8.47 -100.38
N TYR K 82 16.83 -9.61 -99.73
CA TYR K 82 17.65 -9.65 -98.52
C TYR K 82 18.60 -10.84 -98.60
N THR K 83 19.63 -10.79 -97.75
CA THR K 83 20.62 -11.86 -97.66
C THR K 83 19.96 -13.21 -97.41
N ALA K 84 20.31 -14.19 -98.25
CA ALA K 84 19.87 -15.57 -98.09
C ALA K 84 20.87 -16.28 -97.17
N GLY K 85 20.62 -16.20 -95.86
CA GLY K 85 21.53 -16.73 -94.89
C GLY K 85 21.41 -18.24 -94.71
N ARG K 86 22.27 -18.75 -93.83
CA ARG K 86 22.24 -20.16 -93.45
C ARG K 86 20.88 -20.56 -92.88
N ILE K 87 20.52 -21.83 -93.09
CA ILE K 87 19.38 -22.46 -92.43
C ILE K 87 19.87 -23.75 -91.80
N LEU K 88 19.30 -24.08 -90.64
CA LEU K 88 19.43 -25.38 -90.00
C LEU K 88 18.14 -26.16 -90.13
N ALA K 89 18.23 -27.41 -90.59
CA ALA K 89 17.05 -28.21 -90.85
C ALA K 89 17.32 -29.65 -90.43
N MET K 90 16.26 -30.34 -90.02
CA MET K 90 16.34 -31.72 -89.59
C MET K 90 15.13 -32.49 -90.08
N ARG K 91 15.35 -33.60 -90.76
CA ARG K 91 14.26 -34.52 -91.06
C ARG K 91 13.82 -35.20 -89.77
N ILE K 92 12.53 -35.12 -89.47
CA ILE K 92 11.90 -35.93 -88.43
C ILE K 92 11.10 -37.03 -89.11
N GLU K 93 11.26 -38.26 -88.62
CA GLU K 93 10.79 -39.44 -89.34
C GLU K 93 9.27 -39.41 -89.50
N ALA K 318 3.21 -38.07 -80.96
CA ALA K 318 4.56 -38.50 -80.65
C ALA K 318 5.35 -37.38 -80.00
N THR K 319 6.25 -37.73 -79.09
CA THR K 319 7.10 -36.73 -78.45
C THR K 319 8.07 -36.14 -79.47
N TRP K 320 8.30 -34.82 -79.35
CA TRP K 320 9.27 -34.11 -80.16
C TRP K 320 10.38 -33.47 -79.33
N ALA K 321 10.24 -33.45 -78.01
CA ALA K 321 11.25 -32.83 -77.15
C ALA K 321 12.63 -33.44 -77.35
N ASP K 322 12.71 -34.77 -77.35
CA ASP K 322 13.99 -35.44 -77.53
C ASP K 322 14.68 -35.06 -78.83
N LYS K 323 13.91 -34.80 -79.89
CA LYS K 323 14.53 -34.28 -81.11
C LYS K 323 14.93 -32.82 -80.94
N LEU K 324 14.03 -31.98 -80.43
CA LEU K 324 14.33 -30.57 -80.22
C LEU K 324 15.58 -30.36 -79.38
N ASP K 325 15.85 -31.26 -78.44
CA ASP K 325 17.10 -31.22 -77.68
C ASP K 325 18.34 -31.10 -78.56
N LYS K 326 18.31 -31.70 -79.76
CA LYS K 326 19.49 -31.68 -80.61
C LYS K 326 19.83 -30.28 -81.09
N PHE K 327 18.84 -29.40 -81.24
CA PHE K 327 19.13 -28.01 -81.59
C PHE K 327 19.80 -27.24 -80.46
N ALA K 328 19.85 -27.80 -79.24
CA ALA K 328 20.19 -27.01 -78.06
C ALA K 328 21.51 -26.29 -78.20
N HIS K 329 22.49 -26.90 -78.88
CA HIS K 329 23.81 -26.31 -79.08
C HIS K 329 24.12 -26.07 -80.55
N GLU K 330 23.07 -25.88 -81.35
CA GLU K 330 23.19 -25.34 -82.71
C GLU K 330 22.69 -23.91 -82.67
N GLY K 331 23.56 -22.97 -83.06
CA GLY K 331 23.37 -21.58 -82.72
C GLY K 331 22.35 -20.86 -83.57
N GLY K 332 21.07 -21.20 -83.39
CA GLY K 332 20.00 -20.64 -84.20
C GLY K 332 18.88 -20.10 -83.34
N TYR K 333 18.28 -19.00 -83.80
CA TYR K 333 17.46 -18.14 -82.95
C TYR K 333 15.97 -18.34 -83.14
N TYR K 334 15.49 -18.43 -84.39
CA TYR K 334 14.08 -18.73 -84.67
C TYR K 334 13.92 -20.19 -85.11
N ILE K 335 12.89 -20.83 -84.58
CA ILE K 335 12.50 -22.17 -85.00
C ILE K 335 11.03 -22.18 -85.39
N VAL K 336 10.68 -23.03 -86.36
CA VAL K 336 9.30 -23.31 -86.70
C VAL K 336 9.12 -24.82 -86.79
N PRO K 337 8.19 -25.43 -86.05
CA PRO K 337 7.79 -26.81 -86.38
C PRO K 337 6.85 -26.82 -87.56
N LEU K 338 7.10 -27.72 -88.52
CA LEU K 338 6.18 -27.92 -89.65
C LEU K 338 5.00 -28.82 -89.23
N SER K 339 4.25 -28.36 -88.23
CA SER K 339 3.06 -29.07 -87.82
C SER K 339 2.08 -28.10 -87.17
N SER K 340 0.79 -28.36 -87.36
CA SER K 340 -0.28 -27.58 -86.75
C SER K 340 -0.75 -28.14 -85.41
N LYS K 341 -0.25 -29.31 -85.00
CA LYS K 341 -0.74 -29.98 -83.81
C LYS K 341 -0.33 -29.22 -82.56
N GLN K 342 -1.31 -28.95 -81.69
CA GLN K 342 -1.08 -28.06 -80.56
C GLN K 342 -0.11 -28.65 -79.54
N SER K 343 -0.10 -29.97 -79.39
CA SER K 343 0.91 -30.62 -78.56
C SER K 343 2.31 -30.28 -79.03
N VAL K 344 2.55 -30.37 -80.35
CA VAL K 344 3.83 -29.96 -80.92
C VAL K 344 4.17 -28.53 -80.53
N HIS K 345 3.22 -27.61 -80.70
CA HIS K 345 3.48 -26.21 -80.38
C HIS K 345 3.81 -26.02 -78.91
N ALA K 346 3.10 -26.71 -78.02
CA ALA K 346 3.41 -26.63 -76.59
C ALA K 346 4.81 -27.17 -76.29
N GLU K 347 5.17 -28.31 -76.88
CA GLU K 347 6.54 -28.83 -76.77
C GLU K 347 7.57 -27.80 -77.22
N VAL K 348 7.34 -27.19 -78.38
CA VAL K 348 8.30 -26.21 -78.90
C VAL K 348 8.39 -25.00 -77.97
N ALA K 349 7.27 -24.52 -77.45
CA ALA K 349 7.31 -23.42 -76.48
C ALA K 349 8.10 -23.81 -75.23
N SER K 350 7.90 -25.04 -74.74
CA SER K 350 8.68 -25.52 -73.60
C SER K 350 10.16 -25.58 -73.90
N PHE K 351 10.53 -26.03 -75.10
CA PHE K 351 11.93 -26.05 -75.51
C PHE K 351 12.52 -24.65 -75.59
N VAL K 352 11.80 -23.73 -76.22
CA VAL K 352 12.24 -22.33 -76.29
C VAL K 352 12.44 -21.77 -74.89
N LYS K 353 11.52 -22.05 -73.97
CA LYS K 353 11.70 -21.64 -72.59
C LYS K 353 12.99 -22.21 -71.99
N GLU K 354 13.15 -23.54 -72.10
CA GLU K 354 14.31 -24.22 -71.51
C GLU K 354 15.64 -23.71 -72.07
N ARG K 355 15.67 -23.34 -73.35
CA ARG K 355 16.85 -22.73 -73.93
C ARG K 355 17.03 -21.28 -73.51
N SER K 356 15.98 -20.47 -73.61
CA SER K 356 16.12 -19.03 -73.39
C SER K 356 16.37 -18.67 -71.92
N ASP K 357 15.88 -19.48 -70.99
CA ASP K 357 16.29 -19.26 -69.60
C ASP K 357 17.74 -19.66 -69.36
N ALA K 358 18.31 -20.49 -70.21
CA ALA K 358 19.75 -20.68 -70.29
C ALA K 358 20.40 -19.49 -71.00
N GLY K 359 21.70 -19.60 -71.23
CA GLY K 359 22.52 -18.60 -71.90
C GLY K 359 22.29 -18.41 -73.39
N GLU K 360 21.33 -19.09 -74.01
CA GLU K 360 21.19 -19.10 -75.46
C GLU K 360 19.76 -18.81 -75.86
N PRO K 361 19.39 -17.54 -76.05
CA PRO K 361 17.99 -17.19 -76.29
C PRO K 361 17.46 -17.75 -77.60
N MET K 362 16.15 -17.99 -77.63
CA MET K 362 15.50 -18.51 -78.82
C MET K 362 14.07 -17.97 -78.88
N ARG K 363 13.45 -18.11 -80.05
CA ARG K 363 12.04 -17.81 -80.26
C ARG K 363 11.45 -18.85 -81.20
N ALA K 364 10.12 -18.94 -81.20
CA ALA K 364 9.41 -19.81 -82.13
C ALA K 364 8.24 -19.09 -82.76
N ILE K 365 7.86 -19.56 -83.96
CA ILE K 365 6.68 -19.10 -84.68
C ILE K 365 5.88 -20.33 -85.09
N VAL K 366 4.56 -20.23 -84.99
CA VAL K 366 3.66 -21.34 -85.29
C VAL K 366 2.41 -20.82 -86.00
N GLY K 367 1.68 -21.73 -86.63
CA GLY K 367 0.46 -21.38 -87.33
C GLY K 367 -0.59 -22.49 -87.24
N GLY K 368 -1.81 -22.13 -87.57
CA GLY K 368 -2.91 -23.07 -87.65
C GLY K 368 -2.92 -23.95 -88.89
N GLY K 369 -4.07 -24.55 -89.14
CA GLY K 369 -4.32 -25.32 -90.34
C GLY K 369 -4.68 -24.49 -91.56
N PHE K 370 -5.47 -25.11 -92.46
CA PHE K 370 -5.82 -24.47 -93.72
C PHE K 370 -6.93 -23.43 -93.59
N ASN K 371 -7.79 -23.54 -92.58
CA ASN K 371 -8.76 -22.49 -92.30
C ASN K 371 -9.29 -22.69 -90.89
N GLU K 372 -9.01 -21.74 -90.00
CA GLU K 372 -9.49 -21.79 -88.62
C GLU K 372 -10.24 -20.51 -88.29
N SER K 373 -11.32 -20.65 -87.55
CA SER K 373 -12.12 -19.51 -87.14
C SER K 373 -11.36 -18.63 -86.14
N LYS K 374 -11.84 -17.38 -86.02
CA LYS K 374 -11.30 -16.48 -85.01
C LYS K 374 -11.41 -17.05 -83.60
N GLU K 375 -12.53 -17.69 -83.26
CA GLU K 375 -12.64 -18.26 -81.91
C GLU K 375 -11.70 -19.45 -81.71
N GLN K 376 -11.46 -20.25 -82.75
CA GLN K 376 -10.42 -21.28 -82.66
C GLN K 376 -9.04 -20.66 -82.48
N LEU K 377 -8.74 -19.60 -83.24
CA LEU K 377 -7.45 -18.94 -83.09
C LEU K 377 -7.26 -18.33 -81.71
N PHE K 378 -8.32 -17.72 -81.15
CA PHE K 378 -8.25 -17.21 -79.78
C PHE K 378 -8.03 -18.34 -78.78
N GLY K 379 -8.76 -19.44 -78.91
CA GLY K 379 -8.55 -20.57 -78.01
C GLY K 379 -7.14 -21.12 -78.06
N ARG K 380 -6.61 -21.28 -79.28
CA ARG K 380 -5.24 -21.71 -79.47
C ARG K 380 -4.24 -20.73 -78.84
N GLN K 381 -4.39 -19.44 -79.12
CA GLN K 381 -3.49 -18.43 -78.54
C GLN K 381 -3.55 -18.45 -77.02
N ALA K 382 -4.75 -18.56 -76.45
CA ALA K 382 -4.84 -18.58 -74.99
C ALA K 382 -4.18 -19.83 -74.42
N SER K 383 -4.38 -20.98 -75.07
CA SER K 383 -3.72 -22.20 -74.61
C SER K 383 -2.21 -22.14 -74.81
N LEU K 384 -1.75 -21.42 -75.84
CA LEU K 384 -0.33 -21.31 -76.16
C LEU K 384 0.24 -19.93 -75.83
N SER K 385 -0.33 -19.27 -74.83
CA SER K 385 0.05 -17.90 -74.50
C SER K 385 1.42 -17.88 -73.84
N ASN K 386 2.42 -17.33 -74.54
CA ASN K 386 3.81 -17.42 -74.14
C ASN K 386 4.55 -16.26 -74.77
N PRO K 387 5.47 -15.59 -74.06
CA PRO K 387 6.11 -14.39 -74.62
C PRO K 387 7.13 -14.65 -75.72
N ARG K 388 7.42 -15.91 -76.05
CA ARG K 388 8.38 -16.24 -77.10
C ARG K 388 7.75 -17.10 -78.20
N VAL K 389 6.44 -17.08 -78.32
CA VAL K 389 5.73 -17.78 -79.39
C VAL K 389 4.76 -16.79 -80.03
N SER K 390 4.70 -16.80 -81.35
CA SER K 390 3.71 -16.05 -82.12
C SER K 390 2.90 -16.98 -83.01
N LEU K 391 1.60 -16.70 -83.11
CA LEU K 391 0.68 -17.46 -83.95
C LEU K 391 0.32 -16.62 -85.17
N VAL K 392 0.37 -17.23 -86.35
CA VAL K 392 -0.08 -16.59 -87.59
C VAL K 392 -1.40 -17.22 -88.01
N ALA K 393 -2.38 -16.36 -88.34
CA ALA K 393 -3.74 -16.82 -88.60
C ALA K 393 -3.94 -17.29 -90.03
N ASN K 394 -3.48 -16.51 -91.01
CA ASN K 394 -3.85 -16.72 -92.40
C ASN K 394 -3.09 -17.88 -93.05
N SER K 395 -3.73 -18.41 -94.10
CA SER K 395 -3.14 -19.42 -94.99
C SER K 395 -3.46 -19.03 -96.42
N GLY K 396 -2.74 -19.61 -97.36
CA GLY K 396 -2.83 -19.12 -98.73
C GLY K 396 -2.09 -20.00 -99.72
N THR K 397 -1.75 -19.40 -100.85
CA THR K 397 -1.11 -20.07 -101.97
C THR K 397 0.19 -19.37 -102.34
N PHE K 398 1.28 -20.14 -102.43
CA PHE K 398 2.55 -19.64 -102.93
C PHE K 398 2.83 -20.23 -104.30
N VAL K 399 3.28 -19.39 -105.22
CA VAL K 399 3.86 -19.83 -106.49
C VAL K 399 5.30 -20.30 -106.23
N MET K 400 5.54 -21.58 -106.43
CA MET K 400 6.86 -22.15 -106.26
C MET K 400 7.69 -21.93 -107.52
N ASP K 401 9.02 -22.09 -107.37
CA ASP K 401 9.93 -21.86 -108.48
C ASP K 401 9.79 -22.89 -109.59
N ASP K 402 9.11 -24.01 -109.36
CA ASP K 402 8.74 -24.91 -110.44
C ASP K 402 7.47 -24.46 -111.16
N GLY K 403 6.84 -23.38 -110.71
CA GLY K 403 5.60 -22.89 -111.28
C GLY K 403 4.35 -23.46 -110.66
N ARG K 404 4.48 -24.40 -109.73
CA ARG K 404 3.31 -25.01 -109.10
C ARG K 404 2.59 -23.97 -108.26
N LYS K 405 1.26 -23.90 -108.42
CA LYS K 405 0.40 -23.17 -107.49
C LYS K 405 0.15 -24.01 -106.25
N ASN K 406 1.06 -23.90 -105.29
CA ASN K 406 1.05 -24.76 -104.10
C ASN K 406 0.20 -24.12 -103.01
N HIS K 407 -0.94 -24.73 -102.73
CA HIS K 407 -1.78 -24.34 -101.60
C HIS K 407 -1.16 -24.91 -100.32
N VAL K 408 -1.02 -24.08 -99.29
CA VAL K 408 -0.25 -24.47 -98.10
C VAL K 408 -1.00 -24.09 -96.85
N PRO K 409 -0.85 -24.89 -95.78
CA PRO K 409 -1.38 -24.50 -94.47
C PRO K 409 -0.60 -23.36 -93.85
N ALA K 410 -1.25 -22.71 -92.87
CA ALA K 410 -0.74 -21.44 -92.33
C ALA K 410 0.64 -21.57 -91.69
N TYR K 411 1.06 -22.76 -91.28
CA TYR K 411 2.38 -22.87 -90.68
C TYR K 411 3.49 -22.70 -91.72
N MET K 412 3.21 -22.91 -93.00
CA MET K 412 4.19 -22.55 -94.02
C MET K 412 4.28 -21.04 -94.21
N VAL K 413 3.16 -20.32 -94.06
CA VAL K 413 3.23 -18.88 -93.94
C VAL K 413 4.05 -18.48 -92.72
N ALA K 414 3.97 -19.25 -91.64
CA ALA K 414 4.83 -18.98 -90.49
C ALA K 414 6.30 -19.21 -90.81
N VAL K 415 6.61 -20.24 -91.60
CA VAL K 415 7.97 -20.42 -92.10
C VAL K 415 8.42 -19.20 -92.90
N ALA K 416 7.55 -18.69 -93.76
CA ALA K 416 7.89 -17.52 -94.57
C ALA K 416 8.17 -16.29 -93.70
N LEU K 417 7.34 -16.06 -92.69
CA LEU K 417 7.61 -14.96 -91.75
C LEU K 417 8.88 -15.19 -90.96
N GLY K 418 9.15 -16.42 -90.53
CA GLY K 418 10.39 -16.69 -89.83
C GLY K 418 11.62 -16.45 -90.69
N GLY K 419 11.53 -16.82 -91.97
CA GLY K 419 12.58 -16.49 -92.91
C GLY K 419 12.82 -15.01 -93.04
N LEU K 420 11.74 -14.24 -93.23
CA LEU K 420 11.89 -12.78 -93.29
C LEU K 420 12.51 -12.23 -92.02
N ALA K 421 11.99 -12.62 -90.85
CA ALA K 421 12.52 -12.14 -89.58
C ALA K 421 13.98 -12.51 -89.39
N SER K 422 14.40 -13.68 -89.88
CA SER K 422 15.81 -14.05 -89.85
C SER K 422 16.63 -13.17 -90.79
N GLY K 423 16.06 -12.79 -91.93
CA GLY K 423 16.80 -11.97 -92.88
C GLY K 423 16.97 -10.53 -92.41
N LEU K 424 15.94 -9.97 -91.78
CA LEU K 424 16.03 -8.61 -91.28
C LEU K 424 17.17 -8.45 -90.28
N GLU K 425 17.63 -7.20 -90.15
CA GLU K 425 18.65 -6.85 -89.18
C GLU K 425 18.18 -7.10 -87.74
N ILE K 426 19.14 -7.06 -86.83
CA ILE K 426 18.91 -7.28 -85.41
C ILE K 426 18.06 -6.13 -84.86
N GLY K 427 16.84 -6.43 -84.46
CA GLY K 427 15.89 -5.42 -84.04
C GLY K 427 15.28 -4.59 -85.15
N GLU K 428 15.25 -5.12 -86.36
CA GLU K 428 14.22 -4.72 -87.33
C GLU K 428 12.96 -5.53 -87.07
N SER K 429 11.85 -5.09 -87.68
CA SER K 429 10.53 -5.64 -87.36
C SER K 429 9.77 -5.95 -88.63
N ILE K 430 9.04 -7.07 -88.61
CA ILE K 430 8.27 -7.56 -89.75
C ILE K 430 6.96 -6.82 -89.99
N THR K 431 6.56 -5.90 -89.11
CA THR K 431 5.33 -5.16 -89.37
C THR K 431 5.49 -4.28 -90.62
N PHE K 432 4.43 -4.26 -91.42
CA PHE K 432 4.35 -3.51 -92.67
C PHE K 432 5.39 -3.94 -93.71
N LYS K 433 6.04 -5.08 -93.51
CA LYS K 433 6.78 -5.71 -94.60
C LYS K 433 5.81 -6.49 -95.50
N PRO K 434 6.11 -6.59 -96.80
CA PRO K 434 5.22 -7.34 -97.70
C PRO K 434 5.44 -8.84 -97.61
N LEU K 435 4.41 -9.58 -98.01
CA LEU K 435 4.50 -11.02 -98.18
C LEU K 435 4.23 -11.35 -99.65
N ARG K 436 5.20 -12.03 -100.28
CA ARG K 436 5.09 -12.41 -101.68
C ARG K 436 4.26 -13.69 -101.82
N VAL K 437 2.95 -13.55 -101.59
CA VAL K 437 2.02 -14.65 -101.68
C VAL K 437 0.98 -14.35 -102.75
N SER K 438 0.53 -15.40 -103.43
CA SER K 438 -0.35 -15.24 -104.59
C SER K 438 -1.79 -14.96 -104.18
N SER K 439 -2.29 -15.65 -103.15
CA SER K 439 -3.64 -15.41 -102.66
C SER K 439 -3.73 -15.89 -101.22
N LEU K 440 -4.78 -15.45 -100.55
CA LEU K 440 -5.08 -15.88 -99.19
C LEU K 440 -6.43 -16.57 -99.13
N ASP K 441 -6.52 -17.58 -98.26
CA ASP K 441 -7.77 -18.31 -98.09
C ASP K 441 -8.87 -17.44 -97.51
N GLN K 442 -8.52 -16.50 -96.62
CA GLN K 442 -9.48 -15.64 -95.97
C GLN K 442 -8.93 -14.22 -95.93
N ILE K 443 -9.81 -13.25 -96.22
CA ILE K 443 -9.47 -11.83 -96.20
C ILE K 443 -10.25 -11.20 -95.07
N TYR K 444 -9.52 -10.60 -94.12
CA TYR K 444 -10.09 -10.04 -92.91
C TYR K 444 -10.26 -8.54 -93.06
N GLU K 445 -11.45 -8.05 -92.73
CA GLU K 445 -11.69 -6.62 -92.73
C GLU K 445 -11.09 -5.96 -91.48
N SER K 446 -11.05 -4.64 -91.51
CA SER K 446 -10.30 -3.85 -90.53
C SER K 446 -10.64 -4.24 -89.09
N ILE K 447 -11.91 -4.49 -88.81
CA ILE K 447 -12.33 -4.85 -87.46
C ILE K 447 -11.77 -6.23 -87.07
N ASP K 448 -11.73 -7.16 -88.01
CA ASP K 448 -11.16 -8.48 -87.73
C ASP K 448 -9.64 -8.41 -87.58
N LEU K 449 -8.97 -7.57 -88.36
CA LEU K 449 -7.55 -7.34 -88.19
C LEU K 449 -7.25 -6.76 -86.81
N ASP K 450 -8.02 -5.76 -86.38
CA ASP K 450 -7.89 -5.24 -85.02
C ASP K 450 -8.15 -6.31 -83.96
N GLU K 451 -9.20 -7.11 -84.13
CA GLU K 451 -9.47 -8.17 -83.17
C GLU K 451 -8.30 -9.12 -83.02
N LEU K 452 -7.77 -9.62 -84.15
CA LEU K 452 -6.63 -10.53 -84.10
C LEU K 452 -5.38 -9.86 -83.52
N ASN K 453 -5.12 -8.60 -83.91
CA ASN K 453 -3.96 -7.89 -83.39
C ASN K 453 -4.02 -7.72 -81.89
N GLU K 454 -5.17 -7.28 -81.37
CA GLU K 454 -5.33 -7.07 -79.93
C GLU K 454 -5.19 -8.38 -79.15
N ASN K 455 -5.63 -9.49 -79.73
CA ASN K 455 -5.43 -10.80 -79.12
C ASN K 455 -4.01 -11.34 -79.27
N GLY K 456 -3.09 -10.58 -79.86
CA GLY K 456 -1.73 -11.05 -80.02
C GLY K 456 -1.55 -12.10 -81.11
N ILE K 457 -2.38 -12.05 -82.15
CA ILE K 457 -2.30 -12.97 -83.28
C ILE K 457 -1.89 -12.16 -84.51
N ILE K 458 -0.88 -12.67 -85.22
CA ILE K 458 -0.41 -12.04 -86.45
C ILE K 458 -1.38 -12.35 -87.59
N SER K 459 -1.69 -11.34 -88.39
CA SER K 459 -2.60 -11.48 -89.52
C SER K 459 -2.06 -10.70 -90.70
N ILE K 460 -2.49 -11.10 -91.90
CA ILE K 460 -2.03 -10.53 -93.16
C ILE K 460 -3.16 -9.73 -93.79
N GLU K 461 -2.87 -8.49 -94.15
CA GLU K 461 -3.84 -7.59 -94.77
C GLU K 461 -3.69 -7.64 -96.29
N PHE K 462 -4.81 -7.77 -97.00
CA PHE K 462 -4.86 -7.51 -98.44
C PHE K 462 -5.08 -6.03 -98.68
N VAL K 463 -4.03 -5.33 -99.12
CA VAL K 463 -4.07 -3.89 -99.32
C VAL K 463 -4.85 -3.60 -100.60
N ARG K 464 -6.03 -3.00 -100.46
CA ARG K 464 -6.94 -2.76 -101.57
C ARG K 464 -7.04 -1.30 -101.98
N ASN K 465 -6.44 -0.38 -101.22
CA ASN K 465 -6.61 1.05 -101.48
C ASN K 465 -5.85 1.53 -102.72
N ARG K 466 -5.25 0.66 -103.53
CA ARG K 466 -4.43 1.08 -104.66
C ARG K 466 -4.61 0.07 -105.79
N THR K 467 -4.33 0.54 -107.01
CA THR K 467 -4.24 -0.37 -108.15
C THR K 467 -3.11 -1.38 -107.96
N ASN K 468 -1.99 -0.95 -107.37
CA ASN K 468 -0.92 -1.85 -106.97
C ASN K 468 -1.28 -2.52 -105.64
N THR K 469 -2.16 -3.51 -105.72
CA THR K 469 -2.52 -4.28 -104.55
C THR K 469 -1.39 -5.22 -104.15
N PHE K 470 -1.21 -5.40 -102.84
CA PHE K 470 -0.21 -6.33 -102.32
C PHE K 470 -0.64 -6.77 -100.93
N PHE K 471 0.05 -7.80 -100.41
CA PHE K 471 -0.22 -8.34 -99.09
C PHE K 471 0.81 -7.84 -98.08
N ARG K 472 0.33 -7.42 -96.92
CA ARG K 472 1.15 -6.73 -95.93
C ARG K 472 1.02 -7.43 -94.58
N ILE K 473 2.15 -7.68 -93.92
CA ILE K 473 2.17 -8.19 -92.55
C ILE K 473 1.71 -7.08 -91.61
N VAL K 474 0.60 -7.28 -90.93
CA VAL K 474 0.02 -6.21 -90.12
C VAL K 474 0.93 -5.87 -88.95
N ASP K 475 1.34 -6.88 -88.17
CA ASP K 475 2.12 -6.60 -86.97
C ASP K 475 2.89 -7.83 -86.52
N ASP K 476 3.89 -7.59 -85.68
CA ASP K 476 4.76 -8.62 -85.10
C ASP K 476 4.35 -8.96 -83.67
N VAL K 477 3.05 -9.02 -83.40
CA VAL K 477 2.57 -9.27 -82.04
C VAL K 477 2.86 -10.69 -81.59
N THR K 478 2.77 -10.89 -80.27
CA THR K 478 3.14 -12.12 -79.59
C THR K 478 1.93 -12.64 -78.83
N THR K 479 1.86 -13.96 -78.65
CA THR K 479 0.68 -14.54 -78.01
C THR K 479 0.55 -14.17 -76.54
N PHE K 480 1.62 -13.78 -75.87
CA PHE K 480 1.51 -13.00 -74.63
C PHE K 480 1.30 -11.54 -75.01
N ASN K 481 0.12 -11.00 -74.72
CA ASN K 481 -0.19 -9.60 -74.95
C ASN K 481 -0.31 -8.89 -73.62
N ASP K 482 0.49 -7.83 -73.42
CA ASP K 482 0.37 -7.00 -72.25
C ASP K 482 0.73 -5.57 -72.62
N LYS K 483 -0.13 -4.62 -72.25
CA LYS K 483 0.18 -3.21 -72.48
C LYS K 483 1.33 -2.70 -71.61
N SER K 484 1.61 -3.35 -70.48
CA SER K 484 2.54 -2.82 -69.50
C SER K 484 4.01 -3.13 -69.82
N ASP K 485 4.30 -3.98 -70.80
CA ASP K 485 5.69 -4.29 -71.12
C ASP K 485 5.87 -4.52 -72.62
N PRO K 486 6.53 -3.59 -73.33
CA PRO K 486 6.82 -3.85 -74.76
C PRO K 486 7.61 -5.12 -75.00
N VAL K 487 8.54 -5.47 -74.11
CA VAL K 487 9.51 -6.51 -74.43
C VAL K 487 8.83 -7.87 -74.60
N LYS K 488 7.70 -8.08 -73.93
CA LYS K 488 6.96 -9.31 -74.05
C LYS K 488 5.84 -9.23 -75.07
N ALA K 489 5.35 -8.02 -75.35
CA ALA K 489 4.29 -7.82 -76.32
C ALA K 489 4.79 -7.89 -77.76
N GLU K 490 5.91 -7.21 -78.05
CA GLU K 490 6.38 -7.01 -79.42
C GLU K 490 7.67 -7.78 -79.66
N MET K 491 7.65 -8.62 -80.69
CA MET K 491 8.76 -9.54 -80.98
C MET K 491 10.09 -8.82 -81.24
N ALA K 492 10.05 -7.71 -81.98
CA ALA K 492 11.29 -7.04 -82.36
C ALA K 492 12.02 -6.43 -81.17
N VAL K 493 11.30 -5.89 -80.19
CA VAL K 493 11.98 -5.33 -79.04
C VAL K 493 12.49 -6.44 -78.11
N GLY K 494 11.75 -7.54 -78.00
CA GLY K 494 12.28 -8.72 -77.35
C GLY K 494 13.59 -9.21 -77.97
N GLU K 495 13.64 -9.26 -79.30
CA GLU K 495 14.88 -9.61 -79.99
C GLU K 495 16.00 -8.60 -79.69
N ALA K 496 15.67 -7.30 -79.71
CA ALA K 496 16.67 -6.30 -79.37
C ALA K 496 17.22 -6.53 -77.97
N ASN K 497 16.34 -6.79 -77.00
CA ASN K 497 16.79 -7.08 -75.65
C ASN K 497 17.64 -8.34 -75.59
N ASP K 498 17.30 -9.34 -76.41
CA ASP K 498 18.10 -10.55 -76.49
C ASP K 498 19.47 -10.32 -77.10
N PHE K 499 19.66 -9.23 -77.85
CA PHE K 499 20.90 -8.98 -78.56
C PHE K 499 21.60 -7.68 -78.18
N LEU K 500 20.97 -6.82 -77.39
CA LEU K 500 21.58 -5.55 -77.02
C LEU K 500 22.83 -5.79 -76.17
N VAL K 501 23.65 -4.75 -76.08
CA VAL K 501 24.96 -4.80 -75.42
C VAL K 501 25.05 -3.64 -74.45
N SER K 502 25.73 -3.88 -73.33
CA SER K 502 25.67 -3.01 -72.16
C SER K 502 27.09 -2.64 -71.72
N GLU K 503 27.24 -1.42 -71.24
CA GLU K 503 28.52 -0.71 -71.31
C GLU K 503 28.74 0.13 -70.06
N ASP K 510 35.52 3.29 -63.92
CA ASP K 510 35.77 4.48 -63.12
C ASP K 510 35.34 4.25 -61.67
N GLN K 511 36.25 4.48 -60.73
CA GLN K 511 35.93 4.37 -59.31
C GLN K 511 36.78 5.35 -58.52
N PHE K 512 36.18 5.90 -57.46
CA PHE K 512 36.88 6.69 -56.46
C PHE K 512 36.37 6.25 -55.09
N ILE K 513 37.28 6.03 -54.14
CA ILE K 513 37.00 5.24 -52.96
C ILE K 513 37.04 6.13 -51.72
N GLY K 514 36.14 5.84 -50.78
CA GLY K 514 35.81 6.74 -49.69
C GLY K 514 36.97 7.12 -48.79
N THR K 515 38.06 6.36 -48.81
CA THR K 515 39.26 6.73 -48.05
C THR K 515 39.78 8.12 -48.41
N ARG K 516 39.50 8.60 -49.62
CA ARG K 516 39.86 9.95 -50.02
C ARG K 516 38.99 11.03 -49.36
N THR K 517 37.98 10.66 -48.57
CA THR K 517 37.12 11.65 -47.95
C THR K 517 36.66 11.16 -46.58
N ILE K 518 36.30 12.12 -45.73
CA ILE K 518 36.01 11.82 -44.32
C ILE K 518 34.61 11.24 -44.14
N ASN K 519 33.63 11.76 -44.86
CA ASN K 519 32.29 11.18 -44.83
C ASN K 519 31.55 11.56 -46.09
N THR K 520 30.50 10.81 -46.40
CA THR K 520 29.77 10.98 -47.65
C THR K 520 28.28 10.73 -47.42
N SER K 521 27.51 10.96 -48.48
CA SER K 521 26.09 10.64 -48.53
C SER K 521 25.71 10.47 -49.99
N ALA K 522 24.54 9.85 -50.20
CA ALA K 522 24.00 9.75 -51.55
C ALA K 522 23.85 11.09 -52.25
N SER K 523 23.57 12.16 -51.50
CA SER K 523 23.44 13.48 -52.11
C SER K 523 24.76 13.98 -52.72
N ILE K 524 25.85 13.87 -51.97
CA ILE K 524 27.15 14.30 -52.51
C ILE K 524 27.72 13.27 -53.49
N ILE K 525 27.38 11.99 -53.36
CA ILE K 525 27.73 11.03 -54.41
C ILE K 525 27.06 11.42 -55.72
N LYS K 526 25.76 11.69 -55.68
CA LYS K 526 25.04 12.14 -56.87
C LYS K 526 25.63 13.42 -57.44
N ASP K 527 25.89 14.42 -56.60
CA ASP K 527 26.45 15.67 -57.12
C ASP K 527 27.86 15.49 -57.68
N PHE K 528 28.69 14.65 -57.04
CA PHE K 528 29.99 14.33 -57.59
C PHE K 528 29.90 13.66 -58.96
N ILE K 529 29.12 12.59 -59.07
CA ILE K 529 29.03 11.88 -60.35
C ILE K 529 28.37 12.75 -61.42
N GLN K 530 27.46 13.65 -61.03
CA GLN K 530 26.96 14.65 -61.97
C GLN K 530 28.02 15.63 -62.44
N SER K 531 28.89 16.10 -61.54
CA SER K 531 30.00 16.97 -61.95
C SER K 531 30.97 16.24 -62.86
N TYR K 532 31.26 14.98 -62.56
CA TYR K 532 32.11 14.16 -63.41
C TYR K 532 31.50 14.01 -64.81
N LEU K 533 30.29 13.47 -64.91
CA LEU K 533 29.71 13.27 -66.23
C LEU K 533 29.38 14.58 -66.95
N GLY K 534 29.20 15.68 -66.21
CA GLY K 534 29.13 16.99 -66.86
C GLY K 534 30.44 17.36 -67.54
N ARG K 535 31.56 17.15 -66.84
CA ARG K 535 32.87 17.37 -67.44
C ARG K 535 33.11 16.46 -68.64
N LYS K 536 32.74 15.19 -68.51
CA LYS K 536 32.91 14.24 -69.61
C LYS K 536 32.06 14.61 -70.82
N LYS K 537 30.77 14.88 -70.62
CA LYS K 537 29.93 15.29 -71.75
C LYS K 537 30.30 16.65 -72.32
N ARG K 538 30.96 17.52 -71.53
CA ARG K 538 31.52 18.73 -72.12
C ARG K 538 32.72 18.39 -73.02
N ASP K 539 33.63 17.56 -72.52
CA ASP K 539 34.73 17.08 -73.36
C ASP K 539 34.21 16.31 -74.56
N ASN K 540 33.27 15.39 -74.33
CA ASN K 540 32.66 14.63 -75.41
C ASN K 540 31.46 15.36 -76.01
N PHE K 545 25.19 14.43 -67.97
CA PHE K 545 24.00 13.61 -68.11
C PHE K 545 22.91 14.22 -67.22
N PRO K 546 21.64 14.14 -67.62
CA PRO K 546 20.60 14.84 -66.83
C PRO K 546 20.54 14.36 -65.39
N ALA K 547 20.49 15.33 -64.47
CA ALA K 547 20.47 15.01 -63.04
C ALA K 547 19.19 14.29 -62.65
N GLU K 548 18.12 14.49 -63.41
CA GLU K 548 16.83 13.83 -63.19
C GLU K 548 16.88 12.35 -63.53
N ASP K 549 17.89 11.88 -64.25
CA ASP K 549 17.94 10.53 -64.81
C ASP K 549 18.98 9.63 -64.17
N VAL K 550 19.66 10.08 -63.10
CA VAL K 550 20.55 9.21 -62.33
C VAL K 550 19.98 9.01 -60.92
N GLN K 551 19.95 7.76 -60.48
CA GLN K 551 19.52 7.36 -59.15
C GLN K 551 20.73 6.85 -58.40
N VAL K 552 20.84 7.19 -57.12
CA VAL K 552 21.88 6.63 -56.25
C VAL K 552 21.23 6.01 -55.01
N ILE K 553 21.67 4.79 -54.69
CA ILE K 553 21.36 4.12 -53.43
C ILE K 553 22.69 3.76 -52.79
N VAL K 554 22.86 4.10 -51.52
CA VAL K 554 23.97 3.61 -50.71
C VAL K 554 23.43 2.62 -49.69
N GLU K 555 24.09 1.46 -49.61
CA GLU K 555 23.74 0.44 -48.62
C GLU K 555 25.00 -0.33 -48.23
N GLY K 556 25.22 -0.47 -46.94
CA GLY K 556 26.22 -1.37 -46.39
C GLY K 556 27.64 -1.21 -46.92
N ASN K 557 28.13 0.02 -46.93
CA ASN K 557 29.41 0.42 -47.53
C ASN K 557 29.43 0.38 -49.05
N GLU K 558 28.29 0.12 -49.71
CA GLU K 558 28.24 -0.01 -51.15
C GLU K 558 27.25 1.01 -51.71
N ALA K 559 27.62 1.64 -52.83
CA ALA K 559 26.75 2.58 -53.52
C ALA K 559 26.47 2.07 -54.93
N ARG K 560 25.20 1.83 -55.24
CA ARG K 560 24.75 1.52 -56.59
C ARG K 560 24.27 2.79 -57.27
N ILE K 561 24.91 3.13 -58.39
CA ILE K 561 24.48 4.26 -59.22
C ILE K 561 23.84 3.66 -60.47
N SER K 562 22.57 4.03 -60.70
CA SER K 562 21.76 3.49 -61.78
C SER K 562 21.37 4.60 -62.74
N MET K 563 21.84 4.51 -63.98
CA MET K 563 21.42 5.42 -65.04
C MET K 563 20.21 4.85 -65.77
N THR K 564 19.30 5.73 -66.17
CA THR K 564 18.39 5.42 -67.26
C THR K 564 19.10 5.47 -68.61
N VAL K 565 18.64 4.62 -69.53
CA VAL K 565 19.13 4.60 -70.90
C VAL K 565 17.95 4.34 -71.83
N TYR K 566 18.05 4.83 -73.05
CA TYR K 566 16.94 4.78 -74.01
C TYR K 566 17.27 3.90 -75.21
N PRO K 567 16.64 2.74 -75.37
CA PRO K 567 16.86 1.92 -76.56
C PRO K 567 16.06 2.38 -77.76
N ILE K 568 16.47 1.87 -78.92
CA ILE K 568 15.82 2.18 -80.20
C ILE K 568 14.62 1.25 -80.39
N ARG K 569 13.43 1.84 -80.43
CA ARG K 569 12.20 1.13 -80.78
C ARG K 569 11.89 1.31 -82.27
N SER K 570 10.68 0.92 -82.68
CA SER K 570 10.17 1.13 -84.03
C SER K 570 8.75 1.68 -83.99
N PHE K 571 8.47 2.66 -84.85
CA PHE K 571 7.19 3.34 -84.84
C PHE K 571 6.04 2.38 -85.14
N LYS K 572 5.01 2.41 -84.29
CA LYS K 572 3.73 1.78 -84.59
C LYS K 572 2.60 2.77 -84.83
N LYS K 573 2.73 4.00 -84.35
CA LYS K 573 1.70 5.03 -84.50
C LYS K 573 2.33 6.29 -85.05
N ILE K 574 1.62 6.94 -85.98
CA ILE K 574 1.93 8.30 -86.42
C ILE K 574 0.68 9.15 -86.22
N SER K 575 0.82 10.24 -85.48
CA SER K 575 -0.28 11.17 -85.21
C SER K 575 0.03 12.51 -85.84
N VAL K 576 -0.79 12.94 -86.80
CA VAL K 576 -0.62 14.21 -87.50
C VAL K 576 -1.76 15.13 -87.06
N SER K 577 -1.40 16.29 -86.52
CA SER K 577 -2.34 17.38 -86.28
C SER K 577 -2.18 18.40 -87.42
N LEU K 578 -3.24 18.55 -88.21
CA LEU K 578 -3.24 19.43 -89.38
C LEU K 578 -4.11 20.63 -89.07
N VAL K 579 -3.49 21.82 -89.07
CA VAL K 579 -4.16 23.08 -88.75
C VAL K 579 -4.26 23.90 -90.03
N TYR K 580 -5.49 24.21 -90.44
CA TYR K 580 -5.75 25.17 -91.52
C TYR K 580 -5.75 26.59 -90.98
N LYS K 581 -4.71 27.34 -91.31
CA LYS K 581 -4.70 28.79 -91.12
C LYS K 581 -5.16 29.45 -92.42
N GLN K 582 -5.34 30.77 -92.38
CA GLN K 582 -5.43 31.57 -93.59
C GLN K 582 -4.60 32.83 -93.45
N GLN K 583 -4.25 33.39 -94.61
CA GLN K 583 -3.20 34.40 -94.73
C GLN K 583 -3.73 35.51 -95.62
N THR K 584 -3.44 36.76 -95.25
CA THR K 584 -3.68 37.90 -96.12
C THR K 584 -2.52 38.08 -97.09
N LEU K 585 -2.80 37.93 -98.38
CA LEU K 585 -1.89 38.38 -99.43
C LEU K 585 -2.13 39.86 -99.73
N GLN K 586 -1.07 40.52 -100.18
CA GLN K 586 -1.15 41.93 -100.53
C GLN K 586 -0.19 42.19 -101.69
N ALA K 587 -0.57 43.13 -102.55
CA ALA K 587 0.30 43.55 -103.63
C ALA K 587 0.10 45.03 -103.94
N ALA L 2 15.35 0.45 -100.69
CA ALA L 2 16.06 -0.68 -100.02
C ALA L 2 17.56 -0.60 -100.30
N VAL L 3 18.32 -1.43 -99.58
CA VAL L 3 19.75 -1.62 -99.84
C VAL L 3 19.99 -3.12 -99.94
N GLU L 4 20.78 -3.53 -100.93
CA GLU L 4 20.90 -4.92 -101.31
C GLU L 4 22.36 -5.31 -101.39
N PRO L 5 22.73 -6.52 -100.95
CA PRO L 5 24.10 -6.99 -101.11
C PRO L 5 24.31 -7.65 -102.47
N PHE L 6 25.53 -7.51 -102.99
CA PHE L 6 25.99 -8.31 -104.12
C PHE L 6 27.28 -9.00 -103.71
N PRO L 7 27.36 -10.35 -103.77
CA PRO L 7 26.28 -11.30 -104.07
C PRO L 7 25.19 -11.28 -103.01
N ARG L 8 24.07 -11.93 -103.28
CA ARG L 8 23.04 -12.07 -102.26
C ARG L 8 23.41 -13.12 -101.23
N ARG L 9 23.97 -14.25 -101.66
CA ARG L 9 24.48 -15.24 -100.73
C ARG L 9 25.83 -14.79 -100.17
N PRO L 10 26.04 -14.85 -98.86
CA PRO L 10 27.29 -14.35 -98.30
C PRO L 10 28.48 -15.25 -98.63
N ILE L 11 29.67 -14.70 -98.44
CA ILE L 11 30.93 -15.40 -98.64
C ILE L 11 31.75 -15.29 -97.36
N THR L 12 32.38 -16.39 -96.96
CA THR L 12 33.28 -16.39 -95.82
C THR L 12 34.73 -16.07 -96.21
N ARG L 13 35.26 -16.79 -97.19
CA ARG L 13 36.65 -16.61 -97.60
C ARG L 13 36.90 -15.20 -98.13
N PRO L 14 38.17 -14.78 -98.21
CA PRO L 14 38.48 -13.40 -98.60
C PRO L 14 37.86 -13.02 -99.94
N HIS L 15 37.20 -11.87 -99.97
CA HIS L 15 36.41 -11.49 -101.13
C HIS L 15 36.10 -10.00 -101.03
N ALA L 16 35.56 -9.47 -102.13
CA ALA L 16 34.94 -8.16 -102.18
C ALA L 16 33.43 -8.33 -102.34
N SER L 17 32.65 -7.44 -101.72
CA SER L 17 31.21 -7.46 -101.89
C SER L 17 30.68 -6.03 -101.96
N ILE L 18 29.63 -5.87 -102.75
CA ILE L 18 29.05 -4.57 -103.08
C ILE L 18 27.69 -4.45 -102.41
N GLU L 19 27.41 -3.26 -101.90
CA GLU L 19 26.13 -2.94 -101.28
C GLU L 19 25.60 -1.67 -101.91
N VAL L 20 24.38 -1.72 -102.44
CA VAL L 20 23.90 -0.78 -103.44
C VAL L 20 22.57 -0.22 -103.00
N ASP L 21 22.39 1.09 -103.18
CA ASP L 21 21.30 1.85 -102.59
C ASP L 21 20.63 2.60 -103.72
N THR L 22 19.31 2.40 -103.85
CA THR L 22 18.55 2.87 -105.00
C THR L 22 17.59 4.00 -104.65
N SER L 23 17.52 4.38 -103.37
CA SER L 23 16.55 5.37 -102.91
C SER L 23 16.66 6.70 -103.65
N GLY L 24 17.87 7.08 -104.06
CA GLY L 24 18.07 8.36 -104.73
C GLY L 24 17.52 8.44 -106.14
N ILE L 25 17.22 7.30 -106.77
CA ILE L 25 16.67 7.29 -108.12
C ILE L 25 15.28 6.69 -108.19
N GLY L 26 14.85 5.91 -107.20
CA GLY L 26 13.48 5.46 -107.14
C GLY L 26 12.48 6.60 -107.21
N GLY L 27 11.42 6.41 -107.99
CA GLY L 27 10.42 7.43 -108.20
C GLY L 27 9.53 7.64 -107.00
N SER L 28 8.47 8.42 -107.24
CA SER L 28 7.45 8.67 -106.24
C SER L 28 6.10 8.83 -106.93
N ALA L 29 5.03 8.56 -106.19
CA ALA L 29 3.69 8.78 -106.71
C ALA L 29 3.45 10.26 -106.99
N GLY L 30 3.03 10.55 -108.20
CA GLY L 30 2.54 11.86 -108.56
C GLY L 30 1.21 12.19 -107.88
N SER L 31 0.70 13.36 -108.20
CA SER L 31 -0.63 13.75 -107.75
C SER L 31 -1.67 12.72 -108.17
N SER L 32 -2.52 12.34 -107.22
CA SER L 32 -3.60 11.40 -107.51
C SER L 32 -4.47 11.92 -108.65
N GLU L 33 -5.16 10.99 -109.31
CA GLU L 33 -6.07 11.31 -110.40
C GLU L 33 -7.51 11.17 -109.92
N LYS L 34 -8.34 12.16 -110.25
CA LYS L 34 -9.79 12.02 -110.16
C LYS L 34 -10.31 11.10 -111.26
N VAL L 35 -11.22 10.21 -110.89
CA VAL L 35 -11.89 9.32 -111.83
C VAL L 35 -13.39 9.40 -111.58
N PHE L 36 -14.16 9.37 -112.67
CA PHE L 36 -15.59 9.66 -112.64
C PHE L 36 -16.39 8.36 -112.75
N CYS L 37 -17.42 8.23 -111.93
CA CYS L 37 -18.20 7.00 -111.81
C CYS L 37 -19.64 7.23 -112.23
N LEU L 38 -20.16 6.35 -113.08
CA LEU L 38 -21.53 6.45 -113.58
C LEU L 38 -22.23 5.11 -113.40
N ILE L 39 -23.51 5.15 -113.00
CA ILE L 39 -24.36 3.98 -112.87
C ILE L 39 -25.67 4.23 -113.60
N GLY L 40 -26.03 3.34 -114.52
CA GLY L 40 -26.92 3.70 -115.60
C GLY L 40 -27.76 2.53 -116.07
N GLN L 41 -28.99 2.84 -116.45
CA GLN L 41 -29.74 1.99 -117.38
C GLN L 41 -29.01 1.90 -118.71
N ALA L 42 -28.87 0.69 -119.22
CA ALA L 42 -28.20 0.49 -120.50
C ALA L 42 -28.59 -0.85 -121.10
N GLU L 43 -28.36 -0.98 -122.40
CA GLU L 43 -28.16 -2.26 -123.06
C GLU L 43 -26.66 -2.51 -123.19
N GLY L 44 -26.27 -3.77 -123.26
CA GLY L 44 -24.90 -4.12 -123.58
C GLY L 44 -24.31 -5.24 -122.74
N GLY L 45 -23.11 -5.00 -122.22
CA GLY L 45 -22.37 -5.99 -121.46
C GLY L 45 -23.02 -6.46 -120.17
N GLU L 46 -22.37 -7.43 -119.54
CA GLU L 46 -22.89 -8.06 -118.33
C GLU L 46 -23.20 -7.00 -117.27
N PRO L 47 -24.38 -7.05 -116.64
CA PRO L 47 -24.67 -6.09 -115.57
C PRO L 47 -23.88 -6.39 -114.31
N ASN L 48 -23.86 -5.40 -113.42
CA ASN L 48 -23.29 -5.55 -112.08
C ASN L 48 -21.83 -5.92 -112.13
N THR L 49 -21.09 -5.31 -113.06
CA THR L 49 -19.64 -5.34 -113.07
C THR L 49 -19.16 -3.99 -113.60
N VAL L 50 -17.99 -3.56 -113.12
CA VAL L 50 -17.47 -2.23 -113.40
C VAL L 50 -16.48 -2.33 -114.56
N TYR L 51 -16.71 -1.54 -115.60
CA TYR L 51 -15.81 -1.43 -116.74
C TYR L 51 -15.06 -0.11 -116.66
N GLU L 52 -13.73 -0.17 -116.78
CA GLU L 52 -12.94 1.02 -117.05
C GLU L 52 -13.04 1.35 -118.53
N LEU L 53 -13.35 2.61 -118.84
CA LEU L 53 -13.51 3.05 -120.22
C LEU L 53 -12.62 4.26 -120.50
N ARG L 54 -12.04 4.27 -121.70
CA ARG L 54 -11.08 5.28 -122.15
C ARG L 54 -11.51 5.97 -123.44
N ASN L 55 -12.25 5.28 -124.30
CA ASN L 55 -12.67 5.79 -125.60
C ASN L 55 -14.17 5.63 -125.75
N TYR L 56 -14.77 6.59 -126.47
CA TYR L 56 -16.18 6.46 -126.82
C TYR L 56 -16.43 5.23 -127.68
N SER L 57 -15.49 4.88 -128.57
CA SER L 57 -15.65 3.66 -129.37
C SER L 57 -15.68 2.42 -128.48
N GLN L 58 -14.73 2.31 -127.56
CA GLN L 58 -14.73 1.22 -126.59
C GLN L 58 -16.04 1.17 -125.81
N ALA L 59 -16.53 2.31 -125.34
CA ALA L 59 -17.84 2.37 -124.68
C ALA L 59 -18.96 1.88 -125.59
N LYS L 60 -19.00 2.37 -126.83
CA LYS L 60 -20.01 1.99 -127.80
C LYS L 60 -19.89 0.55 -128.27
N ARG L 61 -18.81 -0.14 -127.91
CA ARG L 61 -18.76 -1.59 -128.07
C ARG L 61 -19.22 -2.32 -126.81
N LEU L 62 -18.72 -1.90 -125.65
CA LEU L 62 -19.15 -2.53 -124.40
C LEU L 62 -20.62 -2.25 -124.12
N PHE L 63 -21.12 -1.09 -124.53
CA PHE L 63 -22.51 -0.70 -124.34
C PHE L 63 -23.07 -0.21 -125.66
N ARG L 64 -24.40 -0.20 -125.75
CA ARG L 64 -25.09 0.36 -126.90
C ARG L 64 -26.32 1.11 -126.43
N SER L 65 -26.75 2.07 -127.26
CA SER L 65 -28.13 2.52 -127.38
C SER L 65 -28.84 2.63 -126.03
N GLY L 66 -28.30 3.48 -125.17
CA GLY L 66 -28.85 3.63 -123.84
C GLY L 66 -28.27 4.83 -123.13
N GLU L 67 -28.96 5.21 -122.05
CA GLU L 67 -28.66 6.48 -121.38
C GLU L 67 -27.27 6.50 -120.75
N LEU L 68 -26.75 5.33 -120.37
CA LEU L 68 -25.37 5.27 -119.89
C LEU L 68 -24.38 5.73 -120.96
N LEU L 69 -24.61 5.35 -122.21
CA LEU L 69 -23.69 5.73 -123.29
C LEU L 69 -23.80 7.23 -123.62
N ASP L 70 -25.01 7.77 -123.55
CA ASP L 70 -25.17 9.23 -123.64
C ASP L 70 -24.47 9.93 -122.49
N ALA L 71 -24.59 9.39 -121.27
CA ALA L 71 -23.94 9.99 -120.12
C ALA L 71 -22.43 10.01 -120.27
N ILE L 72 -21.84 8.91 -120.72
CA ILE L 72 -20.41 8.86 -121.02
C ILE L 72 -20.03 9.88 -122.10
N GLU L 73 -20.89 10.01 -123.13
CA GLU L 73 -20.66 11.01 -124.17
C GLU L 73 -20.64 12.43 -123.61
N LEU L 74 -21.65 12.78 -122.82
CA LEU L 74 -21.68 14.10 -122.22
C LEU L 74 -20.50 14.32 -121.27
N ALA L 75 -20.10 13.26 -120.55
CA ALA L 75 -19.01 13.39 -119.59
C ALA L 75 -17.69 13.73 -120.27
N TRP L 76 -17.39 13.09 -121.40
CA TRP L 76 -16.18 13.49 -122.15
C TRP L 76 -16.37 14.76 -122.98
N GLY L 77 -17.55 14.99 -123.56
CA GLY L 77 -17.73 16.08 -124.50
C GLY L 77 -17.86 17.46 -123.89
N SER L 78 -18.29 17.56 -122.63
CA SER L 78 -18.63 18.85 -122.05
C SER L 78 -17.42 19.60 -121.50
N ASN L 79 -16.20 19.07 -121.64
CA ASN L 79 -14.99 19.68 -121.09
C ASN L 79 -13.84 19.74 -122.12
N PRO L 80 -14.10 20.37 -123.28
CA PRO L 80 -13.18 20.18 -124.42
C PRO L 80 -11.76 20.63 -124.16
N ASN L 81 -11.57 21.63 -123.29
CA ASN L 81 -10.27 22.23 -123.04
C ASN L 81 -9.34 21.35 -122.21
N TYR L 82 -9.84 20.28 -121.60
CA TYR L 82 -9.12 19.54 -120.58
C TYR L 82 -8.93 18.09 -121.00
N THR L 83 -7.85 17.49 -120.51
CA THR L 83 -7.56 16.08 -120.78
C THR L 83 -8.71 15.17 -120.36
N ALA L 84 -9.09 14.28 -121.27
CA ALA L 84 -10.21 13.37 -121.07
C ALA L 84 -9.77 12.23 -120.16
N GLY L 85 -10.29 12.23 -118.93
CA GLY L 85 -9.92 11.22 -117.96
C GLY L 85 -10.62 9.88 -118.18
N ARG L 86 -10.18 8.91 -117.38
CA ARG L 86 -10.84 7.62 -117.29
C ARG L 86 -12.25 7.77 -116.73
N ILE L 87 -13.14 6.86 -117.15
CA ILE L 87 -14.48 6.74 -116.59
C ILE L 87 -14.69 5.30 -116.16
N LEU L 88 -15.33 5.12 -115.00
CA LEU L 88 -15.78 3.82 -114.50
C LEU L 88 -17.29 3.74 -114.62
N ALA L 89 -17.79 2.79 -115.40
CA ALA L 89 -19.20 2.70 -115.72
C ALA L 89 -19.70 1.30 -115.41
N MET L 90 -20.97 1.21 -114.99
CA MET L 90 -21.59 -0.08 -114.68
C MET L 90 -23.04 -0.06 -115.13
N ARG L 91 -23.39 -0.99 -116.01
CA ARG L 91 -24.79 -1.29 -116.30
C ARG L 91 -25.40 -1.92 -115.06
N ILE L 92 -26.68 -1.61 -114.80
CA ILE L 92 -27.40 -2.25 -113.71
C ILE L 92 -28.73 -2.81 -114.22
N GLU L 93 -28.92 -4.11 -113.99
CA GLU L 93 -30.19 -4.79 -114.09
C GLU L 93 -30.13 -5.98 -113.14
N ASP L 94 -31.27 -6.31 -112.54
CA ASP L 94 -31.37 -7.60 -111.86
C ASP L 94 -31.24 -8.74 -112.85
N ALA L 95 -30.61 -9.83 -112.40
CA ALA L 95 -30.27 -10.93 -113.29
C ALA L 95 -31.52 -11.69 -113.72
N GLU L 315 -35.05 -6.80 -115.27
CA GLU L 315 -36.14 -6.08 -114.64
C GLU L 315 -35.61 -4.94 -113.76
N PRO L 316 -36.44 -3.94 -113.47
CA PRO L 316 -35.97 -2.78 -112.69
C PRO L 316 -35.51 -3.20 -111.30
N PRO L 317 -34.37 -2.69 -110.83
CA PRO L 317 -33.95 -3.04 -109.46
C PRO L 317 -34.75 -2.27 -108.43
N ALA L 318 -35.13 -2.96 -107.35
CA ALA L 318 -35.71 -2.29 -106.20
C ALA L 318 -34.70 -1.40 -105.50
N THR L 319 -33.50 -1.91 -105.25
CA THR L 319 -32.47 -1.21 -104.49
C THR L 319 -31.14 -1.23 -105.22
N TRP L 320 -30.39 -0.13 -105.11
CA TRP L 320 -29.08 0.00 -105.73
C TRP L 320 -27.95 -0.15 -104.72
N ALA L 321 -28.25 -0.11 -103.42
CA ALA L 321 -27.24 -0.29 -102.38
C ALA L 321 -26.47 -1.58 -102.55
N ASP L 322 -27.12 -2.62 -103.07
CA ASP L 322 -26.45 -3.91 -103.29
C ASP L 322 -25.40 -3.84 -104.38
N LYS L 323 -25.45 -2.84 -105.26
CA LYS L 323 -24.62 -2.75 -106.45
C LYS L 323 -23.57 -1.65 -106.35
N LEU L 324 -23.94 -0.53 -105.75
CA LEU L 324 -23.01 0.57 -105.49
C LEU L 324 -21.75 0.09 -104.78
N ASP L 325 -21.88 -0.90 -103.89
CA ASP L 325 -20.74 -1.44 -103.17
C ASP L 325 -19.64 -1.98 -104.09
N LYS L 326 -19.97 -2.36 -105.33
CA LYS L 326 -18.96 -2.87 -106.25
C LYS L 326 -18.01 -1.78 -106.77
N PHE L 327 -18.30 -0.51 -106.50
CA PHE L 327 -17.36 0.57 -106.75
C PHE L 327 -16.36 0.78 -105.62
N ALA L 328 -16.56 0.13 -104.47
CA ALA L 328 -16.00 0.60 -103.21
C ALA L 328 -14.48 0.73 -103.26
N HIS L 329 -13.78 -0.30 -103.75
CA HIS L 329 -12.33 -0.27 -103.86
C HIS L 329 -11.84 0.03 -105.27
N GLU L 330 -12.70 0.52 -106.15
CA GLU L 330 -12.23 1.14 -107.38
C GLU L 330 -11.68 2.53 -107.08
N GLY L 331 -10.78 2.99 -107.95
CA GLY L 331 -10.11 4.25 -107.73
C GLY L 331 -10.92 5.47 -108.15
N GLY L 332 -12.10 5.63 -107.58
CA GLY L 332 -13.10 6.53 -108.12
C GLY L 332 -13.59 7.48 -107.05
N TYR L 333 -13.89 8.71 -107.47
CA TYR L 333 -14.16 9.81 -106.54
C TYR L 333 -15.54 10.42 -106.70
N TYR L 334 -15.93 10.80 -107.92
CA TYR L 334 -17.26 11.37 -108.16
C TYR L 334 -18.23 10.30 -108.65
N ILE L 335 -19.40 10.23 -108.02
CA ILE L 335 -20.49 9.34 -108.40
C ILE L 335 -21.61 10.21 -108.95
N VAL L 336 -22.26 9.75 -110.02
CA VAL L 336 -23.58 10.24 -110.39
C VAL L 336 -24.50 9.04 -110.62
N PRO L 337 -25.63 8.93 -109.93
CA PRO L 337 -26.65 7.96 -110.33
C PRO L 337 -27.54 8.52 -111.43
N LEU L 338 -27.73 7.75 -112.50
CA LEU L 338 -28.65 8.14 -113.57
C LEU L 338 -30.10 7.79 -113.21
N SER L 339 -30.59 8.42 -112.14
CA SER L 339 -32.01 8.33 -111.83
C SER L 339 -32.42 9.53 -110.98
N SER L 340 -33.70 9.85 -111.04
CA SER L 340 -34.30 10.98 -110.34
C SER L 340 -34.81 10.63 -108.95
N LYS L 341 -34.95 9.35 -108.62
CA LYS L 341 -35.60 8.96 -107.38
C LYS L 341 -34.81 9.42 -106.15
N GLN L 342 -35.53 10.02 -105.20
CA GLN L 342 -34.92 10.48 -103.96
C GLN L 342 -34.32 9.33 -103.15
N SER L 343 -34.96 8.16 -103.21
CA SER L 343 -34.42 6.98 -102.52
C SER L 343 -33.03 6.62 -103.03
N VAL L 344 -32.86 6.59 -104.35
CA VAL L 344 -31.53 6.35 -104.92
C VAL L 344 -30.53 7.41 -104.46
N HIS L 345 -30.93 8.68 -104.46
CA HIS L 345 -30.08 9.74 -103.95
C HIS L 345 -29.64 9.47 -102.50
N ALA L 346 -30.57 9.09 -101.64
CA ALA L 346 -30.23 8.71 -100.27
C ALA L 346 -29.25 7.53 -100.23
N GLU L 347 -29.51 6.49 -101.03
CA GLU L 347 -28.60 5.36 -101.11
C GLU L 347 -27.18 5.79 -101.46
N VAL L 348 -27.01 6.57 -102.53
CA VAL L 348 -25.67 7.02 -102.90
C VAL L 348 -25.07 7.94 -101.84
N ALA L 349 -25.88 8.78 -101.20
CA ALA L 349 -25.38 9.60 -100.09
C ALA L 349 -24.80 8.74 -98.98
N SER L 350 -25.55 7.71 -98.56
CA SER L 350 -25.07 6.77 -97.57
C SER L 350 -23.81 6.05 -98.01
N PHE L 351 -23.75 5.62 -99.27
CA PHE L 351 -22.56 4.96 -99.78
C PHE L 351 -21.33 5.87 -99.75
N VAL L 352 -21.47 7.09 -100.25
CA VAL L 352 -20.36 8.05 -100.22
C VAL L 352 -19.90 8.32 -98.79
N LYS L 353 -20.84 8.45 -97.85
CA LYS L 353 -20.47 8.61 -96.44
C LYS L 353 -19.72 7.39 -95.93
N GLU L 354 -20.25 6.20 -96.17
CA GLU L 354 -19.59 4.95 -95.81
C GLU L 354 -18.15 4.93 -96.29
N ARG L 355 -17.93 5.07 -97.60
CA ARG L 355 -16.59 4.98 -98.14
C ARG L 355 -15.68 6.08 -97.59
N SER L 356 -16.19 7.30 -97.44
CA SER L 356 -15.38 8.37 -96.85
C SER L 356 -14.91 8.01 -95.44
N ASP L 357 -15.84 7.55 -94.60
CA ASP L 357 -15.48 7.11 -93.26
C ASP L 357 -14.50 5.94 -93.28
N ALA L 358 -14.62 5.05 -94.26
CA ALA L 358 -13.64 3.99 -94.42
C ALA L 358 -12.29 4.50 -94.89
N GLY L 359 -12.19 5.76 -95.30
CA GLY L 359 -10.96 6.31 -95.84
C GLY L 359 -10.80 6.31 -97.34
N GLU L 360 -11.90 6.21 -98.10
CA GLU L 360 -11.87 6.34 -99.56
C GLU L 360 -12.79 7.50 -99.93
N PRO L 361 -12.30 8.75 -99.86
CA PRO L 361 -13.19 9.89 -99.97
C PRO L 361 -13.91 9.91 -101.32
N MET L 362 -15.21 10.23 -101.29
CA MET L 362 -16.00 10.35 -102.50
C MET L 362 -16.97 11.51 -102.35
N ARG L 363 -17.60 11.87 -103.47
CA ARG L 363 -18.68 12.84 -103.50
C ARG L 363 -19.72 12.36 -104.50
N ALA L 364 -20.96 12.80 -104.30
CA ALA L 364 -22.04 12.56 -105.24
C ALA L 364 -22.59 13.87 -105.78
N ILE L 365 -22.99 13.83 -107.05
CA ILE L 365 -23.74 14.90 -107.70
C ILE L 365 -25.10 14.34 -108.10
N VAL L 366 -26.15 15.13 -107.88
CA VAL L 366 -27.53 14.66 -107.89
C VAL L 366 -28.35 15.67 -108.67
N GLY L 367 -29.41 15.18 -109.32
CA GLY L 367 -30.31 16.06 -110.03
C GLY L 367 -31.73 15.53 -110.05
N GLY L 368 -32.66 16.45 -110.31
CA GLY L 368 -34.06 16.14 -110.37
C GLY L 368 -34.55 15.50 -111.66
N GLY L 369 -35.87 15.57 -111.85
CA GLY L 369 -36.52 15.19 -113.08
C GLY L 369 -36.47 16.23 -114.18
N PHE L 370 -37.41 16.10 -115.12
CA PHE L 370 -37.43 16.96 -116.30
C PHE L 370 -37.72 18.41 -115.97
N ASN L 371 -38.60 18.68 -115.01
CA ASN L 371 -38.90 20.06 -114.67
C ASN L 371 -39.47 20.13 -113.26
N GLU L 372 -38.88 21.00 -112.44
CA GLU L 372 -39.17 21.04 -111.02
C GLU L 372 -39.28 22.48 -110.54
N SER L 373 -40.26 22.75 -109.69
CA SER L 373 -40.41 24.04 -109.06
C SER L 373 -39.41 24.20 -107.92
N LYS L 374 -39.15 25.47 -107.56
CA LYS L 374 -38.34 25.78 -106.39
C LYS L 374 -38.83 25.05 -105.14
N GLU L 375 -40.14 24.96 -104.94
CA GLU L 375 -40.68 24.22 -103.80
C GLU L 375 -40.14 22.79 -103.74
N GLN L 376 -40.31 22.04 -104.83
CA GLN L 376 -39.76 20.68 -104.92
C GLN L 376 -38.26 20.64 -104.69
N LEU L 377 -37.51 21.57 -105.27
CA LEU L 377 -36.06 21.62 -105.06
C LEU L 377 -35.70 21.82 -103.59
N PHE L 378 -36.33 22.79 -102.93
CA PHE L 378 -36.13 22.98 -101.49
C PHE L 378 -36.50 21.73 -100.70
N GLY L 379 -37.60 21.06 -101.07
CA GLY L 379 -37.94 19.81 -100.43
C GLY L 379 -36.85 18.76 -100.55
N ARG L 380 -36.30 18.60 -101.75
CA ARG L 380 -35.18 17.68 -101.95
C ARG L 380 -33.96 18.07 -101.14
N GLN L 381 -33.61 19.36 -101.15
CA GLN L 381 -32.45 19.81 -100.38
C GLN L 381 -32.66 19.68 -98.88
N ALA L 382 -33.91 19.71 -98.42
CA ALA L 382 -34.23 19.31 -97.05
C ALA L 382 -33.97 17.82 -96.84
N SER L 383 -34.50 16.99 -97.74
CA SER L 383 -34.33 15.54 -97.64
C SER L 383 -32.86 15.14 -97.62
N LEU L 384 -32.01 15.85 -98.36
CA LEU L 384 -30.56 15.64 -98.33
C LEU L 384 -29.84 16.95 -98.06
N SER L 385 -29.53 17.20 -96.79
CA SER L 385 -28.52 18.16 -96.39
C SER L 385 -27.29 17.38 -95.97
N ASN L 386 -26.19 17.55 -96.70
CA ASN L 386 -25.07 16.62 -96.59
C ASN L 386 -23.83 17.27 -97.21
N PRO L 387 -22.68 17.29 -96.55
CA PRO L 387 -21.50 17.95 -97.14
C PRO L 387 -20.92 17.21 -98.34
N ARG L 388 -21.41 16.02 -98.68
CA ARG L 388 -20.90 15.25 -99.81
C ARG L 388 -21.94 14.99 -100.89
N VAL L 389 -23.01 15.78 -100.95
CA VAL L 389 -23.98 15.72 -102.04
C VAL L 389 -24.19 17.13 -102.57
N SER L 390 -24.34 17.24 -103.89
CA SER L 390 -24.71 18.48 -104.57
C SER L 390 -25.90 18.23 -105.47
N LEU L 391 -26.85 19.18 -105.46
CA LEU L 391 -28.09 19.05 -106.22
C LEU L 391 -28.07 20.05 -107.38
N VAL L 392 -28.37 19.55 -108.59
CA VAL L 392 -28.41 20.36 -109.80
C VAL L 392 -29.87 20.66 -110.15
N ALA L 393 -30.21 21.95 -110.21
CA ALA L 393 -31.58 22.36 -110.47
C ALA L 393 -31.96 22.21 -111.94
N ASN L 394 -31.19 22.79 -112.85
CA ASN L 394 -31.62 23.00 -114.22
C ASN L 394 -31.60 21.71 -115.05
N SER L 395 -32.59 21.60 -115.93
CA SER L 395 -32.63 20.61 -117.00
C SER L 395 -32.75 21.34 -118.33
N GLY L 396 -32.25 20.71 -119.39
CA GLY L 396 -32.08 21.42 -120.64
C GLY L 396 -32.01 20.47 -121.82
N THR L 397 -31.71 21.05 -122.99
CA THR L 397 -31.56 20.32 -124.24
C THR L 397 -30.10 20.33 -124.67
N PHE L 398 -29.53 19.15 -124.84
CA PHE L 398 -28.20 18.99 -125.41
C PHE L 398 -28.30 18.70 -126.91
N VAL L 399 -27.14 18.78 -127.58
CA VAL L 399 -26.99 18.36 -128.96
C VAL L 399 -25.86 17.35 -129.03
N MET L 400 -26.10 16.23 -129.71
CA MET L 400 -25.30 15.03 -129.62
C MET L 400 -24.56 14.76 -130.93
N ASP L 401 -23.42 14.07 -130.82
CA ASP L 401 -22.61 13.74 -131.99
C ASP L 401 -23.38 12.92 -133.03
N ASP L 402 -24.47 12.28 -132.63
CA ASP L 402 -25.37 11.62 -133.58
C ASP L 402 -26.23 12.61 -134.37
N GLY L 403 -26.03 13.91 -134.19
CA GLY L 403 -26.85 14.89 -134.89
C GLY L 403 -28.26 14.95 -134.37
N ARG L 404 -28.41 14.88 -133.05
CA ARG L 404 -29.70 14.73 -132.38
C ARG L 404 -29.80 15.79 -131.31
N LYS L 405 -31.02 16.28 -131.08
CA LYS L 405 -31.29 17.22 -130.01
C LYS L 405 -32.36 16.62 -129.13
N ASN L 406 -32.06 16.50 -127.84
CA ASN L 406 -32.87 15.70 -126.92
C ASN L 406 -33.06 16.47 -125.64
N HIS L 407 -34.30 16.52 -125.16
CA HIS L 407 -34.59 17.04 -123.84
C HIS L 407 -34.18 15.98 -122.83
N VAL L 408 -33.49 16.39 -121.76
CA VAL L 408 -32.98 15.44 -120.77
C VAL L 408 -33.33 15.89 -119.35
N PRO L 409 -33.49 14.96 -118.41
CA PRO L 409 -33.60 15.33 -117.00
C PRO L 409 -32.33 15.93 -116.41
N ALA L 410 -32.53 16.70 -115.34
CA ALA L 410 -31.47 17.48 -114.71
C ALA L 410 -30.29 16.65 -114.25
N TYR L 411 -30.49 15.36 -113.98
CA TYR L 411 -29.32 14.54 -113.62
C TYR L 411 -28.37 14.33 -114.79
N MET L 412 -28.83 14.42 -116.03
CA MET L 412 -27.87 14.41 -117.13
C MET L 412 -27.02 15.69 -117.14
N VAL L 413 -27.61 16.81 -116.74
CA VAL L 413 -26.81 18.01 -116.50
C VAL L 413 -25.81 17.76 -115.37
N ALA L 414 -26.25 17.05 -114.32
CA ALA L 414 -25.31 16.66 -113.28
C ALA L 414 -24.18 15.77 -113.80
N VAL L 415 -24.46 14.93 -114.79
CA VAL L 415 -23.39 14.17 -115.46
C VAL L 415 -22.39 15.11 -116.12
N ALA L 416 -22.91 16.13 -116.81
CA ALA L 416 -22.02 17.12 -117.42
C ALA L 416 -21.17 17.83 -116.37
N LEU L 417 -21.78 18.23 -115.26
CA LEU L 417 -21.03 18.92 -114.22
C LEU L 417 -19.99 18.02 -113.57
N GLY L 418 -20.32 16.74 -113.38
CA GLY L 418 -19.33 15.81 -112.86
C GLY L 418 -18.18 15.56 -113.83
N GLY L 419 -18.48 15.49 -115.13
CA GLY L 419 -17.42 15.41 -116.12
C GLY L 419 -16.48 16.60 -116.07
N LEU L 420 -17.04 17.80 -115.94
CA LEU L 420 -16.20 18.99 -115.88
C LEU L 420 -15.41 19.03 -114.58
N ALA L 421 -16.06 18.74 -113.45
CA ALA L 421 -15.36 18.80 -112.16
C ALA L 421 -14.23 17.77 -112.10
N SER L 422 -14.45 16.58 -112.65
CA SER L 422 -13.41 15.56 -112.68
C SER L 422 -12.32 15.85 -113.70
N GLY L 423 -12.63 16.63 -114.73
CA GLY L 423 -11.59 17.11 -115.63
C GLY L 423 -10.71 18.21 -115.08
N LEU L 424 -11.32 19.18 -114.40
CA LEU L 424 -10.57 20.26 -113.78
C LEU L 424 -9.51 19.75 -112.81
N GLU L 425 -8.47 20.55 -112.64
CA GLU L 425 -7.39 20.26 -111.71
C GLU L 425 -7.93 20.14 -110.28
N ILE L 426 -7.14 19.48 -109.43
CA ILE L 426 -7.54 19.29 -108.04
C ILE L 426 -7.64 20.63 -107.34
N GLY L 427 -8.79 20.90 -106.72
CA GLY L 427 -9.00 22.16 -106.05
C GLY L 427 -9.37 23.32 -106.93
N GLU L 428 -9.73 23.08 -108.19
CA GLU L 428 -10.23 24.11 -109.09
C GLU L 428 -11.75 24.03 -109.17
N SER L 429 -12.41 25.18 -109.05
CA SER L 429 -13.85 25.23 -108.88
C SER L 429 -14.55 25.20 -110.25
N ILE L 430 -15.75 24.61 -110.27
CA ILE L 430 -16.63 24.73 -111.44
C ILE L 430 -17.43 26.02 -111.48
N THR L 431 -17.34 26.88 -110.47
CA THR L 431 -18.06 28.14 -110.51
C THR L 431 -17.56 29.02 -111.64
N PHE L 432 -18.49 29.61 -112.40
CA PHE L 432 -18.24 30.47 -113.54
C PHE L 432 -17.47 29.78 -114.67
N LYS L 433 -17.31 28.47 -114.63
CA LYS L 433 -16.90 27.74 -115.82
C LYS L 433 -18.06 27.71 -116.80
N PRO L 434 -17.79 27.72 -118.10
CA PRO L 434 -18.87 27.58 -119.07
C PRO L 434 -19.45 26.18 -119.10
N LEU L 435 -20.70 26.12 -119.55
CA LEU L 435 -21.44 24.89 -119.79
C LEU L 435 -22.01 24.97 -121.19
N ARG L 436 -22.09 23.81 -121.86
CA ARG L 436 -22.45 23.75 -123.27
C ARG L 436 -23.72 22.93 -123.43
N VAL L 437 -24.79 23.62 -123.83
CA VAL L 437 -26.14 23.09 -123.86
C VAL L 437 -26.88 23.86 -124.95
N SER L 438 -27.81 23.18 -125.63
CA SER L 438 -28.58 23.89 -126.65
C SER L 438 -29.55 24.89 -126.03
N SER L 439 -30.21 24.51 -124.95
CA SER L 439 -31.15 25.40 -124.28
C SER L 439 -31.40 24.89 -122.88
N LEU L 440 -31.98 25.76 -122.05
CA LEU L 440 -32.51 25.38 -120.74
C LEU L 440 -34.03 25.55 -120.73
N ASP L 441 -34.71 24.61 -120.07
CA ASP L 441 -36.16 24.68 -120.00
C ASP L 441 -36.62 25.77 -119.03
N GLN L 442 -35.95 25.88 -117.89
CA GLN L 442 -36.18 26.94 -116.91
C GLN L 442 -35.04 27.94 -116.96
N ILE L 443 -35.34 29.17 -117.38
CA ILE L 443 -34.41 30.28 -117.29
C ILE L 443 -34.75 31.05 -116.01
N TYR L 444 -33.88 30.93 -115.02
CA TYR L 444 -34.07 31.57 -113.73
C TYR L 444 -33.61 33.02 -113.74
N GLU L 445 -34.41 33.88 -113.13
CA GLU L 445 -34.05 35.28 -112.94
C GLU L 445 -32.99 35.43 -111.84
N SER L 446 -32.38 36.61 -111.80
CA SER L 446 -31.34 36.92 -110.83
C SER L 446 -31.76 36.64 -109.39
N ILE L 447 -32.97 37.05 -109.01
CA ILE L 447 -33.45 36.75 -107.67
C ILE L 447 -33.66 35.25 -107.49
N ASP L 448 -34.14 34.58 -108.54
CA ASP L 448 -34.32 33.13 -108.49
C ASP L 448 -33.00 32.42 -108.25
N LEU L 449 -31.96 32.82 -108.98
CA LEU L 449 -30.62 32.25 -108.80
C LEU L 449 -30.05 32.55 -107.43
N ASP L 450 -30.24 33.77 -106.91
CA ASP L 450 -29.83 34.05 -105.54
C ASP L 450 -30.56 33.16 -104.53
N GLU L 451 -31.87 32.98 -104.69
CA GLU L 451 -32.64 32.08 -103.83
C GLU L 451 -32.06 30.67 -103.83
N LEU L 452 -31.88 30.10 -105.03
CA LEU L 452 -31.33 28.75 -105.11
C LEU L 452 -29.91 28.65 -104.57
N ASN L 453 -29.09 29.68 -104.78
CA ASN L 453 -27.74 29.68 -104.22
C ASN L 453 -27.75 29.71 -102.70
N GLU L 454 -28.64 30.51 -102.11
CA GLU L 454 -28.80 30.50 -100.66
C GLU L 454 -29.19 29.12 -100.13
N ASN L 455 -30.04 28.41 -100.87
CA ASN L 455 -30.44 27.06 -100.50
C ASN L 455 -29.41 26.00 -100.88
N GLY L 456 -28.23 26.37 -101.35
CA GLY L 456 -27.21 25.37 -101.65
C GLY L 456 -27.55 24.48 -102.83
N ILE L 457 -28.29 24.99 -103.81
CA ILE L 457 -28.65 24.27 -105.01
C ILE L 457 -27.89 24.90 -106.16
N ILE L 458 -27.20 24.07 -106.95
CA ILE L 458 -26.48 24.56 -108.11
C ILE L 458 -27.47 24.93 -109.21
N SER L 459 -27.24 26.10 -109.82
CA SER L 459 -28.11 26.65 -110.85
C SER L 459 -27.26 27.14 -112.02
N ILE L 460 -27.87 27.15 -113.20
CA ILE L 460 -27.20 27.53 -114.44
C ILE L 460 -27.78 28.88 -114.90
N GLU L 461 -26.90 29.86 -115.09
CA GLU L 461 -27.29 31.22 -115.45
C GLU L 461 -27.14 31.42 -116.96
N PHE L 462 -28.19 31.93 -117.59
CA PHE L 462 -28.13 32.37 -118.98
C PHE L 462 -27.57 33.78 -119.07
N VAL L 463 -26.32 33.90 -119.52
CA VAL L 463 -25.70 35.21 -119.66
C VAL L 463 -26.31 35.90 -120.87
N ARG L 464 -26.87 37.09 -120.65
CA ARG L 464 -27.66 37.79 -121.65
C ARG L 464 -27.15 39.19 -121.98
N ASN L 465 -26.49 39.87 -121.03
CA ASN L 465 -26.03 41.23 -121.27
C ASN L 465 -24.83 41.27 -122.22
N ARG L 466 -23.97 40.26 -122.20
CA ARG L 466 -22.92 40.18 -123.21
C ARG L 466 -23.54 40.02 -124.59
N THR L 467 -22.82 40.53 -125.60
CA THR L 467 -23.15 40.23 -126.99
C THR L 467 -23.25 38.72 -127.21
N ASN L 468 -22.26 37.98 -126.74
CA ASN L 468 -22.33 36.52 -126.78
C ASN L 468 -23.15 36.02 -125.61
N THR L 469 -24.12 35.15 -125.90
CA THR L 469 -24.98 34.53 -124.90
C THR L 469 -24.52 33.10 -124.66
N PHE L 470 -24.28 32.77 -123.40
CA PHE L 470 -23.79 31.45 -123.03
C PHE L 470 -24.26 31.14 -121.62
N PHE L 471 -24.10 29.88 -121.22
CA PHE L 471 -24.55 29.38 -119.93
C PHE L 471 -23.37 29.20 -118.97
N ARG L 472 -23.44 29.88 -117.83
CA ARG L 472 -22.50 29.69 -116.73
C ARG L 472 -23.06 28.71 -115.71
N ILE L 473 -22.17 27.94 -115.10
CA ILE L 473 -22.46 27.32 -113.81
C ILE L 473 -22.30 28.40 -112.75
N VAL L 474 -23.37 28.66 -111.99
CA VAL L 474 -23.35 29.79 -111.06
C VAL L 474 -22.39 29.53 -109.90
N ASP L 475 -22.50 28.37 -109.26
CA ASP L 475 -21.72 28.15 -108.06
C ASP L 475 -21.55 26.65 -107.81
N ASP L 476 -20.56 26.32 -106.99
CA ASP L 476 -20.25 24.95 -106.57
C ASP L 476 -20.65 24.71 -105.11
N VAL L 477 -21.78 25.29 -104.68
CA VAL L 477 -22.25 25.08 -103.32
C VAL L 477 -22.79 23.66 -103.17
N THR L 478 -22.34 22.96 -102.13
CA THR L 478 -22.94 21.69 -101.76
C THR L 478 -24.33 21.90 -101.16
N THR L 479 -25.07 20.80 -101.06
CA THR L 479 -26.40 20.80 -100.46
C THR L 479 -26.39 21.03 -98.96
N PHE L 480 -25.21 21.08 -98.33
CA PHE L 480 -25.12 21.25 -96.89
C PHE L 480 -25.64 22.62 -96.46
N ASN L 481 -26.36 22.65 -95.35
CA ASN L 481 -27.10 23.84 -94.94
C ASN L 481 -26.27 24.90 -94.22
N ASP L 482 -25.17 24.54 -93.58
CA ASP L 482 -24.36 25.50 -92.84
C ASP L 482 -23.19 25.95 -93.71
N LYS L 483 -23.20 27.24 -94.05
CA LYS L 483 -22.21 27.88 -94.90
C LYS L 483 -21.02 28.42 -94.12
N SER L 484 -21.00 28.28 -92.79
CA SER L 484 -19.97 28.89 -91.97
C SER L 484 -18.61 28.24 -92.16
N ASP L 485 -18.56 26.94 -92.46
CA ASP L 485 -17.29 26.28 -92.76
C ASP L 485 -17.21 25.98 -94.26
N PRO L 486 -16.26 26.57 -95.00
CA PRO L 486 -16.19 26.27 -96.45
C PRO L 486 -15.75 24.86 -96.77
N VAL L 487 -15.00 24.20 -95.89
CA VAL L 487 -14.57 22.83 -96.15
C VAL L 487 -15.77 21.89 -96.26
N LYS L 488 -16.86 22.24 -95.59
CA LYS L 488 -18.11 21.49 -95.71
C LYS L 488 -19.05 22.08 -96.76
N ALA L 489 -19.04 23.40 -96.94
CA ALA L 489 -19.96 24.04 -97.88
C ALA L 489 -19.55 23.88 -99.33
N GLU L 490 -18.26 24.00 -99.66
CA GLU L 490 -17.82 24.14 -101.05
C GLU L 490 -17.05 22.91 -101.51
N MET L 491 -17.42 22.42 -102.70
CA MET L 491 -16.85 21.18 -103.23
C MET L 491 -15.33 21.27 -103.40
N ALA L 492 -14.84 22.39 -103.92
CA ALA L 492 -13.42 22.49 -104.28
C ALA L 492 -12.51 22.29 -103.08
N VAL L 493 -12.73 23.05 -102.01
CA VAL L 493 -11.83 22.98 -100.86
C VAL L 493 -12.05 21.70 -100.07
N GLY L 494 -13.28 21.19 -100.04
CA GLY L 494 -13.51 19.86 -99.49
C GLY L 494 -12.72 18.77 -100.21
N GLU L 495 -12.73 18.82 -101.54
CA GLU L 495 -11.92 17.90 -102.34
C GLU L 495 -10.43 18.06 -102.04
N ALA L 496 -9.94 19.29 -102.00
CA ALA L 496 -8.53 19.52 -101.69
C ALA L 496 -8.17 18.94 -100.32
N ASN L 497 -9.01 19.17 -99.32
CA ASN L 497 -8.84 18.57 -98.00
C ASN L 497 -8.79 17.05 -98.07
N ASP L 498 -9.75 16.44 -98.74
CA ASP L 498 -9.80 14.99 -98.86
C ASP L 498 -8.52 14.42 -99.46
N PHE L 499 -8.06 14.98 -100.58
CA PHE L 499 -6.85 14.46 -101.19
C PHE L 499 -5.62 14.72 -100.33
N LEU L 500 -5.54 15.89 -99.67
CA LEU L 500 -4.39 16.17 -98.84
C LEU L 500 -4.27 15.18 -97.67
N VAL L 501 -5.39 14.92 -96.99
CA VAL L 501 -5.36 13.96 -95.89
C VAL L 501 -5.07 12.55 -96.39
N SER L 502 -5.73 12.12 -97.47
CA SER L 502 -5.50 10.78 -98.00
C SER L 502 -4.04 10.55 -98.37
N GLU L 503 -3.45 11.49 -99.11
CA GLU L 503 -2.05 11.36 -99.50
C GLU L 503 -1.10 11.41 -98.30
N LEU L 504 -1.35 12.29 -97.34
CA LEU L 504 -0.54 12.30 -96.12
C LEU L 504 -0.60 10.95 -95.41
N LYS L 505 -1.80 10.41 -95.22
CA LYS L 505 -1.96 9.13 -94.56
C LYS L 505 -1.17 8.05 -95.26
N VAL L 506 -1.50 7.79 -96.52
CA VAL L 506 -0.95 6.62 -97.21
C VAL L 506 0.56 6.73 -97.36
N GLN L 507 1.07 7.94 -97.63
CA GLN L 507 2.50 8.10 -97.82
C GLN L 507 3.26 7.98 -96.50
N LEU L 508 2.80 8.61 -95.42
CA LEU L 508 3.49 8.44 -94.15
C LEU L 508 3.44 6.98 -93.68
N GLU L 509 2.29 6.32 -93.87
CA GLU L 509 2.17 4.91 -93.49
C GLU L 509 3.22 4.06 -94.18
N ASP L 510 3.23 4.07 -95.52
CA ASP L 510 4.21 3.24 -96.23
C ASP L 510 5.64 3.73 -96.07
N GLN L 511 5.86 5.01 -95.77
CA GLN L 511 7.22 5.50 -95.55
C GLN L 511 7.83 5.04 -94.23
N PHE L 512 7.11 5.21 -93.11
CA PHE L 512 7.76 5.15 -91.80
C PHE L 512 7.32 4.02 -90.87
N ILE L 513 6.11 3.49 -90.98
CA ILE L 513 5.65 2.53 -89.98
C ILE L 513 6.46 1.24 -90.08
N GLY L 514 6.85 0.71 -88.93
CA GLY L 514 7.77 -0.41 -88.85
C GLY L 514 9.24 -0.07 -88.96
N THR L 515 9.59 1.14 -89.38
CA THR L 515 11.00 1.53 -89.41
C THR L 515 11.55 1.78 -88.01
N ARG L 516 12.86 1.58 -87.86
CA ARG L 516 13.55 1.82 -86.61
C ARG L 516 13.51 3.29 -86.23
N THR L 517 13.26 3.56 -84.95
CA THR L 517 13.19 4.92 -84.42
C THR L 517 14.61 5.43 -84.12
N ILE L 518 15.40 5.52 -85.19
CA ILE L 518 16.77 5.99 -85.07
C ILE L 518 16.77 7.46 -84.67
N ASN L 519 17.81 7.87 -83.94
CA ASN L 519 17.84 9.19 -83.29
C ASN L 519 17.54 10.34 -84.25
N THR L 520 17.87 10.18 -85.53
CA THR L 520 17.70 11.24 -86.52
C THR L 520 16.30 11.26 -87.14
N SER L 521 15.43 10.31 -86.77
CA SER L 521 14.10 10.23 -87.38
C SER L 521 13.32 11.53 -87.25
N ALA L 522 13.54 12.28 -86.17
CA ALA L 522 12.92 13.58 -86.01
C ALA L 522 13.35 14.56 -87.11
N SER L 523 14.57 14.43 -87.63
CA SER L 523 14.93 15.16 -88.84
C SER L 523 14.21 14.60 -90.06
N ILE L 524 14.35 13.30 -90.30
CA ILE L 524 13.94 12.69 -91.57
C ILE L 524 12.44 12.89 -91.82
N ILE L 525 11.62 12.79 -90.77
CA ILE L 525 10.18 12.99 -90.94
C ILE L 525 9.84 14.44 -91.23
N LYS L 526 10.55 15.38 -90.60
CA LYS L 526 10.35 16.79 -90.93
C LYS L 526 10.74 17.07 -92.38
N ASP L 527 11.89 16.54 -92.81
CA ASP L 527 12.32 16.73 -94.19
C ASP L 527 11.32 16.13 -95.19
N PHE L 528 10.78 14.95 -94.88
CA PHE L 528 9.74 14.36 -95.71
C PHE L 528 8.50 15.24 -95.80
N ILE L 529 8.01 15.72 -94.65
CA ILE L 529 6.81 16.56 -94.67
C ILE L 529 7.05 17.86 -95.44
N GLN L 530 8.19 18.51 -95.20
CA GLN L 530 8.49 19.73 -95.94
C GLN L 530 8.60 19.48 -97.45
N SER L 531 9.18 18.35 -97.85
CA SER L 531 9.22 18.01 -99.26
C SER L 531 7.83 17.82 -99.84
N TYR L 532 7.00 17.03 -99.17
CA TYR L 532 5.61 16.81 -99.58
C TYR L 532 4.86 18.12 -99.74
N LEU L 533 4.93 19.00 -98.74
CA LEU L 533 4.19 20.26 -98.82
C LEU L 533 4.76 21.22 -99.85
N GLY L 534 6.08 21.21 -100.07
CA GLY L 534 6.65 21.93 -101.20
C GLY L 534 6.09 21.45 -102.53
N ARG L 535 5.97 20.13 -102.69
CA ARG L 535 5.35 19.58 -103.89
C ARG L 535 3.89 19.99 -104.04
N LYS L 536 3.12 19.96 -102.94
CA LYS L 536 1.75 20.46 -102.98
C LYS L 536 1.69 21.93 -103.38
N LYS L 537 2.62 22.76 -102.90
CA LYS L 537 2.66 24.16 -103.30
C LYS L 537 2.98 24.29 -104.79
N ARG L 538 3.94 23.52 -105.28
CA ARG L 538 4.30 23.53 -106.69
C ARG L 538 3.08 23.32 -107.60
N ASP L 539 2.21 22.37 -107.26
CA ASP L 539 1.06 22.08 -108.08
C ASP L 539 -0.12 23.01 -107.83
N ASN L 540 0.05 24.05 -107.01
CA ASN L 540 -1.03 24.95 -106.62
C ASN L 540 -2.24 24.19 -106.05
N GLU L 541 -1.96 23.16 -105.24
CA GLU L 541 -2.98 22.44 -104.52
C GLU L 541 -3.13 22.92 -103.08
N ILE L 542 -2.16 23.70 -102.61
CA ILE L 542 -2.30 24.52 -101.41
C ILE L 542 -1.72 25.89 -101.75
N GLN L 543 -2.11 26.91 -100.97
CA GLN L 543 -1.59 28.24 -101.23
C GLN L 543 -0.15 28.36 -100.77
N ASP L 544 0.13 27.97 -99.52
CA ASP L 544 1.44 28.18 -98.92
C ASP L 544 1.47 27.34 -97.65
N PHE L 545 2.65 27.23 -97.04
CA PHE L 545 2.74 26.71 -95.68
C PHE L 545 3.91 27.35 -94.96
N PRO L 546 3.82 27.57 -93.64
CA PRO L 546 5.01 27.96 -92.87
C PRO L 546 5.91 26.76 -92.63
N ALA L 547 7.17 26.86 -93.05
CA ALA L 547 8.10 25.75 -92.87
C ALA L 547 8.37 25.48 -91.38
N GLU L 548 8.47 26.55 -90.58
CA GLU L 548 8.82 26.41 -89.18
C GLU L 548 7.71 25.81 -88.31
N ASP L 549 6.47 25.81 -88.78
CA ASP L 549 5.40 25.10 -88.08
C ASP L 549 5.46 23.59 -88.26
N VAL L 550 6.26 23.09 -89.19
CA VAL L 550 6.43 21.65 -89.37
C VAL L 550 7.34 21.16 -88.23
N GLN L 551 6.74 20.49 -87.24
CA GLN L 551 7.42 20.12 -86.00
C GLN L 551 7.11 18.67 -85.69
N VAL L 552 8.13 17.95 -85.23
CA VAL L 552 8.05 16.51 -84.99
C VAL L 552 8.58 16.21 -83.59
N ILE L 553 7.83 15.41 -82.84
CA ILE L 553 8.22 14.94 -81.52
C ILE L 553 8.18 13.42 -81.56
N VAL L 554 9.23 12.77 -81.07
CA VAL L 554 9.35 11.32 -81.12
C VAL L 554 9.32 10.77 -79.71
N GLU L 555 8.46 9.78 -79.50
CA GLU L 555 8.40 9.00 -78.27
C GLU L 555 8.37 7.53 -78.66
N GLY L 556 8.70 6.67 -77.70
CA GLY L 556 9.25 5.36 -78.04
C GLY L 556 8.41 4.58 -79.03
N ASN L 557 7.09 4.67 -78.92
CA ASN L 557 6.19 3.97 -79.84
C ASN L 557 5.69 4.83 -80.99
N GLU L 558 5.79 6.16 -80.89
CA GLU L 558 4.91 7.05 -81.63
C GLU L 558 5.70 8.22 -82.19
N ALA L 559 5.41 8.57 -83.44
CA ALA L 559 5.74 9.87 -84.02
C ALA L 559 4.55 10.82 -83.90
N ARG L 560 4.78 12.00 -83.33
CA ARG L 560 3.77 13.06 -83.23
C ARG L 560 4.18 14.23 -84.10
N ILE L 561 3.30 14.60 -85.04
CA ILE L 561 3.63 15.51 -86.14
C ILE L 561 2.66 16.68 -86.10
N SER L 562 3.20 17.90 -86.20
CA SER L 562 2.41 19.12 -86.32
C SER L 562 2.73 19.84 -87.63
N MET L 563 1.71 20.42 -88.25
CA MET L 563 1.90 21.20 -89.47
C MET L 563 0.81 22.26 -89.56
N THR L 564 1.14 23.37 -90.22
CA THR L 564 0.19 24.39 -90.65
C THR L 564 0.09 24.39 -92.17
N VAL L 565 -1.14 24.51 -92.68
CA VAL L 565 -1.40 24.61 -94.12
C VAL L 565 -2.28 25.83 -94.36
N TYR L 566 -1.93 26.63 -95.38
CA TYR L 566 -2.83 27.64 -95.92
C TYR L 566 -3.54 27.08 -97.15
N PRO L 567 -4.84 26.78 -97.10
CA PRO L 567 -5.48 26.15 -98.26
C PRO L 567 -5.79 27.17 -99.34
N ILE L 568 -6.11 26.67 -100.52
CA ILE L 568 -6.33 27.49 -101.71
C ILE L 568 -7.82 27.66 -101.93
N ARG L 569 -8.26 28.92 -102.04
CA ARG L 569 -9.66 29.27 -102.14
C ARG L 569 -9.93 29.89 -103.52
N SER L 570 -11.07 29.56 -104.11
CA SER L 570 -11.51 30.28 -105.29
C SER L 570 -12.02 31.67 -104.93
N PHE L 571 -11.75 32.65 -105.79
CA PHE L 571 -12.40 33.96 -105.65
C PHE L 571 -13.90 33.84 -105.86
N LYS L 572 -14.68 34.27 -104.87
CA LYS L 572 -16.13 34.38 -104.99
C LYS L 572 -16.66 35.78 -104.75
N LYS L 573 -15.85 36.70 -104.20
CA LYS L 573 -16.21 38.10 -104.09
C LYS L 573 -15.04 38.97 -104.55
N ILE L 574 -15.34 39.99 -105.35
CA ILE L 574 -14.42 41.07 -105.63
C ILE L 574 -15.12 42.39 -105.30
N SER L 575 -14.48 43.21 -104.47
CA SER L 575 -15.01 44.51 -104.06
C SER L 575 -14.04 45.59 -104.54
N VAL L 576 -14.55 46.52 -105.35
CA VAL L 576 -13.76 47.63 -105.87
C VAL L 576 -14.22 48.90 -105.17
N SER L 577 -13.28 49.63 -104.57
CA SER L 577 -13.50 50.97 -104.05
C SER L 577 -12.85 51.97 -104.99
N LEU L 578 -13.63 52.91 -105.51
CA LEU L 578 -13.19 53.85 -106.54
C LEU L 578 -13.30 55.26 -105.99
N VAL L 579 -12.15 55.93 -105.84
CA VAL L 579 -12.07 57.27 -105.29
C VAL L 579 -11.77 58.24 -106.44
N TYR L 580 -12.76 59.04 -106.82
CA TYR L 580 -12.53 60.16 -107.72
C TYR L 580 -11.82 61.31 -107.00
N LYS L 581 -10.85 61.89 -107.68
CA LYS L 581 -9.97 62.91 -107.10
C LYS L 581 -9.61 63.90 -108.19
N GLN L 582 -9.37 65.15 -107.81
CA GLN L 582 -8.96 66.20 -108.73
C GLN L 582 -7.44 66.39 -108.75
N GLN L 583 -6.93 66.76 -109.93
CA GLN L 583 -5.55 67.16 -110.14
C GLN L 583 -5.57 68.48 -110.89
N THR L 584 -4.79 69.45 -110.43
CA THR L 584 -4.65 70.73 -111.13
C THR L 584 -3.54 70.64 -112.17
N LEU L 585 -3.94 70.52 -113.43
CA LEU L 585 -3.03 70.72 -114.56
C LEU L 585 -2.70 72.20 -114.74
N GLN L 586 -1.43 72.49 -114.97
CA GLN L 586 -1.02 73.85 -115.30
C GLN L 586 0.16 73.81 -116.26
N ALA L 587 0.31 74.89 -117.02
CA ALA L 587 1.39 75.03 -117.97
C ALA L 587 2.05 76.40 -117.85
N ALA M 2 54.79 -7.24 -110.90
CA ALA M 2 55.81 -7.35 -109.81
C ALA M 2 57.08 -6.62 -110.23
N VAL M 3 57.89 -6.24 -109.24
CA VAL M 3 59.29 -5.92 -109.48
C VAL M 3 60.07 -7.22 -109.68
N GLU M 4 60.76 -7.32 -110.81
CA GLU M 4 61.41 -8.55 -111.21
C GLU M 4 62.92 -8.45 -111.01
N PRO M 5 63.57 -9.36 -110.29
CA PRO M 5 65.03 -9.28 -110.16
C PRO M 5 65.73 -9.82 -111.39
N PHE M 6 66.77 -9.11 -111.83
CA PHE M 6 67.73 -9.66 -112.79
C PHE M 6 69.12 -9.60 -112.18
N PRO M 7 69.87 -10.72 -112.08
CA PRO M 7 69.42 -12.10 -112.30
C PRO M 7 68.37 -12.51 -111.27
N ARG M 8 67.63 -13.57 -111.55
CA ARG M 8 66.69 -14.11 -110.57
C ARG M 8 67.42 -14.70 -109.38
N ARG M 9 68.43 -15.53 -109.63
CA ARG M 9 69.28 -16.05 -108.57
C ARG M 9 70.24 -14.96 -108.07
N PRO M 10 70.26 -14.64 -106.79
CA PRO M 10 71.14 -13.56 -106.32
C PRO M 10 72.61 -13.93 -106.44
N ILE M 11 73.44 -12.88 -106.30
CA ILE M 11 74.88 -12.97 -106.35
C ILE M 11 75.44 -12.29 -105.11
N THR M 12 76.55 -12.82 -104.60
CA THR M 12 77.20 -12.29 -103.40
C THR M 12 78.67 -11.93 -103.65
N ARG M 13 79.13 -11.98 -104.89
CA ARG M 13 80.30 -11.21 -105.28
C ARG M 13 79.94 -9.73 -105.40
N PRO M 14 80.91 -8.86 -105.58
CA PRO M 14 80.62 -7.56 -106.20
C PRO M 14 80.00 -7.73 -107.58
N HIS M 15 78.87 -7.06 -107.79
CA HIS M 15 78.10 -7.23 -109.01
C HIS M 15 77.14 -6.06 -109.16
N ALA M 16 76.47 -6.02 -110.30
CA ALA M 16 75.35 -5.12 -110.56
C ALA M 16 74.09 -5.92 -110.81
N SER M 17 72.93 -5.34 -110.49
CA SER M 17 71.66 -6.02 -110.67
C SER M 17 70.59 -5.01 -111.03
N ILE M 18 69.60 -5.48 -111.78
CA ILE M 18 68.51 -4.65 -112.32
C ILE M 18 67.19 -5.14 -111.73
N GLU M 19 66.28 -4.19 -111.50
CA GLU M 19 64.97 -4.47 -110.92
C GLU M 19 63.91 -3.74 -111.77
N VAL M 20 63.20 -4.49 -112.61
CA VAL M 20 62.35 -3.90 -113.65
C VAL M 20 60.90 -3.95 -113.18
N ASP M 21 60.20 -2.82 -113.31
CA ASP M 21 58.79 -2.69 -112.95
C ASP M 21 57.96 -2.56 -114.23
N THR M 22 57.11 -3.55 -114.49
CA THR M 22 56.26 -3.59 -115.67
C THR M 22 54.85 -3.02 -115.44
N SER M 23 54.51 -2.67 -114.21
CA SER M 23 53.12 -2.34 -113.84
C SER M 23 52.58 -1.11 -114.57
N GLY M 24 53.44 -0.25 -115.10
CA GLY M 24 53.00 0.92 -115.85
C GLY M 24 52.43 0.66 -117.23
N ILE M 25 52.60 -0.54 -117.79
CA ILE M 25 52.30 -0.82 -119.19
C ILE M 25 51.29 -1.94 -119.38
N GLY M 26 50.75 -2.52 -118.31
CA GLY M 26 49.97 -3.75 -118.43
C GLY M 26 48.57 -3.60 -118.99
N GLY M 27 47.97 -2.42 -118.92
CA GLY M 27 46.57 -2.29 -119.32
C GLY M 27 45.59 -3.08 -118.45
N SER M 28 44.34 -3.13 -118.93
CA SER M 28 43.30 -3.91 -118.26
C SER M 28 42.18 -4.23 -119.24
N ALA M 29 41.34 -5.19 -118.82
CA ALA M 29 40.28 -5.70 -119.67
C ALA M 29 39.15 -4.68 -119.87
N GLY M 30 38.64 -4.62 -121.11
CA GLY M 30 37.51 -3.77 -121.43
C GLY M 30 36.17 -4.34 -121.00
N SER M 31 35.11 -3.60 -121.35
CA SER M 31 33.75 -3.95 -120.97
C SER M 31 33.36 -5.35 -121.46
N SER M 32 32.66 -6.07 -120.59
CA SER M 32 32.31 -7.46 -120.85
C SER M 32 31.36 -7.59 -122.04
N GLU M 33 31.51 -8.71 -122.77
CA GLU M 33 30.61 -9.02 -123.87
C GLU M 33 29.25 -9.50 -123.34
N LYS M 34 28.18 -8.91 -123.87
CA LYS M 34 26.81 -9.40 -123.60
C LYS M 34 26.48 -10.61 -124.47
N VAL M 35 27.27 -11.69 -124.31
CA VAL M 35 27.04 -12.92 -125.05
C VAL M 35 25.60 -13.38 -124.84
N PHE M 36 24.99 -13.88 -125.91
CA PHE M 36 23.58 -14.25 -125.94
C PHE M 36 23.45 -15.78 -126.01
N CYS M 37 22.54 -16.31 -125.20
CA CYS M 37 22.40 -17.75 -124.98
C CYS M 37 21.05 -18.24 -125.48
N LEU M 38 21.06 -19.35 -126.24
CA LEU M 38 19.84 -20.00 -126.72
C LEU M 38 19.92 -21.48 -126.37
N ILE M 39 18.77 -22.06 -126.05
CA ILE M 39 18.66 -23.50 -125.81
C ILE M 39 17.46 -24.03 -126.60
N GLY M 40 17.70 -25.01 -127.46
CA GLY M 40 16.84 -25.25 -128.61
C GLY M 40 16.93 -26.70 -129.05
N GLN M 41 15.84 -27.19 -129.61
CA GLN M 41 15.89 -28.43 -130.40
C GLN M 41 16.60 -28.21 -131.73
N ALA M 42 17.41 -29.20 -132.13
CA ALA M 42 17.87 -29.32 -133.50
C ALA M 42 18.47 -30.71 -133.71
N GLU M 43 18.42 -31.18 -134.96
CA GLU M 43 19.25 -32.29 -135.39
C GLU M 43 20.73 -31.90 -135.41
N GLY M 44 21.58 -32.89 -135.22
CA GLY M 44 23.02 -32.67 -135.23
C GLY M 44 23.54 -32.02 -133.97
N GLY M 45 24.83 -32.19 -133.73
CA GLY M 45 25.51 -31.69 -132.56
C GLY M 45 25.38 -32.58 -131.33
N GLU M 46 26.39 -32.54 -130.49
CA GLU M 46 26.43 -33.39 -129.30
C GLU M 46 25.42 -32.92 -128.27
N PRO M 47 24.59 -33.81 -127.70
CA PRO M 47 23.63 -33.37 -126.68
C PRO M 47 24.31 -32.84 -125.44
N ASN M 48 23.60 -31.98 -124.72
CA ASN M 48 24.04 -31.40 -123.45
C ASN M 48 25.37 -30.64 -123.55
N THR M 49 25.78 -30.28 -124.76
CA THR M 49 27.05 -29.60 -125.00
C THR M 49 26.75 -28.16 -125.38
N VAL M 50 27.46 -27.22 -124.77
CA VAL M 50 27.35 -25.80 -125.12
C VAL M 50 28.44 -25.48 -126.14
N TYR M 51 28.01 -24.92 -127.27
CA TYR M 51 28.92 -24.51 -128.34
C TYR M 51 29.01 -22.98 -128.37
N GLU M 52 30.23 -22.46 -128.35
CA GLU M 52 30.47 -21.09 -128.76
C GLU M 52 30.44 -21.01 -130.29
N LEU M 53 29.73 -20.01 -130.81
CA LEU M 53 29.57 -19.85 -132.25
C LEU M 53 29.90 -18.43 -132.66
N ARG M 54 30.50 -18.29 -133.85
CA ARG M 54 30.97 -17.00 -134.36
C ARG M 54 30.43 -16.72 -135.76
N ASN M 55 30.13 -17.78 -136.52
CA ASN M 55 29.60 -17.65 -137.87
C ASN M 55 28.37 -18.54 -138.02
N TYR M 56 27.44 -18.08 -138.86
CA TYR M 56 26.29 -18.91 -139.21
C TYR M 56 26.70 -20.17 -139.95
N SER M 57 27.76 -20.10 -140.76
CA SER M 57 28.30 -21.30 -141.40
C SER M 57 28.68 -22.35 -140.37
N GLN M 58 29.40 -21.95 -139.32
CA GLN M 58 29.76 -22.87 -138.24
C GLN M 58 28.51 -23.46 -137.58
N ALA M 59 27.52 -22.63 -137.29
CA ALA M 59 26.28 -23.13 -136.71
C ALA M 59 25.62 -24.18 -137.60
N LYS M 60 25.45 -23.86 -138.89
CA LYS M 60 24.82 -24.80 -139.80
C LYS M 60 25.65 -26.06 -140.02
N ARG M 61 26.95 -26.00 -139.75
CA ARG M 61 27.75 -27.24 -139.73
C ARG M 61 27.46 -28.05 -138.47
N LEU M 62 27.33 -27.40 -137.31
CA LEU M 62 26.98 -28.13 -136.09
C LEU M 62 25.52 -28.55 -136.08
N PHE M 63 24.60 -27.61 -136.34
CA PHE M 63 23.17 -27.86 -136.26
C PHE M 63 22.60 -27.91 -137.66
N ARG M 64 21.76 -28.91 -137.93
CA ARG M 64 21.31 -29.22 -139.29
C ARG M 64 19.86 -28.79 -139.46
N SER M 65 19.64 -27.51 -139.72
CA SER M 65 18.35 -26.96 -140.12
C SER M 65 17.27 -27.07 -139.04
N GLY M 66 17.61 -27.39 -137.80
CA GLY M 66 16.61 -27.36 -136.75
C GLY M 66 16.21 -25.95 -136.35
N GLU M 67 15.19 -25.88 -135.50
CA GLU M 67 14.64 -24.61 -135.04
C GLU M 67 15.68 -23.75 -134.32
N LEU M 68 16.64 -24.40 -133.66
CA LEU M 68 17.76 -23.66 -133.06
C LEU M 68 18.52 -22.87 -134.11
N LEU M 69 18.73 -23.44 -135.29
CA LEU M 69 19.47 -22.72 -136.33
C LEU M 69 18.66 -21.55 -136.87
N ASP M 70 17.34 -21.70 -136.98
CA ASP M 70 16.49 -20.55 -137.33
C ASP M 70 16.56 -19.47 -136.28
N ALA M 71 16.56 -19.85 -135.00
CA ALA M 71 16.68 -18.87 -133.93
C ALA M 71 18.01 -18.12 -133.99
N ILE M 72 19.12 -18.85 -134.21
CA ILE M 72 20.42 -18.21 -134.42
C ILE M 72 20.38 -17.25 -135.60
N GLU M 73 19.69 -17.65 -136.68
CA GLU M 73 19.53 -16.79 -137.84
C GLU M 73 18.85 -15.49 -137.50
N LEU M 74 17.70 -15.57 -136.82
CA LEU M 74 17.02 -14.34 -136.39
C LEU M 74 17.88 -13.54 -135.40
N ALA M 75 18.63 -14.23 -134.56
CA ALA M 75 19.42 -13.57 -133.53
C ALA M 75 20.51 -12.68 -134.12
N TRP M 76 21.24 -13.18 -135.12
CA TRP M 76 22.18 -12.30 -135.81
C TRP M 76 21.51 -11.36 -136.81
N GLY M 77 20.55 -11.84 -137.59
CA GLY M 77 20.10 -11.14 -138.77
C GLY M 77 19.21 -9.96 -138.53
N SER M 78 18.64 -9.83 -137.32
CA SER M 78 17.56 -8.86 -137.11
C SER M 78 18.02 -7.43 -137.25
N ASN M 79 19.24 -7.09 -136.80
CA ASN M 79 19.73 -5.72 -136.84
C ASN M 79 21.19 -5.65 -137.28
N PRO M 80 21.44 -5.49 -138.59
CA PRO M 80 22.81 -5.68 -139.10
C PRO M 80 23.73 -4.49 -138.90
N ASN M 81 23.23 -3.35 -138.45
CA ASN M 81 24.06 -2.17 -138.20
C ASN M 81 24.80 -2.21 -136.87
N TYR M 82 24.81 -3.35 -136.18
CA TYR M 82 25.55 -3.52 -134.93
C TYR M 82 26.51 -4.70 -135.08
N THR M 83 27.64 -4.59 -134.39
CA THR M 83 28.64 -5.65 -134.46
C THR M 83 28.08 -6.97 -133.92
N ALA M 84 28.35 -8.05 -134.65
CA ALA M 84 27.81 -9.36 -134.27
C ALA M 84 28.48 -9.86 -133.00
N GLY M 85 27.66 -10.38 -132.08
CA GLY M 85 28.17 -11.01 -130.88
C GLY M 85 28.38 -12.51 -131.05
N ARG M 86 29.10 -13.09 -130.10
CA ARG M 86 29.14 -14.54 -129.96
C ARG M 86 27.80 -15.08 -129.47
N ILE M 87 27.52 -16.33 -129.80
CA ILE M 87 26.31 -17.03 -129.37
C ILE M 87 26.73 -18.31 -128.65
N LEU M 88 25.99 -18.64 -127.59
CA LEU M 88 26.10 -19.93 -126.90
C LEU M 88 24.83 -20.73 -127.16
N ALA M 89 24.99 -21.92 -127.76
CA ALA M 89 23.87 -22.74 -128.21
C ALA M 89 24.01 -24.15 -127.64
N MET M 90 22.86 -24.76 -127.34
CA MET M 90 22.82 -26.10 -126.78
C MET M 90 21.59 -26.85 -127.29
N ARG M 91 21.74 -28.16 -127.48
CA ARG M 91 20.71 -29.01 -128.06
C ARG M 91 19.97 -29.74 -126.94
N ILE M 92 18.64 -29.56 -126.88
CA ILE M 92 17.89 -30.00 -125.70
C ILE M 92 17.80 -31.52 -125.62
N GLU M 93 17.40 -32.18 -126.70
CA GLU M 93 17.13 -33.60 -126.59
C GLU M 93 18.41 -34.43 -126.57
N ASP M 94 18.35 -35.52 -125.81
CA ASP M 94 19.37 -36.56 -125.87
C ASP M 94 19.24 -37.37 -127.14
N ALA M 95 20.38 -37.73 -127.74
CA ALA M 95 20.38 -38.42 -129.02
C ALA M 95 21.56 -39.37 -129.05
N LYS M 96 21.28 -40.64 -129.33
CA LYS M 96 22.34 -41.63 -129.47
C LYS M 96 23.04 -41.49 -130.82
N PRO M 97 24.36 -41.66 -130.88
CA PRO M 97 25.02 -41.84 -132.18
C PRO M 97 24.64 -43.18 -132.80
N ALA M 98 24.77 -43.23 -134.12
CA ALA M 98 24.60 -44.49 -134.84
C ALA M 98 25.89 -45.30 -134.77
N SER M 99 25.74 -46.62 -134.78
CA SER M 99 26.88 -47.51 -134.61
C SER M 99 26.66 -48.80 -135.38
N ALA M 100 27.76 -49.51 -135.60
CA ALA M 100 27.75 -50.84 -136.18
C ALA M 100 28.93 -51.62 -135.61
N GLU M 101 28.85 -52.95 -135.69
CA GLU M 101 29.96 -53.81 -135.34
C GLU M 101 30.17 -54.82 -136.45
N ILE M 102 31.37 -54.83 -137.02
CA ILE M 102 31.67 -55.66 -138.17
C ILE M 102 33.18 -55.77 -138.29
N GLY M 103 33.64 -56.88 -138.88
CA GLY M 103 35.03 -57.01 -139.31
C GLY M 103 36.06 -56.83 -138.21
N GLY M 104 35.71 -57.10 -136.96
CA GLY M 104 36.61 -56.85 -135.86
C GLY M 104 36.61 -55.44 -135.29
N LEU M 105 35.78 -54.54 -135.82
CA LEU M 105 35.81 -53.13 -135.44
C LEU M 105 34.45 -52.68 -134.92
N LYS M 106 34.50 -51.76 -133.95
CA LYS M 106 33.42 -50.81 -133.75
C LYS M 106 33.47 -49.70 -134.78
N ILE M 107 32.33 -49.43 -135.41
CA ILE M 107 32.14 -48.25 -136.25
C ILE M 107 31.16 -47.32 -135.53
N THR M 108 31.53 -46.04 -135.41
CA THR M 108 30.72 -45.07 -134.67
C THR M 108 30.66 -43.77 -135.44
N SER M 109 29.49 -43.17 -135.49
CA SER M 109 29.33 -41.85 -136.09
C SER M 109 29.82 -40.77 -135.14
N LYS M 110 30.38 -39.71 -135.72
CA LYS M 110 30.70 -38.49 -134.98
C LYS M 110 29.52 -37.52 -134.90
N ILE M 111 28.53 -37.65 -135.78
CA ILE M 111 27.27 -36.95 -135.64
C ILE M 111 26.29 -37.77 -134.79
N TYR M 112 25.29 -37.08 -134.24
CA TYR M 112 24.32 -37.65 -133.32
C TYR M 112 22.91 -37.37 -133.82
N GLY M 113 22.04 -38.37 -133.68
CA GLY M 113 20.67 -38.30 -134.13
C GLY M 113 20.41 -39.18 -135.35
N ASN M 114 19.12 -39.25 -135.70
CA ASN M 114 18.62 -40.23 -136.65
C ASN M 114 19.30 -40.12 -138.01
N VAL M 115 19.74 -38.92 -138.39
CA VAL M 115 20.49 -38.73 -139.63
C VAL M 115 21.68 -39.68 -139.70
N ALA M 116 22.31 -39.96 -138.56
CA ALA M 116 23.51 -40.79 -138.53
C ALA M 116 23.25 -42.21 -139.02
N ASN M 117 22.00 -42.69 -138.99
CA ASN M 117 21.71 -44.00 -139.55
C ASN M 117 21.80 -44.06 -141.07
N ASN M 118 21.97 -42.92 -141.75
CA ASN M 118 22.26 -42.92 -143.18
C ASN M 118 23.74 -43.13 -143.49
N ILE M 119 24.64 -43.03 -142.51
CA ILE M 119 26.04 -43.32 -142.75
C ILE M 119 26.21 -44.81 -143.04
N GLN M 120 27.06 -45.11 -144.03
CA GLN M 120 27.44 -46.49 -144.32
C GLN M 120 28.90 -46.53 -144.76
N VAL M 121 29.57 -47.63 -144.42
CA VAL M 121 31.00 -47.79 -144.65
C VAL M 121 31.25 -49.23 -145.10
N GLY M 122 32.31 -49.41 -145.87
CA GLY M 122 32.64 -50.72 -146.41
C GLY M 122 34.12 -50.85 -146.67
N LEU M 123 34.64 -52.06 -146.47
CA LEU M 123 36.07 -52.32 -146.42
C LEU M 123 36.40 -53.52 -147.28
N GLU M 124 37.44 -53.41 -148.10
CA GLU M 124 37.78 -54.42 -149.09
C GLU M 124 39.30 -54.53 -149.18
N LYS M 125 39.76 -55.70 -149.64
CA LYS M 125 41.17 -55.90 -149.95
C LYS M 125 41.51 -55.32 -151.31
N ASN M 126 42.46 -54.40 -151.34
CA ASN M 126 43.22 -54.06 -152.55
C ASN M 126 44.30 -55.14 -152.70
N THR M 127 44.02 -56.15 -153.52
CA THR M 127 44.94 -57.27 -153.72
C THR M 127 46.13 -56.91 -154.62
N LEU M 128 46.19 -55.67 -155.12
CA LEU M 128 47.32 -55.21 -155.93
C LEU M 128 48.39 -54.58 -155.05
N SER M 129 48.00 -53.72 -154.12
CA SER M 129 48.91 -53.09 -153.18
C SER M 129 49.11 -53.91 -151.91
N ASP M 130 48.50 -55.10 -151.81
CA ASP M 130 48.53 -55.90 -150.59
C ASP M 130 48.08 -55.10 -149.38
N SER M 131 46.98 -54.36 -149.56
CA SER M 131 46.54 -53.36 -148.60
C SER M 131 45.04 -53.52 -148.40
N LEU M 132 44.51 -52.82 -147.40
CA LEU M 132 43.08 -52.56 -147.35
C LEU M 132 42.72 -51.36 -148.21
N ARG M 133 41.44 -51.28 -148.57
CA ARG M 133 40.82 -50.07 -149.10
C ARG M 133 39.52 -49.85 -148.36
N LEU M 134 39.31 -48.64 -147.85
CA LEU M 134 38.13 -48.29 -147.07
C LEU M 134 37.28 -47.31 -147.87
N ARG M 135 35.99 -47.59 -147.96
CA ARG M 135 35.00 -46.68 -148.52
C ARG M 135 34.16 -46.11 -147.38
N VAL M 136 33.94 -44.79 -147.42
CA VAL M 136 32.97 -44.12 -146.58
C VAL M 136 32.10 -43.26 -147.48
N ILE M 137 30.78 -43.39 -147.34
CA ILE M 137 29.83 -42.65 -148.16
C ILE M 137 28.66 -42.23 -147.28
N PHE M 138 28.20 -41.00 -147.46
CA PHE M 138 27.11 -40.46 -146.66
C PHE M 138 26.35 -39.49 -147.55
N GLN M 139 25.05 -39.71 -147.72
CA GLN M 139 24.32 -39.03 -148.79
C GLN M 139 23.90 -37.61 -148.41
N ASP M 140 23.55 -37.39 -147.15
CA ASP M 140 22.93 -36.13 -146.75
C ASP M 140 23.87 -34.94 -146.93
N ASP M 141 25.18 -35.17 -146.98
CA ASP M 141 26.16 -34.12 -147.25
C ASP M 141 26.80 -34.24 -148.62
N ARG M 142 26.37 -35.19 -149.45
CA ARG M 142 27.10 -35.57 -150.66
C ARG M 142 28.57 -35.90 -150.35
N PHE M 143 28.77 -36.70 -149.31
CA PHE M 143 30.11 -37.00 -148.81
C PHE M 143 30.51 -38.39 -149.29
N ASN M 144 31.69 -38.48 -149.91
CA ASN M 144 32.26 -39.76 -150.32
C ASN M 144 33.77 -39.65 -150.28
N GLU M 145 34.43 -40.55 -149.55
CA GLU M 145 35.88 -40.56 -149.45
C GLU M 145 36.39 -42.00 -149.47
N VAL M 146 37.54 -42.20 -150.10
CA VAL M 146 38.20 -43.50 -150.18
C VAL M 146 39.62 -43.35 -149.68
N TYR M 147 40.06 -44.28 -148.83
CA TYR M 147 41.43 -44.35 -148.35
C TYR M 147 42.03 -45.67 -148.78
N ASP M 148 43.17 -45.61 -149.46
CA ASP M 148 43.75 -46.77 -150.15
C ASP M 148 45.24 -46.88 -149.83
N ASN M 149 45.80 -48.06 -150.12
CA ASN M 149 47.14 -48.43 -149.66
C ASN M 149 47.24 -48.37 -148.14
N ILE M 150 46.17 -48.77 -147.46
CA ILE M 150 46.09 -48.69 -146.01
C ILE M 150 46.74 -49.92 -145.39
N GLY M 151 47.56 -49.69 -144.37
CA GLY M 151 48.25 -50.73 -143.62
C GLY M 151 49.75 -50.78 -143.79
N ASN M 152 50.25 -50.64 -145.02
CA ASN M 152 51.70 -50.62 -145.23
C ASN M 152 52.28 -49.33 -144.66
N ILE M 153 53.37 -49.45 -143.89
CA ILE M 153 54.02 -48.30 -143.27
C ILE M 153 55.48 -48.18 -143.69
N PHE M 154 56.23 -49.27 -143.62
CA PHE M 154 57.59 -49.29 -144.15
C PHE M 154 57.93 -50.70 -144.58
N THR M 155 59.11 -50.84 -145.19
CA THR M 155 59.57 -52.10 -145.75
C THR M 155 61.02 -52.34 -145.35
N ILE M 156 61.43 -53.62 -145.38
CA ILE M 156 62.83 -54.01 -145.24
C ILE M 156 63.17 -54.98 -146.36
N LYS M 157 64.34 -54.77 -146.98
CA LYS M 157 64.96 -55.73 -147.88
C LYS M 157 66.28 -56.17 -147.27
N TYR M 158 66.54 -57.48 -147.32
CA TYR M 158 67.86 -58.02 -147.04
C TYR M 158 68.60 -58.34 -148.33
N LYS M 159 69.84 -57.83 -148.45
CA LYS M 159 70.62 -57.93 -149.67
C LYS M 159 71.97 -58.62 -149.43
N GLY M 160 72.16 -59.26 -148.29
CA GLY M 160 73.29 -60.13 -148.08
C GLY M 160 73.27 -61.36 -148.97
N GLU M 161 74.43 -62.02 -149.02
CA GLU M 161 74.62 -63.22 -149.82
C GLU M 161 74.11 -64.48 -149.13
N GLU M 162 73.89 -64.45 -147.82
CA GLU M 162 73.41 -65.63 -147.12
C GLU M 162 71.99 -65.97 -147.54
N ALA M 163 71.70 -67.28 -147.56
CA ALA M 163 70.41 -67.77 -148.04
C ALA M 163 69.26 -67.44 -147.09
N ASN M 164 69.49 -67.55 -145.78
CA ASN M 164 68.41 -67.43 -144.80
C ASN M 164 68.45 -66.08 -144.10
N ALA M 165 67.34 -65.35 -144.20
CA ALA M 165 67.16 -64.05 -143.55
C ALA M 165 65.66 -63.82 -143.43
N THR M 166 65.19 -63.54 -142.20
CA THR M 166 63.76 -63.45 -141.92
C THR M 166 63.49 -62.28 -140.98
N PHE M 167 62.31 -61.70 -141.14
CA PHE M 167 61.81 -60.63 -140.29
C PHE M 167 60.79 -61.20 -139.31
N SER M 168 60.85 -60.73 -138.06
CA SER M 168 60.00 -61.23 -136.99
C SER M 168 59.72 -60.13 -135.97
N VAL M 169 58.49 -60.09 -135.46
CA VAL M 169 58.07 -59.18 -134.40
C VAL M 169 57.55 -60.03 -133.24
N GLU M 170 58.04 -59.74 -132.04
CA GLU M 170 57.62 -60.45 -130.84
C GLU M 170 56.33 -59.88 -130.26
N HIS M 171 55.41 -60.79 -129.89
CA HIS M 171 54.22 -60.42 -129.14
C HIS M 171 54.58 -59.92 -127.75
N ASP M 172 53.70 -59.12 -127.16
CA ASP M 172 53.56 -58.99 -125.72
C ASP M 172 52.16 -59.46 -125.33
N GLU M 173 52.06 -60.75 -124.99
CA GLU M 173 50.78 -61.37 -124.68
C GLU M 173 50.02 -60.66 -123.57
N GLU M 174 50.73 -60.00 -122.64
CA GLU M 174 50.06 -59.20 -121.63
C GLU M 174 49.18 -58.12 -122.26
N THR M 175 49.74 -57.36 -123.20
CA THR M 175 49.09 -56.15 -123.72
C THR M 175 48.72 -56.24 -125.19
N GLN M 176 49.19 -57.25 -125.91
CA GLN M 176 49.13 -57.37 -127.37
C GLN M 176 49.93 -56.30 -128.10
N LYS M 177 50.76 -55.52 -127.40
CA LYS M 177 51.64 -54.58 -128.09
C LYS M 177 52.81 -55.31 -128.73
N ALA M 178 53.56 -54.60 -129.57
CA ALA M 178 54.86 -55.06 -130.02
C ALA M 178 55.89 -54.85 -128.92
N SER M 179 56.51 -55.95 -128.46
CA SER M 179 57.57 -55.84 -127.47
C SER M 179 58.91 -55.52 -128.12
N ARG M 180 59.29 -56.27 -129.14
CA ARG M 180 60.62 -56.16 -129.74
C ARG M 180 60.53 -56.39 -131.24
N LEU M 181 61.45 -55.77 -131.96
CA LEU M 181 61.71 -56.08 -133.36
C LEU M 181 62.97 -56.94 -133.43
N VAL M 182 62.89 -58.05 -134.18
CA VAL M 182 64.00 -58.97 -134.35
C VAL M 182 64.21 -59.21 -135.84
N LEU M 183 65.45 -59.02 -136.28
CA LEU M 183 65.90 -59.43 -137.61
C LEU M 183 66.78 -60.67 -137.46
N LYS M 184 66.41 -61.74 -138.13
CA LYS M 184 67.19 -62.97 -138.13
C LYS M 184 67.94 -63.11 -139.45
N VAL M 185 69.21 -63.52 -139.36
CA VAL M 185 69.96 -64.02 -140.51
C VAL M 185 70.58 -65.36 -140.12
N GLY M 186 70.31 -66.38 -140.91
CA GLY M 186 70.73 -67.73 -140.61
C GLY M 186 70.09 -68.29 -139.36
N ASP M 187 70.91 -68.75 -138.42
CA ASP M 187 70.45 -69.30 -137.15
C ASP M 187 70.48 -68.31 -136.01
N GLN M 188 70.83 -67.05 -136.26
CA GLN M 188 70.95 -66.04 -135.21
C GLN M 188 70.20 -64.78 -135.59
N GLU M 189 69.89 -63.98 -134.56
CA GLU M 189 69.66 -62.56 -134.75
C GLU M 189 70.95 -61.84 -135.10
N VAL M 190 70.86 -60.91 -136.04
CA VAL M 190 71.95 -59.96 -136.29
C VAL M 190 71.77 -58.69 -135.48
N LYS M 191 70.57 -58.13 -135.49
CA LYS M 191 70.24 -56.97 -134.68
C LYS M 191 68.77 -57.06 -134.28
N SER M 192 68.45 -56.44 -133.14
CA SER M 192 67.06 -56.38 -132.69
C SER M 192 66.87 -55.15 -131.82
N TYR M 193 65.62 -54.71 -131.72
CA TYR M 193 65.24 -53.43 -131.15
C TYR M 193 64.08 -53.63 -130.18
N ASP M 194 64.08 -52.86 -129.11
CA ASP M 194 62.95 -52.83 -128.18
C ASP M 194 62.02 -51.68 -128.57
N LEU M 195 60.74 -52.02 -128.78
CA LEU M 195 59.81 -51.18 -129.52
C LEU M 195 58.93 -50.31 -128.65
N THR M 196 58.72 -50.68 -127.38
CA THR M 196 57.78 -49.99 -126.51
C THR M 196 58.51 -49.15 -125.47
N GLY M 197 59.74 -48.75 -125.76
CA GLY M 197 60.44 -47.81 -124.91
C GLY M 197 61.78 -47.45 -125.50
N GLY M 198 62.30 -46.31 -125.04
CA GLY M 198 63.60 -45.84 -125.45
C GLY M 198 63.67 -45.25 -126.85
N ALA M 199 64.90 -45.28 -127.38
CA ALA M 199 65.24 -44.53 -128.60
C ALA M 199 64.47 -45.00 -129.82
N TYR M 200 63.91 -46.22 -129.80
CA TYR M 200 63.27 -46.80 -130.98
C TYR M 200 61.75 -46.83 -130.85
N ASP M 201 61.18 -46.03 -129.96
CA ASP M 201 59.73 -45.95 -129.79
C ASP M 201 59.01 -45.26 -130.96
N TYR M 202 59.70 -44.87 -132.03
CA TYR M 202 59.04 -44.47 -133.27
C TYR M 202 59.66 -45.17 -134.47
N THR M 203 58.80 -45.53 -135.42
CA THR M 203 59.21 -46.29 -136.61
C THR M 203 60.30 -45.58 -137.40
N ASN M 204 60.12 -44.27 -137.64
CA ASN M 204 61.10 -43.49 -138.40
C ASN M 204 62.51 -43.62 -137.85
N ALA M 205 62.65 -43.75 -136.52
CA ALA M 205 63.99 -43.88 -135.96
C ALA M 205 64.57 -45.26 -136.27
N ILE M 206 63.74 -46.29 -136.28
CA ILE M 206 64.22 -47.61 -136.68
C ILE M 206 64.65 -47.59 -138.14
N ILE M 207 63.83 -46.98 -139.00
CA ILE M 207 64.18 -46.84 -140.41
C ILE M 207 65.51 -46.12 -140.58
N THR M 208 65.75 -45.09 -139.76
CA THR M 208 67.01 -44.36 -139.80
C THR M 208 68.18 -45.24 -139.39
N ASP M 209 68.03 -45.97 -138.28
CA ASP M 209 69.10 -46.85 -137.80
C ASP M 209 69.36 -48.01 -138.75
N ILE M 210 68.30 -48.73 -139.15
CA ILE M 210 68.51 -49.96 -139.92
C ILE M 210 69.21 -49.68 -141.25
N ASN M 211 68.95 -48.53 -141.87
CA ASN M 211 69.63 -48.18 -143.11
C ASN M 211 71.13 -48.01 -142.94
N GLN M 212 71.62 -47.79 -141.72
CA GLN M 212 73.06 -47.83 -141.46
C GLN M 212 73.64 -49.22 -141.66
N LEU M 213 72.90 -50.28 -141.31
CA LEU M 213 73.45 -51.62 -141.46
C LEU M 213 73.66 -51.95 -142.94
N PRO M 214 74.81 -52.53 -143.30
CA PRO M 214 75.09 -52.78 -144.73
C PRO M 214 74.10 -53.68 -145.44
N ASP M 215 73.65 -54.75 -144.77
CA ASP M 215 72.83 -55.76 -145.42
C ASP M 215 71.37 -55.37 -145.58
N PHE M 216 70.91 -54.32 -144.89
CA PHE M 216 69.49 -54.02 -144.80
C PHE M 216 69.24 -52.59 -145.28
N GLU M 217 68.08 -52.39 -145.88
CA GLU M 217 67.63 -51.07 -146.31
C GLU M 217 66.12 -51.00 -146.21
N ALA M 218 65.62 -49.80 -145.93
CA ALA M 218 64.23 -49.61 -145.53
C ALA M 218 63.71 -48.30 -146.08
N LYS M 219 62.40 -48.28 -146.36
CA LYS M 219 61.75 -47.13 -146.97
C LYS M 219 60.30 -47.08 -146.52
N LEU M 220 59.73 -45.87 -146.51
CA LEU M 220 58.32 -45.71 -146.20
C LEU M 220 57.44 -46.28 -147.31
N SER M 221 56.15 -46.37 -147.02
CA SER M 221 55.16 -46.77 -148.00
C SER M 221 55.21 -45.83 -149.21
N PRO M 222 54.86 -46.32 -150.41
CA PRO M 222 54.87 -45.43 -151.58
C PRO M 222 53.88 -44.27 -151.47
N PHE M 223 52.66 -44.56 -151.07
CA PHE M 223 51.64 -43.54 -150.87
C PHE M 223 51.78 -42.83 -149.52
N GLY M 224 51.29 -41.60 -149.48
CA GLY M 224 51.06 -40.85 -148.26
C GLY M 224 52.31 -40.58 -147.44
N ASP M 225 52.08 -40.39 -146.14
CA ASP M 225 53.14 -40.12 -145.17
C ASP M 225 52.69 -40.73 -143.86
N LYS M 226 53.40 -41.76 -143.42
CA LYS M 226 52.93 -42.65 -142.35
C LYS M 226 54.03 -42.79 -141.32
N ASN M 227 53.69 -42.51 -140.05
CA ASN M 227 54.57 -42.83 -138.94
C ASN M 227 53.71 -43.16 -137.72
N LEU M 228 54.21 -44.10 -136.92
CA LEU M 228 53.48 -44.62 -135.78
C LEU M 228 54.44 -44.78 -134.61
N GLU M 229 53.92 -44.56 -133.41
CA GLU M 229 54.53 -45.15 -132.21
C GLU M 229 54.72 -46.64 -132.42
N SER M 230 55.97 -47.08 -132.29
CA SER M 230 56.36 -48.44 -132.66
C SER M 230 55.59 -49.52 -131.90
N SER M 231 54.99 -49.17 -130.77
CA SER M 231 54.11 -50.09 -130.05
C SER M 231 53.00 -50.65 -130.93
N LYS M 232 52.53 -49.89 -131.92
CA LYS M 232 51.40 -50.30 -132.75
C LYS M 232 51.79 -51.20 -133.92
N LEU M 233 53.07 -51.58 -134.05
CA LEU M 233 53.45 -52.47 -135.14
C LEU M 233 52.70 -53.79 -135.04
N ASP M 234 52.24 -54.27 -136.18
CA ASP M 234 51.47 -55.51 -136.25
C ASP M 234 52.36 -56.75 -136.20
N LYS M 235 51.80 -57.83 -135.65
CA LYS M 235 52.51 -59.08 -135.41
C LYS M 235 52.87 -59.76 -136.73
N ILE M 236 54.17 -59.90 -136.99
CA ILE M 236 54.68 -60.56 -138.19
C ILE M 236 55.72 -61.57 -137.75
N GLU M 237 55.67 -62.77 -138.34
CA GLU M 237 56.58 -63.86 -138.01
C GLU M 237 57.34 -64.38 -139.22
N ASN M 238 58.66 -64.45 -139.07
CA ASN M 238 59.54 -65.15 -140.02
C ASN M 238 59.36 -64.72 -141.47
N ALA M 239 59.08 -63.44 -141.72
CA ALA M 239 58.81 -62.99 -143.08
C ALA M 239 60.12 -62.87 -143.87
N ASN M 240 60.15 -63.49 -145.05
CA ASN M 240 61.39 -63.75 -145.79
C ASN M 240 61.83 -62.48 -146.53
N ILE M 241 62.46 -61.58 -145.78
CA ILE M 241 62.97 -60.33 -146.34
C ILE M 241 64.08 -60.52 -147.39
N LYS M 242 64.63 -61.73 -147.52
CA LYS M 242 65.66 -61.95 -148.53
C LYS M 242 65.09 -61.94 -149.95
N ASP M 243 63.99 -62.67 -150.17
CA ASP M 243 63.47 -62.80 -151.53
C ASP M 243 62.96 -61.47 -152.06
N LYS M 244 62.15 -60.77 -151.26
CA LYS M 244 61.53 -59.53 -151.68
C LYS M 244 61.46 -58.60 -150.49
N ALA M 245 61.32 -57.31 -150.77
CA ALA M 245 61.13 -56.31 -149.71
C ALA M 245 59.76 -56.51 -149.06
N VAL M 246 59.78 -57.09 -147.86
CA VAL M 246 58.54 -57.31 -147.12
C VAL M 246 58.04 -55.97 -146.59
N TYR M 247 56.76 -55.68 -146.83
CA TYR M 247 56.11 -54.55 -146.17
C TYR M 247 55.78 -54.92 -144.72
N VAL M 248 56.27 -54.11 -143.78
CA VAL M 248 55.77 -54.12 -142.41
C VAL M 248 54.44 -53.40 -142.36
N LYS M 249 53.55 -53.85 -141.47
CA LYS M 249 52.17 -53.40 -141.47
C LYS M 249 51.77 -52.96 -140.07
N ALA M 250 50.91 -51.93 -140.02
CA ALA M 250 49.98 -51.74 -138.92
C ALA M 250 48.64 -51.36 -139.52
N VAL M 251 47.60 -52.11 -139.18
CA VAL M 251 46.30 -51.95 -139.85
C VAL M 251 45.41 -51.00 -139.07
N PHE M 252 45.13 -51.34 -137.81
CA PHE M 252 44.34 -50.45 -136.96
C PHE M 252 45.05 -49.12 -136.73
N GLY M 253 46.37 -49.14 -136.54
CA GLY M 253 47.09 -47.89 -136.36
C GLY M 253 47.02 -46.98 -137.58
N ASP M 254 47.10 -47.55 -138.77
CA ASP M 254 46.97 -46.76 -139.98
C ASP M 254 45.55 -46.26 -140.19
N LEU M 255 44.55 -47.09 -139.90
CA LEU M 255 43.17 -46.63 -139.92
C LEU M 255 42.98 -45.43 -138.99
N GLU M 256 43.34 -45.59 -137.71
CA GLU M 256 43.28 -44.49 -136.76
C GLU M 256 43.97 -43.24 -137.28
N LYS M 257 45.21 -43.36 -137.72
CA LYS M 257 45.99 -42.18 -138.11
C LYS M 257 45.37 -41.45 -139.30
N GLN M 258 45.04 -42.17 -140.37
CA GLN M 258 44.52 -41.50 -141.56
C GLN M 258 43.10 -40.96 -141.37
N THR M 259 42.26 -41.65 -140.62
CA THR M 259 40.92 -41.16 -140.31
C THR M 259 40.90 -40.07 -139.24
N ALA M 260 42.05 -39.72 -138.66
CA ALA M 260 42.08 -38.73 -137.58
C ALA M 260 41.36 -37.44 -137.96
N TYR M 261 41.57 -36.97 -139.19
CA TYR M 261 40.91 -35.77 -139.70
C TYR M 261 39.54 -36.03 -140.31
N ASN M 262 39.13 -37.30 -140.42
CA ASN M 262 37.78 -37.59 -140.90
C ASN M 262 36.78 -37.16 -139.84
N GLY M 263 35.84 -36.31 -140.25
CA GLY M 263 34.76 -35.77 -139.46
C GLY M 263 33.49 -36.58 -139.35
N ILE M 264 33.37 -37.73 -140.01
CA ILE M 264 32.12 -38.46 -140.11
C ILE M 264 32.13 -39.73 -139.26
N VAL M 265 33.23 -40.48 -139.25
CA VAL M 265 33.27 -41.78 -138.58
C VAL M 265 34.53 -41.87 -137.74
N SER M 266 34.40 -42.47 -136.56
CA SER M 266 35.51 -42.86 -135.71
C SER M 266 35.48 -44.38 -135.53
N PHE M 267 36.66 -44.98 -135.38
CA PHE M 267 36.81 -46.43 -135.35
C PHE M 267 37.48 -46.88 -134.08
N GLU M 268 37.02 -48.02 -133.54
CA GLU M 268 37.60 -48.66 -132.37
C GLU M 268 37.54 -50.17 -132.58
N GLN M 269 38.45 -50.88 -131.92
CA GLN M 269 38.70 -52.30 -132.20
C GLN M 269 38.13 -53.19 -131.10
N LEU M 270 37.54 -54.31 -131.52
CA LEU M 270 36.94 -55.26 -130.60
C LEU M 270 38.02 -56.11 -129.94
N ASN M 271 37.92 -56.28 -128.62
CA ASN M 271 38.73 -57.26 -127.92
C ASN M 271 38.14 -58.66 -128.09
N SER M 295 43.77 -60.02 -123.28
CA SER M 295 42.55 -60.48 -123.93
C SER M 295 42.84 -60.87 -125.38
N PRO M 296 42.07 -61.81 -125.93
CA PRO M 296 42.12 -62.01 -127.39
C PRO M 296 41.58 -60.78 -128.11
N ILE M 297 42.16 -60.53 -129.29
CA ILE M 297 41.77 -59.39 -130.12
C ILE M 297 41.47 -59.92 -131.51
N LYS M 298 40.41 -59.38 -132.12
CA LYS M 298 39.92 -59.88 -133.39
C LYS M 298 40.75 -59.35 -134.54
N THR M 299 41.07 -60.22 -135.48
CA THR M 299 41.83 -59.81 -136.66
C THR M 299 40.97 -58.92 -137.54
N ILE M 300 41.56 -57.81 -138.01
CA ILE M 300 40.87 -56.91 -138.92
C ILE M 300 40.72 -57.58 -140.27
N GLU M 301 39.48 -57.67 -140.77
CA GLU M 301 39.17 -58.36 -142.00
C GLU M 301 38.19 -57.54 -142.85
N PRO M 302 38.30 -57.58 -144.17
CA PRO M 302 37.36 -56.83 -145.02
C PRO M 302 35.93 -57.33 -144.85
N PHE M 303 34.98 -56.44 -145.11
CA PHE M 303 33.57 -56.77 -144.95
C PHE M 303 32.74 -56.00 -145.98
N GLU M 304 31.64 -56.62 -146.40
CA GLU M 304 30.66 -55.96 -147.23
C GLU M 304 30.10 -54.72 -146.53
N LEU M 305 29.91 -53.66 -147.30
CA LEU M 305 29.47 -52.37 -146.78
C LEU M 305 28.19 -52.49 -145.96
N THR M 306 28.18 -51.86 -144.78
CA THR M 306 27.06 -51.91 -143.86
C THR M 306 26.62 -50.49 -143.49
N LYS M 307 25.33 -50.32 -143.29
CA LYS M 307 24.78 -49.11 -142.66
C LYS M 307 25.00 -49.13 -141.16
N LEU M 308 25.16 -47.94 -140.60
CA LEU M 308 25.07 -47.75 -139.15
C LEU M 308 23.61 -47.78 -138.69
N LYS M 309 23.42 -48.22 -137.45
CA LYS M 309 22.09 -48.41 -136.89
C LYS M 309 22.03 -47.84 -135.47
N GLY M 310 20.80 -47.70 -134.97
CA GLY M 310 20.55 -47.32 -133.60
C GLY M 310 20.74 -45.87 -133.23
N GLY M 311 21.18 -45.02 -134.16
CA GLY M 311 21.20 -43.59 -133.91
C GLY M 311 19.78 -43.04 -133.87
N THR M 312 19.40 -42.42 -132.75
CA THR M 312 18.08 -41.82 -132.64
C THR M 312 18.07 -40.77 -131.55
N ASN M 313 17.21 -39.77 -131.73
CA ASN M 313 16.74 -38.94 -130.63
C ASN M 313 15.93 -39.77 -129.62
N GLY M 314 16.01 -39.37 -128.36
CA GLY M 314 15.06 -39.83 -127.35
C GLY M 314 13.82 -38.95 -127.27
N GLU M 315 13.04 -39.20 -126.24
CA GLU M 315 11.94 -38.30 -125.91
C GLU M 315 12.45 -36.95 -125.41
N PRO M 316 11.73 -35.85 -125.69
CA PRO M 316 12.14 -34.54 -125.18
C PRO M 316 12.11 -34.53 -123.66
N PRO M 317 13.11 -33.94 -122.99
CA PRO M 317 13.16 -34.08 -121.53
C PRO M 317 12.04 -33.31 -120.84
N ALA M 318 11.48 -33.95 -119.82
CA ALA M 318 10.42 -33.33 -119.01
C ALA M 318 10.92 -32.11 -118.23
N THR M 319 12.20 -32.08 -117.84
CA THR M 319 12.80 -30.92 -117.21
C THR M 319 14.06 -30.48 -117.95
N TRP M 320 14.20 -29.16 -118.09
CA TRP M 320 15.39 -28.53 -118.65
C TRP M 320 16.33 -28.00 -117.58
N ALA M 321 15.96 -28.11 -116.31
CA ALA M 321 16.73 -27.51 -115.22
C ALA M 321 18.18 -27.98 -115.22
N ASP M 322 18.39 -29.30 -115.21
CA ASP M 322 19.72 -29.88 -115.21
C ASP M 322 20.51 -29.63 -116.50
N LYS M 323 19.86 -29.19 -117.58
CA LYS M 323 20.57 -28.76 -118.78
C LYS M 323 20.89 -27.27 -118.78
N LEU M 324 19.96 -26.44 -118.33
CA LEU M 324 20.27 -25.02 -118.13
C LEU M 324 21.48 -24.82 -117.22
N ASP M 325 21.68 -25.74 -116.26
CA ASP M 325 22.87 -25.70 -115.41
C ASP M 325 24.17 -25.67 -116.21
N LYS M 326 24.19 -26.24 -117.42
CA LYS M 326 25.42 -26.23 -118.21
C LYS M 326 25.86 -24.82 -118.61
N PHE M 327 24.93 -23.86 -118.69
CA PHE M 327 25.33 -22.50 -118.99
C PHE M 327 26.01 -21.80 -117.82
N ALA M 328 25.98 -22.40 -116.62
CA ALA M 328 26.66 -21.82 -115.48
C ALA M 328 28.17 -21.72 -115.73
N HIS M 329 28.73 -20.54 -115.45
CA HIS M 329 30.11 -20.16 -115.73
C HIS M 329 30.44 -20.08 -117.22
N GLU M 330 29.48 -20.28 -118.12
CA GLU M 330 29.59 -19.74 -119.47
C GLU M 330 29.17 -18.28 -119.46
N GLY M 331 30.10 -17.39 -119.79
CA GLY M 331 29.97 -15.99 -119.47
C GLY M 331 29.00 -15.22 -120.34
N GLY M 332 27.74 -15.62 -120.34
CA GLY M 332 26.74 -15.03 -121.21
C GLY M 332 25.53 -14.61 -120.42
N TYR M 333 24.92 -13.49 -120.83
CA TYR M 333 24.06 -12.69 -119.97
C TYR M 333 22.58 -12.82 -120.27
N TYR M 334 22.17 -12.83 -121.54
CA TYR M 334 20.76 -13.02 -121.90
C TYR M 334 20.52 -14.44 -122.37
N ILE M 335 19.41 -15.01 -121.90
CA ILE M 335 18.99 -16.36 -122.26
C ILE M 335 17.59 -16.27 -122.85
N VAL M 336 17.31 -17.06 -123.89
CA VAL M 336 15.95 -17.31 -124.33
C VAL M 336 15.76 -18.82 -124.43
N PRO M 337 14.81 -19.42 -123.71
CA PRO M 337 14.43 -20.81 -124.01
C PRO M 337 13.46 -20.84 -125.17
N LEU M 338 13.71 -21.72 -126.14
CA LEU M 338 12.81 -21.88 -127.28
C LEU M 338 11.63 -22.79 -126.92
N SER M 339 10.80 -22.32 -125.98
CA SER M 339 9.57 -23.02 -125.66
C SER M 339 8.54 -22.02 -125.12
N SER M 340 7.26 -22.35 -125.34
CA SER M 340 6.15 -21.57 -124.82
C SER M 340 5.61 -22.07 -123.50
N LYS M 341 6.16 -23.15 -122.96
CA LYS M 341 5.60 -23.79 -121.76
C LYS M 341 5.95 -23.01 -120.50
N GLN M 342 4.92 -22.68 -119.72
CA GLN M 342 5.11 -21.92 -118.48
C GLN M 342 6.08 -22.62 -117.53
N SER M 343 6.04 -23.94 -117.47
CA SER M 343 6.98 -24.69 -116.64
C SER M 343 8.44 -24.41 -117.04
N VAL M 344 8.73 -24.40 -118.33
CA VAL M 344 10.07 -24.05 -118.80
C VAL M 344 10.41 -22.61 -118.44
N HIS M 345 9.44 -21.70 -118.52
CA HIS M 345 9.69 -20.32 -118.14
C HIS M 345 10.00 -20.18 -116.66
N ALA M 346 9.28 -20.91 -115.80
CA ALA M 346 9.62 -20.90 -114.37
C ALA M 346 10.97 -21.52 -114.10
N GLU M 347 11.31 -22.60 -114.80
CA GLU M 347 12.65 -23.19 -114.71
C GLU M 347 13.73 -22.16 -115.02
N VAL M 348 13.67 -21.53 -116.19
CA VAL M 348 14.70 -20.56 -116.55
C VAL M 348 14.69 -19.36 -115.60
N ALA M 349 13.51 -18.93 -115.15
CA ALA M 349 13.43 -17.89 -114.13
C ALA M 349 14.24 -18.26 -112.88
N SER M 350 14.03 -19.47 -112.38
CA SER M 350 14.77 -19.95 -111.21
C SER M 350 16.28 -20.01 -111.49
N PHE M 351 16.67 -20.48 -112.68
CA PHE M 351 18.08 -20.54 -113.02
C PHE M 351 18.72 -19.16 -113.07
N VAL M 352 18.08 -18.21 -113.74
CA VAL M 352 18.52 -16.83 -113.74
C VAL M 352 18.67 -16.30 -112.31
N LYS M 353 17.67 -16.55 -111.48
CA LYS M 353 17.71 -16.10 -110.09
C LYS M 353 18.92 -16.67 -109.35
N GLU M 354 19.13 -17.98 -109.41
CA GLU M 354 20.22 -18.58 -108.65
C GLU M 354 21.58 -18.16 -109.18
N ARG M 355 21.73 -18.03 -110.50
CA ARG M 355 23.02 -17.56 -111.02
C ARG M 355 23.27 -16.11 -110.63
N SER M 356 22.24 -15.26 -110.67
CA SER M 356 22.37 -13.88 -110.20
C SER M 356 22.81 -13.83 -108.75
N ASP M 357 22.11 -14.56 -107.88
CA ASP M 357 22.41 -14.53 -106.45
C ASP M 357 23.79 -15.11 -106.14
N ALA M 358 24.27 -16.06 -106.94
CA ALA M 358 25.64 -16.55 -106.81
C ALA M 358 26.67 -15.60 -107.38
N GLY M 359 26.26 -14.46 -107.95
CA GLY M 359 27.18 -13.46 -108.44
C GLY M 359 27.52 -13.56 -109.90
N GLU M 360 26.74 -14.29 -110.69
CA GLU M 360 26.85 -14.34 -112.14
C GLU M 360 25.53 -13.78 -112.68
N PRO M 361 25.41 -12.47 -112.85
CA PRO M 361 24.13 -11.89 -113.28
C PRO M 361 23.62 -12.48 -114.59
N MET M 362 22.29 -12.50 -114.74
CA MET M 362 21.64 -13.06 -115.90
C MET M 362 20.33 -12.31 -116.14
N ARG M 363 19.79 -12.48 -117.34
CA ARG M 363 18.39 -12.16 -117.62
C ARG M 363 17.84 -13.18 -118.61
N ALA M 364 16.53 -13.38 -118.57
CA ALA M 364 15.83 -14.18 -119.57
C ALA M 364 14.72 -13.37 -120.23
N ILE M 365 14.49 -13.67 -121.50
CA ILE M 365 13.37 -13.12 -122.26
C ILE M 365 12.52 -14.29 -122.74
N VAL M 366 11.20 -14.12 -122.69
CA VAL M 366 10.25 -15.22 -122.77
C VAL M 366 9.10 -14.77 -123.67
N GLY M 367 8.44 -15.74 -124.30
CA GLY M 367 7.28 -15.43 -125.12
C GLY M 367 6.28 -16.56 -125.16
N GLY M 368 5.05 -16.20 -125.53
CA GLY M 368 3.95 -17.13 -125.65
C GLY M 368 3.97 -17.99 -126.91
N GLY M 369 2.81 -18.60 -127.16
CA GLY M 369 2.60 -19.43 -128.34
C GLY M 369 2.30 -18.64 -129.59
N PHE M 370 1.51 -19.25 -130.49
CA PHE M 370 1.27 -18.66 -131.80
C PHE M 370 0.36 -17.44 -131.71
N ASN M 371 -0.81 -17.56 -131.12
CA ASN M 371 -1.65 -16.39 -130.87
C ASN M 371 -2.53 -16.65 -129.66
N GLU M 372 -2.30 -15.90 -128.59
CA GLU M 372 -2.86 -16.18 -127.28
C GLU M 372 -3.46 -14.90 -126.72
N SER M 373 -4.64 -15.02 -126.12
CA SER M 373 -5.43 -13.85 -125.81
C SER M 373 -4.82 -13.03 -124.67
N LYS M 374 -5.20 -11.76 -124.64
CA LYS M 374 -4.68 -10.78 -123.68
C LYS M 374 -4.88 -11.23 -122.23
N GLU M 375 -5.97 -11.97 -121.97
CA GLU M 375 -6.12 -12.59 -120.66
C GLU M 375 -5.00 -13.57 -120.38
N GLN M 376 -4.56 -14.32 -121.39
CA GLN M 376 -3.51 -15.30 -121.18
C GLN M 376 -2.18 -14.61 -120.91
N LEU M 377 -1.95 -13.46 -121.54
CA LEU M 377 -0.73 -12.70 -121.28
C LEU M 377 -0.71 -12.13 -119.87
N PHE M 378 -1.84 -11.61 -119.38
CA PHE M 378 -1.90 -11.26 -117.96
C PHE M 378 -1.72 -12.47 -117.05
N GLY M 379 -2.30 -13.61 -117.43
CA GLY M 379 -2.07 -14.82 -116.67
C GLY M 379 -0.61 -15.16 -116.52
N ARG M 380 0.12 -15.18 -117.63
CA ARG M 380 1.57 -15.43 -117.60
C ARG M 380 2.30 -14.40 -116.77
N GLN M 381 1.98 -13.12 -116.95
CA GLN M 381 2.68 -12.07 -116.21
C GLN M 381 2.46 -12.19 -114.71
N ALA M 382 1.24 -12.56 -114.29
CA ALA M 382 0.98 -12.78 -112.87
C ALA M 382 1.67 -14.03 -112.35
N SER M 383 1.67 -15.11 -113.13
CA SER M 383 2.29 -16.36 -112.71
C SER M 383 3.81 -16.32 -112.71
N LEU M 384 4.43 -15.25 -113.22
CA LEU M 384 5.87 -15.20 -113.44
C LEU M 384 6.31 -13.74 -113.31
N SER M 385 6.15 -13.19 -112.11
CA SER M 385 6.62 -11.85 -111.79
C SER M 385 8.00 -11.95 -111.15
N ASN M 386 8.98 -11.35 -111.81
CA ASN M 386 10.39 -11.47 -111.46
C ASN M 386 11.11 -10.35 -112.20
N PRO M 387 11.95 -9.54 -111.56
CA PRO M 387 12.60 -8.43 -112.27
C PRO M 387 13.63 -8.87 -113.30
N ARG M 388 13.98 -10.16 -113.36
CA ARG M 388 14.94 -10.69 -114.32
C ARG M 388 14.31 -11.51 -115.44
N VAL M 389 13.00 -11.37 -115.66
CA VAL M 389 12.35 -12.01 -116.80
C VAL M 389 11.52 -10.97 -117.53
N SER M 390 11.43 -11.11 -118.85
CA SER M 390 10.57 -10.29 -119.69
C SER M 390 9.73 -11.16 -120.62
N LEU M 391 8.48 -10.77 -120.83
CA LEU M 391 7.52 -11.50 -121.64
C LEU M 391 7.19 -10.68 -122.87
N VAL M 392 7.20 -11.32 -124.05
CA VAL M 392 6.93 -10.66 -125.32
C VAL M 392 5.54 -11.07 -125.79
N ALA M 393 4.68 -10.07 -126.05
CA ALA M 393 3.28 -10.34 -126.41
C ALA M 393 3.14 -10.84 -127.84
N ASN M 394 3.62 -10.07 -128.81
CA ASN M 394 3.26 -10.30 -130.20
C ASN M 394 3.94 -11.52 -130.82
N SER M 395 3.22 -12.13 -131.77
CA SER M 395 3.70 -13.19 -132.64
C SER M 395 3.51 -12.77 -134.09
N GLY M 396 4.35 -13.28 -134.97
CA GLY M 396 4.37 -12.74 -136.31
C GLY M 396 5.17 -13.58 -137.28
N THR M 397 5.53 -12.96 -138.40
CA THR M 397 6.25 -13.61 -139.49
C THR M 397 7.55 -12.91 -139.82
N PHE M 398 8.53 -13.71 -140.22
CA PHE M 398 9.84 -13.25 -140.66
C PHE M 398 10.12 -13.82 -142.04
N VAL M 399 10.97 -13.12 -142.79
CA VAL M 399 11.49 -13.62 -144.05
C VAL M 399 12.92 -14.10 -143.81
N MET M 400 13.17 -15.37 -144.11
CA MET M 400 14.42 -16.03 -143.80
C MET M 400 15.42 -15.83 -144.93
N ASP M 401 16.70 -16.01 -144.59
CA ASP M 401 17.75 -16.01 -145.61
C ASP M 401 17.60 -17.15 -146.62
N ASP M 402 16.82 -18.18 -146.28
CA ASP M 402 16.48 -19.21 -147.26
C ASP M 402 15.44 -18.74 -148.27
N GLY M 403 14.80 -17.59 -148.05
CA GLY M 403 13.73 -17.14 -148.89
C GLY M 403 12.35 -17.62 -148.50
N ARG M 404 12.24 -18.49 -147.50
CA ARG M 404 10.94 -18.80 -146.92
C ARG M 404 10.37 -17.56 -146.24
N LYS M 405 9.05 -17.41 -146.33
CA LYS M 405 8.30 -16.58 -145.39
C LYS M 405 7.62 -17.52 -144.41
N ASN M 406 8.02 -17.46 -143.15
CA ASN M 406 7.62 -18.42 -142.15
C ASN M 406 6.88 -17.74 -141.00
N HIS M 407 6.03 -18.51 -140.34
CA HIS M 407 5.16 -18.05 -139.28
C HIS M 407 5.67 -18.64 -137.98
N VAL M 408 5.93 -17.78 -136.99
CA VAL M 408 6.68 -18.20 -135.81
C VAL M 408 6.00 -17.78 -134.52
N PRO M 409 5.98 -18.63 -133.48
CA PRO M 409 5.43 -18.21 -132.19
C PRO M 409 6.24 -17.11 -131.54
N ALA M 410 5.60 -16.43 -130.60
CA ALA M 410 6.13 -15.19 -130.04
C ALA M 410 7.50 -15.36 -129.39
N TYR M 411 7.84 -16.56 -128.91
CA TYR M 411 9.19 -16.72 -128.35
C TYR M 411 10.27 -16.53 -129.39
N MET M 412 9.98 -16.72 -130.68
CA MET M 412 10.99 -16.39 -131.69
C MET M 412 11.15 -14.88 -131.85
N VAL M 413 10.06 -14.13 -131.67
CA VAL M 413 10.19 -12.68 -131.58
C VAL M 413 11.02 -12.30 -130.36
N ALA M 414 10.85 -13.03 -129.26
CA ALA M 414 11.70 -12.81 -128.09
C ALA M 414 13.16 -13.11 -128.40
N VAL M 415 13.44 -14.13 -129.22
CA VAL M 415 14.80 -14.37 -129.70
C VAL M 415 15.33 -13.14 -130.44
N ALA M 416 14.52 -12.56 -131.32
CA ALA M 416 14.95 -11.37 -132.04
C ALA M 416 15.22 -10.19 -131.10
N LEU M 417 14.35 -9.99 -130.11
CA LEU M 417 14.60 -8.95 -129.11
C LEU M 417 15.87 -9.22 -128.31
N GLY M 418 16.12 -10.49 -127.97
CA GLY M 418 17.34 -10.82 -127.26
C GLY M 418 18.59 -10.56 -128.08
N GLY M 419 18.55 -10.92 -129.36
CA GLY M 419 19.65 -10.58 -130.26
C GLY M 419 19.90 -9.09 -130.37
N LEU M 420 18.84 -8.30 -130.42
CA LEU M 420 19.01 -6.85 -130.39
C LEU M 420 19.59 -6.37 -129.07
N ALA M 421 19.02 -6.78 -127.95
CA ALA M 421 19.50 -6.34 -126.64
C ALA M 421 20.95 -6.71 -126.42
N SER M 422 21.36 -7.88 -126.90
CA SER M 422 22.77 -8.27 -126.87
C SER M 422 23.62 -7.54 -127.89
N GLY M 423 23.00 -6.98 -128.92
CA GLY M 423 23.73 -6.17 -129.88
C GLY M 423 23.95 -4.74 -129.39
N LEU M 424 22.92 -4.15 -128.78
CA LEU M 424 23.05 -2.82 -128.21
C LEU M 424 24.13 -2.79 -127.13
N GLU M 425 24.68 -1.59 -126.91
CA GLU M 425 25.69 -1.39 -125.87
C GLU M 425 25.09 -1.60 -124.48
N ILE M 426 26.00 -1.65 -123.49
CA ILE M 426 25.59 -1.80 -122.10
C ILE M 426 24.77 -0.60 -121.66
N GLY M 427 23.50 -0.85 -121.32
CA GLY M 427 22.58 0.19 -120.93
C GLY M 427 21.92 0.94 -122.07
N GLU M 428 22.21 0.58 -123.31
CA GLU M 428 21.48 1.11 -124.46
C GLU M 428 20.17 0.36 -124.61
N SER M 429 19.05 1.07 -124.44
CA SER M 429 17.75 0.42 -124.32
C SER M 429 17.23 -0.07 -125.67
N ILE M 430 16.54 -1.21 -125.64
CA ILE M 430 15.73 -1.66 -126.77
C ILE M 430 14.43 -0.87 -126.91
N THR M 431 14.21 0.10 -126.02
CA THR M 431 12.99 0.89 -126.10
C THR M 431 12.94 1.64 -127.42
N PHE M 432 11.82 1.50 -128.13
CA PHE M 432 11.52 2.36 -129.26
C PHE M 432 12.59 2.21 -130.35
N LYS M 433 12.86 0.95 -130.71
CA LYS M 433 13.79 0.56 -131.76
C LYS M 433 13.05 -0.22 -132.85
N PRO M 434 13.49 -0.17 -134.10
CA PRO M 434 12.77 -0.87 -135.15
C PRO M 434 13.01 -2.37 -135.07
N LEU M 435 11.95 -3.14 -135.33
CA LEU M 435 12.03 -4.58 -135.44
C LEU M 435 11.87 -4.99 -136.89
N ARG M 436 12.83 -5.75 -137.41
CA ARG M 436 12.82 -6.24 -138.79
C ARG M 436 11.90 -7.45 -138.92
N VAL M 437 10.60 -7.20 -138.80
CA VAL M 437 9.57 -8.23 -138.87
C VAL M 437 8.66 -7.91 -140.05
N SER M 438 8.15 -8.95 -140.70
CA SER M 438 7.33 -8.76 -141.89
C SER M 438 5.88 -8.42 -141.57
N SER M 439 5.28 -9.13 -140.62
CA SER M 439 3.93 -8.81 -140.19
C SER M 439 3.71 -9.36 -138.78
N LEU M 440 2.65 -8.89 -138.14
CA LEU M 440 2.25 -9.36 -136.83
C LEU M 440 0.85 -9.96 -136.90
N ASP M 441 0.63 -11.02 -136.12
CA ASP M 441 -0.68 -11.66 -136.09
C ASP M 441 -1.72 -10.75 -135.45
N GLN M 442 -1.35 -10.09 -134.36
CA GLN M 442 -2.19 -9.09 -133.70
C GLN M 442 -1.54 -7.73 -133.86
N ILE M 443 -2.30 -6.78 -134.38
CA ILE M 443 -1.94 -5.36 -134.35
C ILE M 443 -2.86 -4.69 -133.36
N TYR M 444 -2.29 -4.05 -132.35
CA TYR M 444 -3.03 -3.55 -131.20
C TYR M 444 -3.31 -2.07 -131.36
N GLU M 445 -4.53 -1.67 -130.99
CA GLU M 445 -4.86 -0.25 -130.87
C GLU M 445 -4.03 0.39 -129.76
N SER M 446 -3.94 1.72 -129.84
CA SER M 446 -3.28 2.55 -128.82
C SER M 446 -3.58 2.11 -127.38
N ILE M 447 -4.86 1.94 -127.05
CA ILE M 447 -5.25 1.58 -125.69
C ILE M 447 -4.80 0.17 -125.34
N ASP M 448 -4.74 -0.75 -126.29
CA ASP M 448 -4.28 -2.10 -125.98
C ASP M 448 -2.78 -2.12 -125.70
N LEU M 449 -2.01 -1.30 -126.42
CA LEU M 449 -0.58 -1.17 -126.13
C LEU M 449 -0.34 -0.46 -124.81
N ASP M 450 -1.15 0.56 -124.51
CA ASP M 450 -1.18 1.15 -123.17
C ASP M 450 -1.39 0.11 -122.08
N GLU M 451 -2.42 -0.71 -122.21
CA GLU M 451 -2.72 -1.70 -121.17
C GLU M 451 -1.65 -2.79 -121.07
N LEU M 452 -1.17 -3.30 -122.19
CA LEU M 452 -0.07 -4.27 -122.13
C LEU M 452 1.19 -3.68 -121.51
N ASN M 453 1.51 -2.42 -121.80
CA ASN M 453 2.67 -1.78 -121.18
C ASN M 453 2.47 -1.56 -119.69
N GLU M 454 1.28 -1.10 -119.29
CA GLU M 454 0.99 -0.93 -117.86
C GLU M 454 1.16 -2.23 -117.08
N ASN M 455 0.81 -3.36 -117.69
CA ASN M 455 1.01 -4.66 -117.06
C ASN M 455 2.43 -5.18 -117.20
N GLY M 456 3.36 -4.40 -117.75
CA GLY M 456 4.74 -4.84 -117.85
C GLY M 456 4.98 -5.93 -118.88
N ILE M 457 4.28 -5.88 -120.01
CA ILE M 457 4.44 -6.83 -121.10
C ILE M 457 4.94 -6.05 -122.32
N ILE M 458 5.96 -6.58 -122.98
CA ILE M 458 6.53 -5.96 -124.16
C ILE M 458 5.61 -6.20 -125.35
N SER M 459 5.42 -5.17 -126.18
CA SER M 459 4.58 -5.28 -127.36
C SER M 459 5.23 -4.51 -128.51
N ILE M 460 4.77 -4.82 -129.72
CA ILE M 460 5.30 -4.25 -130.97
C ILE M 460 4.22 -3.37 -131.59
N GLU M 461 4.56 -2.10 -131.84
CA GLU M 461 3.63 -1.11 -132.37
C GLU M 461 3.84 -0.98 -133.87
N PHE M 462 2.76 -1.11 -134.64
CA PHE M 462 2.76 -0.81 -136.07
C PHE M 462 2.54 0.68 -136.29
N VAL M 463 3.60 1.39 -136.69
CA VAL M 463 3.59 2.83 -136.86
C VAL M 463 3.00 3.15 -138.23
N ARG M 464 1.73 3.55 -138.25
CA ARG M 464 1.00 3.84 -139.48
C ARG M 464 0.97 5.31 -139.86
N ASN M 465 1.22 6.23 -138.91
CA ASN M 465 1.13 7.65 -139.22
C ASN M 465 2.21 8.11 -140.19
N ARG M 466 3.38 7.45 -140.20
CA ARG M 466 4.37 7.75 -141.22
C ARG M 466 3.99 7.12 -142.56
N THR M 467 4.51 7.73 -143.64
CA THR M 467 4.37 7.15 -144.96
C THR M 467 5.09 5.81 -145.07
N ASN M 468 6.37 5.77 -144.71
CA ASN M 468 7.01 4.50 -144.40
C ASN M 468 6.45 3.96 -143.09
N THR M 469 5.84 2.79 -143.16
CA THR M 469 5.25 2.11 -142.02
C THR M 469 6.16 0.97 -141.57
N PHE M 470 6.39 0.88 -140.27
CA PHE M 470 7.36 -0.06 -139.73
C PHE M 470 6.98 -0.40 -138.29
N PHE M 471 7.64 -1.43 -137.77
CA PHE M 471 7.35 -1.98 -136.44
C PHE M 471 8.37 -1.51 -135.41
N ARG M 472 7.88 -0.86 -134.35
CA ARG M 472 8.70 -0.42 -133.23
C ARG M 472 8.46 -1.31 -132.02
N ILE M 473 9.52 -1.60 -131.28
CA ILE M 473 9.40 -2.16 -129.93
C ILE M 473 8.87 -1.07 -129.00
N VAL M 474 7.74 -1.35 -128.35
CA VAL M 474 7.07 -0.30 -127.59
C VAL M 474 7.87 0.10 -126.36
N ASP M 475 8.27 -0.87 -125.54
CA ASP M 475 9.11 -0.54 -124.38
C ASP M 475 9.83 -1.78 -123.86
N ASP M 476 10.88 -1.53 -123.10
CA ASP M 476 11.71 -2.55 -122.46
C ASP M 476 11.32 -2.81 -121.01
N VAL M 477 10.02 -2.77 -120.69
CA VAL M 477 9.58 -3.05 -119.32
C VAL M 477 9.78 -4.52 -118.99
N THR M 478 10.22 -4.77 -117.76
CA THR M 478 10.27 -6.14 -117.24
C THR M 478 8.90 -6.56 -116.70
N THR M 479 8.75 -7.86 -116.49
CA THR M 479 7.49 -8.43 -116.00
C THR M 479 7.24 -8.10 -114.54
N PHE M 480 8.24 -7.63 -113.80
CA PHE M 480 8.04 -7.16 -112.44
C PHE M 480 7.21 -5.88 -112.45
N ASN M 481 6.05 -5.93 -111.80
CA ASN M 481 5.03 -4.90 -111.98
C ASN M 481 5.42 -3.54 -111.42
N ASP M 482 6.08 -3.49 -110.26
CA ASP M 482 6.18 -2.23 -109.52
C ASP M 482 7.13 -1.27 -110.23
N LYS M 483 6.57 -0.25 -110.87
CA LYS M 483 7.28 0.78 -111.59
C LYS M 483 8.12 1.68 -110.69
N SER M 484 7.96 1.56 -109.37
CA SER M 484 8.58 2.50 -108.42
C SER M 484 10.11 2.52 -108.54
N ASP M 485 10.74 1.35 -108.68
CA ASP M 485 12.21 1.29 -108.72
C ASP M 485 12.68 1.07 -110.16
N PRO M 486 13.41 2.02 -110.76
CA PRO M 486 13.88 1.82 -112.15
C PRO M 486 14.83 0.65 -112.32
N VAL M 487 15.58 0.28 -111.29
CA VAL M 487 16.50 -0.86 -111.41
C VAL M 487 15.74 -2.17 -111.55
N LYS M 488 14.46 -2.19 -111.17
CA LYS M 488 13.60 -3.36 -111.34
C LYS M 488 12.69 -3.23 -112.54
N ALA M 489 12.14 -2.04 -112.78
CA ALA M 489 11.15 -1.88 -113.84
C ALA M 489 11.78 -1.92 -115.24
N GLU M 490 13.00 -1.40 -115.40
CA GLU M 490 13.59 -1.20 -116.71
C GLU M 490 14.80 -2.10 -116.91
N MET M 491 14.80 -2.83 -118.03
CA MET M 491 15.89 -3.74 -118.37
C MET M 491 17.24 -3.03 -118.45
N ALA M 492 17.28 -1.88 -119.11
CA ALA M 492 18.55 -1.18 -119.32
C ALA M 492 19.23 -0.79 -118.02
N VAL M 493 18.46 -0.34 -117.02
CA VAL M 493 19.08 0.11 -115.78
C VAL M 493 19.57 -1.09 -114.98
N GLY M 494 18.76 -2.14 -114.89
CA GLY M 494 19.20 -3.36 -114.23
C GLY M 494 20.44 -3.96 -114.85
N GLU M 495 20.50 -3.99 -116.19
CA GLU M 495 21.71 -4.41 -116.90
C GLU M 495 22.92 -3.55 -116.54
N ALA M 496 22.78 -2.22 -116.60
CA ALA M 496 23.91 -1.36 -116.27
C ALA M 496 24.38 -1.56 -114.83
N ASN M 497 23.43 -1.70 -113.90
CA ASN M 497 23.76 -2.00 -112.51
C ASN M 497 24.53 -3.31 -112.39
N ASP M 498 23.99 -4.38 -113.00
CA ASP M 498 24.61 -5.69 -112.91
C ASP M 498 26.06 -5.67 -113.40
N PHE M 499 26.30 -5.06 -114.57
CA PHE M 499 27.67 -4.99 -115.06
C PHE M 499 28.55 -4.09 -114.21
N LEU M 500 28.00 -3.02 -113.65
CA LEU M 500 28.78 -2.14 -112.78
C LEU M 500 29.28 -2.89 -111.56
N VAL M 501 28.37 -3.50 -110.81
CA VAL M 501 28.74 -4.19 -109.58
C VAL M 501 29.59 -5.43 -109.86
N SER M 502 29.32 -6.14 -110.96
CA SER M 502 30.15 -7.30 -111.29
C SER M 502 31.58 -6.91 -111.62
N GLU M 503 31.78 -5.89 -112.46
CA GLU M 503 33.14 -5.48 -112.79
C GLU M 503 33.86 -4.83 -111.62
N LEU M 504 33.11 -4.18 -110.72
CA LEU M 504 33.71 -3.72 -109.47
C LEU M 504 34.21 -4.88 -108.64
N LYS M 505 33.35 -5.87 -108.39
CA LYS M 505 33.75 -6.99 -107.56
C LYS M 505 34.98 -7.69 -108.13
N VAL M 506 34.91 -8.06 -109.41
CA VAL M 506 35.99 -8.84 -110.02
C VAL M 506 37.30 -8.06 -110.06
N GLN M 507 37.25 -6.75 -110.34
CA GLN M 507 38.50 -6.01 -110.41
C GLN M 507 39.06 -5.68 -109.03
N LEU M 508 38.22 -5.33 -108.05
CA LEU M 508 38.79 -5.09 -106.73
C LEU M 508 39.36 -6.38 -106.14
N GLU M 509 38.68 -7.51 -106.38
CA GLU M 509 39.23 -8.81 -106.03
C GLU M 509 40.64 -8.99 -106.58
N ASP M 510 40.78 -8.90 -107.90
CA ASP M 510 42.08 -9.26 -108.48
C ASP M 510 43.14 -8.20 -108.25
N GLN M 511 42.75 -6.95 -108.06
CA GLN M 511 43.72 -5.89 -107.83
C GLN M 511 44.27 -5.85 -106.40
N PHE M 512 43.42 -6.02 -105.37
CA PHE M 512 43.82 -5.66 -104.01
C PHE M 512 43.80 -6.78 -102.98
N ILE M 513 42.94 -7.79 -103.11
CA ILE M 513 42.87 -8.82 -102.09
C ILE M 513 44.22 -9.53 -101.96
N GLY M 514 44.64 -9.74 -100.71
CA GLY M 514 45.94 -10.29 -100.39
C GLY M 514 47.11 -9.34 -100.46
N THR M 515 46.93 -8.11 -100.94
CA THR M 515 48.01 -7.14 -100.92
C THR M 515 48.19 -6.57 -99.52
N ARG M 516 49.40 -6.10 -99.24
CA ARG M 516 49.71 -5.56 -97.93
C ARG M 516 49.04 -4.21 -97.75
N THR M 517 48.60 -3.92 -96.52
CA THR M 517 48.11 -2.60 -96.14
C THR M 517 49.30 -1.67 -95.93
N ILE M 518 49.88 -1.22 -97.04
CA ILE M 518 50.89 -0.17 -96.98
C ILE M 518 50.21 1.13 -96.54
N ASN M 519 50.99 2.01 -95.91
CA ASN M 519 50.44 3.26 -95.37
C ASN M 519 49.73 4.09 -96.43
N THR M 520 50.08 3.94 -97.70
CA THR M 520 49.45 4.66 -98.80
C THR M 520 48.22 3.98 -99.40
N SER M 521 47.86 2.78 -98.91
CA SER M 521 46.91 1.93 -99.65
C SER M 521 45.59 2.62 -99.92
N ALA M 522 45.10 3.44 -99.00
CA ALA M 522 43.82 4.11 -99.21
C ALA M 522 43.87 5.08 -100.38
N SER M 523 44.99 5.80 -100.54
CA SER M 523 45.15 6.67 -101.70
C SER M 523 45.22 5.87 -102.99
N ILE M 524 45.95 4.76 -103.00
CA ILE M 524 46.03 3.91 -104.19
C ILE M 524 44.66 3.40 -104.58
N ILE M 525 43.88 2.93 -103.61
CA ILE M 525 42.52 2.46 -103.92
C ILE M 525 41.66 3.61 -104.44
N LYS M 526 41.80 4.80 -103.85
CA LYS M 526 41.00 5.93 -104.32
C LYS M 526 41.31 6.27 -105.77
N ASP M 527 42.60 6.30 -106.11
CA ASP M 527 43.01 6.50 -107.51
C ASP M 527 42.48 5.42 -108.43
N PHE M 528 42.54 4.15 -108.01
CA PHE M 528 42.00 3.07 -108.82
C PHE M 528 40.50 3.22 -109.06
N ILE M 529 39.74 3.52 -108.01
CA ILE M 529 38.30 3.74 -108.17
C ILE M 529 38.01 4.91 -109.10
N GLN M 530 38.69 6.03 -108.90
CA GLN M 530 38.47 7.19 -109.77
C GLN M 530 38.84 6.89 -111.23
N SER M 531 39.90 6.11 -111.44
CA SER M 531 40.24 5.63 -112.79
C SER M 531 39.11 4.81 -113.41
N TYR M 532 38.64 3.79 -112.68
CA TYR M 532 37.53 2.97 -113.14
C TYR M 532 36.30 3.80 -113.50
N LEU M 533 35.85 4.66 -112.57
CA LEU M 533 34.69 5.48 -112.86
C LEU M 533 34.93 6.46 -114.00
N GLY M 534 36.14 6.99 -114.13
CA GLY M 534 36.49 7.75 -115.31
C GLY M 534 36.28 7.00 -116.61
N ARG M 535 36.71 5.74 -116.64
CA ARG M 535 36.46 4.90 -117.81
C ARG M 535 34.96 4.71 -118.05
N LYS M 536 34.21 4.38 -116.99
CA LYS M 536 32.76 4.20 -117.15
C LYS M 536 32.08 5.46 -117.66
N LYS M 537 32.56 6.64 -117.25
CA LYS M 537 32.02 7.89 -117.78
C LYS M 537 32.38 8.06 -119.24
N ARG M 538 33.66 7.87 -119.58
CA ARG M 538 34.13 7.92 -120.97
C ARG M 538 33.25 7.10 -121.90
N ASP M 539 32.93 5.88 -121.52
CA ASP M 539 32.22 4.95 -122.39
C ASP M 539 30.71 5.19 -122.42
N ASN M 540 30.22 6.23 -121.74
CA ASN M 540 28.79 6.46 -121.57
C ASN M 540 28.07 5.23 -121.00
N GLU M 541 28.60 4.73 -119.88
CA GLU M 541 27.93 3.69 -119.11
C GLU M 541 27.46 4.19 -117.75
N ILE M 542 27.85 5.41 -117.38
CA ILE M 542 27.24 6.17 -116.30
C ILE M 542 27.09 7.59 -116.81
N GLN M 543 26.20 8.37 -116.18
CA GLN M 543 26.11 9.78 -116.54
C GLN M 543 27.31 10.56 -115.99
N ASP M 544 27.61 10.39 -114.71
CA ASP M 544 28.72 11.09 -114.08
C ASP M 544 29.01 10.43 -112.74
N PHE M 545 30.15 10.80 -112.15
CA PHE M 545 30.40 10.55 -110.74
C PHE M 545 30.99 11.80 -110.10
N PRO M 546 30.45 12.27 -108.95
CA PRO M 546 31.14 13.35 -108.22
C PRO M 546 32.40 12.86 -107.51
N ALA M 547 33.57 13.16 -108.07
CA ALA M 547 34.81 12.53 -107.63
C ALA M 547 35.15 12.85 -106.18
N GLU M 548 34.63 13.95 -105.64
CA GLU M 548 34.84 14.28 -104.23
C GLU M 548 34.13 13.30 -103.30
N ASP M 549 33.04 12.68 -103.75
CA ASP M 549 32.33 11.71 -102.93
C ASP M 549 33.02 10.36 -102.83
N VAL M 550 34.02 10.07 -103.66
CA VAL M 550 34.80 8.85 -103.50
C VAL M 550 35.58 8.94 -102.21
N GLN M 551 35.28 8.04 -101.27
CA GLN M 551 35.90 8.02 -99.95
C GLN M 551 36.35 6.60 -99.64
N VAL M 552 37.55 6.47 -99.08
CA VAL M 552 38.10 5.17 -98.72
C VAL M 552 38.64 5.26 -97.30
N ILE M 553 38.27 4.29 -96.48
CA ILE M 553 38.78 4.12 -95.12
C ILE M 553 39.37 2.71 -95.03
N VAL M 554 40.63 2.63 -94.63
CA VAL M 554 41.28 1.34 -94.38
C VAL M 554 41.52 1.22 -92.88
N GLU M 555 41.07 0.09 -92.31
CA GLU M 555 41.08 -0.12 -90.86
C GLU M 555 41.44 -1.59 -90.62
N GLY M 556 42.67 -1.83 -90.21
CA GLY M 556 43.14 -3.17 -89.96
C GLY M 556 43.07 -4.10 -91.14
N ASN M 557 42.17 -5.07 -91.09
CA ASN M 557 42.10 -6.13 -92.08
C ASN M 557 41.29 -5.80 -93.32
N GLU M 558 40.62 -4.64 -93.39
CA GLU M 558 39.64 -4.37 -94.44
C GLU M 558 39.76 -2.94 -94.93
N ALA M 559 39.21 -2.71 -96.12
CA ALA M 559 38.85 -1.37 -96.59
C ALA M 559 37.35 -1.26 -96.78
N ARG M 560 36.76 -0.17 -96.29
CA ARG M 560 35.42 0.26 -96.66
C ARG M 560 35.48 1.40 -97.68
N ILE M 561 34.82 1.21 -98.81
CA ILE M 561 34.82 2.16 -99.92
C ILE M 561 33.40 2.69 -100.10
N SER M 562 33.28 4.00 -100.30
CA SER M 562 32.03 4.65 -100.65
C SER M 562 32.19 5.48 -101.91
N MET M 563 31.18 5.40 -102.78
CA MET M 563 31.17 6.17 -104.02
C MET M 563 29.73 6.55 -104.37
N THR M 564 29.59 7.69 -105.02
CA THR M 564 28.32 8.13 -105.60
C THR M 564 28.40 8.00 -107.11
N VAL M 565 27.34 7.44 -107.72
CA VAL M 565 27.26 7.29 -109.17
C VAL M 565 25.89 7.80 -109.63
N TYR M 566 25.89 8.64 -110.66
CA TYR M 566 24.66 9.03 -111.35
C TYR M 566 24.41 8.08 -112.52
N PRO M 567 23.40 7.22 -112.48
CA PRO M 567 23.26 6.21 -113.53
C PRO M 567 22.78 6.81 -114.84
N ILE M 568 23.13 6.14 -115.93
CA ILE M 568 22.65 6.52 -117.26
C ILE M 568 21.22 6.03 -117.45
N ARG M 569 20.38 6.88 -118.06
CA ARG M 569 18.95 6.62 -118.19
C ARG M 569 18.51 7.00 -119.60
N SER M 570 17.66 6.16 -120.19
CA SER M 570 17.00 6.50 -121.45
C SER M 570 15.86 7.48 -121.21
N PHE M 571 15.69 8.42 -122.15
CA PHE M 571 14.47 9.22 -122.17
C PHE M 571 13.23 8.36 -122.41
N LYS M 572 12.19 8.61 -121.60
CA LYS M 572 10.90 7.95 -121.77
C LYS M 572 9.74 8.91 -121.64
N LYS M 573 9.99 10.21 -121.47
CA LYS M 573 8.99 11.25 -121.57
C LYS M 573 9.65 12.49 -122.14
N ILE M 574 8.91 13.23 -122.96
CA ILE M 574 9.25 14.61 -123.30
C ILE M 574 8.00 15.46 -123.16
N SER M 575 8.09 16.54 -122.39
CA SER M 575 7.03 17.53 -122.29
C SER M 575 7.51 18.86 -122.86
N VAL M 576 6.74 19.41 -123.79
CA VAL M 576 7.00 20.73 -124.36
C VAL M 576 5.88 21.66 -123.93
N SER M 577 6.24 22.74 -123.25
CA SER M 577 5.31 23.84 -122.98
C SER M 577 5.59 24.98 -123.96
N LEU M 578 4.58 25.34 -124.74
CA LEU M 578 4.74 26.21 -125.91
C LEU M 578 3.88 27.44 -125.68
N VAL M 579 4.50 28.61 -125.58
CA VAL M 579 3.82 29.85 -125.23
C VAL M 579 3.83 30.76 -126.44
N TYR M 580 2.65 31.14 -126.91
CA TYR M 580 2.52 32.15 -127.94
C TYR M 580 2.63 33.56 -127.37
N LYS M 581 3.35 34.43 -128.07
CA LYS M 581 3.46 35.84 -127.69
C LYS M 581 3.35 36.69 -128.94
N GLN M 582 2.66 37.84 -128.81
CA GLN M 582 2.64 38.83 -129.87
C GLN M 582 3.92 39.65 -129.92
N GLN M 583 4.17 40.23 -131.09
CA GLN M 583 5.30 41.11 -131.35
C GLN M 583 4.81 42.28 -132.18
N THR M 584 5.30 43.48 -131.86
CA THR M 584 4.94 44.70 -132.58
C THR M 584 6.06 45.05 -133.57
N LEU M 585 5.69 45.19 -134.84
CA LEU M 585 6.62 45.52 -135.91
C LEU M 585 6.33 46.93 -136.40
N GLN M 586 7.37 47.77 -136.47
CA GLN M 586 7.22 49.15 -136.92
C GLN M 586 8.38 49.50 -137.84
N ALA M 587 8.12 50.47 -138.72
CA ALA M 587 9.12 50.93 -139.68
C ALA M 587 8.88 52.38 -140.06
#